data_7UZ6
#
_entry.id   7UZ6
#
_cell.length_a   1.00
_cell.length_b   1.00
_cell.length_c   1.00
_cell.angle_alpha   90.00
_cell.angle_beta   90.00
_cell.angle_gamma   90.00
#
_symmetry.space_group_name_H-M   'P 1'
#
loop_
_entity.id
_entity.type
_entity.pdbx_description
1 polymer 'Spike glycoprotein'
2 polymer 'M8a-28 Fab heavy chain'
3 polymer 'M8a-28 Fab light chain'
4 non-polymer 2-acetamido-2-deoxy-beta-D-glucopyranose
#
loop_
_entity_poly.entity_id
_entity_poly.type
_entity_poly.pdbx_seq_one_letter_code
_entity_poly.pdbx_strand_id
1 'polypeptide(L)'
;MFVFLVLLPLVSSQCVNLTTRTQLPPAYTNSFTRGVYYPDKVFRSSVLHSTQDLFLPFFSNVTWFHAIHVSGTNGTKRFD
NPVLPFNDGVYFASTEKSNIIRGWIFGTTLDSKTQSLLIVNNATNVVIKVCEFQFCNDPFLGVYYHKNNKSWMESEFRVY
SSANNCTFEYVSQPFLMDLEGKQGNFKNLREFVFKNIDGYFKIYSKHTPINLVRDLPQGFSALEPLVDLPIGINITRFQT
LLALHRSYLTPGDSSSGWTAGAAAYYVGYLQPRTFLLKYNENGTITDAVDCALDPLSETKCTLKSFTVEKGIYQTSNFRV
QPTESIVRFPNITNLCPFGEVFNATRFASVYAWNRKRISNCVADYSVLYNSASFSTFKCYGVSPTKLNDLCFTNVYADSF
VIRGDEVRQIAPGQTGKIADYNYKLPDDFTGCVIAWNSNNLDSKVGGNYNYLYRLFRKSNLKPFERDISTEIYQAGSTPC
NGVEGFNCYFPLQSYGFQPTNGVGYQPYRVVVLSFELLHAPATVCGPKKSTNLVKNKCVNFNFNGLTGTGVLTESNKKFL
PFQQFGRDIADTTDAVRDPQTLEILDITPCSFGGVSVITPGTNTSNQVAVLYQDVNCTEVPVAIHADQLTPTWRVYSTGS
NVFQTRAGCLIGAEHVNNSYECDIPIGAGICASYQTQTNSPASVASQSIIAYTMSLGAENSVAYSNNSIAIPTNFTISVT
TEILPVSMTKTSVDCTMYICGDSTECSNLLLQYGSFCTQLNRALTGIAVEQDKNTQEVFAQVKQIYKTPPIKDFGGFNFS
QILPDPSKPSKRSPIEDLLFNKVTLADAGFIKQYGDCLGDIAARDLICAQKFNGLTVLPPLLTDEMIAQYTSALLAGTIT
SGWTFGAGPALQIPFPMQMAYRFNGIGVTQNVLYENQKLIANQFNSAIGKIQDSLSSTPSALGKLQDVVNQNAQALNTLV
KQLSSNFGAISSVLNDILSRLDPPEAEVQIDRLITGRLQSLQTYVTQQLIRAAEIRASANLAATKMSECVLGQSKRVDFC
GKGYHLMSFPQSAPHGVVFLHVTYVPAQEKNFTTAPAICHDGKAHFPREGVFVSNGTHWFVTQRNFYEPQIITTDNTFVS
GNCDVVIGIVNNTVYDPLQPELDSFKEELDKYFKNHTSPDVDLGDISGINASVVNIQKEIDRLNEVAKNLNESLIDLQEL
GKYEQYIKWPSGRLVPRGSPGSGYIPEAPRDGQAYVRKDGEWVLLSTFLGHHHHHH
;
A,B,C
2 'polypeptide(L)'
;QVQLQQPGAELVKPGASVKMSCKASGYNFNHYWISWVKQRPGQGLEWIGDIYPLSHFTTYNEKFTNRATLTVDTSSTTAY
MQLNSLTSDDSAVFYCARWDYFDSRTFDYWGQGTTLTVSSASTKGPSVFPLAPSSKSTSGGTAALGCLVKDYFPEPVTVS
WNSGALTSGVHTFPAVLQSSGLYSLSSVVTVPSSSLGTQTYICNVNHKPSNTKVDKRVEPKSCDKTHHHHHH
;
H,M,P
3 'polypeptide(L)'
;DILLTQFPAILSVSPGERVSFSCRASQTIGTNIHWYQQRINGSPRLLIKYASESISGIPSRFSGSGSGTDFSLSINNVES
EDIADYYCQQINSWPLTFGAGTKLDLKRTVAAPSVFIFPPSDEQLKSGTASVVCLLNNFYPREAKVQWKVDNALQSGNSQ
ESVTEQDSKDSTYSLSSTLTLSKADYEKHKVYACEVTHQGLSSPVTKSFNRGEC
;
L,N,Q
#
# COMPACT_ATOMS: atom_id res chain seq x y z
N PRO A 26 -26.18 0.95 -52.83
CA PRO A 26 -24.88 1.53 -52.48
C PRO A 26 -23.73 0.57 -52.78
N ALA A 27 -22.54 0.88 -52.25
CA ALA A 27 -21.36 0.07 -52.47
C ALA A 27 -20.63 -0.11 -51.14
N TYR A 28 -19.82 -1.17 -51.07
CA TYR A 28 -19.03 -1.47 -49.89
C TYR A 28 -17.56 -1.61 -50.27
N THR A 29 -16.70 -0.97 -49.50
CA THR A 29 -15.26 -1.01 -49.72
C THR A 29 -14.56 -1.13 -48.38
N ASN A 30 -13.47 -1.90 -48.34
CA ASN A 30 -12.69 -2.10 -47.14
C ASN A 30 -11.83 -0.86 -46.87
N SER A 31 -11.52 -0.63 -45.60
CA SER A 31 -10.64 0.46 -45.21
C SER A 31 -9.21 -0.05 -45.16
N PHE A 32 -8.43 0.29 -46.17
CA PHE A 32 -7.06 -0.21 -46.32
C PHE A 32 -6.11 0.73 -45.60
N THR A 33 -5.79 0.40 -44.34
CA THR A 33 -4.81 1.13 -43.54
C THR A 33 -5.14 2.63 -43.48
N ARG A 34 -6.42 2.94 -43.33
CA ARG A 34 -6.87 4.31 -43.19
C ARG A 34 -7.84 4.43 -42.03
N GLY A 35 -7.86 5.60 -41.42
CA GLY A 35 -8.71 5.86 -40.28
C GLY A 35 -8.00 6.03 -38.95
N VAL A 36 -6.71 6.37 -38.96
CA VAL A 36 -5.93 6.54 -37.75
C VAL A 36 -5.61 8.01 -37.56
N TYR A 37 -5.88 8.52 -36.36
CA TYR A 37 -5.64 9.92 -36.03
C TYR A 37 -4.63 10.01 -34.90
N TYR A 38 -4.13 11.21 -34.66
CA TYR A 38 -3.22 11.44 -33.55
C TYR A 38 -3.98 11.36 -32.24
N PRO A 39 -3.63 10.46 -31.32
CA PRO A 39 -4.42 10.30 -30.10
C PRO A 39 -4.45 11.54 -29.22
N ASP A 40 -3.35 12.29 -29.16
CA ASP A 40 -3.26 13.42 -28.25
C ASP A 40 -2.26 14.43 -28.80
N LYS A 41 -2.27 15.62 -28.22
CA LYS A 41 -1.40 16.72 -28.65
C LYS A 41 -0.06 16.66 -27.91
N VAL A 42 0.64 15.55 -28.09
CA VAL A 42 1.95 15.33 -27.49
C VAL A 42 2.89 14.82 -28.56
N PHE A 43 4.09 15.39 -28.63
CA PHE A 43 5.08 15.01 -29.63
C PHE A 43 5.85 13.79 -29.14
N ARG A 44 5.79 12.72 -29.91
CA ARG A 44 6.52 11.48 -29.62
C ARG A 44 7.32 11.07 -30.85
N SER A 45 8.58 10.72 -30.65
CA SER A 45 9.48 10.38 -31.75
C SER A 45 10.19 9.07 -31.44
N SER A 46 10.24 8.19 -32.44
CA SER A 46 10.94 6.91 -32.34
C SER A 46 10.45 6.09 -31.14
N VAL A 47 9.13 6.15 -30.90
CA VAL A 47 8.51 5.42 -29.81
C VAL A 47 7.23 4.77 -30.31
N LEU A 48 7.06 3.49 -29.98
CA LEU A 48 5.82 2.77 -30.24
C LEU A 48 4.91 2.95 -29.04
N HIS A 49 3.79 3.63 -29.23
CA HIS A 49 2.90 4.01 -28.15
C HIS A 49 1.54 3.34 -28.34
N SER A 50 0.98 2.83 -27.26
CA SER A 50 -0.28 2.10 -27.29
C SER A 50 -1.41 3.02 -26.83
N THR A 51 -2.45 3.12 -27.64
CA THR A 51 -3.57 4.02 -27.37
C THR A 51 -4.87 3.21 -27.33
N GLN A 52 -5.69 3.47 -26.31
CA GLN A 52 -7.02 2.86 -26.20
C GLN A 52 -8.04 3.96 -26.45
N ASP A 53 -8.57 4.01 -27.66
CA ASP A 53 -9.48 5.08 -28.04
C ASP A 53 -10.34 4.60 -29.20
N LEU A 54 -11.40 5.35 -29.49
CA LEU A 54 -12.29 5.04 -30.59
C LEU A 54 -11.53 5.20 -31.91
N PHE A 55 -11.41 4.09 -32.65
CA PHE A 55 -10.62 4.05 -33.87
C PHE A 55 -11.42 3.34 -34.95
N LEU A 56 -11.04 3.59 -36.19
CA LEU A 56 -11.60 2.82 -37.30
C LEU A 56 -10.87 1.50 -37.42
N PRO A 57 -11.56 0.36 -37.29
CA PRO A 57 -10.86 -0.93 -37.34
C PRO A 57 -10.18 -1.13 -38.68
N PHE A 58 -9.03 -1.80 -38.64
CA PHE A 58 -8.30 -2.11 -39.87
C PHE A 58 -9.11 -3.06 -40.74
N PHE A 59 -9.08 -2.80 -42.05
CA PHE A 59 -9.74 -3.65 -43.04
C PHE A 59 -11.22 -3.87 -42.71
N SER A 60 -11.87 -2.80 -42.28
CA SER A 60 -13.29 -2.83 -41.94
C SER A 60 -14.12 -2.46 -43.16
N ASN A 61 -15.39 -2.88 -43.12
CA ASN A 61 -16.31 -2.64 -44.23
C ASN A 61 -16.83 -1.22 -44.14
N VAL A 62 -16.35 -0.36 -45.04
CA VAL A 62 -16.73 1.05 -45.08
C VAL A 62 -17.74 1.24 -46.20
N THR A 63 -18.95 1.65 -45.83
CA THR A 63 -20.02 1.80 -46.81
C THR A 63 -19.70 2.96 -47.76
N TRP A 64 -19.86 2.71 -49.06
CA TRP A 64 -19.58 3.70 -50.09
C TRP A 64 -20.89 4.25 -50.62
N PHE A 65 -21.04 5.57 -50.55
CA PHE A 65 -22.22 6.26 -51.07
C PHE A 65 -21.82 7.13 -52.25
N HIS A 66 -22.53 6.99 -53.36
CA HIS A 66 -22.41 7.90 -54.50
C HIS A 66 -23.67 8.75 -54.50
N ALA A 67 -23.54 10.01 -54.06
CA ALA A 67 -24.73 10.82 -53.79
C ALA A 67 -25.39 11.29 -55.07
N ILE A 68 -24.69 12.10 -55.87
CA ILE A 68 -25.25 12.69 -57.07
C ILE A 68 -24.36 12.36 -58.26
N HIS A 69 -24.99 11.97 -59.36
CA HIS A 69 -24.29 11.69 -60.61
C HIS A 69 -25.07 12.36 -61.74
N VAL A 70 -24.36 13.02 -62.66
CA VAL A 70 -25.01 13.69 -63.77
C VAL A 70 -25.57 12.66 -64.73
N SER A 71 -26.85 12.79 -65.06
CA SER A 71 -27.51 11.87 -65.96
C SER A 71 -27.67 12.47 -67.35
N ASN A 74 -27.28 14.45 -69.88
CA ASN A 74 -28.56 15.14 -69.84
C ASN A 74 -28.61 16.14 -68.68
N GLY A 75 -28.05 15.74 -67.54
CA GLY A 75 -28.03 16.60 -66.37
C GLY A 75 -29.16 16.39 -65.38
N THR A 76 -29.91 15.29 -65.50
CA THR A 76 -30.99 15.03 -64.57
C THR A 76 -30.44 14.82 -63.16
N LYS A 77 -31.09 15.46 -62.18
CA LYS A 77 -30.63 15.43 -60.80
C LYS A 77 -31.10 14.16 -60.11
N ARG A 78 -30.17 13.45 -59.49
CA ARG A 78 -30.45 12.30 -58.66
C ARG A 78 -29.72 12.46 -57.34
N PHE A 79 -30.46 12.47 -56.24
CA PHE A 79 -29.93 12.79 -54.92
C PHE A 79 -29.93 11.55 -54.03
N ASP A 80 -28.82 11.33 -53.33
CA ASP A 80 -28.68 10.23 -52.39
C ASP A 80 -28.01 10.77 -51.13
N ASN A 81 -28.83 11.19 -50.16
CA ASN A 81 -28.35 11.74 -48.89
C ASN A 81 -29.03 11.00 -47.75
N PRO A 82 -28.60 9.78 -47.47
CA PRO A 82 -29.24 8.99 -46.42
C PRO A 82 -28.99 9.56 -45.04
N VAL A 83 -29.84 9.17 -44.10
CA VAL A 83 -29.71 9.59 -42.72
C VAL A 83 -28.86 8.56 -41.99
N LEU A 84 -27.54 8.70 -42.06
CA LEU A 84 -26.65 7.69 -41.53
C LEU A 84 -26.59 7.78 -40.01
N PRO A 85 -26.65 6.66 -39.28
CA PRO A 85 -26.50 6.73 -37.83
C PRO A 85 -25.10 7.13 -37.42
N PHE A 86 -24.99 7.84 -36.30
CA PHE A 86 -23.69 8.28 -35.83
C PHE A 86 -22.96 7.17 -35.10
N ASN A 87 -23.68 6.36 -34.32
CA ASN A 87 -23.12 5.28 -33.50
C ASN A 87 -22.14 5.92 -32.52
N ASP A 88 -20.94 5.38 -32.33
CA ASP A 88 -19.97 5.96 -31.40
C ASP A 88 -19.05 6.96 -32.08
N GLY A 89 -18.87 6.85 -33.39
CA GLY A 89 -18.02 7.76 -34.13
C GLY A 89 -18.20 7.53 -35.61
N VAL A 90 -17.66 8.45 -36.40
CA VAL A 90 -17.78 8.38 -37.85
C VAL A 90 -16.46 8.76 -38.48
N TYR A 91 -15.99 7.95 -39.43
CA TYR A 91 -14.88 8.29 -40.29
C TYR A 91 -15.44 8.63 -41.66
N PHE A 92 -15.13 9.83 -42.16
CA PHE A 92 -15.66 10.32 -43.41
C PHE A 92 -14.51 10.52 -44.39
N ALA A 93 -14.62 9.90 -45.57
CA ALA A 93 -13.62 10.02 -46.62
C ALA A 93 -14.29 10.45 -47.90
N SER A 94 -13.80 11.52 -48.51
CA SER A 94 -14.35 12.08 -49.74
C SER A 94 -13.26 12.24 -50.77
N THR A 95 -13.54 11.82 -52.00
CA THR A 95 -12.60 11.92 -53.11
C THR A 95 -12.99 12.98 -54.12
N GLU A 96 -13.95 13.85 -53.78
CA GLU A 96 -14.45 14.84 -54.74
C GLU A 96 -13.35 15.81 -55.15
N LYS A 97 -13.22 16.03 -56.46
CA LYS A 97 -12.26 16.98 -57.00
C LYS A 97 -12.86 18.36 -57.22
N SER A 98 -14.19 18.47 -57.26
CA SER A 98 -14.88 19.75 -57.42
C SER A 98 -15.46 20.27 -56.12
N ASN A 99 -15.07 19.68 -54.98
CA ASN A 99 -15.58 20.09 -53.66
C ASN A 99 -17.09 20.01 -53.61
N ILE A 100 -17.66 18.94 -54.17
CA ILE A 100 -19.10 18.75 -54.13
C ILE A 100 -19.58 18.54 -52.71
N ILE A 101 -18.88 17.69 -51.95
CA ILE A 101 -19.20 17.45 -50.55
C ILE A 101 -18.52 18.53 -49.72
N ARG A 102 -19.31 19.26 -48.93
CA ARG A 102 -18.76 20.35 -48.12
C ARG A 102 -19.16 20.27 -46.65
N GLY A 103 -20.32 19.74 -46.31
CA GLY A 103 -20.74 19.86 -44.94
C GLY A 103 -21.51 18.65 -44.43
N TRP A 104 -21.85 18.71 -43.14
CA TRP A 104 -22.50 17.61 -42.45
C TRP A 104 -23.50 18.18 -41.46
N ILE A 105 -24.46 17.35 -41.05
CA ILE A 105 -25.52 17.78 -40.14
C ILE A 105 -25.69 16.73 -39.05
N PHE A 106 -25.02 16.92 -37.91
CA PHE A 106 -25.10 15.97 -36.81
C PHE A 106 -26.21 16.38 -35.85
N GLY A 107 -27.31 15.64 -35.85
CA GLY A 107 -28.41 15.90 -34.94
C GLY A 107 -29.21 14.66 -34.69
N THR A 108 -29.83 14.61 -33.51
CA THR A 108 -30.63 13.43 -33.14
C THR A 108 -31.95 13.39 -33.90
N THR A 109 -32.53 14.56 -34.18
CA THR A 109 -33.82 14.65 -34.86
C THR A 109 -33.75 15.55 -36.08
N LEU A 110 -32.68 16.32 -36.23
CA LEU A 110 -32.46 17.18 -37.40
C LEU A 110 -33.56 18.23 -37.53
N ASP A 111 -33.76 19.00 -36.45
CA ASP A 111 -34.77 20.04 -36.44
C ASP A 111 -34.21 21.29 -35.77
N SER A 112 -35.04 22.35 -35.73
CA SER A 112 -34.59 23.65 -35.26
C SER A 112 -34.43 23.68 -33.74
N LYS A 113 -35.04 22.72 -33.04
CA LYS A 113 -34.95 22.71 -31.59
C LYS A 113 -33.73 21.94 -31.10
N THR A 114 -33.49 20.76 -31.67
CA THR A 114 -32.34 19.95 -31.27
C THR A 114 -31.08 20.44 -31.98
N GLN A 115 -29.96 20.41 -31.24
CA GLN A 115 -28.72 21.04 -31.69
C GLN A 115 -28.09 20.22 -32.81
N SER A 116 -28.56 20.48 -34.03
CA SER A 116 -27.97 19.92 -35.23
C SER A 116 -26.93 20.91 -35.75
N LEU A 117 -25.66 20.63 -35.46
CA LEU A 117 -24.60 21.51 -35.91
C LEU A 117 -24.35 21.30 -37.40
N LEU A 118 -23.96 22.36 -38.10
CA LEU A 118 -23.63 22.29 -39.52
C LEU A 118 -22.26 22.89 -39.77
N ILE A 119 -21.55 22.36 -40.76
CA ILE A 119 -20.33 22.95 -41.29
C ILE A 119 -20.57 23.26 -42.76
N VAL A 120 -20.10 24.42 -43.20
CA VAL A 120 -20.22 24.83 -44.60
C VAL A 120 -18.87 25.37 -45.06
N ASN A 121 -18.57 25.15 -46.34
CA ASN A 121 -17.31 25.57 -46.92
C ASN A 121 -17.54 26.39 -48.18
N ASN A 122 -16.55 27.20 -48.52
CA ASN A 122 -16.52 27.93 -49.77
C ASN A 122 -15.06 28.09 -50.21
N ALA A 123 -14.87 28.46 -51.47
CA ALA A 123 -13.53 28.55 -52.02
C ALA A 123 -12.70 29.61 -51.32
N THR A 124 -13.31 30.75 -50.99
CA THR A 124 -12.56 31.86 -50.38
C THR A 124 -12.06 31.50 -49.00
N ASN A 125 -12.93 30.99 -48.13
CA ASN A 125 -12.57 30.72 -46.76
C ASN A 125 -13.51 29.67 -46.17
N VAL A 126 -13.05 29.02 -45.10
CA VAL A 126 -13.84 28.00 -44.43
C VAL A 126 -14.83 28.68 -43.47
N VAL A 127 -16.09 28.73 -43.89
CA VAL A 127 -17.13 29.33 -43.05
C VAL A 127 -17.78 28.26 -42.19
N ILE A 128 -17.12 27.89 -41.09
CA ILE A 128 -17.72 26.95 -40.15
C ILE A 128 -18.88 27.65 -39.45
N LYS A 129 -20.06 27.05 -39.54
CA LYS A 129 -21.30 27.68 -39.09
C LYS A 129 -22.00 26.73 -38.11
N VAL A 130 -21.22 26.21 -37.16
CA VAL A 130 -21.73 25.27 -36.17
C VAL A 130 -22.72 26.00 -35.29
N CYS A 131 -24.01 25.75 -35.52
CA CYS A 131 -25.06 26.57 -34.91
C CYS A 131 -26.35 25.75 -34.85
N GLU A 132 -27.30 26.25 -34.07
CA GLU A 132 -28.65 25.70 -34.03
C GLU A 132 -29.35 26.06 -35.33
N PHE A 133 -29.86 25.07 -36.06
CA PHE A 133 -30.28 25.33 -37.42
C PHE A 133 -31.31 24.33 -37.93
N GLN A 134 -32.15 24.81 -38.85
CA GLN A 134 -33.13 24.02 -39.58
C GLN A 134 -32.85 24.13 -41.08
N PHE A 135 -32.78 22.98 -41.75
CA PHE A 135 -32.25 22.91 -43.11
C PHE A 135 -33.29 22.36 -44.07
N CYS A 136 -33.03 22.53 -45.36
CA CYS A 136 -33.84 21.93 -46.41
C CYS A 136 -33.42 20.49 -46.65
N ASN A 137 -34.15 19.81 -47.55
CA ASN A 137 -33.86 18.40 -47.81
C ASN A 137 -32.46 18.22 -48.36
N ASP A 138 -32.07 19.03 -49.34
CA ASP A 138 -30.74 18.96 -49.96
C ASP A 138 -30.15 20.36 -50.04
N PRO A 139 -29.74 20.93 -48.91
CA PRO A 139 -29.17 22.28 -48.94
C PRO A 139 -27.89 22.32 -49.78
N PHE A 140 -27.69 23.43 -50.46
CA PHE A 140 -26.60 23.56 -51.41
C PHE A 140 -26.16 25.02 -51.50
N LEU A 141 -24.90 25.21 -51.90
CA LEU A 141 -24.26 26.52 -51.93
C LEU A 141 -24.22 27.02 -53.36
N GLY A 142 -24.55 28.30 -53.55
CA GLY A 142 -24.65 28.84 -54.89
C GLY A 142 -23.32 29.36 -55.41
N VAL A 143 -22.98 28.97 -56.63
CA VAL A 143 -21.80 29.46 -57.33
C VAL A 143 -22.20 29.78 -58.77
N TYR A 144 -21.84 30.97 -59.25
CA TYR A 144 -22.19 31.39 -60.59
C TYR A 144 -20.95 31.74 -61.40
N TYR A 145 -21.00 31.44 -62.69
CA TYR A 145 -19.92 31.77 -63.60
C TYR A 145 -20.16 33.16 -64.20
N HIS A 146 -19.21 34.07 -63.99
CA HIS A 146 -19.32 35.43 -64.50
C HIS A 146 -18.59 35.51 -65.83
N LYS A 147 -19.26 36.07 -66.84
CA LYS A 147 -18.67 36.13 -68.18
C LYS A 147 -17.42 37.00 -68.20
N ASN A 148 -17.45 38.15 -67.54
CA ASN A 148 -16.30 39.04 -67.54
C ASN A 148 -15.16 38.46 -66.71
N ASN A 149 -15.48 37.95 -65.52
CA ASN A 149 -14.44 37.41 -64.66
C ASN A 149 -13.95 36.05 -65.13
N LYS A 150 -14.76 35.34 -65.93
CA LYS A 150 -14.41 34.03 -66.48
C LYS A 150 -14.06 33.04 -65.37
N SER A 151 -14.85 33.05 -64.30
CA SER A 151 -14.61 32.16 -63.18
C SER A 151 -15.93 31.87 -62.47
N TRP A 152 -15.93 30.80 -61.68
CA TRP A 152 -17.09 30.39 -60.90
C TRP A 152 -16.98 31.01 -59.50
N MET A 153 -17.98 31.80 -59.13
CA MET A 153 -17.98 32.53 -57.88
C MET A 153 -19.35 32.44 -57.23
N GLU A 154 -19.39 32.64 -55.91
CA GLU A 154 -20.63 32.47 -55.15
C GLU A 154 -21.66 33.51 -55.57
N SER A 155 -22.93 33.09 -55.63
CA SER A 155 -24.04 33.98 -55.93
C SER A 155 -25.03 34.13 -54.78
N GLU A 156 -25.59 33.02 -54.28
CA GLU A 156 -26.63 33.07 -53.27
C GLU A 156 -26.45 31.87 -52.35
N PHE A 157 -26.97 32.00 -51.13
CA PHE A 157 -26.78 31.00 -50.08
C PHE A 157 -28.14 30.52 -49.58
N ARG A 158 -28.47 29.27 -49.89
CA ARG A 158 -29.60 28.60 -49.26
C ARG A 158 -29.28 28.08 -47.87
N VAL A 159 -28.01 28.18 -47.46
CA VAL A 159 -27.56 27.80 -46.12
C VAL A 159 -27.86 28.92 -45.15
N TYR A 160 -27.70 28.65 -43.86
CA TYR A 160 -28.02 29.56 -42.75
C TYR A 160 -29.37 30.25 -42.96
N SER A 161 -30.36 29.46 -43.35
CA SER A 161 -31.74 29.95 -43.41
C SER A 161 -32.22 30.40 -42.03
N SER A 162 -31.88 29.65 -40.99
CA SER A 162 -32.14 30.04 -39.61
C SER A 162 -30.83 30.40 -38.92
N ALA A 163 -30.94 31.23 -37.88
CA ALA A 163 -29.77 31.73 -37.17
C ALA A 163 -29.93 31.72 -35.65
N ASN A 164 -30.89 30.98 -35.12
CA ASN A 164 -31.10 30.94 -33.68
C ASN A 164 -29.93 30.24 -33.00
N ASN A 165 -29.53 30.78 -31.84
CA ASN A 165 -28.56 30.14 -30.94
C ASN A 165 -27.27 29.76 -31.70
N CYS A 166 -26.81 30.67 -32.55
CA CYS A 166 -25.71 30.38 -33.46
C CYS A 166 -24.40 30.63 -32.72
N THR A 167 -23.65 29.55 -32.48
CA THR A 167 -22.53 29.60 -31.54
C THR A 167 -21.21 29.91 -32.22
N PHE A 168 -20.85 29.14 -33.25
CA PHE A 168 -19.48 29.11 -33.73
C PHE A 168 -19.44 29.55 -35.19
N GLU A 169 -18.58 30.53 -35.48
CA GLU A 169 -18.47 31.12 -36.82
C GLU A 169 -16.99 31.30 -37.18
N TYR A 170 -16.19 30.26 -36.98
CA TYR A 170 -14.77 30.33 -37.32
C TYR A 170 -14.58 30.46 -38.82
N VAL A 171 -13.62 31.30 -39.22
CA VAL A 171 -13.26 31.49 -40.62
C VAL A 171 -11.75 31.50 -40.74
N SER A 172 -11.23 30.77 -41.74
CA SER A 172 -9.81 30.75 -42.04
C SER A 172 -9.65 30.19 -43.46
N GLN A 173 -8.42 29.83 -43.81
CA GLN A 173 -8.17 29.20 -45.10
C GLN A 173 -8.91 27.86 -45.15
N PRO A 174 -9.67 27.61 -46.21
CA PRO A 174 -10.46 26.36 -46.27
C PRO A 174 -9.56 25.14 -46.37
N PHE A 175 -9.90 24.11 -45.61
CA PHE A 175 -9.17 22.85 -45.72
C PHE A 175 -9.60 22.07 -46.96
N LEU A 176 -10.86 22.20 -47.36
CA LEU A 176 -11.34 21.51 -48.55
C LEU A 176 -10.86 22.23 -49.81
N MET A 177 -9.56 22.18 -50.08
CA MET A 177 -8.96 22.86 -51.23
C MET A 177 -8.00 21.93 -51.93
N ASP A 178 -7.97 22.00 -53.25
CA ASP A 178 -7.07 21.21 -54.10
C ASP A 178 -7.09 19.72 -53.74
N LYS A 187 -9.43 12.70 -57.06
CA LYS A 187 -8.07 13.19 -57.28
C LYS A 187 -7.41 13.55 -55.95
N ASN A 188 -8.21 14.06 -55.02
CA ASN A 188 -7.74 14.43 -53.68
C ASN A 188 -8.69 13.85 -52.64
N LEU A 189 -8.13 13.33 -51.56
CA LEU A 189 -8.90 12.64 -50.54
C LEU A 189 -9.03 13.52 -49.30
N ARG A 190 -10.23 13.54 -48.72
CA ARG A 190 -10.53 14.30 -47.51
C ARG A 190 -11.00 13.33 -46.44
N GLU A 191 -10.21 13.15 -45.39
CA GLU A 191 -10.52 12.21 -44.33
C GLU A 191 -10.88 12.98 -43.06
N PHE A 192 -12.03 12.63 -42.47
CA PHE A 192 -12.53 13.29 -41.27
C PHE A 192 -13.00 12.25 -40.26
N VAL A 193 -12.74 12.52 -38.98
CA VAL A 193 -13.24 11.71 -37.88
C VAL A 193 -14.01 12.61 -36.92
N PHE A 194 -15.22 12.20 -36.55
CA PHE A 194 -16.06 12.95 -35.64
C PHE A 194 -16.36 12.11 -34.41
N LYS A 195 -16.20 12.70 -33.23
CA LYS A 195 -16.49 12.02 -31.98
C LYS A 195 -17.29 12.95 -31.07
N ASN A 196 -18.05 12.35 -30.16
CA ASN A 196 -18.86 13.09 -29.19
C ASN A 196 -18.65 12.44 -27.82
N ILE A 197 -17.61 12.88 -27.11
CA ILE A 197 -17.27 12.37 -25.79
C ILE A 197 -17.33 13.52 -24.79
N ASP A 198 -18.10 13.33 -23.73
CA ASP A 198 -18.30 14.35 -22.70
C ASP A 198 -18.80 15.65 -23.30
N GLY A 199 -19.63 15.55 -24.34
CA GLY A 199 -20.14 16.71 -25.06
C GLY A 199 -19.18 17.26 -26.09
N TYR A 200 -17.88 17.18 -25.82
CA TYR A 200 -16.86 17.80 -26.67
C TYR A 200 -16.86 17.15 -28.04
N PHE A 201 -17.34 17.87 -29.05
CA PHE A 201 -17.30 17.37 -30.42
C PHE A 201 -15.89 17.55 -30.99
N LYS A 202 -15.25 16.45 -31.36
CA LYS A 202 -13.87 16.46 -31.81
C LYS A 202 -13.79 16.09 -33.28
N ILE A 203 -13.05 16.88 -34.06
CA ILE A 203 -12.94 16.71 -35.50
C ILE A 203 -11.46 16.60 -35.86
N TYR A 204 -11.13 15.57 -36.63
CA TYR A 204 -9.78 15.34 -37.12
C TYR A 204 -9.77 15.39 -38.64
N SER A 205 -8.65 15.83 -39.21
CA SER A 205 -8.58 16.01 -40.65
C SER A 205 -7.16 15.88 -41.16
N LYS A 206 -7.02 15.29 -42.35
CA LYS A 206 -5.75 15.23 -43.07
C LYS A 206 -6.08 15.07 -44.55
N HIS A 207 -5.47 15.89 -45.38
CA HIS A 207 -5.78 15.93 -46.81
C HIS A 207 -4.58 15.44 -47.60
N THR A 208 -4.79 14.41 -48.43
CA THR A 208 -3.73 13.82 -49.23
C THR A 208 -4.25 13.59 -50.65
N PRO A 209 -3.47 13.96 -51.67
CA PRO A 209 -3.87 13.63 -53.04
C PRO A 209 -3.84 12.13 -53.28
N ILE A 210 -4.71 11.66 -54.17
CA ILE A 210 -4.83 10.24 -54.50
C ILE A 210 -4.78 10.09 -56.01
N ASN A 211 -3.96 9.15 -56.48
CA ASN A 211 -3.85 8.91 -57.91
C ASN A 211 -5.14 8.32 -58.48
N LEU A 212 -5.74 7.38 -57.77
CA LEU A 212 -6.97 6.71 -58.22
C LEU A 212 -8.08 6.96 -57.21
N VAL A 213 -9.24 7.38 -57.70
CA VAL A 213 -10.39 7.64 -56.82
C VAL A 213 -11.39 6.48 -56.82
N ARG A 214 -11.05 5.36 -57.45
CA ARG A 214 -11.96 4.20 -57.45
C ARG A 214 -12.17 3.66 -56.05
N ASP A 215 -11.11 3.57 -55.26
CA ASP A 215 -11.19 3.05 -53.91
C ASP A 215 -10.15 3.73 -53.03
N LEU A 216 -10.28 3.54 -51.73
CA LEU A 216 -9.33 4.12 -50.79
C LEU A 216 -7.94 3.54 -51.03
N PRO A 217 -6.92 4.38 -51.14
CA PRO A 217 -5.58 3.89 -51.47
C PRO A 217 -4.99 3.01 -50.38
N GLN A 218 -4.13 2.08 -50.79
CA GLN A 218 -3.45 1.18 -49.87
C GLN A 218 -2.22 1.88 -49.30
N GLY A 219 -2.48 2.89 -48.48
CA GLY A 219 -1.43 3.64 -47.82
C GLY A 219 -1.91 4.08 -46.44
N PHE A 220 -0.98 4.61 -45.66
CA PHE A 220 -1.27 4.98 -44.28
C PHE A 220 -1.18 6.50 -44.13
N SER A 221 -2.22 7.09 -43.55
CA SER A 221 -2.26 8.52 -43.26
C SER A 221 -2.73 8.73 -41.83
N ALA A 222 -2.20 9.77 -41.20
CA ALA A 222 -2.53 10.11 -39.82
C ALA A 222 -3.32 11.41 -39.80
N LEU A 223 -4.41 11.42 -39.04
CA LEU A 223 -5.31 12.56 -39.00
C LEU A 223 -4.95 13.48 -37.85
N GLU A 224 -4.59 14.73 -38.17
CA GLU A 224 -4.27 15.72 -37.14
C GLU A 224 -5.55 16.25 -36.51
N PRO A 225 -5.55 16.55 -35.21
CA PRO A 225 -6.70 17.25 -34.61
C PRO A 225 -6.96 18.59 -35.25
N LEU A 226 -8.22 18.95 -35.42
CA LEU A 226 -8.60 20.19 -36.09
C LEU A 226 -9.29 21.19 -35.17
N VAL A 227 -10.38 20.77 -34.51
CA VAL A 227 -11.15 21.65 -33.65
C VAL A 227 -11.92 20.80 -32.65
N ASP A 228 -12.15 21.37 -31.47
CA ASP A 228 -12.89 20.69 -30.39
C ASP A 228 -14.06 21.60 -30.01
N LEU A 229 -15.25 21.29 -30.54
CA LEU A 229 -16.44 22.09 -30.29
C LEU A 229 -16.90 21.93 -28.85
N PRO A 230 -17.19 23.04 -28.16
CA PRO A 230 -17.65 22.96 -26.76
C PRO A 230 -19.12 22.65 -26.58
N ILE A 231 -19.90 22.57 -27.65
CA ILE A 231 -21.34 22.38 -27.52
C ILE A 231 -21.65 20.93 -27.14
N GLY A 232 -22.65 20.75 -26.28
CA GLY A 232 -23.05 19.43 -25.85
C GLY A 232 -24.35 18.99 -26.48
N ILE A 233 -24.33 17.86 -27.18
CA ILE A 233 -25.46 17.39 -27.96
C ILE A 233 -25.69 15.92 -27.63
N ASN A 234 -26.86 15.43 -28.02
CA ASN A 234 -27.19 14.00 -28.00
C ASN A 234 -27.21 13.52 -29.45
N ILE A 235 -26.04 13.15 -29.98
CA ILE A 235 -25.93 12.87 -31.40
C ILE A 235 -26.13 11.38 -31.64
N THR A 236 -27.03 11.04 -32.57
CA THR A 236 -27.26 9.65 -32.96
C THR A 236 -27.33 9.46 -34.47
N ARG A 237 -27.41 10.53 -35.25
CA ARG A 237 -27.53 10.43 -36.70
C ARG A 237 -26.89 11.66 -37.33
N PHE A 238 -26.61 11.56 -38.63
CA PHE A 238 -26.01 12.68 -39.35
C PHE A 238 -26.34 12.55 -40.82
N GLN A 239 -25.87 13.53 -41.60
CA GLN A 239 -26.09 13.58 -43.04
C GLN A 239 -24.90 14.27 -43.70
N THR A 240 -24.91 14.24 -45.03
CA THR A 240 -23.91 14.94 -45.84
C THR A 240 -24.60 15.97 -46.73
N LEU A 241 -23.94 17.11 -46.90
CA LEU A 241 -24.49 18.26 -47.61
C LEU A 241 -23.69 18.50 -48.88
N LEU A 242 -24.38 18.64 -50.01
CA LEU A 242 -23.75 18.78 -51.32
C LEU A 242 -24.25 20.04 -52.00
N ALA A 243 -23.36 20.71 -52.75
CA ALA A 243 -23.69 21.98 -53.37
C ALA A 243 -24.05 21.80 -54.85
N LEU A 244 -24.75 22.79 -55.38
CA LEU A 244 -25.18 22.83 -56.77
C LEU A 244 -24.84 24.18 -57.37
N HIS A 245 -24.56 24.20 -58.67
CA HIS A 245 -24.16 25.43 -59.35
C HIS A 245 -25.33 26.05 -60.11
N ARG A 246 -25.05 27.16 -60.80
CA ARG A 246 -26.09 27.83 -61.57
C ARG A 246 -26.45 27.03 -62.82
N SER A 247 -25.45 26.45 -63.48
CA SER A 247 -25.75 25.53 -64.57
C SER A 247 -26.54 24.32 -64.05
N TYR A 248 -26.34 23.97 -62.78
CA TYR A 248 -27.15 22.93 -62.17
C TYR A 248 -28.55 23.45 -61.85
N LEU A 249 -28.64 24.69 -61.37
CA LEU A 249 -29.94 25.30 -61.03
C LEU A 249 -30.59 25.82 -62.30
N THR A 250 -31.48 25.02 -62.87
CA THR A 250 -32.26 25.35 -64.04
C THR A 250 -33.73 25.09 -63.71
N PRO A 251 -34.65 25.86 -64.29
CA PRO A 251 -36.07 25.52 -64.11
C PRO A 251 -36.39 24.10 -64.53
N GLY A 252 -35.74 23.59 -65.56
CA GLY A 252 -35.75 22.17 -65.84
C GLY A 252 -34.72 21.43 -65.01
N ASP A 253 -34.98 20.14 -64.78
CA ASP A 253 -34.08 19.35 -63.95
C ASP A 253 -32.73 19.15 -64.65
N SER A 254 -32.70 19.29 -65.97
CA SER A 254 -31.46 19.08 -66.72
C SER A 254 -30.45 20.17 -66.39
N SER A 255 -29.18 19.75 -66.26
CA SER A 255 -28.07 20.66 -66.02
C SER A 255 -27.10 20.57 -67.18
N SER A 256 -26.76 21.73 -67.74
CA SER A 256 -25.86 21.82 -68.89
C SER A 256 -24.69 22.73 -68.54
N GLY A 257 -23.47 22.22 -68.67
CA GLY A 257 -22.27 22.99 -68.43
C GLY A 257 -21.61 22.75 -67.09
N TRP A 258 -22.28 22.10 -66.15
CA TRP A 258 -21.71 21.81 -64.84
C TRP A 258 -21.84 20.31 -64.56
N THR A 259 -20.74 19.71 -64.14
CA THR A 259 -20.68 18.29 -63.84
C THR A 259 -20.45 18.09 -62.35
N ALA A 260 -21.34 17.33 -61.71
CA ALA A 260 -21.24 17.02 -60.29
C ALA A 260 -21.22 15.51 -60.03
N GLY A 261 -20.76 14.75 -61.01
CA GLY A 261 -20.72 13.30 -60.85
C GLY A 261 -19.74 12.85 -59.78
N ALA A 262 -18.63 13.55 -59.64
CA ALA A 262 -17.58 13.17 -58.70
C ALA A 262 -18.02 13.54 -57.28
N ALA A 263 -19.00 12.78 -56.78
CA ALA A 263 -19.55 12.97 -55.46
C ALA A 263 -19.34 11.76 -54.55
N ALA A 264 -18.39 10.89 -54.90
CA ALA A 264 -18.17 9.68 -54.13
C ALA A 264 -17.60 10.00 -52.76
N TYR A 265 -18.23 9.47 -51.72
CA TYR A 265 -17.74 9.63 -50.36
C TYR A 265 -17.98 8.34 -49.59
N TYR A 266 -17.09 8.07 -48.64
CA TYR A 266 -17.11 6.83 -47.86
C TYR A 266 -17.29 7.16 -46.39
N VAL A 267 -18.11 6.36 -45.70
CA VAL A 267 -18.42 6.57 -44.29
C VAL A 267 -18.06 5.30 -43.52
N GLY A 268 -17.18 5.44 -42.53
CA GLY A 268 -16.84 4.34 -41.65
C GLY A 268 -17.21 4.68 -40.22
N TYR A 269 -17.51 3.65 -39.43
CA TYR A 269 -17.93 3.81 -38.06
C TYR A 269 -16.79 3.44 -37.13
N LEU A 270 -16.52 4.32 -36.16
CA LEU A 270 -15.44 4.08 -35.20
C LEU A 270 -15.84 3.04 -34.17
N GLN A 271 -14.84 2.37 -33.61
CA GLN A 271 -15.03 1.36 -32.59
C GLN A 271 -13.98 1.54 -31.51
N PRO A 272 -14.28 1.11 -30.27
CA PRO A 272 -13.28 1.20 -29.20
C PRO A 272 -12.20 0.13 -29.35
N ARG A 273 -11.22 0.38 -30.22
CA ARG A 273 -10.19 -0.59 -30.54
C ARG A 273 -8.85 -0.09 -30.01
N THR A 274 -8.16 -0.93 -29.25
CA THR A 274 -6.80 -0.63 -28.83
C THR A 274 -5.87 -0.65 -30.04
N PHE A 275 -4.99 0.34 -30.11
CA PHE A 275 -4.08 0.50 -31.24
C PHE A 275 -2.66 0.66 -30.72
N LEU A 276 -1.70 0.22 -31.53
CA LEU A 276 -0.28 0.43 -31.28
C LEU A 276 0.27 1.31 -32.40
N LEU A 277 0.72 2.50 -32.05
CA LEU A 277 1.09 3.52 -33.03
C LEU A 277 2.60 3.65 -33.10
N LYS A 278 3.13 3.68 -34.31
CA LYS A 278 4.55 3.84 -34.54
C LYS A 278 4.84 5.30 -34.89
N TYR A 279 5.71 5.93 -34.12
CA TYR A 279 6.17 7.28 -34.40
C TYR A 279 7.59 7.21 -34.94
N ASN A 280 7.83 7.86 -36.07
CA ASN A 280 9.17 7.92 -36.62
C ASN A 280 9.97 9.00 -35.89
N GLU A 281 11.22 9.20 -36.33
CA GLU A 281 12.08 10.17 -35.66
C GLU A 281 11.64 11.60 -35.94
N ASN A 282 10.73 11.80 -36.90
CA ASN A 282 10.13 13.10 -37.14
C ASN A 282 8.80 13.28 -36.40
N GLY A 283 8.34 12.27 -35.69
CA GLY A 283 7.11 12.38 -34.92
C GLY A 283 5.84 12.02 -35.66
N THR A 284 5.93 11.72 -36.95
CA THR A 284 4.74 11.35 -37.71
C THR A 284 4.39 9.88 -37.48
N ILE A 285 3.10 9.57 -37.55
CA ILE A 285 2.62 8.21 -37.36
C ILE A 285 2.75 7.46 -38.67
N THR A 286 3.84 6.69 -38.82
CA THR A 286 4.07 5.97 -40.07
C THR A 286 3.16 4.76 -40.19
N ASP A 287 2.98 3.99 -39.12
CA ASP A 287 2.23 2.76 -39.20
C ASP A 287 1.58 2.46 -37.85
N ALA A 288 0.55 1.62 -37.89
CA ALA A 288 -0.16 1.19 -36.70
C ALA A 288 -0.73 -0.20 -36.93
N VAL A 289 -1.04 -0.89 -35.83
CA VAL A 289 -1.61 -2.24 -35.88
C VAL A 289 -2.80 -2.29 -34.92
N ASP A 290 -3.91 -2.84 -35.39
CA ASP A 290 -5.10 -3.01 -34.54
C ASP A 290 -4.92 -4.30 -33.76
N CYS A 291 -4.87 -4.20 -32.43
CA CYS A 291 -4.54 -5.35 -31.60
C CYS A 291 -5.59 -6.45 -31.72
N ALA A 292 -6.80 -6.10 -32.10
CA ALA A 292 -7.87 -7.08 -32.26
C ALA A 292 -8.10 -7.50 -33.70
N LEU A 293 -7.32 -6.97 -34.66
CA LEU A 293 -7.57 -7.27 -36.07
C LEU A 293 -7.41 -8.75 -36.37
N ASP A 294 -6.27 -9.32 -36.00
CA ASP A 294 -5.97 -10.72 -36.29
C ASP A 294 -4.90 -11.18 -35.31
N PRO A 295 -4.72 -12.50 -35.14
CA PRO A 295 -3.78 -12.98 -34.11
C PRO A 295 -2.37 -12.43 -34.24
N LEU A 296 -1.87 -12.25 -35.47
CA LEU A 296 -0.54 -11.68 -35.63
C LEU A 296 -0.47 -10.27 -35.07
N SER A 297 -1.49 -9.46 -35.30
CA SER A 297 -1.48 -8.10 -34.76
C SER A 297 -1.59 -8.11 -33.24
N GLU A 298 -2.34 -9.05 -32.67
CA GLU A 298 -2.39 -9.18 -31.22
C GLU A 298 -1.01 -9.55 -30.67
N THR A 299 -0.30 -10.44 -31.36
CA THR A 299 1.06 -10.77 -30.95
C THR A 299 1.96 -9.55 -31.04
N LYS A 300 1.83 -8.77 -32.11
CA LYS A 300 2.66 -7.59 -32.27
C LYS A 300 2.39 -6.55 -31.18
N CYS A 301 1.11 -6.39 -30.80
CA CYS A 301 0.79 -5.51 -29.69
C CYS A 301 1.37 -6.03 -28.37
N THR A 302 1.25 -7.34 -28.12
CA THR A 302 1.74 -7.89 -26.87
C THR A 302 3.25 -7.72 -26.75
N LEU A 303 3.98 -7.97 -27.84
CA LEU A 303 5.43 -7.80 -27.84
C LEU A 303 5.85 -6.35 -28.00
N LYS A 304 4.91 -5.45 -28.27
CA LYS A 304 5.20 -4.02 -28.47
C LYS A 304 6.23 -3.81 -29.57
N SER A 305 6.11 -4.58 -30.65
CA SER A 305 6.96 -4.43 -31.82
C SER A 305 6.18 -4.86 -33.06
N PHE A 306 6.56 -4.30 -34.21
CA PHE A 306 5.90 -4.65 -35.45
C PHE A 306 6.55 -5.84 -36.15
N THR A 307 7.64 -6.36 -35.63
CA THR A 307 8.29 -7.55 -36.17
C THR A 307 8.44 -8.57 -35.05
N VAL A 308 8.01 -9.81 -35.31
CA VAL A 308 8.10 -10.89 -34.34
C VAL A 308 8.97 -11.98 -34.93
N GLU A 309 9.65 -12.72 -34.04
CA GLU A 309 10.52 -13.81 -34.44
C GLU A 309 9.75 -15.13 -34.37
N LYS A 310 10.35 -16.17 -34.94
CA LYS A 310 9.75 -17.49 -34.89
C LYS A 310 9.61 -17.95 -33.45
N GLY A 311 8.42 -18.42 -33.11
CA GLY A 311 8.16 -18.88 -31.77
C GLY A 311 6.67 -18.91 -31.49
N ILE A 312 6.35 -19.20 -30.23
CA ILE A 312 4.97 -19.24 -29.76
C ILE A 312 4.82 -18.21 -28.66
N TYR A 313 3.84 -17.31 -28.82
CA TYR A 313 3.67 -16.17 -27.93
C TYR A 313 2.28 -16.20 -27.31
N GLN A 314 2.21 -16.02 -26.00
CA GLN A 314 0.93 -15.86 -25.31
C GLN A 314 0.50 -14.40 -25.44
N THR A 315 -0.56 -14.16 -26.21
CA THR A 315 -1.02 -12.80 -26.46
C THR A 315 -2.01 -12.34 -25.40
N SER A 316 -3.12 -13.04 -25.26
CA SER A 316 -4.13 -12.71 -24.25
C SER A 316 -4.96 -13.97 -24.00
N ASN A 317 -6.10 -13.79 -23.34
CA ASN A 317 -6.92 -14.90 -22.89
C ASN A 317 -8.24 -14.93 -23.62
N PHE A 318 -8.73 -16.14 -23.90
CA PHE A 318 -10.01 -16.37 -24.54
C PHE A 318 -11.04 -16.71 -23.48
N ARG A 319 -12.11 -15.90 -23.41
CA ARG A 319 -13.14 -16.07 -22.39
C ARG A 319 -14.50 -16.02 -23.04
N VAL A 320 -15.31 -17.06 -22.79
CA VAL A 320 -16.64 -17.15 -23.40
C VAL A 320 -17.56 -16.13 -22.72
N GLN A 321 -18.00 -15.13 -23.48
CA GLN A 321 -18.91 -14.14 -22.93
C GLN A 321 -20.31 -14.73 -22.77
N PRO A 322 -21.06 -14.24 -21.78
CA PRO A 322 -22.40 -14.79 -21.51
C PRO A 322 -23.35 -14.59 -22.68
N THR A 323 -24.23 -15.56 -22.90
CA THR A 323 -25.24 -15.41 -23.93
C THR A 323 -26.44 -14.62 -23.42
N GLU A 324 -26.79 -14.80 -22.14
CA GLU A 324 -27.98 -14.19 -21.58
C GLU A 324 -27.68 -13.62 -20.20
N SER A 325 -28.63 -12.86 -19.67
CA SER A 325 -28.58 -12.35 -18.31
C SER A 325 -29.75 -12.94 -17.53
N ILE A 326 -29.45 -13.55 -16.39
CA ILE A 326 -30.44 -14.27 -15.59
C ILE A 326 -30.54 -13.57 -14.23
N VAL A 327 -31.76 -13.19 -13.85
CA VAL A 327 -32.05 -12.63 -12.55
C VAL A 327 -33.12 -13.51 -11.91
N ARG A 328 -32.83 -14.04 -10.72
CA ARG A 328 -33.75 -14.93 -10.02
C ARG A 328 -33.91 -14.47 -8.58
N PHE A 329 -35.12 -14.05 -8.24
CA PHE A 329 -35.48 -13.55 -6.93
C PHE A 329 -36.63 -14.40 -6.41
N PRO A 330 -36.82 -14.46 -5.09
CA PRO A 330 -37.89 -15.32 -4.55
C PRO A 330 -39.26 -14.83 -4.96
N ASN A 331 -40.23 -15.75 -4.90
CA ASN A 331 -41.59 -15.51 -5.37
C ASN A 331 -42.38 -14.56 -4.47
N ILE A 332 -41.73 -13.94 -3.48
CA ILE A 332 -42.42 -12.97 -2.62
C ILE A 332 -42.89 -11.81 -3.48
N THR A 333 -44.10 -11.32 -3.19
CA THR A 333 -44.71 -10.26 -3.98
C THR A 333 -45.34 -9.14 -3.16
N ASN A 334 -45.67 -9.37 -1.89
CA ASN A 334 -46.31 -8.34 -1.08
C ASN A 334 -45.32 -7.24 -0.75
N LEU A 335 -45.80 -5.99 -0.75
CA LEU A 335 -44.96 -4.85 -0.45
C LEU A 335 -44.62 -4.82 1.03
N CYS A 336 -43.47 -4.23 1.35
CA CYS A 336 -43.02 -4.18 2.73
C CYS A 336 -43.77 -3.09 3.50
N PRO A 337 -43.98 -3.29 4.81
CA PRO A 337 -44.68 -2.31 5.64
C PRO A 337 -43.80 -1.15 6.10
N PHE A 338 -43.17 -0.48 5.14
CA PHE A 338 -42.34 0.67 5.47
C PHE A 338 -43.18 1.86 5.88
N GLY A 339 -44.42 1.94 5.39
CA GLY A 339 -45.27 3.05 5.75
C GLY A 339 -45.55 3.13 7.23
N GLU A 340 -45.89 1.99 7.85
CA GLU A 340 -46.17 1.98 9.28
C GLU A 340 -44.94 2.38 10.09
N VAL A 341 -43.75 2.07 9.57
CA VAL A 341 -42.53 2.50 10.25
C VAL A 341 -42.34 4.01 10.12
N PHE A 342 -42.56 4.55 8.92
CA PHE A 342 -42.28 5.96 8.68
C PHE A 342 -43.48 6.87 8.91
N ASN A 343 -44.70 6.42 8.59
CA ASN A 343 -45.90 7.22 8.82
C ASN A 343 -46.43 7.08 10.24
N ALA A 344 -45.59 6.65 11.19
CA ALA A 344 -46.05 6.39 12.54
C ALA A 344 -46.52 7.68 13.21
N THR A 345 -47.62 7.57 13.97
CA THR A 345 -48.17 8.74 14.64
C THR A 345 -47.22 9.27 15.71
N ARG A 346 -46.74 8.39 16.59
CA ARG A 346 -45.74 8.76 17.59
C ARG A 346 -44.60 7.76 17.55
N PHE A 347 -43.38 8.27 17.36
CA PHE A 347 -42.19 7.45 17.46
C PHE A 347 -41.89 7.15 18.92
N ALA A 348 -41.41 5.95 19.19
CA ALA A 348 -41.06 5.58 20.55
C ALA A 348 -39.87 6.39 21.05
N SER A 349 -39.76 6.49 22.37
CA SER A 349 -38.66 7.22 22.98
C SER A 349 -37.34 6.49 22.73
N VAL A 350 -36.23 7.22 22.91
CA VAL A 350 -34.93 6.67 22.59
C VAL A 350 -34.55 5.56 23.56
N TYR A 351 -34.84 5.75 24.85
CA TYR A 351 -34.44 4.78 25.85
C TYR A 351 -35.09 3.43 25.61
N ALA A 352 -36.28 3.42 25.01
CA ALA A 352 -36.93 2.19 24.56
C ALA A 352 -37.31 2.37 23.09
N TRP A 353 -36.36 2.09 22.21
CA TRP A 353 -36.59 2.26 20.78
C TRP A 353 -37.34 1.06 20.21
N ASN A 354 -38.38 1.34 19.44
CA ASN A 354 -39.20 0.30 18.85
C ASN A 354 -38.50 -0.29 17.63
N ARG A 355 -38.29 -1.60 17.66
CA ARG A 355 -37.67 -2.33 16.55
C ARG A 355 -38.71 -3.19 15.87
N LYS A 356 -38.82 -3.06 14.55
CA LYS A 356 -39.82 -3.78 13.76
C LYS A 356 -39.13 -4.74 12.81
N ARG A 357 -39.65 -5.97 12.74
CA ARG A 357 -39.10 -6.98 11.85
C ARG A 357 -39.74 -6.82 10.46
N ILE A 358 -38.95 -6.37 9.50
CA ILE A 358 -39.39 -6.23 8.13
C ILE A 358 -38.88 -7.45 7.36
N SER A 359 -39.79 -8.35 6.99
CA SER A 359 -39.40 -9.59 6.33
C SER A 359 -40.57 -10.13 5.54
N ASN A 360 -40.27 -11.09 4.66
CA ASN A 360 -41.26 -11.75 3.81
C ASN A 360 -42.04 -10.74 2.97
N CYS A 361 -41.32 -9.79 2.37
CA CYS A 361 -41.96 -8.76 1.58
C CYS A 361 -40.95 -8.19 0.58
N VAL A 362 -41.48 -7.49 -0.43
CA VAL A 362 -40.66 -6.80 -1.42
C VAL A 362 -40.49 -5.36 -0.97
N ALA A 363 -39.25 -4.91 -0.85
CA ALA A 363 -38.93 -3.58 -0.35
C ALA A 363 -38.42 -2.71 -1.49
N ASP A 364 -39.01 -1.54 -1.64
CA ASP A 364 -38.61 -0.57 -2.65
C ASP A 364 -37.97 0.61 -1.94
N TYR A 365 -36.64 0.65 -1.93
CA TYR A 365 -35.90 1.74 -1.30
C TYR A 365 -35.74 2.94 -2.23
N SER A 366 -36.09 2.79 -3.51
CA SER A 366 -36.00 3.93 -4.43
C SER A 366 -36.96 5.03 -4.03
N VAL A 367 -38.18 4.68 -3.62
CA VAL A 367 -39.14 5.69 -3.18
C VAL A 367 -38.68 6.35 -1.89
N LEU A 368 -37.96 5.61 -1.05
CA LEU A 368 -37.44 6.19 0.19
C LEU A 368 -36.32 7.17 -0.10
N TYR A 369 -35.38 6.79 -0.97
CA TYR A 369 -34.25 7.67 -1.26
C TYR A 369 -34.66 8.89 -2.07
N ASN A 370 -35.56 8.70 -3.04
CA ASN A 370 -35.94 9.80 -3.91
C ASN A 370 -36.73 10.86 -3.14
N SER A 371 -37.51 10.43 -2.15
CA SER A 371 -38.28 11.38 -1.35
C SER A 371 -37.33 12.34 -0.62
N ALA A 372 -37.66 13.63 -0.69
CA ALA A 372 -36.85 14.67 -0.07
C ALA A 372 -37.27 15.00 1.36
N SER A 373 -38.24 14.27 1.90
CA SER A 373 -38.69 14.52 3.27
C SER A 373 -37.58 14.27 4.26
N PHE A 374 -36.79 13.22 4.06
CA PHE A 374 -35.72 12.86 4.98
C PHE A 374 -34.52 13.77 4.76
N SER A 375 -34.14 14.50 5.81
CA SER A 375 -32.98 15.40 5.70
C SER A 375 -31.68 14.62 5.62
N THR A 376 -31.54 13.57 6.43
CA THR A 376 -30.33 12.76 6.48
C THR A 376 -30.64 11.34 6.05
N PHE A 377 -30.00 10.91 4.96
CA PHE A 377 -30.13 9.55 4.43
C PHE A 377 -28.73 9.00 4.20
N LYS A 378 -28.13 8.43 5.24
CA LYS A 378 -26.75 7.98 5.20
C LYS A 378 -26.71 6.46 5.30
N CYS A 379 -26.19 5.81 4.26
CA CYS A 379 -26.02 4.37 4.23
C CYS A 379 -24.53 4.05 4.36
N TYR A 380 -24.19 3.16 5.29
CA TYR A 380 -22.79 2.90 5.61
C TYR A 380 -22.21 1.74 4.82
N GLY A 381 -22.75 0.54 5.01
CA GLY A 381 -22.25 -0.63 4.33
C GLY A 381 -22.81 -0.86 2.94
N VAL A 382 -23.83 -0.11 2.54
CA VAL A 382 -24.50 -0.29 1.26
C VAL A 382 -24.59 1.06 0.56
N SER A 383 -24.61 1.01 -0.76
CA SER A 383 -24.94 2.26 -1.44
C SER A 383 -26.45 2.43 -1.53
N PRO A 384 -26.96 3.63 -1.24
CA PRO A 384 -28.43 3.82 -1.24
C PRO A 384 -29.09 3.49 -2.57
N THR A 385 -28.43 3.77 -3.69
CA THR A 385 -29.03 3.47 -4.99
C THR A 385 -28.94 1.99 -5.32
N LYS A 386 -28.04 1.27 -4.65
CA LYS A 386 -27.89 -0.17 -4.89
C LYS A 386 -28.84 -1.02 -4.06
N LEU A 387 -29.68 -0.41 -3.22
CA LEU A 387 -30.53 -1.17 -2.32
C LEU A 387 -31.57 -1.98 -3.08
N ASN A 388 -32.05 -1.46 -4.22
CA ASN A 388 -33.09 -2.15 -4.96
C ASN A 388 -32.59 -3.43 -5.62
N ASP A 389 -31.27 -3.55 -5.80
CA ASP A 389 -30.68 -4.68 -6.49
C ASP A 389 -30.22 -5.80 -5.56
N LEU A 390 -30.45 -5.66 -4.26
CA LEU A 390 -29.95 -6.62 -3.27
C LEU A 390 -31.10 -7.30 -2.56
N CYS A 391 -30.80 -8.46 -1.97
CA CYS A 391 -31.75 -9.21 -1.17
C CYS A 391 -31.18 -9.37 0.24
N PHE A 392 -32.01 -9.09 1.24
CA PHE A 392 -31.64 -9.21 2.64
C PHE A 392 -32.49 -10.29 3.29
N THR A 393 -31.86 -11.07 4.17
CA THR A 393 -32.60 -12.13 4.86
C THR A 393 -33.53 -11.55 5.91
N ASN A 394 -33.14 -10.43 6.52
CA ASN A 394 -33.96 -9.76 7.52
C ASN A 394 -33.59 -8.29 7.57
N VAL A 395 -34.60 -7.42 7.63
CA VAL A 395 -34.43 -5.99 7.81
C VAL A 395 -35.11 -5.57 9.10
N TYR A 396 -34.38 -4.84 9.95
CA TYR A 396 -34.91 -4.35 11.21
C TYR A 396 -34.90 -2.83 11.19
N ALA A 397 -36.05 -2.23 11.50
CA ALA A 397 -36.20 -0.79 11.53
C ALA A 397 -36.40 -0.34 12.98
N ASP A 398 -35.51 0.54 13.45
CA ASP A 398 -35.58 1.10 14.80
C ASP A 398 -35.97 2.57 14.69
N SER A 399 -37.10 2.93 15.29
CA SER A 399 -37.66 4.27 15.19
C SER A 399 -37.59 4.97 16.54
N PHE A 400 -37.01 6.16 16.56
CA PHE A 400 -36.90 6.95 17.78
C PHE A 400 -36.65 8.40 17.41
N VAL A 401 -36.97 9.30 18.34
CA VAL A 401 -36.90 10.74 18.11
C VAL A 401 -35.77 11.33 18.95
N ILE A 402 -34.85 12.03 18.30
CA ILE A 402 -33.73 12.68 18.97
C ILE A 402 -33.69 14.14 18.56
N ARG A 403 -32.76 14.87 19.18
CA ARG A 403 -32.59 16.28 18.89
C ARG A 403 -31.66 16.48 17.70
N GLY A 404 -31.79 17.64 17.04
CA GLY A 404 -31.01 17.90 15.85
C GLY A 404 -29.52 17.89 16.10
N ASP A 405 -29.09 18.40 17.26
CA ASP A 405 -27.67 18.44 17.57
C ASP A 405 -27.11 17.05 17.79
N GLU A 406 -27.95 16.11 18.23
CA GLU A 406 -27.51 14.76 18.54
C GLU A 406 -27.71 13.77 17.40
N VAL A 407 -28.10 14.26 16.21
CA VAL A 407 -28.26 13.36 15.07
C VAL A 407 -26.92 12.74 14.68
N ARG A 408 -25.84 13.51 14.79
CA ARG A 408 -24.52 13.00 14.44
C ARG A 408 -24.10 11.85 15.35
N GLN A 409 -24.66 11.78 16.56
CA GLN A 409 -24.27 10.72 17.49
C GLN A 409 -24.76 9.35 17.02
N ILE A 410 -25.78 9.32 16.17
CA ILE A 410 -26.29 8.05 15.66
C ILE A 410 -25.44 7.62 14.48
N ALA A 411 -24.37 6.90 14.74
CA ALA A 411 -23.43 6.45 13.72
C ALA A 411 -22.48 5.46 14.37
N PRO A 412 -21.92 4.52 13.60
CA PRO A 412 -20.98 3.56 14.18
C PRO A 412 -19.75 4.25 14.76
N GLY A 413 -19.29 3.74 15.90
CA GLY A 413 -18.12 4.27 16.55
C GLY A 413 -18.23 5.72 16.97
N GLN A 414 -19.34 6.08 17.59
CA GLN A 414 -19.58 7.44 18.04
C GLN A 414 -19.77 7.48 19.55
N THR A 415 -19.20 8.50 20.18
CA THR A 415 -19.31 8.70 21.63
C THR A 415 -20.25 9.88 21.89
N GLY A 416 -21.31 9.64 22.64
CA GLY A 416 -22.27 10.67 22.96
C GLY A 416 -23.25 10.16 23.99
N LYS A 417 -24.08 11.07 24.51
CA LYS A 417 -25.03 10.71 25.54
C LYS A 417 -25.99 9.63 25.04
N ILE A 418 -26.63 9.87 23.90
CA ILE A 418 -27.53 8.87 23.32
C ILE A 418 -26.75 7.62 22.93
N ALA A 419 -25.56 7.81 22.35
CA ALA A 419 -24.75 6.66 21.96
C ALA A 419 -24.36 5.84 23.17
N ASP A 420 -23.91 6.49 24.24
CA ASP A 420 -23.40 5.75 25.39
C ASP A 420 -24.52 5.08 26.18
N TYR A 421 -25.61 5.80 26.44
CA TYR A 421 -26.62 5.31 27.37
C TYR A 421 -27.95 4.94 26.74
N ASN A 422 -28.19 5.33 25.48
CA ASN A 422 -29.52 5.14 24.87
C ASN A 422 -29.46 4.18 23.69
N TYR A 423 -28.63 4.44 22.69
CA TYR A 423 -28.63 3.65 21.46
C TYR A 423 -27.23 3.58 20.89
N LYS A 424 -26.66 2.38 20.87
CA LYS A 424 -25.31 2.15 20.34
C LYS A 424 -25.41 1.44 19.00
N LEU A 425 -24.81 2.03 17.98
CA LEU A 425 -24.70 1.38 16.69
C LEU A 425 -23.40 0.56 16.64
N PRO A 426 -23.45 -0.67 16.14
CA PRO A 426 -22.23 -1.50 16.13
C PRO A 426 -21.16 -0.89 15.24
N ASP A 427 -19.90 -1.24 15.54
CA ASP A 427 -18.80 -0.79 14.69
C ASP A 427 -18.93 -1.35 13.28
N ASP A 428 -19.30 -2.62 13.17
CA ASP A 428 -19.52 -3.25 11.87
C ASP A 428 -21.00 -3.16 11.48
N PHE A 429 -21.49 -1.93 11.47
CA PHE A 429 -22.88 -1.64 11.16
C PHE A 429 -23.02 -1.44 9.66
N THR A 430 -23.79 -2.31 9.02
CA THR A 430 -24.15 -2.19 7.61
C THR A 430 -25.64 -1.89 7.53
N GLY A 431 -25.98 -0.75 6.93
CA GLY A 431 -27.35 -0.31 6.89
C GLY A 431 -27.41 1.17 6.55
N CYS A 432 -28.61 1.73 6.74
CA CYS A 432 -28.88 3.13 6.43
C CYS A 432 -29.47 3.82 7.64
N VAL A 433 -29.09 5.07 7.85
CA VAL A 433 -29.66 5.91 8.91
C VAL A 433 -30.52 6.97 8.25
N ILE A 434 -31.80 7.00 8.61
CA ILE A 434 -32.77 7.93 8.02
C ILE A 434 -33.26 8.83 9.13
N ALA A 435 -33.12 10.14 8.93
CA ALA A 435 -33.55 11.13 9.91
C ALA A 435 -34.19 12.31 9.20
N TRP A 436 -35.30 12.80 9.76
CA TRP A 436 -35.96 13.99 9.25
C TRP A 436 -36.50 14.79 10.43
N ASN A 437 -36.59 16.10 10.23
CA ASN A 437 -37.03 17.00 11.30
C ASN A 437 -38.50 16.77 11.60
N SER A 438 -38.83 16.66 12.90
CA SER A 438 -40.19 16.42 13.35
C SER A 438 -40.72 17.56 14.20
N ASN A 439 -40.25 18.80 13.96
CA ASN A 439 -40.77 19.94 14.70
C ASN A 439 -42.25 20.14 14.41
N ASN A 440 -42.66 19.97 13.15
CA ASN A 440 -44.06 20.08 12.79
C ASN A 440 -44.88 18.98 13.46
N LEU A 441 -44.22 17.89 13.85
CA LEU A 441 -44.95 16.73 14.37
C LEU A 441 -44.97 16.70 15.89
N ASP A 442 -43.83 16.95 16.53
CA ASP A 442 -43.67 16.68 17.95
C ASP A 442 -43.59 17.93 18.82
N SER A 443 -43.36 19.11 18.24
CA SER A 443 -43.29 20.32 19.04
C SER A 443 -44.66 20.65 19.64
N LYS A 444 -44.66 21.04 20.91
CA LYS A 444 -45.89 21.35 21.63
C LYS A 444 -45.71 22.65 22.40
N VAL A 445 -46.81 23.39 22.55
CA VAL A 445 -46.76 24.62 23.33
C VAL A 445 -46.51 24.27 24.79
N GLY A 446 -45.47 24.87 25.36
CA GLY A 446 -45.02 24.51 26.68
C GLY A 446 -44.11 23.30 26.74
N GLY A 447 -43.79 22.70 25.60
CA GLY A 447 -42.92 21.55 25.56
C GLY A 447 -43.69 20.24 25.50
N ASN A 448 -43.08 19.26 24.84
CA ASN A 448 -43.61 17.91 24.73
C ASN A 448 -42.74 16.98 25.57
N TYR A 449 -43.31 16.47 26.66
CA TYR A 449 -42.57 15.66 27.61
C TYR A 449 -42.84 14.17 27.47
N ASN A 450 -43.46 13.76 26.36
CA ASN A 450 -43.69 12.34 26.13
C ASN A 450 -42.39 11.60 25.85
N TYR A 451 -41.44 12.27 25.20
CA TYR A 451 -40.20 11.64 24.81
C TYR A 451 -39.17 11.76 25.93
N LEU A 452 -38.49 10.65 26.24
CA LEU A 452 -37.56 10.58 27.35
C LEU A 452 -36.20 10.09 26.85
N TYR A 453 -35.14 10.67 27.39
CA TYR A 453 -33.78 10.19 27.14
C TYR A 453 -33.10 9.92 28.48
N ARG A 454 -32.28 8.87 28.51
CA ARG A 454 -31.63 8.44 29.74
C ARG A 454 -30.39 9.31 29.96
N LEU A 455 -30.45 10.15 30.99
CA LEU A 455 -29.34 11.08 31.25
C LEU A 455 -28.15 10.37 31.88
N PHE A 456 -28.41 9.44 32.80
CA PHE A 456 -27.35 8.79 33.56
C PHE A 456 -27.53 7.27 33.53
N ARG A 457 -26.43 6.55 33.37
CA ARG A 457 -26.42 5.09 33.48
C ARG A 457 -25.07 4.64 34.00
N LYS A 458 -25.08 3.50 34.69
CA LYS A 458 -23.84 2.99 35.29
C LYS A 458 -22.82 2.60 34.23
N SER A 459 -23.27 1.92 33.18
CA SER A 459 -22.37 1.41 32.15
C SER A 459 -22.91 1.73 30.77
N ASN A 460 -22.02 1.82 29.80
CA ASN A 460 -22.41 2.10 28.42
C ASN A 460 -23.17 0.91 27.84
N LEU A 461 -24.14 1.21 26.99
CA LEU A 461 -24.95 0.16 26.37
C LEU A 461 -24.16 -0.59 25.31
N LYS A 462 -24.43 -1.90 25.22
CA LYS A 462 -23.90 -2.69 24.13
C LYS A 462 -24.63 -2.34 22.83
N PRO A 463 -24.03 -2.63 21.68
CA PRO A 463 -24.71 -2.34 20.41
C PRO A 463 -26.04 -3.07 20.32
N PHE A 464 -27.04 -2.36 19.78
CA PHE A 464 -28.40 -2.88 19.61
C PHE A 464 -28.96 -3.43 20.93
N GLU A 465 -28.75 -2.69 22.01
CA GLU A 465 -29.25 -3.05 23.33
C GLU A 465 -30.12 -1.94 23.87
N ARG A 466 -31.24 -2.32 24.49
CA ARG A 466 -32.16 -1.37 25.10
C ARG A 466 -32.13 -1.56 26.62
N ASP A 467 -32.29 -0.45 27.34
CA ASP A 467 -32.33 -0.49 28.80
C ASP A 467 -33.59 0.23 29.27
N ILE A 468 -34.53 -0.54 29.81
CA ILE A 468 -35.81 -0.04 30.27
C ILE A 468 -35.99 -0.25 31.77
N SER A 469 -34.87 -0.30 32.51
CA SER A 469 -34.93 -0.59 33.94
C SER A 469 -35.70 0.50 34.70
N THR A 470 -35.47 1.76 34.35
CA THR A 470 -36.07 2.90 35.06
C THR A 470 -35.78 2.84 36.55
N GLU A 471 -34.55 2.49 36.89
CA GLU A 471 -34.10 2.39 38.27
C GLU A 471 -33.37 3.67 38.65
N ILE A 472 -33.62 4.16 39.87
CA ILE A 472 -33.05 5.42 40.30
C ILE A 472 -31.52 5.34 40.26
N TYR A 473 -30.89 6.48 40.00
CA TYR A 473 -29.45 6.57 39.83
C TYR A 473 -28.83 7.28 41.03
N GLN A 474 -27.79 6.67 41.60
CA GLN A 474 -27.10 7.20 42.76
C GLN A 474 -25.70 7.63 42.36
N ALA A 475 -25.27 8.80 42.87
CA ALA A 475 -23.96 9.35 42.55
C ALA A 475 -23.35 9.95 43.80
N GLY A 476 -22.03 10.12 43.77
CA GLY A 476 -21.33 10.67 44.91
C GLY A 476 -21.30 9.68 46.06
N SER A 477 -21.88 10.07 47.20
CA SER A 477 -21.97 9.18 48.34
C SER A 477 -22.88 7.99 48.08
N THR A 478 -23.72 8.07 47.04
CA THR A 478 -24.68 7.04 46.66
C THR A 478 -25.58 6.60 47.81
N PRO A 479 -26.31 7.50 48.45
CA PRO A 479 -27.31 7.08 49.47
C PRO A 479 -28.73 6.95 48.94
N CYS A 480 -28.94 7.09 47.63
CA CYS A 480 -30.28 7.18 47.06
C CYS A 480 -30.89 5.80 46.84
N ASN A 481 -31.13 5.10 47.95
CA ASN A 481 -31.87 3.85 47.89
C ASN A 481 -33.33 4.11 47.51
N GLY A 482 -33.91 5.21 48.01
CA GLY A 482 -35.26 5.59 47.68
C GLY A 482 -35.33 6.45 46.43
N VAL A 483 -36.46 7.15 46.30
CA VAL A 483 -36.67 8.00 45.13
C VAL A 483 -35.67 9.15 45.10
N GLU A 484 -35.47 9.80 46.25
CA GLU A 484 -34.61 10.97 46.34
C GLU A 484 -33.49 10.72 47.35
N GLY A 485 -32.31 11.26 47.05
CA GLY A 485 -31.16 11.15 47.94
C GLY A 485 -30.14 12.21 47.61
N PHE A 486 -29.05 12.19 48.37
CA PHE A 486 -27.97 13.13 48.13
C PHE A 486 -27.26 12.80 46.83
N ASN A 487 -27.11 13.82 45.97
CA ASN A 487 -26.51 13.65 44.64
C ASN A 487 -27.23 12.57 43.85
N CYS A 488 -28.55 12.59 43.91
CA CYS A 488 -29.40 11.60 43.25
C CYS A 488 -30.23 12.28 42.19
N TYR A 489 -30.36 11.62 41.02
CA TYR A 489 -31.14 12.14 39.91
C TYR A 489 -31.96 11.02 39.30
N PHE A 490 -33.08 11.40 38.68
CA PHE A 490 -33.94 10.42 38.02
C PHE A 490 -33.24 9.88 36.77
N PRO A 491 -33.31 8.57 36.53
CA PRO A 491 -32.60 8.00 35.37
C PRO A 491 -33.07 8.57 34.05
N LEU A 492 -34.36 8.87 33.92
CA LEU A 492 -34.94 9.33 32.66
C LEU A 492 -35.16 10.84 32.74
N GLN A 493 -34.59 11.58 31.79
CA GLN A 493 -34.73 13.02 31.72
C GLN A 493 -35.48 13.38 30.44
N SER A 494 -36.53 14.18 30.57
CA SER A 494 -37.31 14.59 29.41
C SER A 494 -37.01 16.04 29.04
N TYR A 495 -36.99 16.30 27.74
CA TYR A 495 -36.78 17.64 27.21
C TYR A 495 -37.96 17.96 26.30
N GLY A 496 -38.74 18.98 26.66
CA GLY A 496 -39.89 19.35 25.86
C GLY A 496 -39.47 20.15 24.64
N PHE A 497 -40.23 19.97 23.56
CA PHE A 497 -39.93 20.60 22.28
C PHE A 497 -40.93 21.73 22.04
N GLN A 498 -40.41 22.92 21.80
CA GLN A 498 -41.22 24.12 21.57
C GLN A 498 -41.34 24.39 20.07
N PRO A 499 -42.42 25.04 19.65
CA PRO A 499 -42.54 25.41 18.23
C PRO A 499 -41.43 26.33 17.77
N THR A 500 -40.95 27.23 18.64
CA THR A 500 -39.88 28.15 18.31
C THR A 500 -38.53 27.70 18.85
N ASN A 501 -38.42 26.45 19.30
CA ASN A 501 -37.17 25.95 19.82
C ASN A 501 -36.11 25.89 18.73
N GLY A 502 -34.85 25.89 19.15
CA GLY A 502 -33.77 25.88 18.18
C GLY A 502 -33.74 24.60 17.35
N VAL A 503 -33.22 24.72 16.13
CA VAL A 503 -33.17 23.58 15.23
C VAL A 503 -32.31 22.47 15.81
N GLY A 504 -31.19 22.84 16.46
CA GLY A 504 -30.37 21.85 17.13
C GLY A 504 -31.12 21.11 18.21
N TYR A 505 -31.99 21.82 18.93
CA TYR A 505 -32.84 21.22 19.95
C TYR A 505 -34.19 20.77 19.43
N GLN A 506 -34.49 21.02 18.15
CA GLN A 506 -35.76 20.60 17.59
C GLN A 506 -35.81 19.07 17.50
N PRO A 507 -36.98 18.48 17.68
CA PRO A 507 -37.09 17.02 17.59
C PRO A 507 -36.87 16.53 16.17
N TYR A 508 -36.21 15.39 16.04
CA TYR A 508 -35.94 14.76 14.76
C TYR A 508 -36.36 13.30 14.82
N ARG A 509 -37.17 12.87 13.85
CA ARG A 509 -37.58 11.48 13.76
C ARG A 509 -36.50 10.68 13.03
N VAL A 510 -36.01 9.63 13.68
CA VAL A 510 -34.89 8.85 13.18
C VAL A 510 -35.33 7.39 13.03
N VAL A 511 -35.10 6.83 11.85
CA VAL A 511 -35.30 5.41 11.58
C VAL A 511 -34.00 4.86 11.02
N VAL A 512 -33.45 3.85 11.66
CA VAL A 512 -32.21 3.21 11.21
C VAL A 512 -32.55 1.82 10.69
N LEU A 513 -32.26 1.59 9.41
CA LEU A 513 -32.49 0.29 8.79
C LEU A 513 -31.23 -0.55 8.90
N SER A 514 -31.31 -1.65 9.64
CA SER A 514 -30.17 -2.54 9.82
C SER A 514 -30.31 -3.71 8.86
N PHE A 515 -29.49 -3.72 7.82
CA PHE A 515 -29.51 -4.75 6.80
C PHE A 515 -28.49 -5.82 7.16
N GLU A 516 -28.95 -7.02 7.50
CA GLU A 516 -28.03 -8.14 7.61
C GLU A 516 -27.89 -8.81 6.25
N LEU A 517 -26.71 -8.70 5.66
CA LEU A 517 -26.50 -9.15 4.30
C LEU A 517 -26.73 -10.65 4.17
N LEU A 518 -26.72 -11.12 2.93
CA LEU A 518 -27.23 -12.44 2.60
C LEU A 518 -26.22 -13.52 2.96
N HIS A 519 -26.49 -14.24 4.04
CA HIS A 519 -25.85 -15.51 4.33
C HIS A 519 -26.84 -16.62 4.61
N ALA A 520 -28.14 -16.31 4.64
CA ALA A 520 -29.23 -17.24 4.88
C ALA A 520 -30.24 -17.05 3.74
N PRO A 521 -31.28 -17.87 3.63
CA PRO A 521 -32.29 -17.60 2.60
C PRO A 521 -32.92 -16.24 2.76
N ALA A 522 -33.15 -15.57 1.63
CA ALA A 522 -33.64 -14.20 1.63
C ALA A 522 -35.13 -14.16 1.95
N THR A 523 -35.52 -13.15 2.72
CA THR A 523 -36.93 -12.91 3.01
C THR A 523 -37.43 -11.57 2.49
N VAL A 524 -36.61 -10.53 2.51
CA VAL A 524 -36.95 -9.22 1.98
C VAL A 524 -36.03 -8.92 0.80
N CYS A 525 -36.61 -8.52 -0.33
CA CYS A 525 -35.87 -8.35 -1.57
C CYS A 525 -36.32 -7.08 -2.27
N GLY A 526 -35.46 -6.60 -3.16
CA GLY A 526 -35.76 -5.43 -3.95
C GLY A 526 -36.78 -5.73 -5.03
N PRO A 527 -37.29 -4.69 -5.68
CA PRO A 527 -38.31 -4.87 -6.73
C PRO A 527 -37.70 -5.22 -8.08
N LYS A 528 -37.12 -6.41 -8.17
CA LYS A 528 -36.49 -6.88 -9.40
C LYS A 528 -37.25 -8.07 -9.93
N LYS A 529 -37.57 -8.04 -11.21
CA LYS A 529 -38.28 -9.15 -11.84
C LYS A 529 -37.37 -10.36 -11.96
N SER A 530 -37.98 -11.55 -11.86
CA SER A 530 -37.25 -12.81 -11.93
C SER A 530 -37.44 -13.42 -13.31
N THR A 531 -36.33 -13.66 -13.99
CA THR A 531 -36.38 -14.28 -15.30
C THR A 531 -36.29 -15.80 -15.18
N ASN A 532 -36.60 -16.49 -16.27
CA ASN A 532 -36.56 -17.94 -16.29
C ASN A 532 -35.13 -18.45 -16.13
N LEU A 533 -35.00 -19.58 -15.44
CA LEU A 533 -33.68 -20.16 -15.21
C LEU A 533 -33.14 -20.77 -16.49
N VAL A 534 -31.88 -20.48 -16.78
CA VAL A 534 -31.19 -20.99 -17.96
C VAL A 534 -30.02 -21.84 -17.50
N LYS A 535 -30.00 -23.10 -17.94
CA LYS A 535 -28.97 -24.06 -17.56
C LYS A 535 -28.15 -24.44 -18.79
N ASN A 536 -26.90 -24.84 -18.56
CA ASN A 536 -25.94 -25.32 -19.55
C ASN A 536 -25.52 -24.21 -20.51
N LYS A 537 -25.83 -22.94 -20.24
CA LYS A 537 -25.37 -21.83 -21.05
C LYS A 537 -24.83 -20.74 -20.11
N CYS A 538 -23.71 -20.14 -20.49
CA CYS A 538 -23.09 -19.11 -19.67
C CYS A 538 -24.00 -17.88 -19.59
N VAL A 539 -24.31 -17.46 -18.37
CA VAL A 539 -25.24 -16.37 -18.13
C VAL A 539 -24.72 -15.50 -16.99
N ASN A 540 -25.21 -14.26 -16.95
CA ASN A 540 -24.97 -13.35 -15.82
C ASN A 540 -26.03 -13.61 -14.77
N PHE A 541 -25.86 -14.70 -14.04
CA PHE A 541 -26.84 -15.07 -13.03
C PHE A 541 -26.86 -14.05 -11.90
N ASN A 542 -28.06 -13.76 -11.41
CA ASN A 542 -28.26 -12.88 -10.26
C ASN A 542 -29.16 -13.62 -9.27
N PHE A 543 -28.54 -14.44 -8.42
CA PHE A 543 -29.26 -15.24 -7.44
C PHE A 543 -29.27 -14.47 -6.13
N ASN A 544 -30.33 -13.68 -5.93
CA ASN A 544 -30.50 -12.91 -4.70
C ASN A 544 -29.36 -11.92 -4.49
N GLY A 545 -28.84 -11.37 -5.59
CA GLY A 545 -27.84 -10.33 -5.52
C GLY A 545 -26.39 -10.76 -5.67
N LEU A 546 -26.14 -12.01 -6.06
CA LEU A 546 -24.76 -12.46 -6.23
C LEU A 546 -24.14 -11.88 -7.50
N THR A 547 -24.98 -11.51 -8.47
CA THR A 547 -24.58 -10.86 -9.73
C THR A 547 -23.26 -11.41 -10.28
N GLY A 548 -23.17 -12.75 -10.31
CA GLY A 548 -22.01 -13.43 -10.86
C GLY A 548 -22.25 -13.85 -12.31
N THR A 549 -21.20 -14.43 -12.90
CA THR A 549 -21.24 -14.95 -14.24
C THR A 549 -20.75 -16.39 -14.25
N GLY A 550 -21.25 -17.16 -15.20
CA GLY A 550 -20.89 -18.56 -15.31
C GLY A 550 -22.03 -19.36 -15.91
N VAL A 551 -21.82 -20.67 -15.95
CA VAL A 551 -22.79 -21.61 -16.50
C VAL A 551 -23.35 -22.46 -15.37
N LEU A 552 -24.66 -22.67 -15.38
CA LEU A 552 -25.37 -23.34 -14.29
C LEU A 552 -25.71 -24.76 -14.70
N THR A 553 -25.40 -25.72 -13.83
CA THR A 553 -25.71 -27.12 -14.05
C THR A 553 -26.34 -27.71 -12.79
N GLU A 554 -27.09 -28.79 -12.98
CA GLU A 554 -27.71 -29.47 -11.85
C GLU A 554 -26.63 -30.03 -10.92
N SER A 555 -26.86 -29.89 -9.61
CA SER A 555 -25.89 -30.30 -8.61
C SER A 555 -26.47 -31.42 -7.76
N ASN A 556 -25.67 -32.46 -7.53
CA ASN A 556 -26.10 -33.56 -6.67
C ASN A 556 -25.87 -33.27 -5.20
N LYS A 557 -25.21 -32.16 -4.88
CA LYS A 557 -24.94 -31.81 -3.49
C LYS A 557 -26.23 -31.45 -2.77
N LYS A 558 -26.38 -31.92 -1.53
CA LYS A 558 -27.55 -31.64 -0.71
C LYS A 558 -27.25 -30.49 0.24
N PHE A 559 -27.91 -29.36 0.01
CA PHE A 559 -27.76 -28.22 0.91
C PHE A 559 -28.65 -28.40 2.14
N LEU A 560 -28.11 -28.03 3.30
CA LEU A 560 -28.92 -27.96 4.49
C LEU A 560 -29.90 -26.78 4.37
N PRO A 561 -31.06 -26.87 5.04
CA PRO A 561 -32.07 -25.81 4.85
C PRO A 561 -31.59 -24.42 5.20
N PHE A 562 -30.74 -24.28 6.21
CA PHE A 562 -30.32 -22.94 6.65
C PHE A 562 -29.32 -22.33 5.69
N GLN A 563 -28.55 -23.16 4.99
CA GLN A 563 -27.50 -22.67 4.08
C GLN A 563 -28.04 -22.61 2.66
N GLN A 564 -27.87 -21.48 2.01
CA GLN A 564 -28.28 -21.30 0.62
C GLN A 564 -27.12 -21.34 -0.36
N PHE A 565 -25.90 -21.08 0.09
CA PHE A 565 -24.78 -20.84 -0.81
C PHE A 565 -23.64 -21.79 -0.50
N GLY A 566 -22.93 -22.18 -1.55
CA GLY A 566 -21.76 -23.02 -1.39
C GLY A 566 -20.50 -22.32 -1.88
N ARG A 567 -19.53 -22.14 -0.99
CA ARG A 567 -18.31 -21.41 -1.32
C ARG A 567 -17.13 -22.36 -1.35
N ASP A 568 -16.23 -22.11 -2.30
CA ASP A 568 -15.06 -22.95 -2.49
C ASP A 568 -13.88 -22.42 -1.68
N ILE A 569 -12.68 -22.91 -1.98
CA ILE A 569 -11.49 -22.54 -1.22
C ILE A 569 -11.24 -21.03 -1.31
N ALA A 570 -11.39 -20.47 -2.51
CA ALA A 570 -11.15 -19.05 -2.74
C ALA A 570 -12.32 -18.18 -2.30
N ASP A 571 -13.25 -18.72 -1.52
CA ASP A 571 -14.42 -17.97 -1.03
C ASP A 571 -15.23 -17.37 -2.17
N THR A 572 -15.33 -18.11 -3.28
CA THR A 572 -16.20 -17.76 -4.39
C THR A 572 -17.36 -18.73 -4.44
N THR A 573 -18.54 -18.22 -4.76
CA THR A 573 -19.73 -19.06 -4.77
C THR A 573 -19.58 -20.19 -5.78
N ASP A 574 -19.84 -21.42 -5.32
CA ASP A 574 -19.71 -22.61 -6.14
C ASP A 574 -21.05 -23.25 -6.45
N ALA A 575 -21.92 -23.40 -5.46
CA ALA A 575 -23.25 -23.94 -5.68
C ALA A 575 -24.26 -23.01 -5.03
N VAL A 576 -25.42 -22.91 -5.66
CA VAL A 576 -26.47 -22.01 -5.20
C VAL A 576 -27.81 -22.74 -5.24
N ARG A 577 -28.62 -22.52 -4.22
CA ARG A 577 -29.99 -23.01 -4.18
C ARG A 577 -30.88 -21.96 -4.85
N ASP A 578 -31.65 -22.38 -5.84
CA ASP A 578 -32.52 -21.48 -6.56
C ASP A 578 -33.53 -20.86 -5.60
N PRO A 579 -33.77 -19.55 -5.66
CA PRO A 579 -34.78 -18.96 -4.76
C PRO A 579 -36.20 -19.41 -5.07
N GLN A 580 -36.62 -19.32 -6.34
CA GLN A 580 -38.01 -19.64 -6.68
C GLN A 580 -38.29 -21.13 -6.52
N THR A 581 -37.44 -21.97 -7.08
CA THR A 581 -37.55 -23.41 -6.87
C THR A 581 -36.72 -23.76 -5.64
N LEU A 582 -36.46 -25.05 -5.40
CA LEU A 582 -35.65 -25.49 -4.27
C LEU A 582 -34.60 -26.50 -4.73
N GLU A 583 -33.90 -26.17 -5.81
CA GLU A 583 -32.88 -27.04 -6.37
C GLU A 583 -31.51 -26.38 -6.25
N ILE A 584 -30.48 -27.21 -6.10
CA ILE A 584 -29.12 -26.72 -5.96
C ILE A 584 -28.44 -26.76 -7.33
N LEU A 585 -27.84 -25.65 -7.73
CA LEU A 585 -27.22 -25.52 -9.05
C LEU A 585 -25.74 -25.21 -8.86
N ASP A 586 -24.89 -26.00 -9.50
CA ASP A 586 -23.46 -25.73 -9.50
C ASP A 586 -23.15 -24.50 -10.34
N ILE A 587 -22.22 -23.69 -9.85
CA ILE A 587 -21.74 -22.51 -10.58
C ILE A 587 -20.28 -22.77 -10.94
N THR A 588 -20.02 -23.01 -12.22
CA THR A 588 -18.67 -23.11 -12.73
C THR A 588 -18.46 -22.05 -13.79
N PRO A 589 -17.30 -21.40 -13.84
CA PRO A 589 -17.14 -20.24 -14.73
C PRO A 589 -17.14 -20.65 -16.20
N CYS A 590 -17.36 -19.65 -17.05
CA CYS A 590 -17.36 -19.88 -18.49
C CYS A 590 -15.99 -20.38 -18.95
N SER A 591 -15.99 -21.15 -20.03
CA SER A 591 -14.77 -21.69 -20.60
C SER A 591 -13.76 -20.60 -20.88
N PHE A 592 -12.63 -20.65 -20.19
CA PHE A 592 -11.59 -19.64 -20.32
C PHE A 592 -10.24 -20.32 -20.45
N GLY A 593 -9.31 -19.62 -21.08
CA GLY A 593 -7.96 -20.15 -21.23
C GLY A 593 -7.11 -19.15 -21.97
N GLY A 594 -5.81 -19.40 -21.94
CA GLY A 594 -4.88 -18.58 -22.68
C GLY A 594 -4.90 -18.89 -24.16
N VAL A 595 -4.43 -17.92 -24.95
CA VAL A 595 -4.31 -18.07 -26.39
C VAL A 595 -2.85 -17.84 -26.75
N SER A 596 -2.24 -18.80 -27.42
CA SER A 596 -0.87 -18.70 -27.89
C SER A 596 -0.88 -18.68 -29.42
N VAL A 597 -0.14 -17.74 -30.00
CA VAL A 597 -0.10 -17.56 -31.44
C VAL A 597 1.22 -18.13 -31.95
N ILE A 598 1.15 -19.18 -32.74
CA ILE A 598 2.33 -19.83 -33.31
C ILE A 598 2.61 -19.21 -34.67
N THR A 599 3.73 -18.53 -34.79
CA THR A 599 4.09 -17.84 -36.02
C THR A 599 5.57 -18.01 -36.29
N PRO A 600 5.96 -18.05 -37.56
CA PRO A 600 7.35 -17.83 -37.92
C PRO A 600 7.64 -16.33 -37.90
N GLY A 601 8.84 -15.95 -38.30
CA GLY A 601 9.19 -14.55 -38.36
C GLY A 601 8.31 -13.79 -39.34
N THR A 602 8.03 -12.54 -39.00
CA THR A 602 7.26 -11.70 -39.92
C THR A 602 7.99 -11.53 -41.25
N ASN A 603 9.32 -11.43 -41.20
CA ASN A 603 10.10 -11.43 -42.43
C ASN A 603 10.01 -12.76 -43.15
N THR A 604 9.95 -13.87 -42.41
CA THR A 604 9.85 -15.18 -43.03
C THR A 604 8.50 -15.38 -43.71
N SER A 605 7.42 -15.07 -43.00
CA SER A 605 6.07 -15.29 -43.53
C SER A 605 5.10 -14.39 -42.78
N ASN A 606 3.81 -14.56 -43.09
CA ASN A 606 2.76 -13.75 -42.49
C ASN A 606 1.67 -14.59 -41.84
N GLN A 607 1.57 -15.87 -42.18
CA GLN A 607 0.55 -16.73 -41.60
C GLN A 607 0.86 -17.05 -40.16
N VAL A 608 -0.19 -17.30 -39.37
CA VAL A 608 -0.06 -17.67 -37.97
C VAL A 608 -1.00 -18.83 -37.67
N ALA A 609 -0.70 -19.54 -36.60
CA ALA A 609 -1.56 -20.57 -36.05
C ALA A 609 -1.90 -20.21 -34.62
N VAL A 610 -3.12 -20.54 -34.20
CA VAL A 610 -3.64 -20.16 -32.89
C VAL A 610 -3.80 -21.42 -32.04
N LEU A 611 -3.28 -21.39 -30.83
CA LEU A 611 -3.42 -22.47 -29.87
C LEU A 611 -4.32 -22.00 -28.74
N TYR A 612 -5.42 -22.71 -28.53
CA TYR A 612 -6.34 -22.43 -27.43
C TYR A 612 -6.00 -23.40 -26.31
N GLN A 613 -5.30 -22.90 -25.30
CA GLN A 613 -4.73 -23.77 -24.27
C GLN A 613 -5.82 -24.40 -23.42
N ASP A 614 -5.82 -25.73 -23.35
CA ASP A 614 -6.74 -26.50 -22.51
C ASP A 614 -8.20 -26.17 -22.83
N VAL A 615 -8.50 -25.91 -24.10
CA VAL A 615 -9.85 -25.61 -24.55
C VAL A 615 -10.25 -26.61 -25.62
N ASN A 616 -11.32 -27.35 -25.37
CA ASN A 616 -11.86 -28.24 -26.38
C ASN A 616 -12.66 -27.44 -27.40
N CYS A 617 -12.05 -27.23 -28.58
CA CYS A 617 -12.71 -26.43 -29.59
C CYS A 617 -13.72 -27.25 -30.39
N THR A 618 -14.09 -28.42 -29.89
CA THR A 618 -15.41 -28.95 -30.19
C THR A 618 -16.48 -28.00 -29.70
N GLU A 619 -16.19 -27.30 -28.61
CA GLU A 619 -17.03 -26.22 -28.09
C GLU A 619 -16.17 -24.95 -28.01
N VAL A 620 -16.13 -24.20 -29.11
CA VAL A 620 -15.38 -22.95 -29.15
C VAL A 620 -16.32 -21.85 -29.64
N PRO A 621 -17.22 -21.36 -28.79
CA PRO A 621 -18.17 -20.34 -29.24
C PRO A 621 -17.51 -19.00 -29.46
N VAL A 622 -18.16 -18.17 -30.28
CA VAL A 622 -17.65 -16.83 -30.55
C VAL A 622 -17.67 -16.01 -29.27
N ALA A 623 -16.56 -15.32 -29.00
CA ALA A 623 -16.40 -14.56 -27.77
C ALA A 623 -15.34 -13.48 -27.94
N ILE A 624 -14.87 -12.92 -26.82
CA ILE A 624 -13.79 -11.93 -26.90
C ILE A 624 -12.50 -12.60 -27.33
N HIS A 625 -11.51 -11.78 -27.66
CA HIS A 625 -10.21 -12.17 -28.20
C HIS A 625 -10.40 -12.79 -29.57
N ALA A 626 -11.57 -12.63 -30.17
CA ALA A 626 -11.86 -13.03 -31.55
C ALA A 626 -12.32 -11.82 -32.34
N ASP A 627 -11.63 -10.69 -32.16
CA ASP A 627 -12.01 -9.41 -32.77
C ASP A 627 -13.44 -9.01 -32.39
N GLN A 628 -13.82 -9.33 -31.15
CA GLN A 628 -15.15 -9.04 -30.65
C GLN A 628 -16.23 -9.59 -31.58
N LEU A 629 -16.18 -10.90 -31.81
CA LEU A 629 -17.15 -11.62 -32.65
C LEU A 629 -17.09 -11.11 -34.09
N THR A 630 -15.90 -11.20 -34.69
CA THR A 630 -15.71 -10.82 -36.08
C THR A 630 -15.13 -11.98 -36.87
N PRO A 631 -15.65 -12.27 -38.06
CA PRO A 631 -15.24 -13.48 -38.79
C PRO A 631 -13.76 -13.52 -39.15
N THR A 632 -13.08 -12.38 -39.18
CA THR A 632 -11.67 -12.39 -39.61
C THR A 632 -10.79 -13.14 -38.64
N TRP A 633 -11.11 -13.12 -37.34
CA TRP A 633 -10.30 -13.85 -36.37
C TRP A 633 -10.58 -15.35 -36.45
N ARG A 634 -11.85 -15.73 -36.56
CA ARG A 634 -12.24 -17.13 -36.56
C ARG A 634 -12.10 -17.71 -37.96
N VAL A 635 -11.03 -18.46 -38.17
CA VAL A 635 -10.77 -19.12 -39.45
C VAL A 635 -10.50 -20.59 -39.18
N TYR A 636 -11.22 -21.45 -39.89
CA TYR A 636 -11.11 -22.90 -39.68
C TYR A 636 -10.72 -23.69 -40.92
N SER A 637 -10.93 -23.15 -42.12
CA SER A 637 -10.53 -23.82 -43.37
C SER A 637 -11.14 -25.22 -43.47
N THR A 638 -12.48 -25.27 -43.47
CA THR A 638 -13.27 -26.49 -43.61
C THR A 638 -13.07 -27.45 -42.42
N GLY A 639 -12.27 -27.05 -41.43
CA GLY A 639 -12.00 -27.90 -40.29
C GLY A 639 -10.78 -28.77 -40.41
N SER A 640 -10.11 -28.78 -41.58
CA SER A 640 -8.87 -29.53 -41.71
C SER A 640 -7.76 -28.94 -40.86
N ASN A 641 -7.75 -27.61 -40.71
CA ASN A 641 -6.72 -26.96 -39.89
C ASN A 641 -6.88 -27.30 -38.42
N VAL A 642 -8.11 -27.58 -37.98
CA VAL A 642 -8.36 -27.87 -36.57
C VAL A 642 -7.68 -29.18 -36.20
N PHE A 643 -6.85 -29.13 -35.16
CA PHE A 643 -6.13 -30.29 -34.67
C PHE A 643 -6.15 -30.25 -33.15
N GLN A 644 -6.64 -31.34 -32.54
CA GLN A 644 -6.81 -31.42 -31.09
C GLN A 644 -5.57 -32.05 -30.48
N THR A 645 -4.87 -31.31 -29.64
CA THR A 645 -3.70 -31.78 -28.92
C THR A 645 -4.06 -31.99 -27.46
N ARG A 646 -3.05 -32.31 -26.64
CA ARG A 646 -3.27 -32.36 -25.20
C ARG A 646 -3.09 -30.99 -24.57
N ALA A 647 -2.29 -30.12 -25.19
CA ALA A 647 -2.12 -28.75 -24.73
C ALA A 647 -3.31 -27.86 -25.07
N GLY A 648 -4.27 -28.38 -25.82
CA GLY A 648 -5.40 -27.63 -26.32
C GLY A 648 -5.76 -28.14 -27.70
N CYS A 649 -6.18 -27.24 -28.57
CA CYS A 649 -6.33 -27.56 -29.98
C CYS A 649 -5.72 -26.44 -30.82
N LEU A 650 -4.98 -26.83 -31.84
CA LEU A 650 -4.25 -25.90 -32.68
C LEU A 650 -5.07 -25.65 -33.94
N ILE A 651 -5.42 -24.39 -34.18
CA ILE A 651 -6.25 -24.00 -35.31
C ILE A 651 -5.38 -23.16 -36.26
N GLY A 652 -5.38 -23.54 -37.53
CA GLY A 652 -4.58 -22.86 -38.53
C GLY A 652 -3.31 -23.58 -38.93
N ALA A 653 -3.07 -24.78 -38.41
CA ALA A 653 -1.89 -25.56 -38.76
C ALA A 653 -2.33 -26.94 -39.21
N GLU A 654 -1.80 -27.37 -40.36
CA GLU A 654 -2.16 -28.68 -40.91
C GLU A 654 -1.37 -29.78 -40.22
N HIS A 655 -2.07 -30.82 -39.77
CA HIS A 655 -1.41 -31.95 -39.14
C HIS A 655 -0.74 -32.82 -40.20
N VAL A 656 0.50 -33.19 -39.95
CA VAL A 656 1.25 -34.11 -40.81
C VAL A 656 1.65 -35.33 -39.99
N ASN A 657 1.49 -36.51 -40.58
CA ASN A 657 1.70 -37.76 -39.87
C ASN A 657 3.16 -38.19 -39.82
N ASN A 658 4.06 -37.45 -40.44
CA ASN A 658 5.49 -37.70 -40.32
C ASN A 658 6.10 -36.73 -39.30
N SER A 659 7.35 -37.01 -38.93
CA SER A 659 8.00 -36.34 -37.81
C SER A 659 9.31 -35.69 -38.24
N TYR A 660 9.56 -34.48 -37.73
CA TYR A 660 10.83 -33.80 -37.85
C TYR A 660 11.31 -33.38 -36.46
N GLU A 661 12.41 -32.65 -36.42
CA GLU A 661 12.86 -32.05 -35.17
C GLU A 661 11.92 -30.93 -34.75
N CYS A 662 11.87 -30.68 -33.45
CA CYS A 662 10.97 -29.66 -32.93
C CYS A 662 11.46 -28.27 -33.35
N ASP A 663 10.52 -27.44 -33.82
CA ASP A 663 10.81 -26.07 -34.21
C ASP A 663 10.12 -25.07 -33.28
N ILE A 664 8.80 -25.15 -33.16
CA ILE A 664 8.04 -24.31 -32.23
C ILE A 664 7.27 -25.25 -31.30
N PRO A 665 7.63 -25.33 -30.03
CA PRO A 665 6.99 -26.30 -29.13
C PRO A 665 5.56 -25.96 -28.79
N ILE A 666 4.60 -26.71 -29.34
CA ILE A 666 3.21 -26.55 -28.93
C ILE A 666 3.01 -27.08 -27.52
N GLY A 667 3.55 -28.26 -27.23
CA GLY A 667 3.38 -28.89 -25.94
C GLY A 667 2.86 -30.31 -26.11
N ALA A 668 3.12 -31.14 -25.10
CA ALA A 668 2.68 -32.53 -25.08
C ALA A 668 3.18 -33.31 -26.31
N GLY A 669 4.43 -33.07 -26.68
CA GLY A 669 5.03 -33.80 -27.77
C GLY A 669 4.68 -33.31 -29.16
N ILE A 670 4.00 -32.18 -29.28
CA ILE A 670 3.59 -31.62 -30.56
C ILE A 670 4.40 -30.36 -30.81
N CYS A 671 4.97 -30.25 -32.01
CA CYS A 671 5.71 -29.06 -32.40
C CYS A 671 5.23 -28.60 -33.76
N ALA A 672 5.33 -27.30 -34.00
CA ALA A 672 4.88 -26.69 -35.25
C ALA A 672 6.07 -26.08 -35.98
N SER A 673 5.98 -26.06 -37.31
CA SER A 673 7.04 -25.51 -38.14
C SER A 673 6.43 -24.96 -39.41
N TYR A 674 7.15 -24.03 -40.04
CA TYR A 674 6.75 -23.44 -41.31
C TYR A 674 7.51 -24.15 -42.41
N GLN A 675 6.82 -25.02 -43.15
CA GLN A 675 7.45 -25.83 -44.16
C GLN A 675 6.48 -26.07 -45.31
N THR A 676 7.01 -26.11 -46.53
CA THR A 676 6.20 -26.34 -47.72
C THR A 676 5.61 -27.75 -47.73
N SER A 686 1.04 -23.31 -50.77
CA SER A 686 2.24 -24.16 -50.88
C SER A 686 2.95 -24.28 -49.54
N GLN A 687 3.20 -23.14 -48.90
CA GLN A 687 3.87 -23.09 -47.61
C GLN A 687 2.85 -22.78 -46.52
N SER A 688 2.84 -23.59 -45.47
CA SER A 688 1.88 -23.44 -44.39
C SER A 688 2.47 -23.99 -43.10
N ILE A 689 1.83 -23.67 -41.99
CA ILE A 689 2.24 -24.16 -40.69
C ILE A 689 1.80 -25.62 -40.55
N ILE A 690 2.73 -26.49 -40.17
CA ILE A 690 2.47 -27.90 -39.99
C ILE A 690 2.66 -28.27 -38.53
N ALA A 691 1.71 -29.00 -37.97
CA ALA A 691 1.77 -29.50 -36.61
C ALA A 691 2.04 -30.99 -36.64
N TYR A 692 3.05 -31.42 -35.88
CA TYR A 692 3.49 -32.81 -35.94
C TYR A 692 3.98 -33.25 -34.58
N THR A 693 4.04 -34.56 -34.39
CA THR A 693 4.72 -35.14 -33.23
C THR A 693 6.22 -35.11 -33.49
N MET A 694 6.95 -34.37 -32.64
CA MET A 694 8.36 -34.15 -32.88
C MET A 694 9.13 -35.47 -32.83
N SER A 695 10.17 -35.56 -33.64
CA SER A 695 11.01 -36.75 -33.71
C SER A 695 12.10 -36.65 -32.65
N LEU A 696 12.18 -37.68 -31.80
CA LEU A 696 13.23 -37.71 -30.79
C LEU A 696 14.61 -37.90 -31.42
N GLY A 697 14.67 -38.58 -32.55
CA GLY A 697 15.93 -38.77 -33.24
C GLY A 697 15.82 -39.91 -34.23
N ALA A 698 16.90 -40.07 -35.00
CA ALA A 698 16.96 -41.16 -35.97
C ALA A 698 17.11 -42.49 -35.24
N GLU A 699 16.14 -43.39 -35.44
CA GLU A 699 16.20 -44.68 -34.79
C GLU A 699 17.44 -45.45 -35.24
N ASN A 700 18.14 -46.03 -34.27
CA ASN A 700 19.35 -46.80 -34.54
C ASN A 700 19.29 -48.11 -33.78
N SER A 701 20.01 -49.11 -34.29
CA SER A 701 20.04 -50.44 -33.69
C SER A 701 21.48 -50.92 -33.73
N VAL A 702 22.17 -50.85 -32.58
CA VAL A 702 23.54 -51.34 -32.52
C VAL A 702 23.55 -52.84 -32.69
N ALA A 703 24.38 -53.33 -33.61
CA ALA A 703 24.42 -54.75 -33.89
C ALA A 703 25.14 -55.49 -32.77
N TYR A 704 24.47 -55.65 -31.62
CA TYR A 704 25.09 -56.32 -30.50
C TYR A 704 25.29 -57.80 -30.80
N SER A 705 26.41 -58.34 -30.31
CA SER A 705 26.70 -59.75 -30.39
C SER A 705 27.79 -60.05 -29.37
N ASN A 706 27.64 -61.15 -28.65
CA ASN A 706 28.60 -61.53 -27.62
C ASN A 706 29.97 -61.87 -28.20
N ASN A 707 30.15 -61.78 -29.52
CA ASN A 707 31.37 -62.19 -30.17
C ASN A 707 32.02 -61.13 -31.03
N SER A 708 31.30 -60.06 -31.37
CA SER A 708 31.79 -59.08 -32.34
C SER A 708 32.00 -57.74 -31.66
N ILE A 709 33.05 -57.02 -32.09
CA ILE A 709 33.37 -55.69 -31.60
C ILE A 709 33.56 -54.77 -32.80
N ALA A 710 33.39 -53.48 -32.55
CA ALA A 710 33.58 -52.45 -33.57
C ALA A 710 34.65 -51.49 -33.08
N ILE A 711 35.75 -51.43 -33.82
CA ILE A 711 36.90 -50.59 -33.46
C ILE A 711 37.11 -49.58 -34.59
N PRO A 712 37.18 -48.29 -34.28
CA PRO A 712 37.37 -47.29 -35.34
C PRO A 712 38.77 -47.38 -35.94
N THR A 713 38.82 -47.30 -37.26
CA THR A 713 40.09 -47.28 -37.99
C THR A 713 40.50 -45.89 -38.42
N ASN A 714 39.70 -44.87 -38.10
CA ASN A 714 40.00 -43.49 -38.47
C ASN A 714 39.24 -42.59 -37.52
N PHE A 715 39.71 -41.34 -37.42
CA PHE A 715 39.15 -40.43 -36.44
C PHE A 715 38.76 -39.09 -37.06
N THR A 716 38.39 -38.13 -36.22
CA THR A 716 38.01 -36.81 -36.67
C THR A 716 38.30 -35.81 -35.55
N ILE A 717 39.15 -34.84 -35.81
CA ILE A 717 39.45 -33.78 -34.87
C ILE A 717 38.40 -32.69 -35.10
N SER A 718 37.43 -32.61 -34.20
CA SER A 718 36.33 -31.67 -34.33
C SER A 718 36.44 -30.60 -33.25
N VAL A 719 36.13 -29.36 -33.62
CA VAL A 719 36.17 -28.23 -32.71
C VAL A 719 34.75 -27.81 -32.42
N THR A 720 34.36 -27.88 -31.14
CA THR A 720 33.02 -27.49 -30.70
C THR A 720 33.08 -26.12 -30.06
N THR A 721 32.08 -25.30 -30.34
CA THR A 721 32.00 -23.95 -29.79
C THR A 721 30.98 -23.93 -28.66
N GLU A 722 31.40 -23.46 -27.50
CA GLU A 722 30.55 -23.37 -26.31
C GLU A 722 30.53 -21.94 -25.81
N ILE A 723 29.34 -21.38 -25.66
CA ILE A 723 29.16 -20.00 -25.25
C ILE A 723 28.58 -19.99 -23.84
N LEU A 724 29.22 -19.23 -22.95
CA LEU A 724 28.77 -19.11 -21.57
C LEU A 724 28.76 -17.65 -21.13
N PRO A 725 27.64 -17.14 -20.63
CA PRO A 725 27.67 -15.82 -20.00
C PRO A 725 28.56 -15.84 -18.77
N VAL A 726 29.31 -14.76 -18.58
CA VAL A 726 30.23 -14.66 -17.46
C VAL A 726 29.82 -13.51 -16.57
N SER A 727 29.23 -12.48 -17.16
CA SER A 727 28.82 -11.30 -16.41
C SER A 727 27.67 -10.64 -17.14
N MET A 728 27.01 -9.71 -16.46
CA MET A 728 25.90 -8.97 -17.01
C MET A 728 26.14 -7.48 -16.79
N THR A 729 25.30 -6.67 -17.43
CA THR A 729 25.50 -5.22 -17.40
C THR A 729 25.48 -4.70 -15.98
N LYS A 730 26.44 -3.85 -15.66
CA LYS A 730 26.68 -3.39 -14.30
C LYS A 730 25.89 -2.12 -14.01
N THR A 731 24.57 -2.25 -14.11
CA THR A 731 23.69 -1.10 -13.91
C THR A 731 23.56 -0.75 -12.44
N SER A 732 23.29 0.52 -12.18
CA SER A 732 23.00 1.02 -10.84
C SER A 732 21.81 1.96 -10.91
N VAL A 733 21.02 1.98 -9.85
CA VAL A 733 19.81 2.79 -9.77
C VAL A 733 19.90 3.69 -8.56
N ASP A 734 19.69 4.98 -8.76
CA ASP A 734 19.58 5.94 -7.67
C ASP A 734 18.14 5.92 -7.19
N CYS A 735 17.91 5.31 -6.03
CA CYS A 735 16.54 5.12 -5.54
C CYS A 735 15.85 6.46 -5.31
N THR A 736 16.54 7.40 -4.68
CA THR A 736 15.93 8.70 -4.42
C THR A 736 15.64 9.44 -5.73
N MET A 737 16.56 9.38 -6.68
CA MET A 737 16.36 10.04 -7.96
C MET A 737 15.33 9.31 -8.83
N TYR A 738 15.10 8.02 -8.57
CA TYR A 738 14.11 7.28 -9.33
C TYR A 738 12.71 7.56 -8.80
N ILE A 739 12.48 7.31 -7.50
CA ILE A 739 11.18 7.58 -6.90
C ILE A 739 10.81 9.05 -7.04
N CYS A 740 11.76 9.93 -6.77
CA CYS A 740 11.52 11.36 -6.73
C CYS A 740 12.47 12.06 -7.70
N GLY A 741 12.01 13.16 -8.27
CA GLY A 741 12.87 13.92 -9.16
C GLY A 741 13.77 14.84 -8.37
N ASP A 742 13.71 16.13 -8.65
CA ASP A 742 14.33 17.13 -7.79
C ASP A 742 13.45 17.48 -6.61
N SER A 743 12.27 16.87 -6.51
CA SER A 743 11.32 17.21 -5.46
C SER A 743 11.88 16.88 -4.08
N THR A 744 11.65 17.80 -3.13
CA THR A 744 12.05 17.59 -1.75
C THR A 744 10.91 17.11 -0.87
N GLU A 745 9.66 17.44 -1.22
CA GLU A 745 8.52 16.86 -0.51
C GLU A 745 8.47 15.35 -0.71
N CYS A 746 8.66 14.91 -1.95
CA CYS A 746 8.75 13.49 -2.24
C CYS A 746 9.93 12.86 -1.52
N SER A 747 11.06 13.57 -1.47
CA SER A 747 12.23 13.07 -0.76
C SER A 747 11.94 12.92 0.72
N ASN A 748 11.21 13.87 1.31
CA ASN A 748 10.87 13.78 2.73
C ASN A 748 9.93 12.61 3.00
N LEU A 749 8.95 12.39 2.12
CA LEU A 749 8.07 11.23 2.31
C LEU A 749 8.84 9.92 2.18
N LEU A 750 9.73 9.84 1.20
CA LEU A 750 10.58 8.66 1.08
C LEU A 750 11.45 8.48 2.32
N LEU A 751 11.92 9.58 2.88
CA LEU A 751 12.76 9.51 4.07
C LEU A 751 11.99 8.95 5.26
N GLN A 752 10.75 9.40 5.46
CA GLN A 752 9.98 8.81 6.55
C GLN A 752 9.52 7.40 6.21
N TYR A 753 9.60 6.99 4.94
CA TYR A 753 9.12 5.67 4.57
C TYR A 753 10.11 4.57 4.95
N GLY A 754 11.32 4.92 5.35
CA GLY A 754 12.24 3.93 5.88
C GLY A 754 13.59 4.03 5.22
N SER A 755 14.32 2.92 5.24
CA SER A 755 15.63 2.81 4.63
C SER A 755 15.61 1.74 3.54
N PHE A 756 14.57 1.76 2.70
CA PHE A 756 14.48 0.82 1.59
C PHE A 756 15.45 1.18 0.47
N CYS A 757 15.65 2.48 0.25
CA CYS A 757 16.56 2.91 -0.81
C CYS A 757 17.98 2.44 -0.53
N THR A 758 18.41 2.50 0.73
CA THR A 758 19.74 2.01 1.08
C THR A 758 19.87 0.53 0.81
N GLN A 759 18.84 -0.25 1.13
CA GLN A 759 18.88 -1.69 0.86
C GLN A 759 18.97 -1.96 -0.64
N LEU A 760 18.18 -1.23 -1.44
CA LEU A 760 18.22 -1.43 -2.88
C LEU A 760 19.58 -1.06 -3.46
N ASN A 761 20.15 0.06 -3.02
CA ASN A 761 21.46 0.45 -3.50
C ASN A 761 22.53 -0.54 -3.08
N ARG A 762 22.44 -1.07 -1.86
CA ARG A 762 23.39 -2.07 -1.40
C ARG A 762 23.28 -3.35 -2.22
N ALA A 763 22.06 -3.77 -2.55
CA ALA A 763 21.89 -4.96 -3.37
C ALA A 763 22.48 -4.76 -4.77
N LEU A 764 22.23 -3.60 -5.37
CA LEU A 764 22.76 -3.35 -6.71
C LEU A 764 24.29 -3.26 -6.69
N THR A 765 24.86 -2.64 -5.64
CA THR A 765 26.31 -2.59 -5.53
C THR A 765 26.90 -3.98 -5.34
N GLY A 766 26.23 -4.83 -4.57
CA GLY A 766 26.67 -6.21 -4.44
C GLY A 766 26.64 -6.94 -5.78
N ILE A 767 25.60 -6.70 -6.57
CA ILE A 767 25.54 -7.29 -7.90
C ILE A 767 26.71 -6.81 -8.76
N ALA A 768 27.02 -5.52 -8.69
CA ALA A 768 28.14 -4.97 -9.46
C ALA A 768 29.46 -5.61 -9.08
N VAL A 769 29.74 -5.67 -7.78
CA VAL A 769 30.97 -6.29 -7.31
C VAL A 769 31.01 -7.76 -7.70
N GLU A 770 29.86 -8.42 -7.67
CA GLU A 770 29.78 -9.82 -8.06
C GLU A 770 30.10 -10.00 -9.54
N GLN A 771 29.64 -9.07 -10.40
CA GLN A 771 29.97 -9.17 -11.82
C GLN A 771 31.47 -9.00 -12.05
N ASP A 772 32.07 -8.04 -11.34
CA ASP A 772 33.53 -7.89 -11.44
C ASP A 772 34.25 -9.15 -10.97
N LYS A 773 33.78 -9.74 -9.88
CA LYS A 773 34.38 -10.97 -9.37
C LYS A 773 34.21 -12.12 -10.34
N ASN A 774 33.05 -12.18 -11.02
CA ASN A 774 32.82 -13.21 -12.02
C ASN A 774 33.83 -13.10 -13.15
N THR A 775 34.01 -11.90 -13.68
CA THR A 775 34.97 -11.72 -14.76
C THR A 775 36.38 -12.06 -14.31
N GLN A 776 36.78 -11.59 -13.12
CA GLN A 776 38.13 -11.85 -12.63
C GLN A 776 38.34 -13.31 -12.27
N GLU A 777 37.31 -14.03 -11.88
CA GLU A 777 37.43 -15.44 -11.57
C GLU A 777 37.50 -16.30 -12.83
N VAL A 778 36.78 -15.89 -13.88
CA VAL A 778 36.82 -16.65 -15.12
C VAL A 778 38.14 -16.43 -15.86
N PHE A 779 38.52 -15.17 -16.08
CA PHE A 779 39.58 -14.88 -17.02
C PHE A 779 40.96 -14.78 -16.40
N ALA A 780 41.08 -14.53 -15.10
CA ALA A 780 42.37 -14.35 -14.46
C ALA A 780 42.89 -15.64 -13.83
N GLN A 781 42.61 -16.79 -14.44
CA GLN A 781 43.21 -18.03 -13.98
C GLN A 781 44.72 -17.97 -14.07
N VAL A 782 45.25 -17.43 -15.17
CA VAL A 782 46.69 -17.33 -15.36
C VAL A 782 47.25 -16.24 -14.47
N LYS A 783 48.44 -16.48 -13.93
CA LYS A 783 49.09 -15.53 -13.04
C LYS A 783 50.20 -14.72 -13.71
N GLN A 784 50.62 -15.11 -14.91
CA GLN A 784 51.67 -14.40 -15.63
C GLN A 784 51.26 -14.29 -17.08
N ILE A 785 51.31 -13.08 -17.64
CA ILE A 785 50.89 -12.86 -19.02
C ILE A 785 51.95 -13.47 -19.94
N TYR A 786 51.61 -14.60 -20.56
CA TYR A 786 52.51 -15.27 -21.48
C TYR A 786 52.40 -14.68 -22.87
N LYS A 787 53.51 -14.71 -23.60
CA LYS A 787 53.58 -14.12 -24.93
C LYS A 787 53.83 -15.22 -25.96
N THR A 788 53.10 -15.16 -27.07
CA THR A 788 53.30 -16.12 -28.14
C THR A 788 54.67 -15.88 -28.79
N PRO A 789 55.33 -16.93 -29.27
CA PRO A 789 56.63 -16.74 -29.90
C PRO A 789 56.50 -15.93 -31.17
N PRO A 790 57.54 -15.21 -31.57
CA PRO A 790 57.47 -14.43 -32.82
C PRO A 790 57.22 -15.27 -34.04
N ILE A 791 57.72 -16.51 -34.07
CA ILE A 791 57.54 -17.41 -35.21
C ILE A 791 56.53 -18.48 -34.83
N LYS A 792 55.62 -18.77 -35.76
CA LYS A 792 54.58 -19.77 -35.54
C LYS A 792 54.98 -21.05 -36.26
N ASP A 793 55.80 -21.85 -35.59
CA ASP A 793 56.24 -23.15 -36.09
C ASP A 793 55.68 -24.20 -35.15
N PHE A 794 54.44 -24.60 -35.39
CA PHE A 794 53.72 -25.51 -34.51
C PHE A 794 53.44 -26.85 -35.20
N GLY A 795 54.32 -27.27 -36.09
CA GLY A 795 54.15 -28.56 -36.75
C GLY A 795 52.97 -28.65 -37.67
N GLY A 796 52.50 -27.53 -38.22
CA GLY A 796 51.37 -27.49 -39.10
C GLY A 796 50.09 -26.98 -38.48
N PHE A 797 50.03 -26.92 -37.15
CA PHE A 797 48.85 -26.36 -36.50
C PHE A 797 48.82 -24.85 -36.67
N ASN A 798 47.66 -24.32 -37.00
CA ASN A 798 47.50 -22.91 -37.36
C ASN A 798 46.53 -22.27 -36.36
N PHE A 799 47.08 -21.47 -35.45
CA PHE A 799 46.29 -20.75 -34.46
C PHE A 799 46.07 -19.29 -34.83
N SER A 800 46.31 -18.94 -36.09
CA SER A 800 46.16 -17.54 -36.51
C SER A 800 44.76 -17.02 -36.27
N GLN A 801 43.76 -17.91 -36.32
CA GLN A 801 42.39 -17.48 -36.11
C GLN A 801 42.05 -17.27 -34.65
N ILE A 802 42.86 -17.81 -33.74
CA ILE A 802 42.61 -17.64 -32.30
C ILE A 802 43.67 -16.76 -31.64
N LEU A 803 44.87 -16.65 -32.20
CA LEU A 803 45.89 -15.78 -31.64
C LEU A 803 45.58 -14.32 -31.97
N PRO A 804 46.04 -13.39 -31.14
CA PRO A 804 45.73 -11.98 -31.37
C PRO A 804 46.27 -11.48 -32.71
N ASP A 805 45.53 -10.55 -33.31
CA ASP A 805 45.92 -9.95 -34.58
C ASP A 805 46.45 -8.56 -34.30
N PRO A 806 47.76 -8.32 -34.44
CA PRO A 806 48.32 -7.00 -34.08
C PRO A 806 48.00 -5.91 -35.08
N SER A 807 47.51 -6.24 -36.28
CA SER A 807 47.23 -5.22 -37.28
C SER A 807 46.12 -4.28 -36.81
N LYS A 808 45.03 -4.84 -36.29
CA LYS A 808 43.93 -4.04 -35.82
C LYS A 808 44.28 -3.37 -34.49
N PRO A 809 43.60 -2.25 -34.15
CA PRO A 809 43.95 -1.51 -32.93
C PRO A 809 43.87 -2.35 -31.66
N SER A 810 42.72 -2.94 -31.39
CA SER A 810 42.56 -3.81 -30.23
C SER A 810 43.06 -5.20 -30.60
N LYS A 811 44.01 -5.72 -29.81
CA LYS A 811 44.66 -6.97 -30.15
C LYS A 811 43.73 -8.15 -29.92
N ARG A 812 42.76 -8.33 -30.82
CA ARG A 812 41.80 -9.42 -30.73
C ARG A 812 41.96 -10.32 -31.95
N SER A 813 41.71 -11.62 -31.74
CA SER A 813 41.78 -12.58 -32.81
C SER A 813 40.58 -12.42 -33.74
N PRO A 814 40.67 -12.95 -34.97
CA PRO A 814 39.50 -12.87 -35.85
C PRO A 814 38.24 -13.49 -35.27
N ILE A 815 38.37 -14.62 -34.56
CA ILE A 815 37.21 -15.21 -33.89
C ILE A 815 36.64 -14.24 -32.87
N GLU A 816 37.51 -13.61 -32.08
CA GLU A 816 37.06 -12.63 -31.12
C GLU A 816 36.43 -11.43 -31.82
N ASP A 817 36.95 -11.07 -33.00
CA ASP A 817 36.35 -9.98 -33.76
C ASP A 817 34.91 -10.30 -34.15
N LEU A 818 34.67 -11.49 -34.69
CA LEU A 818 33.29 -11.87 -35.02
C LEU A 818 32.43 -11.96 -33.78
N LEU A 819 32.96 -12.49 -32.68
CA LEU A 819 32.18 -12.62 -31.46
C LEU A 819 31.76 -11.25 -30.93
N PHE A 820 32.64 -10.26 -31.01
CA PHE A 820 32.30 -8.92 -30.55
C PHE A 820 31.37 -8.21 -31.52
N ASN A 821 31.48 -8.49 -32.83
CA ASN A 821 30.59 -7.87 -33.79
C ASN A 821 29.18 -8.45 -33.73
N LYS A 822 29.06 -9.72 -33.36
CA LYS A 822 27.75 -10.38 -33.42
C LYS A 822 26.82 -9.89 -32.31
N VAL A 823 27.33 -9.78 -31.08
CA VAL A 823 26.49 -9.38 -29.96
C VAL A 823 26.30 -7.87 -29.99
N THR A 824 25.06 -7.43 -29.98
CA THR A 824 24.74 -6.01 -30.03
C THR A 824 23.96 -5.56 -28.79
N CYS A 848 25.22 3.61 -22.83
CA CYS A 848 25.05 4.57 -23.91
C CYS A 848 23.61 5.05 -23.97
N ALA A 849 22.69 4.31 -23.35
CA ALA A 849 21.30 4.71 -23.31
C ALA A 849 21.15 6.00 -22.50
N GLN A 850 20.33 6.92 -23.01
CA GLN A 850 20.18 8.24 -22.40
C GLN A 850 19.10 8.22 -21.31
N LYS A 851 19.32 7.36 -20.33
CA LYS A 851 18.39 7.22 -19.20
C LYS A 851 18.84 8.17 -18.09
N PHE A 852 17.99 9.15 -17.79
CA PHE A 852 18.28 10.19 -16.81
C PHE A 852 17.38 10.10 -15.59
N ASN A 853 16.77 8.94 -15.35
CA ASN A 853 15.87 8.74 -14.23
C ASN A 853 16.58 8.09 -13.05
N GLY A 854 17.86 8.41 -12.86
CA GLY A 854 18.66 7.79 -11.82
C GLY A 854 19.33 6.50 -12.22
N LEU A 855 19.20 6.08 -13.47
CA LEU A 855 19.80 4.84 -13.95
C LEU A 855 21.15 5.15 -14.58
N THR A 856 22.17 4.40 -14.19
CA THR A 856 23.50 4.54 -14.75
C THR A 856 24.11 3.16 -14.91
N VAL A 857 25.04 3.04 -15.85
CA VAL A 857 25.73 1.79 -16.13
C VAL A 857 27.18 1.98 -15.73
N LEU A 858 27.61 1.27 -14.70
CA LEU A 858 28.99 1.35 -14.24
C LEU A 858 29.90 0.55 -15.17
N PRO A 859 31.02 1.12 -15.58
CA PRO A 859 31.94 0.41 -16.46
C PRO A 859 32.56 -0.78 -15.75
N PRO A 860 32.77 -1.90 -16.44
CA PRO A 860 33.43 -3.04 -15.82
C PRO A 860 34.88 -2.71 -15.48
N LEU A 861 35.36 -3.32 -14.40
CA LEU A 861 36.75 -3.09 -13.98
C LEU A 861 37.74 -3.60 -15.03
N LEU A 862 37.47 -4.77 -15.58
CA LEU A 862 38.34 -5.36 -16.61
C LEU A 862 37.86 -4.88 -17.97
N THR A 863 38.66 -4.03 -18.62
CA THR A 863 38.32 -3.59 -19.96
C THR A 863 38.43 -4.75 -20.95
N ASP A 864 37.80 -4.56 -22.11
CA ASP A 864 37.83 -5.60 -23.13
C ASP A 864 39.25 -5.89 -23.59
N GLU A 865 40.12 -4.88 -23.58
CA GLU A 865 41.52 -5.12 -23.91
C GLU A 865 42.20 -5.99 -22.86
N MET A 866 41.91 -5.76 -21.58
CA MET A 866 42.50 -6.59 -20.53
C MET A 866 41.97 -8.01 -20.57
N ILE A 867 40.68 -8.18 -20.87
CA ILE A 867 40.13 -9.53 -21.01
C ILE A 867 40.76 -10.23 -22.20
N ALA A 868 40.96 -9.51 -23.30
CA ALA A 868 41.67 -10.09 -24.44
C ALA A 868 43.10 -10.44 -24.10
N GLN A 869 43.74 -9.67 -23.21
CA GLN A 869 45.10 -9.97 -22.81
C GLN A 869 45.17 -11.22 -21.93
N TYR A 870 44.23 -11.37 -21.00
CA TYR A 870 44.05 -12.65 -20.32
C TYR A 870 43.86 -13.81 -21.28
N THR A 871 42.98 -13.63 -22.27
CA THR A 871 42.73 -14.70 -23.22
C THR A 871 43.99 -15.04 -24.01
N SER A 872 44.75 -14.02 -24.42
CA SER A 872 45.99 -14.25 -25.14
C SER A 872 47.03 -14.94 -24.26
N ALA A 873 47.10 -14.57 -22.98
CA ALA A 873 48.03 -15.23 -22.08
C ALA A 873 47.67 -16.71 -21.91
N LEU A 874 46.38 -17.00 -21.75
CA LEU A 874 45.94 -18.39 -21.64
C LEU A 874 46.25 -19.17 -22.91
N LEU A 875 46.00 -18.55 -24.07
CA LEU A 875 46.29 -19.22 -25.34
C LEU A 875 47.78 -19.48 -25.51
N ALA A 876 48.62 -18.50 -25.16
CA ALA A 876 50.06 -18.67 -25.29
C ALA A 876 50.59 -19.73 -24.34
N GLY A 877 50.09 -19.75 -23.11
CA GLY A 877 50.48 -20.80 -22.18
C GLY A 877 50.04 -22.17 -22.65
N THR A 878 48.83 -22.27 -23.20
CA THR A 878 48.33 -23.55 -23.68
C THR A 878 49.14 -24.05 -24.87
N ILE A 879 49.49 -23.14 -25.78
CA ILE A 879 50.20 -23.53 -26.99
C ILE A 879 51.65 -23.88 -26.68
N THR A 880 52.35 -22.99 -25.98
CA THR A 880 53.78 -23.16 -25.77
C THR A 880 54.08 -24.20 -24.69
N SER A 881 53.28 -24.24 -23.63
CA SER A 881 53.58 -25.09 -22.49
C SER A 881 52.60 -26.26 -22.30
N GLY A 882 51.33 -26.07 -22.62
CA GLY A 882 50.36 -27.14 -22.45
C GLY A 882 49.52 -26.97 -21.20
N TRP A 883 49.38 -28.03 -20.42
CA TRP A 883 48.74 -27.93 -19.11
C TRP A 883 49.71 -27.58 -18.01
N THR A 884 51.01 -27.57 -18.31
CA THR A 884 52.03 -27.36 -17.28
C THR A 884 51.99 -25.97 -16.69
N PHE A 885 51.40 -25.00 -17.37
CA PHE A 885 51.38 -23.63 -16.86
C PHE A 885 50.21 -23.38 -15.91
N GLY A 886 49.34 -24.35 -15.71
CA GLY A 886 48.26 -24.19 -14.76
C GLY A 886 48.56 -24.87 -13.44
N ALA A 887 49.67 -25.61 -13.39
CA ALA A 887 50.06 -26.37 -12.21
C ALA A 887 51.46 -26.02 -11.73
N GLY A 888 51.99 -24.86 -12.12
CA GLY A 888 53.32 -24.47 -11.74
C GLY A 888 54.00 -23.61 -12.80
N PRO A 889 55.31 -23.72 -12.90
CA PRO A 889 56.03 -23.00 -13.96
C PRO A 889 55.64 -23.52 -15.33
N ALA A 890 55.56 -22.61 -16.30
CA ALA A 890 55.26 -22.99 -17.67
C ALA A 890 56.47 -23.68 -18.29
N LEU A 891 56.31 -24.92 -18.69
CA LEU A 891 57.38 -25.73 -19.26
C LEU A 891 57.15 -25.85 -20.75
N GLN A 892 58.06 -25.31 -21.55
CA GLN A 892 57.88 -25.35 -22.99
C GLN A 892 57.95 -26.78 -23.50
N ILE A 893 57.15 -27.07 -24.52
CA ILE A 893 57.09 -28.38 -25.16
C ILE A 893 56.61 -28.17 -26.58
N PRO A 894 57.20 -28.82 -27.58
CA PRO A 894 56.71 -28.67 -28.95
C PRO A 894 55.26 -29.10 -29.06
N PHE A 895 54.48 -28.35 -29.84
CA PHE A 895 53.05 -28.62 -29.92
C PHE A 895 52.71 -30.02 -30.42
N PRO A 896 53.39 -30.59 -31.43
CA PRO A 896 53.13 -32.01 -31.73
C PRO A 896 53.31 -32.91 -30.53
N MET A 897 54.31 -32.63 -29.67
CA MET A 897 54.48 -33.44 -28.48
C MET A 897 53.37 -33.20 -27.46
N GLN A 898 52.91 -31.95 -27.34
CA GLN A 898 51.77 -31.70 -26.45
C GLN A 898 50.54 -32.44 -26.92
N MET A 899 50.26 -32.43 -28.22
CA MET A 899 49.07 -33.12 -28.71
C MET A 899 49.26 -34.63 -28.65
N ALA A 900 50.50 -35.11 -28.71
CA ALA A 900 50.76 -36.52 -28.42
C ALA A 900 50.44 -36.86 -26.97
N TYR A 901 50.83 -35.96 -26.04
CA TYR A 901 50.38 -36.08 -24.66
C TYR A 901 48.87 -36.21 -24.59
N ARG A 902 48.16 -35.33 -25.30
CA ARG A 902 46.71 -35.29 -25.20
C ARG A 902 46.06 -36.52 -25.79
N PHE A 903 46.64 -37.10 -26.85
CA PHE A 903 46.17 -38.42 -27.29
C PHE A 903 46.44 -39.48 -26.23
N ASN A 904 47.60 -39.42 -25.59
CA ASN A 904 47.85 -40.37 -24.50
C ASN A 904 46.84 -40.21 -23.38
N GLY A 905 46.28 -39.01 -23.22
CA GLY A 905 45.26 -38.81 -22.21
C GLY A 905 43.97 -39.56 -22.49
N ILE A 906 43.61 -39.66 -23.77
CA ILE A 906 42.32 -40.25 -24.16
C ILE A 906 42.47 -41.72 -24.50
N GLY A 907 43.64 -42.29 -24.23
CA GLY A 907 43.86 -43.71 -24.47
C GLY A 907 44.32 -44.05 -25.86
N VAL A 908 44.86 -43.08 -26.61
CA VAL A 908 45.38 -43.31 -27.95
C VAL A 908 46.89 -43.08 -27.91
N THR A 909 47.66 -44.01 -28.44
CA THR A 909 49.10 -43.93 -28.34
C THR A 909 49.65 -42.75 -29.15
N GLN A 910 50.84 -42.31 -28.76
CA GLN A 910 51.53 -41.25 -29.51
C GLN A 910 51.81 -41.68 -30.94
N ASN A 911 51.87 -42.99 -31.18
CA ASN A 911 52.09 -43.53 -32.50
C ASN A 911 51.11 -42.93 -33.50
N VAL A 912 49.84 -42.81 -33.11
CA VAL A 912 48.82 -42.32 -34.03
C VAL A 912 49.16 -40.91 -34.52
N LEU A 913 49.50 -40.02 -33.59
CA LEU A 913 49.82 -38.66 -33.99
C LEU A 913 51.12 -38.61 -34.80
N TYR A 914 52.14 -39.33 -34.37
CA TYR A 914 53.39 -39.22 -35.11
C TYR A 914 53.31 -39.91 -36.46
N GLU A 915 52.26 -40.69 -36.69
CA GLU A 915 52.00 -41.21 -38.02
C GLU A 915 51.15 -40.26 -38.86
N ASN A 916 50.18 -39.59 -38.25
CA ASN A 916 49.20 -38.78 -38.96
C ASN A 916 49.26 -37.32 -38.55
N GLN A 917 50.46 -36.80 -38.30
CA GLN A 917 50.61 -35.41 -37.85
C GLN A 917 50.05 -34.43 -38.88
N LYS A 918 50.40 -34.59 -40.15
CA LYS A 918 49.93 -33.66 -41.17
C LYS A 918 48.41 -33.71 -41.30
N LEU A 919 47.84 -34.93 -41.30
CA LEU A 919 46.41 -35.08 -41.40
C LEU A 919 45.69 -34.44 -40.20
N ILE A 920 46.23 -34.65 -39.00
CA ILE A 920 45.58 -34.11 -37.81
C ILE A 920 45.68 -32.59 -37.80
N ALA A 921 46.83 -32.04 -38.20
CA ALA A 921 46.98 -30.59 -38.28
C ALA A 921 46.02 -30.00 -39.30
N ASN A 922 45.88 -30.64 -40.45
CA ASN A 922 44.93 -30.16 -41.46
C ASN A 922 43.50 -30.23 -40.94
N GLN A 923 43.15 -31.31 -40.24
CA GLN A 923 41.81 -31.42 -39.67
C GLN A 923 41.55 -30.33 -38.65
N PHE A 924 42.54 -30.05 -37.79
CA PHE A 924 42.39 -28.99 -36.79
C PHE A 924 42.21 -27.62 -37.46
N ASN A 925 43.03 -27.34 -38.46
CA ASN A 925 42.91 -26.07 -39.17
C ASN A 925 41.56 -25.94 -39.86
N SER A 926 41.10 -27.01 -40.50
CA SER A 926 39.80 -26.98 -41.17
C SER A 926 38.67 -26.80 -40.17
N ALA A 927 38.78 -27.43 -39.00
CA ALA A 927 37.76 -27.26 -37.97
C ALA A 927 37.71 -25.82 -37.48
N ILE A 928 38.88 -25.20 -37.28
CA ILE A 928 38.91 -23.79 -36.88
C ILE A 928 38.30 -22.91 -37.96
N GLY A 929 38.62 -23.19 -39.22
CA GLY A 929 38.03 -22.43 -40.31
C GLY A 929 36.52 -22.59 -40.38
N LYS A 930 36.03 -23.80 -40.13
CA LYS A 930 34.59 -24.02 -40.11
C LYS A 930 33.92 -23.30 -38.95
N ILE A 931 34.59 -23.22 -37.80
CA ILE A 931 34.06 -22.41 -36.71
C ILE A 931 33.99 -20.95 -37.12
N GLN A 932 35.05 -20.45 -37.79
CA GLN A 932 35.04 -19.10 -38.33
C GLN A 932 33.82 -18.87 -39.22
N ASP A 933 33.61 -19.78 -40.18
CA ASP A 933 32.52 -19.62 -41.14
C ASP A 933 31.15 -19.70 -40.46
N SER A 934 30.97 -20.66 -39.55
CA SER A 934 29.68 -20.82 -38.90
C SER A 934 29.35 -19.63 -38.02
N LEU A 935 30.35 -19.09 -37.30
CA LEU A 935 30.12 -17.89 -36.52
C LEU A 935 29.80 -16.70 -37.41
N SER A 936 30.50 -16.57 -38.53
CA SER A 936 30.28 -15.44 -39.42
C SER A 936 28.90 -15.49 -40.07
N SER A 937 28.44 -16.68 -40.44
CA SER A 937 27.20 -16.80 -41.20
C SER A 937 25.98 -16.79 -40.29
N THR A 938 25.90 -17.74 -39.37
CA THR A 938 24.73 -17.88 -38.52
C THR A 938 24.61 -16.68 -37.58
N PRO A 939 23.50 -15.96 -37.60
CA PRO A 939 23.37 -14.77 -36.75
C PRO A 939 23.03 -15.09 -35.31
N SER A 940 22.33 -16.21 -35.09
CA SER A 940 21.89 -16.61 -33.76
C SER A 940 22.89 -17.52 -33.06
N ALA A 941 24.15 -17.50 -33.47
CA ALA A 941 25.15 -18.34 -32.83
C ALA A 941 25.38 -17.94 -31.38
N LEU A 942 25.47 -16.64 -31.12
CA LEU A 942 25.71 -16.15 -29.76
C LEU A 942 24.38 -15.86 -29.07
N GLY A 943 23.58 -16.92 -28.93
CA GLY A 943 22.26 -16.78 -28.37
C GLY A 943 22.26 -16.44 -26.90
N LYS A 944 23.18 -17.03 -26.13
CA LYS A 944 23.14 -16.89 -24.68
C LYS A 944 23.50 -15.47 -24.24
N LEU A 945 24.59 -14.92 -24.77
CA LEU A 945 25.00 -13.57 -24.40
C LEU A 945 23.98 -12.54 -24.85
N GLN A 946 23.47 -12.70 -26.07
CA GLN A 946 22.45 -11.78 -26.57
C GLN A 946 21.19 -11.88 -25.72
N ASP A 947 20.82 -13.09 -25.30
CA ASP A 947 19.65 -13.25 -24.44
C ASP A 947 19.84 -12.57 -23.10
N VAL A 948 21.04 -12.68 -22.53
CA VAL A 948 21.31 -12.00 -21.25
C VAL A 948 21.20 -10.50 -21.42
N VAL A 949 21.80 -9.96 -22.50
CA VAL A 949 21.75 -8.54 -22.76
C VAL A 949 20.31 -8.08 -22.96
N ASN A 950 19.52 -8.86 -23.71
CA ASN A 950 18.13 -8.50 -23.96
C ASN A 950 17.31 -8.54 -22.68
N GLN A 951 17.56 -9.52 -21.81
CA GLN A 951 16.83 -9.59 -20.55
C GLN A 951 17.14 -8.37 -19.69
N ASN A 952 18.42 -8.00 -19.58
CA ASN A 952 18.78 -6.83 -18.79
C ASN A 952 18.17 -5.55 -19.37
N ALA A 953 18.24 -5.40 -20.70
CA ALA A 953 17.68 -4.21 -21.33
C ALA A 953 16.18 -4.14 -21.16
N GLN A 954 15.49 -5.29 -21.27
CA GLN A 954 14.05 -5.32 -21.08
C GLN A 954 13.67 -4.99 -19.65
N ALA A 955 14.43 -5.49 -18.68
CA ALA A 955 14.16 -5.13 -17.28
C ALA A 955 14.33 -3.63 -17.05
N LEU A 956 15.40 -3.05 -17.60
CA LEU A 956 15.61 -1.62 -17.46
C LEU A 956 14.50 -0.82 -18.15
N ASN A 957 14.07 -1.26 -19.33
CA ASN A 957 13.01 -0.57 -20.04
C ASN A 957 11.69 -0.64 -19.28
N THR A 958 11.38 -1.79 -18.70
CA THR A 958 10.17 -1.88 -17.87
C THR A 958 10.27 -0.98 -16.66
N LEU A 959 11.44 -0.93 -16.03
CA LEU A 959 11.63 -0.05 -14.88
C LEU A 959 11.41 1.42 -15.27
N VAL A 960 11.92 1.82 -16.44
CA VAL A 960 11.71 3.19 -16.91
C VAL A 960 10.23 3.43 -17.20
N LYS A 961 9.60 2.50 -17.91
CA LYS A 961 8.20 2.66 -18.29
C LYS A 961 7.27 2.68 -17.09
N GLN A 962 7.69 2.11 -15.97
CA GLN A 962 6.85 2.13 -14.77
C GLN A 962 6.66 3.53 -14.20
N LEU A 963 7.43 4.51 -14.63
CA LEU A 963 7.21 5.88 -14.19
C LEU A 963 6.00 6.53 -14.84
N SER A 964 5.48 5.95 -15.92
CA SER A 964 4.35 6.52 -16.63
C SER A 964 3.00 6.15 -16.03
N SER A 965 2.97 5.21 -15.10
CA SER A 965 1.71 4.75 -14.52
C SER A 965 1.34 5.58 -13.31
N ASN A 966 0.04 5.80 -13.14
CA ASN A 966 -0.44 6.67 -12.08
C ASN A 966 -0.34 6.02 -10.71
N PHE A 967 -0.51 4.69 -10.63
CA PHE A 967 -0.57 3.94 -9.38
C PHE A 967 -1.71 4.41 -8.49
N GLY A 968 -2.74 5.02 -9.09
CA GLY A 968 -3.87 5.55 -8.35
C GLY A 968 -3.85 7.05 -8.16
N ALA A 969 -2.72 7.70 -8.41
CA ALA A 969 -2.64 9.15 -8.26
C ALA A 969 -3.32 9.84 -9.44
N ILE A 970 -3.55 11.14 -9.29
CA ILE A 970 -4.19 11.91 -10.36
C ILE A 970 -3.29 11.97 -11.59
N SER A 971 -1.97 12.02 -11.39
CA SER A 971 -1.03 12.09 -12.48
C SER A 971 0.21 11.30 -12.12
N SER A 972 0.97 10.91 -13.14
CA SER A 972 2.18 10.13 -12.97
C SER A 972 3.42 11.01 -12.89
N VAL A 973 3.26 12.32 -12.83
CA VAL A 973 4.37 13.27 -12.79
C VAL A 973 4.32 14.02 -11.47
N LEU A 974 5.43 14.03 -10.74
CA LEU A 974 5.49 14.76 -9.49
C LEU A 974 5.35 16.27 -9.73
N ASN A 975 5.94 16.77 -10.81
CA ASN A 975 5.89 18.19 -11.11
C ASN A 975 4.49 18.68 -11.44
N ASP A 976 3.57 17.78 -11.78
CA ASP A 976 2.18 18.14 -12.00
C ASP A 976 1.35 18.09 -10.72
N ILE A 977 1.54 17.06 -9.91
CA ILE A 977 0.84 16.99 -8.62
C ILE A 977 1.25 18.15 -7.74
N LEU A 978 2.56 18.45 -7.69
CA LEU A 978 3.04 19.54 -6.86
C LEU A 978 2.65 20.91 -7.40
N SER A 979 2.38 21.02 -8.70
CA SER A 979 1.98 22.29 -9.29
C SER A 979 0.49 22.52 -9.23
N ARG A 980 -0.31 21.45 -9.15
CA ARG A 980 -1.76 21.58 -9.17
C ARG A 980 -2.41 21.44 -7.81
N LEU A 981 -1.72 20.86 -6.83
CA LEU A 981 -2.32 20.58 -5.53
C LEU A 981 -1.50 21.20 -4.41
N ASP A 982 -2.20 21.62 -3.36
CA ASP A 982 -1.56 22.10 -2.15
C ASP A 982 -0.93 20.92 -1.41
N PRO A 983 0.08 21.19 -0.57
CA PRO A 983 0.84 20.08 0.05
C PRO A 983 -0.04 19.10 0.82
N PRO A 984 -1.03 19.54 1.59
CA PRO A 984 -1.85 18.54 2.31
C PRO A 984 -2.54 17.55 1.38
N GLU A 985 -3.03 18.00 0.23
CA GLU A 985 -3.68 17.09 -0.70
C GLU A 985 -2.70 16.50 -1.69
N ALA A 986 -1.53 17.12 -1.85
CA ALA A 986 -0.52 16.57 -2.75
C ALA A 986 0.20 15.39 -2.10
N GLU A 987 0.25 15.36 -0.76
CA GLU A 987 1.01 14.31 -0.09
C GLU A 987 0.42 12.92 -0.33
N VAL A 988 -0.90 12.81 -0.39
CA VAL A 988 -1.51 11.50 -0.59
C VAL A 988 -1.21 10.97 -1.99
N GLN A 989 -1.29 11.83 -3.01
CA GLN A 989 -0.96 11.40 -4.37
C GLN A 989 0.52 11.06 -4.48
N ILE A 990 1.38 11.87 -3.86
CA ILE A 990 2.81 11.58 -3.90
C ILE A 990 3.11 10.27 -3.18
N ASP A 991 2.37 9.97 -2.11
CA ASP A 991 2.56 8.71 -1.41
C ASP A 991 2.12 7.53 -2.27
N ARG A 992 1.02 7.67 -3.01
CA ARG A 992 0.62 6.61 -3.93
C ARG A 992 1.70 6.36 -4.97
N LEU A 993 2.24 7.44 -5.56
CA LEU A 993 3.32 7.32 -6.52
C LEU A 993 4.57 6.69 -5.91
N ILE A 994 4.91 7.08 -4.68
CA ILE A 994 6.09 6.53 -4.02
C ILE A 994 5.92 5.05 -3.76
N THR A 995 4.74 4.64 -3.31
CA THR A 995 4.49 3.21 -3.08
C THR A 995 4.62 2.43 -4.39
N GLY A 996 4.02 2.94 -5.46
CA GLY A 996 4.12 2.25 -6.73
C GLY A 996 5.55 2.14 -7.24
N ARG A 997 6.29 3.25 -7.17
CA ARG A 997 7.65 3.25 -7.71
C ARG A 997 8.61 2.44 -6.85
N LEU A 998 8.39 2.44 -5.53
CA LEU A 998 9.22 1.60 -4.66
C LEU A 998 8.92 0.12 -4.88
N GLN A 999 7.66 -0.23 -5.14
CA GLN A 999 7.35 -1.59 -5.52
C GLN A 999 8.02 -1.96 -6.84
N SER A 1000 8.06 -1.00 -7.78
CA SER A 1000 8.74 -1.25 -9.05
C SER A 1000 10.23 -1.51 -8.83
N LEU A 1001 10.89 -0.70 -8.01
CA LEU A 1001 12.31 -0.94 -7.73
C LEU A 1001 12.53 -2.25 -7.00
N GLN A 1002 11.66 -2.61 -6.06
CA GLN A 1002 11.83 -3.87 -5.36
C GLN A 1002 11.68 -5.05 -6.31
N THR A 1003 10.70 -4.98 -7.22
CA THR A 1003 10.56 -6.03 -8.22
C THR A 1003 11.79 -6.12 -9.11
N TYR A 1004 12.29 -4.96 -9.57
CA TYR A 1004 13.47 -4.95 -10.42
C TYR A 1004 14.69 -5.50 -9.70
N VAL A 1005 14.87 -5.14 -8.43
CA VAL A 1005 16.03 -5.58 -7.68
C VAL A 1005 15.95 -7.08 -7.39
N THR A 1006 14.76 -7.59 -7.07
CA THR A 1006 14.62 -9.03 -6.87
C THR A 1006 14.92 -9.79 -8.16
N GLN A 1007 14.39 -9.32 -9.29
CA GLN A 1007 14.70 -9.97 -10.55
C GLN A 1007 16.18 -9.90 -10.87
N GLN A 1008 16.81 -8.77 -10.56
CA GLN A 1008 18.25 -8.63 -10.82
C GLN A 1008 19.07 -9.53 -9.92
N LEU A 1009 18.64 -9.71 -8.66
CA LEU A 1009 19.33 -10.63 -7.76
C LEU A 1009 19.24 -12.07 -8.25
N ILE A 1010 18.06 -12.47 -8.72
CA ILE A 1010 17.91 -13.83 -9.24
C ILE A 1010 18.72 -14.01 -10.52
N ARG A 1011 18.68 -13.02 -11.42
CA ARG A 1011 19.47 -13.10 -12.65
C ARG A 1011 20.96 -13.10 -12.34
N ALA A 1012 21.37 -12.36 -11.32
CA ALA A 1012 22.78 -12.34 -10.91
C ALA A 1012 23.20 -13.67 -10.31
N ALA A 1013 22.30 -14.33 -9.59
CA ALA A 1013 22.60 -15.68 -9.12
C ALA A 1013 22.78 -16.65 -10.28
N GLU A 1014 21.91 -16.54 -11.29
CA GLU A 1014 22.04 -17.39 -12.47
C GLU A 1014 23.34 -17.10 -13.23
N ILE A 1015 23.68 -15.83 -13.38
CA ILE A 1015 24.91 -15.44 -14.05
C ILE A 1015 26.13 -15.86 -13.24
N ARG A 1016 26.04 -15.83 -11.91
CA ARG A 1016 27.14 -16.29 -11.07
C ARG A 1016 27.34 -17.79 -11.21
N ALA A 1017 26.24 -18.55 -11.32
CA ALA A 1017 26.37 -19.98 -11.59
C ALA A 1017 27.02 -20.21 -12.95
N SER A 1018 26.61 -19.44 -13.96
CA SER A 1018 27.21 -19.58 -15.29
C SER A 1018 28.70 -19.21 -15.27
N ALA A 1019 29.06 -18.19 -14.50
CA ALA A 1019 30.46 -17.76 -14.41
C ALA A 1019 31.30 -18.77 -13.64
N ASN A 1020 30.72 -19.39 -12.60
CA ASN A 1020 31.42 -20.47 -11.91
C ASN A 1020 31.65 -21.65 -12.85
N LEU A 1021 30.66 -21.98 -13.67
CA LEU A 1021 30.84 -23.04 -14.65
C LEU A 1021 31.90 -22.66 -15.69
N ALA A 1022 31.92 -21.39 -16.11
CA ALA A 1022 32.93 -20.94 -17.06
C ALA A 1022 34.33 -21.01 -16.46
N ALA A 1023 34.47 -20.63 -15.19
CA ALA A 1023 35.75 -20.74 -14.51
C ALA A 1023 36.19 -22.19 -14.38
N THR A 1024 35.24 -23.08 -14.06
CA THR A 1024 35.56 -24.50 -13.98
C THR A 1024 36.00 -25.04 -15.33
N LYS A 1025 35.31 -24.66 -16.40
CA LYS A 1025 35.67 -25.12 -17.74
C LYS A 1025 37.04 -24.58 -18.14
N MET A 1026 37.33 -23.32 -17.82
CA MET A 1026 38.66 -22.79 -18.08
C MET A 1026 39.72 -23.58 -17.34
N SER A 1027 39.51 -23.82 -16.05
CA SER A 1027 40.50 -24.53 -15.25
C SER A 1027 40.72 -25.95 -15.75
N GLU A 1028 39.64 -26.65 -16.09
CA GLU A 1028 39.75 -28.07 -16.38
C GLU A 1028 39.91 -28.39 -17.86
N CYS A 1029 39.82 -27.41 -18.75
CA CYS A 1029 39.94 -27.72 -20.16
C CYS A 1029 40.95 -26.81 -20.85
N VAL A 1030 41.10 -25.58 -20.39
CA VAL A 1030 42.17 -24.74 -20.92
C VAL A 1030 43.47 -25.00 -20.19
N LEU A 1031 43.41 -25.15 -18.87
CA LEU A 1031 44.59 -25.39 -18.05
C LEU A 1031 44.93 -26.88 -17.95
N GLY A 1032 44.13 -27.75 -18.56
CA GLY A 1032 44.41 -29.18 -18.50
C GLY A 1032 43.46 -29.91 -19.42
N GLN A 1033 43.58 -31.24 -19.41
CA GLN A 1033 42.74 -32.12 -20.21
C GLN A 1033 41.79 -32.85 -19.28
N SER A 1034 40.48 -32.67 -19.50
CA SER A 1034 39.47 -33.21 -18.60
C SER A 1034 38.98 -34.56 -19.10
N LYS A 1035 38.87 -35.51 -18.18
CA LYS A 1035 38.29 -36.81 -18.47
C LYS A 1035 36.80 -36.86 -18.21
N ARG A 1036 36.20 -35.76 -17.75
CA ARG A 1036 34.76 -35.70 -17.57
C ARG A 1036 34.08 -35.77 -18.93
N VAL A 1037 33.11 -36.68 -19.06
CA VAL A 1037 32.47 -36.94 -20.34
C VAL A 1037 31.51 -35.79 -20.67
N ASP A 1038 31.59 -35.30 -21.90
CA ASP A 1038 30.72 -34.23 -22.41
C ASP A 1038 30.83 -32.95 -21.61
N PHE A 1039 31.86 -32.82 -20.77
CA PHE A 1039 32.07 -31.57 -20.05
C PHE A 1039 32.60 -30.48 -20.97
N CYS A 1040 33.55 -30.84 -21.84
CA CYS A 1040 34.15 -29.90 -22.78
C CYS A 1040 34.09 -30.53 -24.18
N GLY A 1041 32.97 -30.31 -24.86
CA GLY A 1041 32.80 -30.83 -26.20
C GLY A 1041 32.35 -32.27 -26.23
N LYS A 1042 31.64 -32.65 -27.29
CA LYS A 1042 31.18 -34.02 -27.46
C LYS A 1042 32.33 -34.85 -28.03
N GLY A 1043 32.88 -35.75 -27.22
CA GLY A 1043 33.97 -36.58 -27.66
C GLY A 1043 35.09 -36.65 -26.65
N TYR A 1044 36.14 -37.39 -26.97
CA TYR A 1044 37.31 -37.48 -26.08
C TYR A 1044 38.05 -36.16 -26.13
N HIS A 1045 37.90 -35.36 -25.07
CA HIS A 1045 38.41 -33.99 -25.05
C HIS A 1045 39.92 -33.96 -25.23
N LEU A 1046 40.38 -33.09 -26.12
CA LEU A 1046 41.81 -32.87 -26.32
C LEU A 1046 42.27 -31.54 -25.74
N MET A 1047 41.68 -30.43 -26.18
CA MET A 1047 42.11 -29.11 -25.74
C MET A 1047 40.88 -28.22 -25.60
N SER A 1048 41.12 -26.94 -25.36
CA SER A 1048 40.09 -25.92 -25.35
C SER A 1048 40.77 -24.57 -25.41
N PHE A 1049 40.18 -23.63 -26.16
CA PHE A 1049 40.76 -22.32 -26.38
C PHE A 1049 39.77 -21.26 -25.94
N PRO A 1050 40.09 -20.47 -24.92
CA PRO A 1050 39.17 -19.39 -24.53
C PRO A 1050 39.12 -18.31 -25.60
N GLN A 1051 37.95 -17.69 -25.72
CA GLN A 1051 37.79 -16.53 -26.59
C GLN A 1051 36.92 -15.53 -25.87
N SER A 1052 37.42 -14.30 -25.73
CA SER A 1052 36.64 -13.25 -25.09
C SER A 1052 35.41 -12.93 -25.93
N ALA A 1053 34.30 -12.70 -25.25
CA ALA A 1053 33.05 -12.33 -25.88
C ALA A 1053 32.39 -11.27 -25.02
N PRO A 1054 31.48 -10.47 -25.59
CA PRO A 1054 30.81 -9.45 -24.78
C PRO A 1054 29.98 -10.06 -23.66
N HIS A 1055 30.40 -9.80 -22.42
CA HIS A 1055 29.72 -10.31 -21.23
C HIS A 1055 29.65 -11.84 -21.24
N GLY A 1056 30.75 -12.48 -21.64
CA GLY A 1056 30.77 -13.92 -21.69
C GLY A 1056 32.10 -14.43 -22.16
N VAL A 1057 32.15 -15.74 -22.43
CA VAL A 1057 33.36 -16.40 -22.91
C VAL A 1057 32.94 -17.50 -23.86
N VAL A 1058 33.78 -17.74 -24.86
CA VAL A 1058 33.55 -18.78 -25.86
C VAL A 1058 34.72 -19.76 -25.81
N PHE A 1059 34.40 -21.04 -25.71
CA PHE A 1059 35.40 -22.09 -25.67
C PHE A 1059 35.37 -22.87 -26.98
N LEU A 1060 36.54 -23.07 -27.58
CA LEU A 1060 36.68 -23.86 -28.80
C LEU A 1060 37.20 -25.23 -28.39
N HIS A 1061 36.28 -26.13 -28.05
CA HIS A 1061 36.64 -27.42 -27.50
C HIS A 1061 37.13 -28.33 -28.61
N VAL A 1062 38.43 -28.60 -28.62
CA VAL A 1062 39.01 -29.55 -29.57
C VAL A 1062 38.85 -30.96 -29.01
N THR A 1063 38.11 -31.80 -29.72
CA THR A 1063 37.80 -33.14 -29.25
C THR A 1063 38.18 -34.16 -30.32
N TYR A 1064 38.40 -35.39 -29.87
CA TYR A 1064 38.73 -36.51 -30.76
C TYR A 1064 37.51 -37.38 -30.93
N VAL A 1065 37.04 -37.50 -32.17
CA VAL A 1065 35.84 -38.26 -32.49
C VAL A 1065 36.24 -39.39 -33.44
N PRO A 1066 36.04 -40.66 -33.06
CA PRO A 1066 36.27 -41.75 -34.01
C PRO A 1066 35.32 -41.65 -35.20
N ALA A 1067 35.82 -42.06 -36.37
CA ALA A 1067 35.11 -41.81 -37.61
C ALA A 1067 34.64 -43.07 -38.31
N GLN A 1068 35.53 -44.00 -38.64
CA GLN A 1068 35.22 -45.12 -39.51
C GLN A 1068 35.30 -46.42 -38.71
N GLU A 1069 34.16 -47.06 -38.53
CA GLU A 1069 34.06 -48.30 -37.76
C GLU A 1069 34.38 -49.49 -38.65
N LYS A 1070 34.63 -50.63 -38.00
CA LYS A 1070 34.82 -51.89 -38.71
C LYS A 1070 34.52 -53.03 -37.76
N ASN A 1071 33.67 -53.95 -38.19
CA ASN A 1071 33.32 -55.11 -37.37
C ASN A 1071 34.51 -56.05 -37.24
N PHE A 1072 34.70 -56.58 -36.04
CA PHE A 1072 35.70 -57.61 -35.80
C PHE A 1072 35.16 -58.61 -34.81
N THR A 1073 35.62 -59.86 -34.94
CA THR A 1073 35.30 -60.90 -33.97
C THR A 1073 36.29 -60.83 -32.82
N THR A 1074 35.79 -60.83 -31.60
CA THR A 1074 36.61 -60.63 -30.42
C THR A 1074 36.41 -61.75 -29.42
N ALA A 1075 37.43 -61.95 -28.57
CA ALA A 1075 37.41 -62.94 -27.51
C ALA A 1075 37.98 -62.33 -26.24
N PRO A 1076 37.43 -62.68 -25.07
CA PRO A 1076 37.97 -62.10 -23.83
C PRO A 1076 39.41 -62.48 -23.55
N ALA A 1077 39.83 -63.67 -23.95
CA ALA A 1077 41.18 -64.13 -23.66
C ALA A 1077 41.63 -65.09 -24.75
N ILE A 1078 42.90 -65.47 -24.69
CA ILE A 1078 43.51 -66.36 -25.67
C ILE A 1078 44.07 -67.57 -24.91
N CYS A 1079 43.59 -68.76 -25.26
CA CYS A 1079 44.04 -69.98 -24.61
C CYS A 1079 45.26 -70.51 -25.36
N HIS A 1080 46.44 -70.32 -24.77
CA HIS A 1080 47.68 -70.81 -25.35
C HIS A 1080 48.47 -71.57 -24.30
N ASP A 1081 49.03 -72.71 -24.69
CA ASP A 1081 49.88 -73.52 -23.82
C ASP A 1081 49.15 -73.92 -22.53
N GLY A 1082 47.84 -74.12 -22.62
CA GLY A 1082 47.05 -74.45 -21.45
C GLY A 1082 47.00 -73.36 -20.41
N LYS A 1083 46.91 -72.11 -20.82
CA LYS A 1083 46.79 -70.98 -19.91
C LYS A 1083 46.10 -69.84 -20.62
N ALA A 1084 45.45 -68.99 -19.83
CA ALA A 1084 44.67 -67.89 -20.38
C ALA A 1084 45.54 -66.64 -20.49
N HIS A 1085 45.52 -66.01 -21.66
CA HIS A 1085 46.26 -64.78 -21.92
C HIS A 1085 45.28 -63.64 -22.10
N PHE A 1086 45.47 -62.58 -21.34
CA PHE A 1086 44.63 -61.41 -21.44
C PHE A 1086 45.44 -60.22 -21.95
N PRO A 1087 44.84 -59.32 -22.72
CA PRO A 1087 45.62 -58.22 -23.29
C PRO A 1087 46.05 -57.23 -22.22
N ARG A 1088 47.33 -56.86 -22.24
CA ARG A 1088 47.84 -55.89 -21.27
C ARG A 1088 47.11 -54.56 -21.40
N GLU A 1089 46.94 -54.08 -22.63
CA GLU A 1089 46.12 -52.90 -22.89
C GLU A 1089 45.67 -52.97 -24.34
N GLY A 1090 44.39 -53.23 -24.53
CA GLY A 1090 43.82 -53.42 -25.84
C GLY A 1090 42.80 -54.54 -25.79
N VAL A 1091 42.37 -54.99 -26.97
CA VAL A 1091 41.40 -56.05 -27.10
C VAL A 1091 41.88 -57.03 -28.17
N PHE A 1092 41.55 -58.30 -27.98
CA PHE A 1092 41.81 -59.31 -29.00
C PHE A 1092 40.76 -59.24 -30.07
N VAL A 1093 41.18 -59.08 -31.32
CA VAL A 1093 40.27 -59.02 -32.45
C VAL A 1093 40.79 -59.92 -33.56
N SER A 1094 39.87 -60.34 -34.42
CA SER A 1094 40.19 -61.19 -35.55
C SER A 1094 39.57 -60.61 -36.82
N ASN A 1095 40.35 -60.61 -37.89
CA ASN A 1095 39.84 -60.20 -39.20
C ASN A 1095 39.22 -61.36 -39.96
N GLY A 1096 38.83 -62.43 -39.27
CA GLY A 1096 38.22 -63.57 -39.90
C GLY A 1096 39.03 -64.84 -39.76
N THR A 1097 40.33 -64.74 -39.93
CA THR A 1097 41.21 -65.90 -39.87
C THR A 1097 42.33 -65.77 -38.85
N HIS A 1098 42.91 -64.58 -38.70
CA HIS A 1098 44.03 -64.35 -37.82
C HIS A 1098 43.61 -63.46 -36.66
N TRP A 1099 44.18 -63.71 -35.48
CA TRP A 1099 43.84 -62.98 -34.27
C TRP A 1099 44.90 -61.93 -33.97
N PHE A 1100 44.44 -60.74 -33.62
CA PHE A 1100 45.31 -59.60 -33.33
C PHE A 1100 44.85 -58.91 -32.07
N VAL A 1101 45.79 -58.23 -31.42
CA VAL A 1101 45.49 -57.37 -30.28
C VAL A 1101 45.55 -55.93 -30.75
N THR A 1102 44.54 -55.16 -30.38
CA THR A 1102 44.36 -53.81 -30.91
C THR A 1102 44.00 -52.86 -29.78
N GLN A 1103 44.58 -51.66 -29.80
CA GLN A 1103 44.19 -50.63 -28.86
C GLN A 1103 42.72 -50.29 -29.05
N ARG A 1104 42.09 -49.85 -27.97
CA ARG A 1104 40.62 -49.76 -27.95
C ARG A 1104 40.10 -48.71 -28.93
N ASN A 1105 40.75 -47.55 -29.01
CA ASN A 1105 40.19 -46.41 -29.70
C ASN A 1105 40.70 -46.23 -31.13
N PHE A 1106 41.52 -47.14 -31.63
CA PHE A 1106 42.09 -46.99 -32.97
C PHE A 1106 42.53 -48.37 -33.45
N TYR A 1107 42.15 -48.72 -34.67
CA TYR A 1107 42.46 -50.05 -35.19
C TYR A 1107 43.94 -50.12 -35.57
N GLU A 1108 44.74 -50.68 -34.68
CA GLU A 1108 46.17 -50.94 -34.93
C GLU A 1108 46.45 -52.38 -34.55
N PRO A 1109 46.20 -53.32 -35.46
CA PRO A 1109 46.41 -54.74 -35.12
C PRO A 1109 47.86 -55.03 -34.82
N GLN A 1110 48.08 -55.89 -33.82
CA GLN A 1110 49.41 -56.31 -33.41
C GLN A 1110 49.42 -57.82 -33.25
N ILE A 1111 50.58 -58.42 -33.52
CA ILE A 1111 50.73 -59.86 -33.33
C ILE A 1111 50.73 -60.17 -31.84
N ILE A 1112 49.96 -61.18 -31.45
CA ILE A 1112 49.85 -61.56 -30.05
C ILE A 1112 51.20 -62.07 -29.57
N THR A 1113 51.77 -61.42 -28.55
CA THR A 1113 53.03 -61.81 -27.97
C THR A 1113 52.88 -61.85 -26.45
N THR A 1114 53.99 -62.14 -25.76
CA THR A 1114 53.97 -62.11 -24.31
C THR A 1114 54.19 -60.72 -23.75
N ASP A 1115 54.61 -59.75 -24.57
CA ASP A 1115 54.79 -58.39 -24.08
C ASP A 1115 53.48 -57.65 -23.91
N ASN A 1116 52.51 -57.88 -24.81
CA ASN A 1116 51.23 -57.20 -24.77
C ASN A 1116 50.14 -58.04 -24.13
N THR A 1117 50.47 -59.21 -23.59
CA THR A 1117 49.52 -60.09 -22.93
C THR A 1117 50.12 -60.58 -21.61
N PHE A 1118 49.24 -60.89 -20.65
CA PHE A 1118 49.67 -61.43 -19.37
C PHE A 1118 48.86 -62.67 -19.04
N VAL A 1119 49.55 -63.69 -18.53
CA VAL A 1119 48.93 -64.96 -18.18
C VAL A 1119 48.18 -64.81 -16.87
N SER A 1120 46.96 -65.33 -16.80
CA SER A 1120 46.14 -65.19 -15.61
C SER A 1120 45.36 -66.46 -15.32
N GLY A 1121 46.01 -67.62 -15.41
CA GLY A 1121 45.35 -68.85 -15.02
C GLY A 1121 45.28 -69.91 -16.10
N ASN A 1122 44.13 -70.58 -16.22
CA ASN A 1122 43.93 -71.64 -17.20
C ASN A 1122 42.67 -71.35 -18.01
N CYS A 1123 42.39 -72.19 -19.00
CA CYS A 1123 41.33 -71.95 -19.96
C CYS A 1123 39.99 -72.54 -19.56
N ASP A 1124 39.93 -73.34 -18.48
CA ASP A 1124 38.67 -73.98 -18.11
C ASP A 1124 37.66 -72.98 -17.55
N VAL A 1125 38.14 -71.87 -17.01
CA VAL A 1125 37.28 -70.99 -16.23
C VAL A 1125 36.80 -69.75 -16.99
N VAL A 1126 37.53 -69.32 -18.02
CA VAL A 1126 37.13 -68.12 -18.78
C VAL A 1126 36.06 -68.51 -19.80
N ILE A 1127 34.99 -67.73 -19.84
CA ILE A 1127 33.87 -67.98 -20.74
C ILE A 1127 34.09 -67.16 -22.01
N GLY A 1128 34.21 -67.86 -23.14
CA GLY A 1128 34.47 -67.20 -24.41
C GLY A 1128 35.91 -67.23 -24.87
N ILE A 1129 36.80 -67.89 -24.12
CA ILE A 1129 38.19 -67.96 -24.53
C ILE A 1129 38.31 -68.74 -25.84
N VAL A 1130 39.31 -68.39 -26.65
CA VAL A 1130 39.53 -69.02 -27.94
C VAL A 1130 40.95 -69.55 -28.00
N ASN A 1131 41.16 -70.53 -28.85
CA ASN A 1131 42.47 -71.18 -29.01
C ASN A 1131 43.28 -70.43 -30.05
N ASN A 1132 44.46 -69.96 -29.66
CA ASN A 1132 45.37 -69.30 -30.58
C ASN A 1132 46.78 -69.39 -30.01
N THR A 1133 47.76 -69.12 -30.86
CA THR A 1133 49.15 -69.13 -30.46
C THR A 1133 49.60 -67.73 -30.05
N VAL A 1134 50.49 -67.67 -29.07
CA VAL A 1134 51.07 -66.43 -28.60
C VAL A 1134 52.57 -66.48 -28.88
N TYR A 1135 53.05 -65.54 -29.69
CA TYR A 1135 54.44 -65.53 -30.10
C TYR A 1135 55.33 -65.24 -28.90
N ASP A 1136 56.41 -66.00 -28.76
CA ASP A 1136 57.38 -65.77 -27.71
C ASP A 1136 58.57 -65.02 -28.29
N PRO A 1137 58.80 -63.76 -27.92
CA PRO A 1137 59.91 -63.01 -28.52
C PRO A 1137 61.29 -63.46 -28.06
N LEU A 1138 61.39 -64.54 -27.29
CA LEU A 1138 62.67 -65.04 -26.84
C LEU A 1138 63.11 -66.31 -27.56
N GLN A 1139 62.17 -67.12 -28.02
CA GLN A 1139 62.52 -68.38 -28.69
C GLN A 1139 63.35 -68.20 -29.94
N PRO A 1140 63.04 -67.28 -30.87
CA PRO A 1140 63.91 -67.11 -32.04
C PRO A 1140 65.35 -66.75 -31.68
N GLU A 1141 65.54 -65.92 -30.66
CA GLU A 1141 66.90 -65.61 -30.21
C GLU A 1141 67.55 -66.82 -29.55
N LEU A 1142 66.77 -67.63 -28.82
CA LEU A 1142 67.32 -68.84 -28.21
C LEU A 1142 67.81 -69.81 -29.28
N ASP A 1143 67.04 -69.95 -30.37
CA ASP A 1143 67.44 -70.86 -31.44
C ASP A 1143 68.72 -70.39 -32.11
N SER A 1144 68.84 -69.09 -32.36
CA SER A 1144 70.05 -68.54 -32.99
C SER A 1144 70.90 -67.80 -31.98
N PRO B 26 37.63 42.51 13.96
CA PRO B 26 37.18 41.28 14.61
C PRO B 26 37.92 40.04 14.13
N ALA B 27 38.51 39.30 15.06
CA ALA B 27 39.21 38.07 14.72
C ALA B 27 38.23 37.01 14.23
N TYR B 28 38.75 36.11 13.37
CA TYR B 28 37.95 35.02 12.80
C TYR B 28 38.61 33.71 13.24
N THR B 29 38.12 33.15 14.35
CA THR B 29 38.65 31.90 14.88
C THR B 29 37.85 30.71 14.31
N ASN B 30 38.53 29.59 14.15
CA ASN B 30 37.93 28.37 13.62
C ASN B 30 37.43 27.51 14.78
N SER B 31 36.15 27.13 14.73
CA SER B 31 35.53 26.32 15.77
C SER B 31 35.72 24.85 15.42
N PHE B 32 36.50 24.14 16.22
CA PHE B 32 36.83 22.74 15.97
C PHE B 32 36.15 21.87 17.03
N THR B 33 35.33 20.93 16.56
CA THR B 33 34.65 19.97 17.43
C THR B 33 33.84 20.66 18.53
N ARG B 34 33.22 21.78 18.18
CA ARG B 34 32.42 22.53 19.12
C ARG B 34 31.11 22.94 18.47
N GLY B 35 30.05 23.00 19.28
CA GLY B 35 28.74 23.40 18.79
C GLY B 35 27.76 22.29 18.55
N VAL B 36 27.83 21.20 19.31
CA VAL B 36 26.92 20.07 19.17
C VAL B 36 26.12 19.92 20.44
N TYR B 37 24.79 19.80 20.30
CA TYR B 37 23.88 19.67 21.42
C TYR B 37 23.14 18.35 21.33
N TYR B 38 22.44 18.02 22.41
CA TYR B 38 21.61 16.81 22.41
C TYR B 38 20.38 17.04 21.56
N PRO B 39 20.15 16.24 20.51
CA PRO B 39 19.00 16.52 19.62
C PRO B 39 17.65 16.40 20.32
N ASP B 40 17.52 15.51 21.29
CA ASP B 40 16.24 15.29 21.96
C ASP B 40 16.48 14.79 23.37
N LYS B 41 15.42 14.80 24.17
CA LYS B 41 15.49 14.38 25.57
C LYS B 41 15.19 12.88 25.70
N VAL B 42 15.97 12.09 24.97
CA VAL B 42 15.85 10.63 24.98
C VAL B 42 17.22 10.04 25.26
N PHE B 43 17.28 9.10 26.19
CA PHE B 43 18.54 8.48 26.59
C PHE B 43 18.92 7.41 25.58
N ARG B 44 20.11 7.52 25.01
CA ARG B 44 20.65 6.54 24.08
C ARG B 44 22.07 6.21 24.50
N SER B 45 22.38 4.91 24.53
CA SER B 45 23.69 4.43 24.96
C SER B 45 24.23 3.43 23.96
N SER B 46 25.52 3.56 23.62
CA SER B 46 26.20 2.64 22.71
C SER B 46 25.47 2.52 21.38
N VAL B 47 24.93 3.64 20.91
CA VAL B 47 24.20 3.69 19.64
C VAL B 47 24.64 4.92 18.87
N LEU B 48 24.97 4.73 17.60
CA LEU B 48 25.28 5.84 16.70
C LEU B 48 23.97 6.33 16.07
N HIS B 49 23.53 7.51 16.46
CA HIS B 49 22.24 8.05 16.05
C HIS B 49 22.46 9.21 15.09
N SER B 50 21.74 9.20 13.98
CA SER B 50 21.86 10.24 12.96
C SER B 50 20.64 11.15 13.05
N THR B 51 20.88 12.44 13.24
CA THR B 51 19.82 13.42 13.41
C THR B 51 20.02 14.57 12.42
N GLN B 52 18.92 15.12 11.94
CA GLN B 52 18.93 16.25 11.02
C GLN B 52 18.34 17.47 11.73
N ASP B 53 19.20 18.44 12.05
CA ASP B 53 18.77 19.60 12.81
C ASP B 53 19.76 20.73 12.57
N LEU B 54 19.38 21.93 13.01
CA LEU B 54 20.26 23.09 12.89
C LEU B 54 21.48 22.90 13.80
N PHE B 55 22.65 22.77 13.18
CA PHE B 55 23.89 22.49 13.89
C PHE B 55 24.95 23.48 13.46
N LEU B 56 25.97 23.64 14.31
CA LEU B 56 27.13 24.42 13.94
C LEU B 56 28.08 23.55 13.11
N PRO B 57 28.37 23.92 11.86
CA PRO B 57 29.21 23.06 11.02
C PRO B 57 30.59 22.87 11.63
N PHE B 58 31.14 21.67 11.43
CA PHE B 58 32.48 21.37 11.90
C PHE B 58 33.51 22.23 11.18
N PHE B 59 34.51 22.70 11.93
CA PHE B 59 35.61 23.50 11.39
C PHE B 59 35.07 24.70 10.61
N SER B 60 34.06 25.35 11.17
CA SER B 60 33.45 26.54 10.57
C SER B 60 34.13 27.80 11.09
N ASN B 61 33.99 28.87 10.33
CA ASN B 61 34.61 30.14 10.69
C ASN B 61 33.64 30.96 11.53
N VAL B 62 33.93 31.06 12.82
CA VAL B 62 33.09 31.81 13.77
C VAL B 62 33.81 33.10 14.13
N THR B 63 33.07 34.20 14.13
CA THR B 63 33.67 35.51 14.35
C THR B 63 34.00 35.71 15.83
N TRP B 64 35.20 36.19 16.11
CA TRP B 64 35.61 36.50 17.47
C TRP B 64 35.51 38.00 17.70
N PHE B 65 34.80 38.39 18.75
CA PHE B 65 34.63 39.79 19.12
C PHE B 65 35.31 40.05 20.46
N HIS B 66 36.10 41.12 20.51
CA HIS B 66 36.67 41.60 21.77
C HIS B 66 35.74 42.68 22.30
N ALA B 67 35.00 42.35 23.36
CA ALA B 67 33.96 43.26 23.85
C ALA B 67 34.57 44.54 24.41
N ILE B 68 35.56 44.42 25.30
CA ILE B 68 36.19 45.57 25.91
C ILE B 68 37.68 45.28 26.10
N HIS B 69 38.53 46.23 25.69
CA HIS B 69 39.96 46.15 25.90
C HIS B 69 40.44 47.49 26.43
N VAL B 70 41.10 47.47 27.58
CA VAL B 70 41.54 48.68 28.28
C VAL B 70 43.04 48.83 28.10
N SER B 71 43.47 50.01 27.66
CA SER B 71 44.88 50.28 27.47
C SER B 71 45.33 51.45 28.34
N ASN B 74 45.72 54.03 30.72
CA ASN B 74 45.49 55.45 30.51
C ASN B 74 44.00 55.79 30.52
N GLY B 75 43.19 54.81 30.93
CA GLY B 75 41.75 55.01 30.97
C GLY B 75 41.06 54.91 29.63
N THR B 76 41.74 54.43 28.60
CA THR B 76 41.15 54.29 27.27
C THR B 76 40.69 52.85 27.09
N LYS B 77 39.45 52.69 26.65
CA LYS B 77 38.84 51.38 26.46
C LYS B 77 38.24 51.27 25.07
N ARG B 78 38.31 50.08 24.49
CA ARG B 78 37.71 49.81 23.18
C ARG B 78 36.45 48.98 23.38
N PHE B 79 35.29 49.64 23.32
CA PHE B 79 34.01 49.00 23.55
C PHE B 79 33.39 48.64 22.21
N ASP B 80 33.01 47.37 22.06
CA ASP B 80 32.45 46.85 20.81
C ASP B 80 31.38 45.82 21.14
N ASN B 81 30.12 46.19 20.96
CA ASN B 81 28.99 45.27 21.14
C ASN B 81 28.07 45.40 19.92
N PRO B 82 28.52 44.94 18.77
CA PRO B 82 27.73 45.13 17.54
C PRO B 82 26.51 44.22 17.50
N VAL B 83 25.54 44.63 16.68
CA VAL B 83 24.37 43.81 16.43
C VAL B 83 24.74 42.68 15.48
N LEU B 84 24.32 41.46 15.82
CA LEU B 84 24.70 40.27 15.08
C LEU B 84 23.46 39.60 14.52
N PRO B 85 23.38 39.37 13.21
CA PRO B 85 22.16 38.78 12.65
C PRO B 85 21.88 37.40 13.25
N PHE B 86 20.61 37.17 13.58
CA PHE B 86 20.17 35.89 14.12
C PHE B 86 19.55 35.06 12.99
N ASN B 87 20.40 34.64 12.07
CA ASN B 87 19.97 33.78 10.99
C ASN B 87 20.04 32.31 11.41
N ASP B 88 18.92 31.61 11.27
CA ASP B 88 18.75 30.23 11.76
C ASP B 88 19.12 30.24 13.25
N GLY B 89 19.94 29.30 13.73
CA GLY B 89 20.41 29.33 15.10
C GLY B 89 21.65 30.19 15.25
N VAL B 90 22.09 30.33 16.50
CA VAL B 90 23.32 31.03 16.83
C VAL B 90 24.04 30.25 17.91
N TYR B 91 25.34 30.01 17.71
CA TYR B 91 26.18 29.39 18.72
C TYR B 91 27.00 30.48 19.40
N PHE B 92 26.98 30.49 20.73
CA PHE B 92 27.66 31.50 21.53
C PHE B 92 28.57 30.84 22.54
N ALA B 93 29.81 31.31 22.63
CA ALA B 93 30.78 30.79 23.57
C ALA B 93 31.56 31.94 24.18
N SER B 94 31.82 31.87 25.48
CA SER B 94 32.55 32.90 26.21
C SER B 94 33.61 32.26 27.09
N THR B 95 34.72 32.96 27.27
CA THR B 95 35.81 32.50 28.13
C THR B 95 36.08 33.47 29.28
N GLU B 96 35.10 34.30 29.64
CA GLU B 96 35.31 35.32 30.64
C GLU B 96 35.51 34.69 32.02
N LYS B 97 36.69 34.95 32.62
CA LYS B 97 36.95 34.46 33.96
C LYS B 97 36.23 35.31 35.01
N SER B 98 36.10 36.61 34.75
CA SER B 98 35.45 37.54 35.67
C SER B 98 33.96 37.72 35.38
N ASN B 99 33.41 36.95 34.44
CA ASN B 99 31.99 37.04 34.07
C ASN B 99 31.62 38.45 33.63
N ILE B 100 32.46 39.05 32.79
CA ILE B 100 32.14 40.36 32.22
C ILE B 100 30.90 40.25 31.35
N ILE B 101 30.82 39.20 30.53
CA ILE B 101 29.63 38.97 29.72
C ILE B 101 28.53 38.37 30.58
N ARG B 102 27.38 39.06 30.62
CA ARG B 102 26.23 38.62 31.41
C ARG B 102 24.96 38.89 30.60
N GLY B 103 24.21 37.83 30.33
CA GLY B 103 22.94 37.96 29.65
C GLY B 103 23.09 38.31 28.18
N TRP B 104 21.95 38.33 27.49
CA TRP B 104 21.93 38.60 26.06
C TRP B 104 20.63 39.29 25.70
N ILE B 105 20.65 39.97 24.55
CA ILE B 105 19.51 40.71 24.05
C ILE B 105 19.14 40.16 22.68
N PHE B 106 17.85 39.98 22.45
CA PHE B 106 17.34 39.50 21.18
C PHE B 106 16.23 40.44 20.72
N GLY B 107 15.74 40.20 19.51
CA GLY B 107 14.67 41.02 18.97
C GLY B 107 14.94 41.42 17.53
N THR B 108 13.86 41.70 16.81
CA THR B 108 13.97 42.00 15.39
C THR B 108 14.63 43.36 15.15
N THR B 109 14.18 44.41 15.85
CA THR B 109 14.76 45.74 15.70
C THR B 109 14.94 46.50 17.00
N LEU B 110 14.34 46.06 18.11
CA LEU B 110 14.48 46.71 19.41
C LEU B 110 13.94 48.13 19.41
N ASP B 111 12.94 48.40 18.58
CA ASP B 111 12.30 49.71 18.54
C ASP B 111 10.97 49.59 17.82
N SER B 112 10.29 50.73 17.67
CA SER B 112 9.03 50.82 16.94
C SER B 112 7.97 49.88 17.50
N LYS B 113 7.93 49.75 18.84
CA LYS B 113 6.95 48.92 19.53
C LYS B 113 6.99 47.47 19.04
N THR B 114 8.18 46.96 18.72
CA THR B 114 8.34 45.59 18.30
C THR B 114 8.78 44.74 19.47
N GLN B 115 8.29 43.51 19.53
CA GLN B 115 8.61 42.62 20.64
C GLN B 115 10.10 42.27 20.64
N SER B 116 10.68 42.25 21.83
CA SER B 116 12.09 41.92 22.01
C SER B 116 12.23 40.94 23.17
N LEU B 117 13.35 40.24 23.20
CA LEU B 117 13.61 39.21 24.20
C LEU B 117 14.92 39.53 24.90
N LEU B 118 14.91 39.48 26.23
CA LEU B 118 16.05 39.89 27.04
C LEU B 118 16.35 38.84 28.10
N ILE B 119 17.64 38.58 28.31
CA ILE B 119 18.10 37.75 29.42
C ILE B 119 19.11 38.54 30.23
N VAL B 120 18.91 38.62 31.55
CA VAL B 120 19.88 39.26 32.42
C VAL B 120 20.33 38.27 33.50
N ASN B 121 21.63 38.26 33.77
CA ASN B 121 22.24 37.31 34.71
C ASN B 121 23.02 38.07 35.77
N ASN B 122 22.43 38.21 36.96
CA ASN B 122 23.17 38.76 38.08
C ASN B 122 23.86 37.65 38.86
N ALA B 123 24.72 38.04 39.81
CA ALA B 123 25.49 37.07 40.57
C ALA B 123 24.60 36.18 41.43
N THR B 124 23.58 36.78 42.07
CA THR B 124 22.75 36.01 43.00
C THR B 124 21.94 34.94 42.28
N ASN B 125 21.24 35.32 41.21
CA ASN B 125 20.40 34.37 40.49
C ASN B 125 20.18 34.89 39.07
N VAL B 126 19.83 33.97 38.18
CA VAL B 126 19.58 34.31 36.79
C VAL B 126 18.19 34.94 36.67
N VAL B 127 18.16 36.26 36.47
CA VAL B 127 16.89 36.97 36.33
C VAL B 127 16.53 37.10 34.84
N ILE B 128 15.93 36.04 34.29
CA ILE B 128 15.52 36.09 32.89
C ILE B 128 14.25 36.93 32.78
N LYS B 129 14.35 38.03 32.03
CA LYS B 129 13.24 38.98 31.88
C LYS B 129 12.86 39.05 30.40
N VAL B 130 12.00 38.13 29.97
CA VAL B 130 11.56 38.09 28.59
C VAL B 130 10.39 39.05 28.42
N CYS B 131 10.70 40.31 28.16
CA CYS B 131 9.67 41.34 28.07
C CYS B 131 9.94 42.22 26.85
N GLU B 132 8.87 42.78 26.29
CA GLU B 132 9.03 43.78 25.26
C GLU B 132 9.74 44.99 25.83
N PHE B 133 10.73 45.50 25.09
CA PHE B 133 11.59 46.54 25.63
C PHE B 133 11.98 47.51 24.52
N GLN B 134 12.40 48.70 24.94
CA GLN B 134 13.04 49.67 24.07
C GLN B 134 14.47 49.87 24.55
N PHE B 135 15.43 49.54 23.69
CA PHE B 135 16.83 49.48 24.06
C PHE B 135 17.61 50.64 23.47
N CYS B 136 18.55 51.16 24.24
CA CYS B 136 19.51 52.14 23.74
C CYS B 136 20.67 51.43 23.04
N ASN B 137 21.58 52.23 22.48
CA ASN B 137 22.71 51.66 21.76
C ASN B 137 23.63 50.89 22.70
N ASP B 138 23.86 51.40 23.91
CA ASP B 138 24.79 50.78 24.83
C ASP B 138 24.03 50.00 25.90
N PRO B 139 24.13 48.68 25.92
CA PRO B 139 23.52 47.91 27.02
C PRO B 139 24.51 47.67 28.15
N PHE B 140 24.05 47.72 29.39
CA PHE B 140 24.95 47.60 30.52
C PHE B 140 24.16 47.29 31.80
N LEU B 141 24.90 46.87 32.83
CA LEU B 141 24.33 46.59 34.14
C LEU B 141 25.20 47.21 35.22
N GLY B 142 24.60 47.51 36.37
CA GLY B 142 25.31 48.18 37.44
C GLY B 142 25.64 47.31 38.64
N VAL B 143 26.86 47.44 39.17
CA VAL B 143 27.32 46.70 40.33
C VAL B 143 28.39 47.52 41.02
N TYR B 144 28.39 47.49 42.36
CA TYR B 144 29.34 48.26 43.15
C TYR B 144 29.98 47.37 44.21
N TYR B 145 31.01 47.91 44.86
CA TYR B 145 31.79 47.21 45.87
C TYR B 145 31.42 47.73 47.26
N HIS B 146 31.06 46.82 48.16
CA HIS B 146 30.78 47.17 49.55
C HIS B 146 32.02 46.88 50.38
N LYS B 147 32.57 47.91 51.02
CA LYS B 147 33.81 47.73 51.77
C LYS B 147 33.60 46.87 53.00
N ASN B 148 32.42 46.94 53.62
CA ASN B 148 32.17 46.16 54.83
C ASN B 148 32.14 44.67 54.53
N ASN B 149 31.44 44.27 53.47
CA ASN B 149 31.33 42.86 53.11
C ASN B 149 32.41 42.39 52.14
N LYS B 150 33.19 43.32 51.58
CA LYS B 150 34.27 42.99 50.65
C LYS B 150 33.76 42.15 49.47
N SER B 151 32.61 42.53 48.93
CA SER B 151 32.01 41.80 47.82
C SER B 151 31.45 42.80 46.81
N TRP B 152 31.33 42.34 45.56
CA TRP B 152 30.80 43.16 44.47
C TRP B 152 29.34 42.77 44.24
N MET B 153 28.45 43.37 45.03
CA MET B 153 27.03 43.11 44.87
C MET B 153 26.39 44.14 43.94
N GLU B 154 25.37 43.70 43.22
CA GLU B 154 24.75 44.47 42.14
C GLU B 154 24.14 45.75 42.72
N SER B 155 24.38 46.88 42.05
CA SER B 155 23.81 48.14 42.50
C SER B 155 22.38 48.32 42.01
N GLU B 156 22.20 48.37 40.69
CA GLU B 156 20.88 48.57 40.09
C GLU B 156 20.80 47.73 38.82
N PHE B 157 19.72 47.94 38.06
CA PHE B 157 19.51 47.27 36.77
C PHE B 157 19.29 48.35 35.72
N ARG B 158 20.39 48.86 35.16
CA ARG B 158 20.33 49.96 34.20
C ARG B 158 20.43 49.41 32.77
N VAL B 159 19.43 48.59 32.41
CA VAL B 159 19.37 47.94 31.11
C VAL B 159 18.30 48.56 30.23
N TYR B 160 17.07 48.65 30.74
CA TYR B 160 15.93 49.14 29.97
C TYR B 160 15.31 50.35 30.67
N SER B 161 14.68 51.21 29.88
CA SER B 161 14.01 52.38 30.44
C SER B 161 12.86 51.98 31.34
N SER B 162 12.03 51.03 30.90
CA SER B 162 10.89 50.59 31.67
C SER B 162 10.44 49.23 31.14
N ALA B 163 9.58 48.57 31.91
CA ALA B 163 9.02 47.28 31.53
C ALA B 163 7.66 47.49 30.89
N ASN B 164 7.56 47.18 29.60
CA ASN B 164 6.35 47.40 28.82
C ASN B 164 5.87 46.08 28.22
N ASN B 165 4.64 45.70 28.56
CA ASN B 165 3.98 44.53 27.99
C ASN B 165 4.85 43.27 28.15
N CYS B 166 5.31 43.05 29.38
CA CYS B 166 6.18 41.93 29.69
C CYS B 166 5.34 40.66 29.78
N THR B 167 5.66 39.68 28.94
CA THR B 167 4.84 38.48 28.86
C THR B 167 5.40 37.34 29.70
N PHE B 168 6.72 37.24 29.83
CA PHE B 168 7.31 36.08 30.49
C PHE B 168 8.40 36.56 31.46
N GLU B 169 8.67 35.74 32.47
CA GLU B 169 9.73 36.01 33.42
C GLU B 169 10.07 34.69 34.10
N TYR B 170 11.36 34.48 34.34
CA TYR B 170 11.82 33.23 34.92
C TYR B 170 13.04 33.51 35.79
N VAL B 171 13.03 32.96 37.01
CA VAL B 171 14.15 33.05 37.93
C VAL B 171 14.51 31.65 38.41
N SER B 172 15.80 31.36 38.44
CA SER B 172 16.31 30.07 38.89
C SER B 172 17.76 30.26 39.31
N GLN B 173 18.44 29.15 39.55
CA GLN B 173 19.87 29.21 39.85
C GLN B 173 20.63 29.72 38.63
N PRO B 174 21.57 30.64 38.81
CA PRO B 174 22.29 31.19 37.66
C PRO B 174 23.20 30.15 37.02
N PHE B 175 23.30 30.19 35.70
CA PHE B 175 24.13 29.24 34.99
C PHE B 175 25.44 29.87 34.54
N LEU B 176 25.45 31.19 34.34
CA LEU B 176 26.62 31.85 33.78
C LEU B 176 27.81 31.84 34.72
N MET B 177 27.59 31.49 35.99
CA MET B 177 28.70 31.28 36.92
C MET B 177 28.56 29.93 37.59
N ASP B 178 29.67 29.21 37.71
CA ASP B 178 29.69 27.88 38.31
C ASP B 178 28.71 26.92 37.64
N LYS B 187 39.16 31.10 31.37
CA LYS B 187 39.36 30.02 32.31
C LYS B 187 38.24 28.99 32.22
N ASN B 188 37.02 29.47 32.06
CA ASN B 188 35.84 28.62 31.93
C ASN B 188 35.11 28.95 30.64
N LEU B 189 34.78 27.94 29.85
CA LEU B 189 34.09 28.11 28.59
C LEU B 189 32.61 27.85 28.78
N ARG B 190 31.78 28.77 28.28
CA ARG B 190 30.33 28.71 28.42
C ARG B 190 29.70 28.78 27.04
N GLU B 191 29.17 27.65 26.58
CA GLU B 191 28.67 27.53 25.21
C GLU B 191 27.15 27.56 25.23
N PHE B 192 26.57 28.38 24.35
CA PHE B 192 25.13 28.55 24.27
C PHE B 192 24.67 28.46 22.82
N VAL B 193 23.57 27.75 22.59
CA VAL B 193 22.92 27.70 21.29
C VAL B 193 21.50 28.23 21.44
N PHE B 194 21.14 29.20 20.60
CA PHE B 194 19.80 29.77 20.58
C PHE B 194 19.13 29.44 19.26
N LYS B 195 17.92 28.90 19.33
CA LYS B 195 17.19 28.49 18.14
C LYS B 195 15.74 28.90 18.30
N ASN B 196 15.13 29.37 17.20
CA ASN B 196 13.76 29.86 17.20
C ASN B 196 13.05 29.16 16.04
N ILE B 197 12.38 28.04 16.36
CA ILE B 197 11.56 27.31 15.40
C ILE B 197 10.22 27.00 16.06
N ASP B 198 9.15 27.10 15.28
CA ASP B 198 7.78 26.89 15.75
C ASP B 198 7.44 27.79 16.93
N GLY B 199 7.97 29.01 16.93
CA GLY B 199 7.69 29.95 17.99
C GLY B 199 8.56 29.77 19.22
N TYR B 200 8.76 28.52 19.63
CA TYR B 200 9.51 28.25 20.85
C TYR B 200 10.96 28.66 20.70
N PHE B 201 11.52 29.21 21.78
CA PHE B 201 12.92 29.62 21.83
C PHE B 201 13.71 28.58 22.63
N LYS B 202 14.66 27.94 21.95
CA LYS B 202 15.44 26.85 22.53
C LYS B 202 16.82 27.36 22.93
N ILE B 203 17.23 27.05 24.16
CA ILE B 203 18.54 27.43 24.69
C ILE B 203 19.24 26.19 25.20
N TYR B 204 20.47 25.97 24.75
CA TYR B 204 21.30 24.86 25.17
C TYR B 204 22.56 25.41 25.84
N SER B 205 23.09 24.67 26.80
CA SER B 205 24.24 25.17 27.55
C SER B 205 25.04 24.03 28.13
N LYS B 206 26.36 24.22 28.21
CA LYS B 206 27.27 23.29 28.86
C LYS B 206 28.51 24.06 29.29
N HIS B 207 28.90 23.91 30.55
CA HIS B 207 30.02 24.64 31.12
C HIS B 207 31.21 23.70 31.29
N THR B 208 32.38 24.14 30.83
CA THR B 208 33.59 23.35 30.91
C THR B 208 34.79 24.27 31.09
N PRO B 209 35.58 24.07 32.14
CA PRO B 209 36.81 24.86 32.28
C PRO B 209 37.82 24.50 31.20
N ILE B 210 38.49 25.52 30.67
CA ILE B 210 39.43 25.36 29.58
C ILE B 210 40.71 26.11 29.89
N ASN B 211 41.85 25.54 29.49
CA ASN B 211 43.14 26.18 29.65
C ASN B 211 43.57 26.98 28.42
N LEU B 212 42.78 26.94 27.34
CA LEU B 212 43.13 27.69 26.14
C LEU B 212 42.96 29.19 26.37
N VAL B 213 43.74 29.98 25.64
CA VAL B 213 43.77 31.43 25.81
C VAL B 213 43.17 32.15 24.61
N ARG B 214 43.60 31.81 23.40
CA ARG B 214 43.24 32.58 22.22
C ARG B 214 42.23 31.89 21.31
N ASP B 215 42.07 30.56 21.40
CA ASP B 215 41.19 29.84 20.51
C ASP B 215 40.37 28.84 21.30
N LEU B 216 39.25 28.42 20.71
CA LEU B 216 38.43 27.40 21.33
C LEU B 216 39.19 26.09 21.39
N PRO B 217 39.12 25.36 22.50
CA PRO B 217 39.91 24.13 22.64
C PRO B 217 39.49 23.07 21.62
N GLN B 218 40.47 22.25 21.23
CA GLN B 218 40.23 21.19 20.25
C GLN B 218 39.72 19.94 20.97
N GLY B 219 38.58 20.12 21.63
CA GLY B 219 37.89 19.02 22.28
C GLY B 219 36.41 19.07 21.92
N PHE B 220 35.69 18.03 22.33
CA PHE B 220 34.29 17.88 21.99
C PHE B 220 33.44 17.92 23.25
N SER B 221 32.39 18.74 23.22
CA SER B 221 31.41 18.80 24.30
C SER B 221 30.01 18.81 23.71
N ALA B 222 29.06 18.29 24.48
CA ALA B 222 27.66 18.22 24.08
C ALA B 222 26.85 19.19 24.94
N LEU B 223 25.96 19.93 24.31
CA LEU B 223 25.19 20.97 24.98
C LEU B 223 23.86 20.41 25.44
N GLU B 224 23.62 20.43 26.74
CA GLU B 224 22.37 19.93 27.29
C GLU B 224 21.25 20.93 27.06
N PRO B 225 20.04 20.48 26.75
CA PRO B 225 18.90 21.41 26.71
C PRO B 225 18.64 22.05 28.07
N LEU B 226 18.67 23.37 28.13
CA LEU B 226 18.59 24.06 29.42
C LEU B 226 17.16 24.49 29.74
N VAL B 227 16.56 25.31 28.89
CA VAL B 227 15.21 25.83 29.12
C VAL B 227 14.59 26.19 27.77
N ASP B 228 13.30 25.96 27.64
CA ASP B 228 12.54 26.35 26.45
C ASP B 228 11.65 27.53 26.80
N LEU B 229 11.71 28.57 25.97
CA LEU B 229 10.95 29.80 26.19
C LEU B 229 9.76 29.84 25.25
N PRO B 230 8.54 29.83 25.76
CA PRO B 230 7.33 29.78 24.92
C PRO B 230 6.81 31.17 24.57
N ILE B 231 7.58 31.92 23.80
CA ILE B 231 7.20 33.25 23.34
C ILE B 231 7.25 33.29 21.83
N GLY B 232 6.13 33.67 21.22
CA GLY B 232 6.02 33.69 19.77
C GLY B 232 6.39 35.01 19.14
N ILE B 233 7.68 35.35 19.16
CA ILE B 233 8.16 36.61 18.62
C ILE B 233 9.18 36.33 17.52
N ASN B 234 9.63 37.40 16.87
CA ASN B 234 10.59 37.32 15.80
C ASN B 234 11.98 37.71 16.32
N ILE B 235 12.97 36.89 16.02
CA ILE B 235 14.35 37.12 16.43
C ILE B 235 15.22 37.01 15.20
N THR B 236 15.76 38.15 14.73
CA THR B 236 16.68 38.13 13.61
C THR B 236 17.95 38.94 13.86
N ARG B 237 18.04 39.66 14.98
CA ARG B 237 19.29 40.31 15.35
C ARG B 237 19.56 40.05 16.83
N PHE B 238 20.81 40.24 17.21
CA PHE B 238 21.32 39.75 18.49
C PHE B 238 22.40 40.70 18.99
N GLN B 239 22.52 40.78 20.31
CA GLN B 239 23.50 41.65 20.94
C GLN B 239 23.79 41.13 22.35
N THR B 240 24.93 41.55 22.89
CA THR B 240 25.38 41.10 24.20
C THR B 240 25.41 42.25 25.19
N LEU B 241 25.47 41.89 26.48
CA LEU B 241 25.45 42.83 27.58
C LEU B 241 26.66 42.59 28.48
N LEU B 242 27.29 43.66 28.93
CA LEU B 242 28.53 43.58 29.69
C LEU B 242 28.35 44.20 31.08
N ALA B 243 29.11 43.70 32.05
CA ALA B 243 29.04 44.20 33.42
C ALA B 243 29.75 45.55 33.54
N LEU B 244 29.30 46.35 34.50
CA LEU B 244 29.94 47.62 34.84
C LEU B 244 30.12 47.69 36.35
N HIS B 245 31.36 47.62 36.81
CA HIS B 245 31.64 47.74 38.24
C HIS B 245 31.60 49.21 38.65
N ARG B 246 31.91 49.48 39.92
CA ARG B 246 31.90 50.85 40.41
C ARG B 246 32.95 51.70 39.71
N SER B 247 34.03 51.08 39.23
CA SER B 247 35.08 51.81 38.54
C SER B 247 34.55 52.46 37.26
N TYR B 248 33.79 51.69 36.47
CA TYR B 248 33.23 52.24 35.23
C TYR B 248 31.93 52.98 35.49
N LEU B 249 31.22 52.65 36.57
CA LEU B 249 29.93 53.27 36.83
C LEU B 249 30.05 54.78 37.02
N THR B 250 31.25 55.26 37.30
CA THR B 250 31.47 56.70 37.34
C THR B 250 31.23 57.30 35.95
N PRO B 251 30.61 58.47 35.87
CA PRO B 251 30.37 59.07 34.54
C PRO B 251 31.63 59.30 33.73
N GLY B 252 32.76 59.56 34.40
CA GLY B 252 34.01 59.73 33.69
C GLY B 252 34.43 58.43 33.02
N ASP B 253 35.12 58.56 31.89
CA ASP B 253 35.56 57.39 31.14
C ASP B 253 36.58 56.57 31.92
N SER B 254 37.48 57.25 32.64
CA SER B 254 38.54 56.56 33.37
C SER B 254 37.95 55.67 34.46
N SER B 255 38.44 54.43 34.53
CA SER B 255 38.01 53.47 35.54
C SER B 255 39.24 52.89 36.22
N SER B 256 39.23 52.85 37.54
CA SER B 256 40.36 52.36 38.32
C SER B 256 39.87 51.38 39.38
N GLY B 257 40.62 50.30 39.58
CA GLY B 257 40.29 49.30 40.57
C GLY B 257 39.60 48.07 40.06
N TRP B 258 39.09 48.09 38.83
CA TRP B 258 38.40 46.95 38.24
C TRP B 258 38.96 46.69 36.86
N THR B 259 39.30 45.42 36.58
CA THR B 259 39.92 45.02 35.33
C THR B 259 38.84 44.49 34.39
N ALA B 260 38.41 45.35 33.45
CA ALA B 260 37.44 44.96 32.44
C ALA B 260 38.16 44.57 31.14
N GLY B 261 38.93 43.50 31.22
CA GLY B 261 39.71 43.05 30.08
C GLY B 261 39.44 41.62 29.68
N ALA B 262 38.87 40.83 30.58
CA ALA B 262 38.59 39.41 30.33
C ALA B 262 37.28 39.29 29.56
N ALA B 263 37.29 39.81 28.34
CA ALA B 263 36.12 39.82 27.47
C ALA B 263 36.50 39.19 26.13
N ALA B 264 36.08 37.93 25.94
CA ALA B 264 36.34 37.20 24.70
C ALA B 264 35.17 36.25 24.46
N TYR B 265 34.23 36.67 23.61
CA TYR B 265 33.07 35.86 23.27
C TYR B 265 33.07 35.61 21.76
N TYR B 266 32.76 34.37 21.38
CA TYR B 266 32.76 33.93 19.99
C TYR B 266 31.33 33.65 19.56
N VAL B 267 31.02 33.99 18.31
CA VAL B 267 29.67 33.84 17.77
C VAL B 267 29.72 33.01 16.50
N GLY B 268 28.91 31.97 16.44
CA GLY B 268 28.78 31.16 15.25
C GLY B 268 27.33 30.97 14.88
N TYR B 269 27.08 30.86 13.57
CA TYR B 269 25.73 30.74 13.04
C TYR B 269 25.44 29.29 12.67
N LEU B 270 24.32 28.78 13.15
CA LEU B 270 23.92 27.41 12.88
C LEU B 270 23.41 27.27 11.45
N GLN B 271 23.50 26.06 10.92
CA GLN B 271 23.07 25.75 9.56
C GLN B 271 22.32 24.43 9.58
N PRO B 272 21.40 24.23 8.62
CA PRO B 272 20.75 22.91 8.50
C PRO B 272 21.76 21.85 8.11
N ARG B 273 21.94 20.87 8.99
CA ARG B 273 23.00 19.88 8.81
C ARG B 273 22.50 18.53 9.30
N THR B 274 23.18 17.48 8.83
CA THR B 274 22.96 16.12 9.29
C THR B 274 24.20 15.67 10.04
N PHE B 275 24.01 15.18 11.26
CA PHE B 275 25.11 14.79 12.13
C PHE B 275 24.94 13.34 12.56
N LEU B 276 26.05 12.62 12.61
CA LEU B 276 26.08 11.27 13.16
C LEU B 276 26.66 11.33 14.56
N LEU B 277 25.83 11.06 15.56
CA LEU B 277 26.20 11.26 16.96
C LEU B 277 26.59 9.94 17.60
N LYS B 278 27.74 9.94 18.26
CA LYS B 278 28.23 8.75 18.94
C LYS B 278 27.88 8.83 20.42
N TYR B 279 27.02 7.94 20.88
CA TYR B 279 26.66 7.83 22.29
C TYR B 279 27.48 6.72 22.91
N ASN B 280 28.14 7.02 24.03
CA ASN B 280 28.89 6.00 24.74
C ASN B 280 27.95 5.17 25.61
N GLU B 281 28.50 4.20 26.32
CA GLU B 281 27.68 3.34 27.16
C GLU B 281 27.10 4.11 28.34
N ASN B 282 27.67 5.27 28.66
CA ASN B 282 27.11 6.13 29.70
C ASN B 282 26.05 7.08 29.15
N GLY B 283 25.83 7.12 27.84
CA GLY B 283 24.85 8.01 27.25
C GLY B 283 25.37 9.37 26.84
N THR B 284 26.63 9.68 27.13
CA THR B 284 27.20 10.96 26.75
C THR B 284 27.66 10.93 25.29
N ILE B 285 27.42 12.03 24.58
CA ILE B 285 27.84 12.15 23.19
C ILE B 285 29.34 12.39 23.16
N THR B 286 30.11 11.33 22.92
CA THR B 286 31.56 11.45 22.94
C THR B 286 32.09 12.10 21.67
N ASP B 287 31.47 11.81 20.52
CA ASP B 287 31.99 12.30 19.25
C ASP B 287 30.84 12.45 18.26
N ALA B 288 31.09 13.23 17.21
CA ALA B 288 30.10 13.48 16.17
C ALA B 288 30.80 13.64 14.83
N VAL B 289 30.04 13.44 13.76
CA VAL B 289 30.54 13.54 12.40
C VAL B 289 29.57 14.38 11.58
N ASP B 290 30.09 15.42 10.94
CA ASP B 290 29.28 16.28 10.07
C ASP B 290 29.28 15.68 8.68
N CYS B 291 28.10 15.24 8.22
CA CYS B 291 28.03 14.49 6.96
C CYS B 291 28.48 15.33 5.77
N ALA B 292 28.27 16.65 5.83
CA ALA B 292 28.63 17.52 4.73
C ALA B 292 29.99 18.19 4.90
N LEU B 293 30.74 17.85 5.96
CA LEU B 293 32.02 18.50 6.20
C LEU B 293 33.02 18.19 5.09
N ASP B 294 33.22 16.91 4.80
CA ASP B 294 34.21 16.48 3.82
C ASP B 294 33.84 15.07 3.35
N PRO B 295 34.38 14.63 2.21
CA PRO B 295 33.97 13.31 1.67
C PRO B 295 34.17 12.15 2.64
N LEU B 296 35.25 12.17 3.42
CA LEU B 296 35.44 11.10 4.40
C LEU B 296 34.33 11.10 5.44
N SER B 297 33.92 12.28 5.88
CA SER B 297 32.82 12.38 6.84
C SER B 297 31.52 11.92 6.23
N GLU B 298 31.30 12.23 4.94
CA GLU B 298 30.11 11.73 4.25
C GLU B 298 30.12 10.20 4.18
N THR B 299 31.29 9.61 3.91
CA THR B 299 31.41 8.16 3.90
C THR B 299 31.10 7.57 5.26
N LYS B 300 31.62 8.19 6.32
CA LYS B 300 31.38 7.71 7.67
C LYS B 300 29.91 7.82 8.04
N CYS B 301 29.25 8.88 7.58
CA CYS B 301 27.81 9.02 7.80
C CYS B 301 27.04 7.93 7.06
N THR B 302 27.40 7.68 5.80
CA THR B 302 26.67 6.70 4.99
C THR B 302 26.83 5.30 5.56
N LEU B 303 28.05 4.95 5.99
CA LEU B 303 28.27 3.60 6.53
C LEU B 303 27.83 3.50 7.98
N LYS B 304 27.43 4.62 8.59
CA LYS B 304 26.99 4.67 9.99
C LYS B 304 28.07 4.12 10.92
N SER B 305 29.33 4.40 10.61
CA SER B 305 30.45 4.02 11.46
C SER B 305 31.49 5.13 11.43
N PHE B 306 32.24 5.26 12.52
CA PHE B 306 33.28 6.27 12.61
C PHE B 306 34.61 5.81 12.05
N THR B 307 34.74 4.55 11.67
CA THR B 307 35.92 4.03 11.00
C THR B 307 35.49 3.29 9.74
N VAL B 308 36.21 3.51 8.65
CA VAL B 308 35.87 2.91 7.36
C VAL B 308 37.05 2.09 6.89
N GLU B 309 36.77 0.89 6.36
CA GLU B 309 37.80 0.04 5.83
C GLU B 309 38.25 0.53 4.46
N LYS B 310 39.39 0.01 4.00
CA LYS B 310 39.90 0.38 2.68
C LYS B 310 38.93 -0.07 1.60
N GLY B 311 38.65 0.83 0.66
CA GLY B 311 37.74 0.51 -0.42
C GLY B 311 37.16 1.77 -1.02
N ILE B 312 36.22 1.57 -1.93
CA ILE B 312 35.51 2.65 -2.59
C ILE B 312 34.04 2.54 -2.21
N TYR B 313 33.48 3.64 -1.71
CA TYR B 313 32.14 3.66 -1.16
C TYR B 313 31.30 4.71 -1.88
N GLN B 314 30.09 4.34 -2.27
CA GLN B 314 29.13 5.28 -2.82
C GLN B 314 28.43 5.98 -1.66
N THR B 315 28.72 7.27 -1.48
CA THR B 315 28.20 8.01 -0.34
C THR B 315 26.87 8.68 -0.66
N SER B 316 26.86 9.52 -1.67
CA SER B 316 25.64 10.24 -2.07
C SER B 316 25.75 10.55 -3.56
N ASN B 317 24.88 11.43 -4.04
CA ASN B 317 24.81 11.77 -5.45
C ASN B 317 25.14 13.24 -5.65
N PHE B 318 25.81 13.53 -6.76
CA PHE B 318 26.20 14.89 -7.12
C PHE B 318 25.22 15.43 -8.14
N ARG B 319 24.63 16.58 -7.85
CA ARG B 319 23.63 17.18 -8.72
C ARG B 319 23.93 18.67 -8.88
N VAL B 320 23.93 19.14 -10.12
CA VAL B 320 24.18 20.55 -10.40
C VAL B 320 22.91 21.33 -10.07
N GLN B 321 22.98 22.17 -9.05
CA GLN B 321 21.82 22.94 -8.65
C GLN B 321 21.51 24.02 -9.69
N PRO B 322 20.24 24.35 -9.88
CA PRO B 322 19.88 25.37 -10.86
C PRO B 322 20.45 26.74 -10.48
N THR B 323 20.85 27.50 -11.50
CA THR B 323 21.43 28.82 -11.28
C THR B 323 20.38 29.92 -11.29
N GLU B 324 19.33 29.76 -12.09
CA GLU B 324 18.29 30.78 -12.25
C GLU B 324 16.92 30.13 -12.29
N SER B 325 15.89 30.95 -12.09
CA SER B 325 14.50 30.53 -12.21
C SER B 325 13.92 31.18 -13.45
N ILE B 326 13.37 30.37 -14.34
CA ILE B 326 12.83 30.84 -15.61
C ILE B 326 11.33 30.60 -15.64
N VAL B 327 10.57 31.65 -15.93
CA VAL B 327 9.13 31.57 -16.11
C VAL B 327 8.80 32.12 -17.49
N ARG B 328 8.10 31.32 -18.30
CA ARG B 328 7.78 31.70 -19.67
C ARG B 328 6.29 31.45 -19.92
N PHE B 329 5.50 32.50 -19.87
CA PHE B 329 4.08 32.48 -20.17
C PHE B 329 3.82 33.21 -21.48
N PRO B 330 2.72 32.91 -22.16
CA PRO B 330 2.45 33.55 -23.46
C PRO B 330 2.25 35.05 -23.31
N ASN B 331 2.30 35.73 -24.45
CA ASN B 331 2.25 37.19 -24.51
C ASN B 331 0.84 37.76 -24.33
N ILE B 332 -0.11 36.94 -23.85
CA ILE B 332 -1.45 37.45 -23.56
C ILE B 332 -1.39 38.45 -22.42
N THR B 333 -2.15 39.53 -22.54
CA THR B 333 -2.09 40.59 -21.54
C THR B 333 -3.47 41.04 -21.07
N ASN B 334 -4.49 40.85 -21.89
CA ASN B 334 -5.82 41.32 -21.55
C ASN B 334 -6.44 40.48 -20.44
N LEU B 335 -7.12 41.14 -19.51
CA LEU B 335 -7.76 40.46 -18.40
C LEU B 335 -8.94 39.63 -18.89
N CYS B 336 -9.19 38.53 -18.19
CA CYS B 336 -10.29 37.65 -18.57
C CYS B 336 -11.64 38.27 -18.19
N PRO B 337 -12.66 38.03 -19.00
CA PRO B 337 -14.00 38.59 -18.71
C PRO B 337 -14.75 37.79 -17.65
N PHE B 338 -14.16 37.70 -16.47
CA PHE B 338 -14.84 37.04 -15.35
C PHE B 338 -15.95 37.88 -14.76
N GLY B 339 -15.94 39.18 -15.00
CA GLY B 339 -17.04 40.01 -14.53
C GLY B 339 -18.36 39.66 -15.18
N GLU B 340 -18.33 39.42 -16.50
CA GLU B 340 -19.55 39.10 -17.24
C GLU B 340 -20.16 37.77 -16.82
N VAL B 341 -19.43 36.95 -16.08
CA VAL B 341 -19.97 35.68 -15.60
C VAL B 341 -20.53 35.81 -14.20
N PHE B 342 -19.82 36.50 -13.30
CA PHE B 342 -20.26 36.62 -11.92
C PHE B 342 -21.13 37.85 -11.69
N ASN B 343 -20.83 38.97 -12.34
CA ASN B 343 -21.66 40.17 -12.25
C ASN B 343 -22.91 40.10 -13.12
N ALA B 344 -23.28 38.92 -13.60
CA ALA B 344 -24.41 38.80 -14.53
C ALA B 344 -25.71 39.20 -13.85
N THR B 345 -26.57 39.88 -14.60
CA THR B 345 -27.85 40.34 -14.04
C THR B 345 -28.73 39.16 -13.66
N ARG B 346 -28.89 38.19 -14.57
CA ARG B 346 -29.61 36.96 -14.27
C ARG B 346 -28.84 35.77 -14.81
N PHE B 347 -28.75 34.72 -14.01
CA PHE B 347 -28.18 33.47 -14.46
C PHE B 347 -29.22 32.65 -15.20
N ALA B 348 -28.77 31.87 -16.18
CA ALA B 348 -29.68 31.02 -16.92
C ALA B 348 -30.21 29.91 -16.04
N SER B 349 -31.36 29.35 -16.44
CA SER B 349 -31.95 28.25 -15.70
C SER B 349 -31.08 27.00 -15.79
N VAL B 350 -31.31 26.08 -14.85
CA VAL B 350 -30.47 24.88 -14.79
C VAL B 350 -30.71 23.99 -16.00
N TYR B 351 -31.97 23.91 -16.47
CA TYR B 351 -32.28 23.06 -17.59
C TYR B 351 -31.55 23.50 -18.85
N ALA B 352 -31.32 24.79 -19.02
CA ALA B 352 -30.53 25.34 -20.12
C ALA B 352 -29.51 26.30 -19.52
N TRP B 353 -28.38 25.75 -19.08
CA TRP B 353 -27.33 26.55 -18.46
C TRP B 353 -26.43 27.17 -19.53
N ASN B 354 -25.90 28.35 -19.22
CA ASN B 354 -25.08 29.09 -20.16
C ASN B 354 -23.61 28.75 -19.93
N ARG B 355 -22.92 28.38 -21.00
CA ARG B 355 -21.50 28.06 -20.96
C ARG B 355 -20.74 29.14 -21.74
N LYS B 356 -19.71 29.71 -21.11
CA LYS B 356 -18.93 30.78 -21.70
C LYS B 356 -17.52 30.30 -22.00
N ARG B 357 -17.00 30.69 -23.16
CA ARG B 357 -15.64 30.33 -23.58
C ARG B 357 -14.68 31.40 -23.07
N ILE B 358 -14.02 31.12 -21.97
CA ILE B 358 -13.01 32.03 -21.42
C ILE B 358 -11.65 31.59 -21.96
N SER B 359 -11.09 32.38 -22.86
CA SER B 359 -9.84 32.03 -23.50
C SER B 359 -9.17 33.31 -24.02
N ASN B 360 -7.88 33.17 -24.34
CA ASN B 360 -7.08 34.28 -24.88
C ASN B 360 -7.08 35.47 -23.93
N CYS B 361 -6.90 35.21 -22.65
CA CYS B 361 -6.88 36.28 -21.66
C CYS B 361 -6.13 35.81 -20.43
N VAL B 362 -5.70 36.78 -19.61
CA VAL B 362 -5.03 36.50 -18.36
C VAL B 362 -6.06 36.41 -17.25
N ALA B 363 -6.13 35.28 -16.58
CA ALA B 363 -7.12 35.03 -15.54
C ALA B 363 -6.47 35.17 -14.17
N ASP B 364 -7.11 35.94 -13.29
CA ASP B 364 -6.65 36.15 -11.93
C ASP B 364 -7.65 35.51 -10.98
N TYR B 365 -7.34 34.29 -10.53
CA TYR B 365 -8.20 33.60 -9.58
C TYR B 365 -7.95 33.98 -8.14
N SER B 366 -6.89 34.75 -7.87
CA SER B 366 -6.63 35.21 -6.51
C SER B 366 -7.75 36.12 -6.01
N VAL B 367 -8.20 37.04 -6.86
CA VAL B 367 -9.30 37.91 -6.46
C VAL B 367 -10.60 37.12 -6.29
N LEU B 368 -10.80 36.09 -7.12
CA LEU B 368 -12.00 35.27 -6.99
C LEU B 368 -12.01 34.49 -5.68
N TYR B 369 -10.86 33.92 -5.30
CA TYR B 369 -10.81 33.13 -4.08
C TYR B 369 -10.80 34.01 -2.84
N ASN B 370 -10.11 35.14 -2.88
CA ASN B 370 -10.00 35.99 -1.71
C ASN B 370 -11.32 36.67 -1.37
N SER B 371 -12.17 36.90 -2.36
CA SER B 371 -13.46 37.52 -2.10
C SER B 371 -14.32 36.62 -1.23
N ALA B 372 -14.95 37.20 -0.21
CA ALA B 372 -15.79 36.46 0.72
C ALA B 372 -17.24 36.37 0.28
N SER B 373 -17.58 36.92 -0.89
CA SER B 373 -18.95 36.85 -1.37
C SER B 373 -19.39 35.42 -1.62
N PHE B 374 -18.51 34.60 -2.19
CA PHE B 374 -18.85 33.22 -2.52
C PHE B 374 -18.84 32.37 -1.26
N SER B 375 -19.99 31.76 -0.95
CA SER B 375 -20.08 30.91 0.24
C SER B 375 -19.36 29.58 0.01
N THR B 376 -19.53 28.99 -1.17
CA THR B 376 -18.92 27.70 -1.50
C THR B 376 -17.93 27.91 -2.63
N PHE B 377 -16.67 27.53 -2.38
CA PHE B 377 -15.59 27.62 -3.38
C PHE B 377 -14.78 26.34 -3.25
N LYS B 378 -15.15 25.32 -4.01
CA LYS B 378 -14.54 24.00 -3.94
C LYS B 378 -13.88 23.69 -5.28
N CYS B 379 -12.58 23.40 -5.24
CA CYS B 379 -11.82 22.99 -6.41
C CYS B 379 -11.47 21.51 -6.28
N TYR B 380 -11.70 20.74 -7.34
CA TYR B 380 -11.57 19.30 -7.28
C TYR B 380 -10.25 18.79 -7.83
N GLY B 381 -9.94 19.10 -9.09
CA GLY B 381 -8.70 18.61 -9.68
C GLY B 381 -7.49 19.47 -9.41
N VAL B 382 -7.68 20.66 -8.84
CA VAL B 382 -6.61 21.61 -8.58
C VAL B 382 -6.77 22.15 -7.17
N SER B 383 -5.89 23.08 -6.81
CA SER B 383 -5.97 23.80 -5.55
C SER B 383 -6.25 25.26 -5.82
N PRO B 384 -7.22 25.87 -5.13
CA PRO B 384 -7.57 27.26 -5.45
C PRO B 384 -6.41 28.24 -5.30
N THR B 385 -5.50 28.00 -4.36
CA THR B 385 -4.35 28.88 -4.20
C THR B 385 -3.28 28.66 -5.28
N LYS B 386 -3.32 27.54 -5.99
CA LYS B 386 -2.35 27.23 -7.04
C LYS B 386 -2.83 27.62 -8.43
N LEU B 387 -4.01 28.25 -8.52
CA LEU B 387 -4.57 28.55 -9.84
C LEU B 387 -3.84 29.67 -10.57
N ASN B 388 -3.19 30.57 -9.84
CA ASN B 388 -2.48 31.67 -10.49
C ASN B 388 -1.18 31.21 -11.13
N ASP B 389 -0.64 30.08 -10.72
CA ASP B 389 0.61 29.57 -11.26
C ASP B 389 0.43 28.62 -12.43
N LEU B 390 -0.81 28.31 -12.80
CA LEU B 390 -1.09 27.35 -13.86
C LEU B 390 -1.53 28.05 -15.14
N CYS B 391 -1.50 27.31 -16.23
CA CYS B 391 -2.00 27.77 -17.52
C CYS B 391 -2.94 26.72 -18.09
N PHE B 392 -4.04 27.17 -18.68
CA PHE B 392 -5.05 26.29 -19.25
C PHE B 392 -5.26 26.64 -20.71
N THR B 393 -5.71 25.66 -21.50
CA THR B 393 -5.97 25.90 -22.90
C THR B 393 -7.35 26.49 -23.15
N ASN B 394 -8.35 26.13 -22.35
CA ASN B 394 -9.69 26.70 -22.47
C ASN B 394 -10.39 26.56 -21.13
N VAL B 395 -11.03 27.64 -20.69
CA VAL B 395 -11.78 27.67 -19.44
C VAL B 395 -13.24 27.90 -19.77
N TYR B 396 -14.11 27.04 -19.24
CA TYR B 396 -15.55 27.12 -19.46
C TYR B 396 -16.24 27.41 -18.15
N ALA B 397 -17.07 28.44 -18.12
CA ALA B 397 -17.82 28.83 -16.93
C ALA B 397 -19.30 28.55 -17.19
N ASP B 398 -19.88 27.63 -16.44
CA ASP B 398 -21.29 27.28 -16.54
C ASP B 398 -22.02 27.91 -15.37
N SER B 399 -22.99 28.78 -15.66
CA SER B 399 -23.68 29.55 -14.64
C SER B 399 -25.15 29.16 -14.60
N PHE B 400 -25.63 28.85 -13.40
CA PHE B 400 -27.04 28.53 -13.18
C PHE B 400 -27.36 28.76 -11.71
N VAL B 401 -28.64 28.80 -11.40
CA VAL B 401 -29.11 29.05 -10.04
C VAL B 401 -29.81 27.80 -9.52
N ILE B 402 -29.38 27.32 -8.35
CA ILE B 402 -29.97 26.15 -7.72
C ILE B 402 -30.33 26.51 -6.28
N ARG B 403 -30.78 25.54 -5.51
CA ARG B 403 -31.31 25.76 -4.18
C ARG B 403 -30.31 25.28 -3.13
N GLY B 404 -30.56 25.70 -1.88
CA GLY B 404 -29.66 25.35 -0.80
C GLY B 404 -29.56 23.86 -0.56
N ASP B 405 -30.67 23.15 -0.73
CA ASP B 405 -30.67 21.70 -0.54
C ASP B 405 -30.02 20.97 -1.71
N GLU B 406 -29.91 21.62 -2.88
CA GLU B 406 -29.36 20.99 -4.06
C GLU B 406 -27.95 21.49 -4.40
N VAL B 407 -27.34 22.30 -3.53
CA VAL B 407 -26.01 22.81 -3.82
C VAL B 407 -24.98 21.68 -3.78
N ARG B 408 -25.18 20.69 -2.91
CA ARG B 408 -24.25 19.57 -2.83
C ARG B 408 -24.34 18.65 -4.04
N GLN B 409 -25.39 18.78 -4.85
CA GLN B 409 -25.54 17.93 -6.03
C GLN B 409 -24.59 18.30 -7.14
N ILE B 410 -23.99 19.49 -7.10
CA ILE B 410 -23.03 19.93 -8.12
C ILE B 410 -21.67 19.43 -7.65
N ALA B 411 -21.37 18.18 -7.99
CA ALA B 411 -20.11 17.53 -7.65
C ALA B 411 -20.00 16.25 -8.46
N PRO B 412 -18.77 15.80 -8.78
CA PRO B 412 -18.62 14.56 -9.54
C PRO B 412 -19.18 13.37 -8.79
N GLY B 413 -19.80 12.45 -9.53
CA GLY B 413 -20.34 11.24 -8.95
C GLY B 413 -21.43 11.47 -7.93
N GLN B 414 -22.39 12.32 -8.24
CA GLN B 414 -23.49 12.63 -7.35
C GLN B 414 -24.81 12.17 -7.94
N THR B 415 -25.72 11.76 -7.06
CA THR B 415 -27.06 11.32 -7.45
C THR B 415 -28.08 12.26 -6.81
N GLY B 416 -28.96 12.81 -7.64
CA GLY B 416 -29.96 13.75 -7.17
C GLY B 416 -30.75 14.29 -8.33
N LYS B 417 -31.71 15.15 -8.02
CA LYS B 417 -32.56 15.73 -9.06
C LYS B 417 -31.73 16.52 -10.06
N ILE B 418 -30.92 17.47 -9.57
CA ILE B 418 -30.10 18.28 -10.46
C ILE B 418 -29.07 17.42 -11.18
N ALA B 419 -28.40 16.53 -10.44
CA ALA B 419 -27.36 15.71 -11.05
C ALA B 419 -27.93 14.80 -12.14
N ASP B 420 -29.06 14.15 -11.86
CA ASP B 420 -29.59 13.18 -12.81
C ASP B 420 -30.26 13.86 -14.01
N TYR B 421 -31.03 14.93 -13.78
CA TYR B 421 -31.89 15.45 -14.82
C TYR B 421 -31.50 16.82 -15.36
N ASN B 422 -30.63 17.55 -14.68
CA ASN B 422 -30.32 18.93 -15.06
C ASN B 422 -28.87 19.15 -15.43
N TYR B 423 -27.94 18.78 -14.54
CA TYR B 423 -26.53 19.11 -14.73
C TYR B 423 -25.69 18.00 -14.11
N LYS B 424 -25.03 17.21 -14.95
CA LYS B 424 -24.19 16.11 -14.49
C LYS B 424 -22.73 16.50 -14.69
N LEU B 425 -21.98 16.51 -13.59
CA LEU B 425 -20.55 16.75 -13.69
C LEU B 425 -19.82 15.46 -14.05
N PRO B 426 -18.75 15.53 -14.83
CA PRO B 426 -18.01 14.31 -15.19
C PRO B 426 -17.37 13.67 -13.97
N ASP B 427 -17.19 12.35 -14.05
CA ASP B 427 -16.53 11.64 -12.98
C ASP B 427 -15.09 12.12 -12.79
N ASP B 428 -14.38 12.33 -13.89
CA ASP B 428 -13.03 12.88 -13.85
C ASP B 428 -13.05 14.41 -13.99
N PHE B 429 -13.86 15.06 -13.17
CA PHE B 429 -14.01 16.51 -13.26
C PHE B 429 -12.84 17.21 -12.59
N THR B 430 -12.18 18.08 -13.33
CA THR B 430 -11.13 18.95 -12.79
C THR B 430 -11.55 20.40 -12.99
N GLY B 431 -11.43 21.18 -11.93
CA GLY B 431 -11.88 22.56 -11.96
C GLY B 431 -12.36 22.97 -10.58
N CYS B 432 -13.15 24.04 -10.56
CA CYS B 432 -13.65 24.62 -9.31
C CYS B 432 -15.15 24.86 -9.42
N VAL B 433 -15.83 24.74 -8.28
CA VAL B 433 -17.26 24.99 -8.18
C VAL B 433 -17.45 26.19 -7.26
N ILE B 434 -18.12 27.22 -7.76
CA ILE B 434 -18.32 28.47 -7.02
C ILE B 434 -19.82 28.68 -6.85
N ALA B 435 -20.23 28.96 -5.62
CA ALA B 435 -21.63 29.19 -5.31
C ALA B 435 -21.76 30.30 -4.27
N TRP B 436 -22.80 31.11 -4.39
CA TRP B 436 -23.09 32.15 -3.42
C TRP B 436 -24.58 32.42 -3.40
N ASN B 437 -25.04 33.01 -2.29
CA ASN B 437 -26.47 33.20 -2.09
C ASN B 437 -27.00 34.31 -2.99
N SER B 438 -28.11 34.02 -3.69
CA SER B 438 -28.77 34.99 -4.55
C SER B 438 -30.16 35.35 -4.03
N ASN B 439 -30.42 35.13 -2.74
CA ASN B 439 -31.71 35.52 -2.18
C ASN B 439 -31.92 37.02 -2.27
N ASN B 440 -30.84 37.80 -2.12
CA ASN B 440 -30.91 39.24 -2.31
C ASN B 440 -31.02 39.62 -3.78
N LEU B 441 -30.87 38.67 -4.70
CA LEU B 441 -30.84 38.92 -6.13
C LEU B 441 -32.09 38.48 -6.85
N ASP B 442 -32.54 37.24 -6.61
CA ASP B 442 -33.58 36.63 -7.42
C ASP B 442 -34.90 36.42 -6.70
N SER B 443 -34.92 36.50 -5.38
CA SER B 443 -36.17 36.33 -4.65
C SER B 443 -37.10 37.51 -4.89
N LYS B 444 -38.38 37.22 -5.12
CA LYS B 444 -39.38 38.22 -5.39
C LYS B 444 -40.63 37.91 -4.58
N VAL B 445 -41.39 38.96 -4.25
CA VAL B 445 -42.64 38.78 -3.53
C VAL B 445 -43.64 38.08 -4.45
N GLY B 446 -44.20 36.98 -3.96
CA GLY B 446 -45.06 36.14 -4.77
C GLY B 446 -44.35 35.05 -5.53
N GLY B 447 -43.02 35.00 -5.46
CA GLY B 447 -42.26 33.96 -6.13
C GLY B 447 -41.69 34.39 -7.47
N ASN B 448 -40.50 33.89 -7.80
CA ASN B 448 -39.85 34.16 -9.08
C ASN B 448 -40.04 32.94 -9.97
N TYR B 449 -40.86 33.09 -11.01
CA TYR B 449 -41.21 31.99 -11.89
C TYR B 449 -40.43 32.02 -13.21
N ASN B 450 -39.37 32.81 -13.28
CA ASN B 450 -38.49 32.82 -14.44
C ASN B 450 -37.44 31.72 -14.39
N TYR B 451 -37.42 30.92 -13.33
CA TYR B 451 -36.40 29.91 -13.11
C TYR B 451 -37.03 28.53 -13.23
N LEU B 452 -36.43 27.68 -14.06
CA LEU B 452 -37.01 26.38 -14.37
C LEU B 452 -35.97 25.28 -14.18
N TYR B 453 -36.48 24.07 -13.93
CA TYR B 453 -35.64 22.89 -13.88
C TYR B 453 -36.45 21.69 -14.37
N ARG B 454 -35.75 20.70 -14.91
CA ARG B 454 -36.38 19.51 -15.47
C ARG B 454 -36.72 18.56 -14.34
N LEU B 455 -38.01 18.49 -13.99
CA LEU B 455 -38.44 17.59 -12.93
C LEU B 455 -38.49 16.14 -13.40
N PHE B 456 -38.86 15.91 -14.65
CA PHE B 456 -39.03 14.56 -15.19
C PHE B 456 -38.30 14.45 -16.52
N ARG B 457 -37.64 13.30 -16.72
CA ARG B 457 -37.01 13.00 -17.99
C ARG B 457 -36.97 11.49 -18.18
N LYS B 458 -36.90 11.06 -19.44
CA LYS B 458 -36.90 9.63 -19.73
C LYS B 458 -35.65 8.94 -19.16
N SER B 459 -34.49 9.57 -19.32
CA SER B 459 -33.23 8.98 -18.90
C SER B 459 -32.35 10.04 -18.26
N ASN B 460 -31.31 9.59 -17.57
CA ASN B 460 -30.37 10.49 -16.94
C ASN B 460 -29.53 11.21 -18.00
N LEU B 461 -28.66 12.10 -17.55
CA LEU B 461 -27.85 12.93 -18.44
C LEU B 461 -26.39 12.45 -18.41
N LYS B 462 -25.78 12.43 -19.59
CA LYS B 462 -24.34 12.28 -19.68
C LYS B 462 -23.68 13.55 -19.16
N PRO B 463 -22.39 13.48 -18.79
CA PRO B 463 -21.72 14.68 -18.28
C PRO B 463 -21.77 15.83 -19.27
N PHE B 464 -22.02 17.03 -18.75
CA PHE B 464 -22.14 18.25 -19.55
C PHE B 464 -23.22 18.10 -20.62
N GLU B 465 -24.44 17.83 -20.17
CA GLU B 465 -25.60 17.66 -21.04
C GLU B 465 -26.57 18.80 -20.83
N ARG B 466 -27.03 19.39 -21.93
CA ARG B 466 -28.03 20.46 -21.89
C ARG B 466 -29.26 20.00 -22.65
N ASP B 467 -30.43 20.12 -22.02
CA ASP B 467 -31.69 19.67 -22.60
C ASP B 467 -32.63 20.87 -22.69
N ILE B 468 -33.05 21.19 -23.91
CA ILE B 468 -34.00 22.27 -24.17
C ILE B 468 -35.19 21.77 -24.99
N SER B 469 -35.42 20.46 -24.99
CA SER B 469 -36.49 19.89 -25.81
C SER B 469 -37.86 20.39 -25.37
N THR B 470 -38.10 20.44 -24.07
CA THR B 470 -39.37 20.86 -23.48
C THR B 470 -40.54 19.98 -23.95
N GLU B 471 -40.25 18.77 -24.42
CA GLU B 471 -41.30 17.85 -24.82
C GLU B 471 -42.06 17.36 -23.60
N ILE B 472 -43.38 17.17 -23.77
CA ILE B 472 -44.21 16.77 -22.64
C ILE B 472 -43.81 15.37 -22.17
N TYR B 473 -44.02 15.11 -20.88
CA TYR B 473 -43.61 13.85 -20.26
C TYR B 473 -44.79 12.89 -20.21
N GLN B 474 -44.54 11.65 -20.63
CA GLN B 474 -45.54 10.59 -20.60
C GLN B 474 -45.15 9.58 -19.52
N ALA B 475 -46.05 9.35 -18.58
CA ALA B 475 -45.80 8.45 -17.46
C ALA B 475 -47.01 7.55 -17.26
N GLY B 476 -46.76 6.41 -16.61
CA GLY B 476 -47.83 5.45 -16.37
C GLY B 476 -48.26 4.79 -17.67
N SER B 477 -49.53 4.97 -18.03
CA SER B 477 -50.03 4.44 -19.29
C SER B 477 -49.46 5.17 -20.49
N THR B 478 -48.83 6.32 -20.27
CA THR B 478 -48.25 7.17 -21.31
C THR B 478 -49.22 7.49 -22.44
N PRO B 479 -50.39 8.07 -22.16
CA PRO B 479 -51.27 8.53 -23.24
C PRO B 479 -51.14 10.01 -23.57
N CYS B 480 -50.17 10.72 -22.98
CA CYS B 480 -50.08 12.17 -23.09
C CYS B 480 -49.37 12.59 -24.39
N ASN B 481 -50.03 12.29 -25.50
CA ASN B 481 -49.56 12.79 -26.79
C ASN B 481 -49.72 14.31 -26.86
N GLY B 482 -50.80 14.83 -26.30
CA GLY B 482 -51.04 16.26 -26.26
C GLY B 482 -50.43 16.90 -25.03
N VAL B 483 -50.92 18.10 -24.71
CA VAL B 483 -50.39 18.86 -23.57
C VAL B 483 -50.70 18.14 -22.27
N GLU B 484 -51.93 17.65 -22.12
CA GLU B 484 -52.38 17.03 -20.88
C GLU B 484 -52.88 15.62 -21.15
N GLY B 485 -52.63 14.72 -20.21
CA GLY B 485 -53.09 13.34 -20.31
C GLY B 485 -53.06 12.69 -18.95
N PHE B 486 -53.46 11.42 -18.93
CA PHE B 486 -53.44 10.65 -17.70
C PHE B 486 -52.01 10.40 -17.25
N ASN B 487 -51.71 10.71 -16.00
CA ASN B 487 -50.36 10.59 -15.43
C ASN B 487 -49.35 11.35 -16.29
N CYS B 488 -49.70 12.60 -16.61
CA CYS B 488 -48.88 13.45 -17.46
C CYS B 488 -48.48 14.70 -16.69
N TYR B 489 -47.23 15.11 -16.83
CA TYR B 489 -46.69 16.26 -16.12
C TYR B 489 -45.82 17.08 -17.06
N PHE B 490 -45.73 18.38 -16.77
CA PHE B 490 -44.86 19.26 -17.53
C PHE B 490 -43.40 19.03 -17.10
N PRO B 491 -42.48 18.80 -18.04
CA PRO B 491 -41.09 18.53 -17.65
C PRO B 491 -40.43 19.66 -16.88
N LEU B 492 -40.74 20.90 -17.22
CA LEU B 492 -40.12 22.06 -16.56
C LEU B 492 -41.02 22.48 -15.41
N GLN B 493 -40.59 22.18 -14.19
CA GLN B 493 -41.34 22.52 -12.98
C GLN B 493 -40.77 23.80 -12.42
N SER B 494 -41.44 24.92 -12.70
CA SER B 494 -41.00 26.20 -12.17
C SER B 494 -41.21 26.26 -10.67
N TYR B 495 -40.29 26.95 -9.98
CA TYR B 495 -40.39 27.16 -8.56
C TYR B 495 -40.04 28.61 -8.25
N GLY B 496 -40.80 29.22 -7.34
CA GLY B 496 -40.61 30.62 -6.98
C GLY B 496 -39.84 30.74 -5.67
N PHE B 497 -38.96 31.73 -5.61
CA PHE B 497 -38.13 31.96 -4.44
C PHE B 497 -38.69 33.16 -3.68
N GLN B 498 -39.02 32.94 -2.39
CA GLN B 498 -39.57 33.99 -1.56
C GLN B 498 -38.46 34.69 -0.77
N PRO B 499 -38.62 35.99 -0.50
CA PRO B 499 -37.62 36.69 0.32
C PRO B 499 -37.50 36.13 1.72
N THR B 500 -38.59 35.61 2.28
CA THR B 500 -38.59 35.02 3.62
C THR B 500 -38.54 33.49 3.57
N ASN B 501 -38.24 32.91 2.42
CA ASN B 501 -38.19 31.46 2.30
C ASN B 501 -37.00 30.90 3.07
N GLY B 502 -37.03 29.59 3.29
CA GLY B 502 -35.97 28.95 4.03
C GLY B 502 -34.65 28.98 3.28
N VAL B 503 -33.55 28.91 4.04
CA VAL B 503 -32.22 28.95 3.44
C VAL B 503 -32.02 27.78 2.51
N GLY B 504 -32.55 26.60 2.87
CA GLY B 504 -32.44 25.45 1.99
C GLY B 504 -33.19 25.60 0.69
N TYR B 505 -34.19 26.48 0.64
CA TYR B 505 -34.94 26.76 -0.57
C TYR B 505 -34.56 28.08 -1.21
N GLN B 506 -33.64 28.84 -0.62
CA GLN B 506 -33.22 30.10 -1.20
C GLN B 506 -32.48 29.86 -2.50
N PRO B 507 -32.58 30.79 -3.45
CA PRO B 507 -31.85 30.62 -4.73
C PRO B 507 -30.36 30.87 -4.55
N TYR B 508 -29.56 29.96 -5.08
CA TYR B 508 -28.10 30.02 -4.98
C TYR B 508 -27.52 30.15 -6.37
N ARG B 509 -26.72 31.20 -6.59
CA ARG B 509 -26.06 31.40 -7.86
C ARG B 509 -24.79 30.55 -7.92
N VAL B 510 -24.69 29.70 -8.94
CA VAL B 510 -23.61 28.72 -9.04
C VAL B 510 -22.89 28.94 -10.36
N VAL B 511 -21.56 29.06 -10.28
CA VAL B 511 -20.68 29.09 -11.46
C VAL B 511 -19.62 28.03 -11.26
N VAL B 512 -19.46 27.15 -12.25
CA VAL B 512 -18.45 26.10 -12.22
C VAL B 512 -17.45 26.37 -13.34
N LEU B 513 -16.16 26.39 -12.98
CA LEU B 513 -15.10 26.60 -13.95
C LEU B 513 -14.54 25.24 -14.34
N SER B 514 -14.83 24.80 -15.56
CA SER B 514 -14.40 23.49 -16.05
C SER B 514 -13.04 23.65 -16.71
N PHE B 515 -12.00 23.65 -15.89
CA PHE B 515 -10.64 23.69 -16.40
C PHE B 515 -10.33 22.40 -17.15
N GLU B 516 -9.64 22.54 -18.27
CA GLU B 516 -9.01 21.39 -18.93
C GLU B 516 -7.52 21.66 -18.96
N LEU B 517 -6.73 20.71 -18.45
CA LEU B 517 -5.34 20.95 -18.15
C LEU B 517 -4.54 21.19 -19.43
N LEU B 518 -3.27 21.53 -19.23
CA LEU B 518 -2.40 22.00 -20.31
C LEU B 518 -1.84 20.81 -21.08
N HIS B 519 -2.45 20.52 -22.22
CA HIS B 519 -1.91 19.57 -23.19
C HIS B 519 -1.82 20.19 -24.57
N ALA B 520 -2.80 20.99 -24.96
CA ALA B 520 -2.72 21.86 -26.12
C ALA B 520 -2.05 23.16 -25.73
N PRO B 521 -1.61 23.97 -26.71
CA PRO B 521 -1.06 25.28 -26.36
C PRO B 521 -2.07 26.12 -25.57
N ALA B 522 -1.58 26.77 -24.53
CA ALA B 522 -2.44 27.49 -23.61
C ALA B 522 -2.88 28.83 -24.19
N THR B 523 -4.10 29.22 -23.83
CA THR B 523 -4.65 30.51 -24.20
C THR B 523 -5.03 31.37 -23.00
N VAL B 524 -5.41 30.75 -21.88
CA VAL B 524 -5.71 31.46 -20.64
C VAL B 524 -4.65 31.10 -19.61
N CYS B 525 -4.10 32.10 -18.93
CA CYS B 525 -2.99 31.91 -18.03
C CYS B 525 -3.15 32.79 -16.81
N GLY B 526 -2.39 32.48 -15.77
CA GLY B 526 -2.39 33.27 -14.57
C GLY B 526 -1.59 34.55 -14.72
N PRO B 527 -1.66 35.40 -13.70
CA PRO B 527 -0.95 36.69 -13.75
C PRO B 527 0.51 36.56 -13.31
N LYS B 528 1.28 35.76 -14.03
CA LYS B 528 2.69 35.52 -13.74
C LYS B 528 3.55 36.22 -14.78
N LYS B 529 4.51 37.01 -14.31
CA LYS B 529 5.44 37.67 -15.21
C LYS B 529 6.35 36.67 -15.89
N SER B 530 6.71 36.96 -17.14
CA SER B 530 7.55 36.08 -17.94
C SER B 530 8.97 36.64 -17.98
N THR B 531 9.94 35.80 -17.62
CA THR B 531 11.33 36.18 -17.63
C THR B 531 11.97 35.83 -18.97
N ASN B 532 13.19 36.31 -19.16
CA ASN B 532 13.92 36.06 -20.41
C ASN B 532 14.33 34.59 -20.50
N LEU B 533 14.30 34.07 -21.73
CA LEU B 533 14.72 32.70 -21.97
C LEU B 533 16.22 32.56 -21.73
N VAL B 534 16.61 31.49 -21.03
CA VAL B 534 18.01 31.20 -20.73
C VAL B 534 18.32 29.81 -21.23
N LYS B 535 19.34 29.70 -22.08
CA LYS B 535 19.74 28.43 -22.66
C LYS B 535 21.12 28.03 -22.17
N ASN B 536 21.39 26.73 -22.23
CA ASN B 536 22.68 26.15 -21.89
C ASN B 536 23.07 26.40 -20.43
N LYS B 537 22.08 26.67 -19.57
CA LYS B 537 22.31 26.81 -18.14
C LYS B 537 21.17 26.14 -17.40
N CYS B 538 21.51 25.38 -16.37
CA CYS B 538 20.50 24.68 -15.58
C CYS B 538 19.61 25.69 -14.86
N VAL B 539 18.32 25.67 -15.20
CA VAL B 539 17.36 26.63 -14.67
C VAL B 539 16.09 25.90 -14.24
N ASN B 540 15.32 26.57 -13.38
CA ASN B 540 14.01 26.06 -12.96
C ASN B 540 12.94 26.62 -13.90
N PHE B 541 12.92 26.08 -15.12
CA PHE B 541 12.01 26.58 -16.14
C PHE B 541 10.57 26.32 -15.75
N ASN B 542 9.70 27.27 -16.12
CA ASN B 542 8.26 27.19 -15.88
C ASN B 542 7.57 27.56 -17.19
N PHE B 543 7.36 26.56 -18.03
CA PHE B 543 6.72 26.77 -19.33
C PHE B 543 5.23 26.50 -19.19
N ASN B 544 4.43 27.56 -19.12
CA ASN B 544 2.99 27.47 -19.01
C ASN B 544 2.56 26.67 -17.77
N GLY B 545 3.35 26.72 -16.71
CA GLY B 545 3.05 25.95 -15.52
C GLY B 545 3.66 24.57 -15.47
N LEU B 546 4.64 24.28 -16.31
CA LEU B 546 5.28 22.97 -16.29
C LEU B 546 6.19 22.78 -15.09
N THR B 547 6.72 23.88 -14.56
CA THR B 547 7.57 23.92 -13.36
C THR B 547 8.54 22.75 -13.28
N GLY B 548 9.29 22.57 -14.35
CA GLY B 548 10.34 21.56 -14.41
C GLY B 548 11.68 22.10 -13.95
N THR B 549 12.72 21.32 -14.21
CA THR B 549 14.09 21.72 -13.86
C THR B 549 15.05 21.04 -14.82
N GLY B 550 15.95 21.83 -15.42
CA GLY B 550 16.92 21.28 -16.33
C GLY B 550 17.60 22.38 -17.11
N VAL B 551 18.43 21.96 -18.06
CA VAL B 551 19.18 22.87 -18.92
C VAL B 551 18.54 22.83 -20.31
N LEU B 552 18.32 24.02 -20.87
CA LEU B 552 17.58 24.17 -22.12
C LEU B 552 18.54 24.37 -23.29
N THR B 553 18.33 23.61 -24.36
CA THR B 553 19.14 23.71 -25.56
C THR B 553 18.23 23.77 -26.79
N GLU B 554 18.76 24.36 -27.85
CA GLU B 554 18.01 24.43 -29.11
C GLU B 554 17.78 23.03 -29.65
N SER B 555 16.55 22.79 -30.10
CA SER B 555 16.15 21.47 -30.60
C SER B 555 15.82 21.55 -32.08
N ASN B 556 16.17 20.50 -32.81
CA ASN B 556 15.85 20.39 -34.22
C ASN B 556 14.57 19.61 -34.49
N LYS B 557 13.87 19.18 -33.43
CA LYS B 557 12.64 18.44 -33.60
C LYS B 557 11.51 19.37 -34.02
N LYS B 558 10.76 18.97 -35.05
CA LYS B 558 9.68 19.78 -35.61
C LYS B 558 8.37 19.40 -34.94
N PHE B 559 7.89 20.27 -34.05
CA PHE B 559 6.59 20.06 -33.44
C PHE B 559 5.48 20.34 -34.43
N LEU B 560 4.43 19.54 -34.40
CA LEU B 560 3.24 19.84 -35.16
C LEU B 560 2.52 21.03 -34.52
N PRO B 561 1.76 21.80 -35.31
CA PRO B 561 1.13 23.01 -34.76
C PRO B 561 0.22 22.75 -33.57
N PHE B 562 -0.45 21.60 -33.51
CA PHE B 562 -1.41 21.34 -32.45
C PHE B 562 -0.79 20.81 -31.17
N GLN B 563 0.48 20.44 -31.18
CA GLN B 563 1.14 19.88 -30.00
C GLN B 563 2.19 20.85 -29.49
N GLN B 564 2.25 21.02 -28.17
CA GLN B 564 3.16 21.96 -27.54
C GLN B 564 4.16 21.29 -26.60
N PHE B 565 4.05 19.98 -26.37
CA PHE B 565 4.93 19.27 -25.45
C PHE B 565 5.46 18.01 -26.11
N GLY B 566 6.61 17.56 -25.60
CA GLY B 566 7.18 16.30 -26.03
C GLY B 566 7.62 15.44 -24.87
N ARG B 567 7.02 14.27 -24.72
CA ARG B 567 7.33 13.38 -23.62
C ARG B 567 8.28 12.27 -24.10
N ASP B 568 8.56 11.34 -23.20
CA ASP B 568 9.47 10.23 -23.48
C ASP B 568 8.88 8.96 -22.88
N ILE B 569 9.70 7.92 -22.77
CA ILE B 569 9.23 6.64 -22.28
C ILE B 569 8.70 6.76 -20.86
N ALA B 570 9.41 7.51 -20.00
CA ALA B 570 8.99 7.70 -18.62
C ALA B 570 7.91 8.77 -18.46
N ASP B 571 7.33 9.24 -19.58
CA ASP B 571 6.28 10.26 -19.55
C ASP B 571 6.75 11.53 -18.84
N THR B 572 8.01 11.89 -19.05
CA THR B 572 8.57 13.15 -18.58
C THR B 572 8.80 14.06 -19.77
N THR B 573 8.52 15.35 -19.59
CA THR B 573 8.65 16.29 -20.69
C THR B 573 10.10 16.35 -21.18
N ASP B 574 10.28 16.21 -22.49
CA ASP B 574 11.59 16.21 -23.12
C ASP B 574 11.80 17.47 -23.93
N ALA B 575 10.85 17.82 -24.79
CA ALA B 575 10.92 19.02 -25.59
C ALA B 575 9.68 19.87 -25.35
N VAL B 576 9.87 21.19 -25.34
CA VAL B 576 8.78 22.14 -25.14
C VAL B 576 8.87 23.21 -26.21
N ARG B 577 7.73 23.76 -26.58
CA ARG B 577 7.66 24.88 -27.50
C ARG B 577 7.52 26.16 -26.70
N ASP B 578 8.39 27.12 -26.97
CA ASP B 578 8.37 28.39 -26.25
C ASP B 578 7.06 29.12 -26.52
N PRO B 579 6.28 29.45 -25.49
CA PRO B 579 5.00 30.12 -25.74
C PRO B 579 5.13 31.48 -26.39
N GLN B 580 6.30 32.12 -26.30
CA GLN B 580 6.50 33.44 -26.87
C GLN B 580 7.21 33.41 -28.22
N THR B 581 8.38 32.78 -28.29
CA THR B 581 9.16 32.73 -29.52
C THR B 581 8.77 31.57 -30.44
N LEU B 582 7.93 30.65 -29.96
CA LEU B 582 7.46 29.52 -30.75
C LEU B 582 8.62 28.70 -31.31
N GLU B 583 9.60 28.44 -30.46
CA GLU B 583 10.73 27.60 -30.80
C GLU B 583 10.76 26.38 -29.90
N ILE B 584 11.35 25.30 -30.41
CA ILE B 584 11.37 24.02 -29.70
C ILE B 584 12.68 23.88 -28.96
N LEU B 585 12.60 23.60 -27.66
CA LEU B 585 13.76 23.47 -26.80
C LEU B 585 13.78 22.10 -26.15
N ASP B 586 14.95 21.47 -26.11
CA ASP B 586 15.11 20.19 -25.44
C ASP B 586 15.34 20.40 -23.95
N ILE B 587 14.62 19.65 -23.13
CA ILE B 587 14.79 19.68 -21.68
C ILE B 587 15.64 18.47 -21.32
N THR B 588 16.95 18.70 -21.23
CA THR B 588 17.68 17.61 -20.60
C THR B 588 18.08 17.99 -19.18
N PRO B 589 18.05 17.07 -18.24
CA PRO B 589 18.29 17.44 -16.83
C PRO B 589 19.73 17.83 -16.58
N CYS B 590 19.95 18.43 -15.42
CA CYS B 590 21.27 18.87 -15.04
C CYS B 590 22.21 17.69 -14.85
N SER B 591 23.50 17.96 -15.01
CA SER B 591 24.51 16.92 -14.86
C SER B 591 24.44 16.30 -13.46
N PHE B 592 24.08 15.02 -13.40
CA PHE B 592 23.95 14.32 -12.14
C PHE B 592 24.73 13.02 -12.21
N GLY B 593 25.14 12.52 -11.04
CA GLY B 593 25.87 11.27 -10.98
C GLY B 593 26.15 10.92 -9.53
N GLY B 594 26.68 9.71 -9.36
CA GLY B 594 27.07 9.28 -8.03
C GLY B 594 28.42 9.82 -7.62
N VAL B 595 28.66 9.82 -6.31
CA VAL B 595 29.92 10.23 -5.74
C VAL B 595 30.49 9.04 -4.97
N SER B 596 31.67 8.58 -5.38
CA SER B 596 32.35 7.47 -4.74
C SER B 596 33.62 7.99 -4.10
N VAL B 597 33.81 7.67 -2.82
CA VAL B 597 34.95 8.14 -2.05
C VAL B 597 35.96 7.01 -1.94
N ILE B 598 37.12 7.20 -2.56
CA ILE B 598 38.19 6.21 -2.52
C ILE B 598 39.06 6.52 -1.30
N THR B 599 39.01 5.65 -0.31
CA THR B 599 39.73 5.88 0.93
C THR B 599 40.44 4.62 1.39
N PRO B 600 41.64 4.73 1.96
CA PRO B 600 42.16 3.63 2.76
C PRO B 600 41.50 3.63 4.13
N GLY B 601 41.96 2.74 5.00
CA GLY B 601 41.42 2.68 6.34
C GLY B 601 41.70 3.97 7.10
N THR B 602 40.76 4.32 7.98
CA THR B 602 40.97 5.48 8.85
C THR B 602 42.17 5.26 9.75
N ASN B 603 42.34 4.04 10.27
CA ASN B 603 43.53 3.71 11.02
C ASN B 603 44.79 3.74 10.14
N THR B 604 44.62 3.53 8.84
CA THR B 604 45.77 3.58 7.94
C THR B 604 46.15 5.02 7.60
N SER B 605 45.17 5.82 7.19
CA SER B 605 45.44 7.20 6.79
C SER B 605 44.14 7.99 6.90
N ASN B 606 44.16 9.21 6.38
CA ASN B 606 43.04 10.13 6.45
C ASN B 606 42.67 10.72 5.09
N GLN B 607 43.61 10.82 4.15
CA GLN B 607 43.32 11.37 2.84
C GLN B 607 42.32 10.50 2.09
N VAL B 608 41.49 11.14 1.27
CA VAL B 608 40.51 10.45 0.46
C VAL B 608 40.56 11.02 -0.96
N ALA B 609 40.08 10.22 -1.91
CA ALA B 609 39.91 10.65 -3.28
C ALA B 609 38.44 10.49 -3.65
N VAL B 610 37.94 11.40 -4.49
CA VAL B 610 36.54 11.46 -4.84
C VAL B 610 36.40 11.12 -6.32
N LEU B 611 35.50 10.20 -6.63
CA LEU B 611 35.19 9.81 -8.00
C LEU B 611 33.80 10.29 -8.36
N TYR B 612 33.71 11.07 -9.43
CA TYR B 612 32.43 11.58 -9.93
C TYR B 612 32.05 10.72 -11.13
N GLN B 613 31.13 9.79 -10.91
CA GLN B 613 30.84 8.77 -11.90
C GLN B 613 30.16 9.38 -13.13
N ASP B 614 30.70 9.07 -14.31
CA ASP B 614 30.14 9.51 -15.59
C ASP B 614 29.97 11.02 -15.65
N VAL B 615 30.95 11.74 -15.12
CA VAL B 615 30.95 13.20 -15.14
C VAL B 615 32.29 13.67 -15.69
N ASN B 616 32.24 14.53 -16.71
CA ASN B 616 33.46 15.07 -17.29
C ASN B 616 34.14 16.01 -16.30
N CYS B 617 35.48 16.06 -16.38
CA CYS B 617 36.24 16.87 -15.43
C CYS B 617 36.03 18.36 -15.67
N THR B 618 35.56 18.75 -16.85
CA THR B 618 35.36 20.17 -17.14
C THR B 618 34.24 20.77 -16.32
N GLU B 619 33.34 19.92 -15.80
CA GLU B 619 32.25 20.41 -14.97
C GLU B 619 32.79 20.92 -13.64
N VAL B 620 32.57 22.20 -13.37
CA VAL B 620 33.15 22.88 -12.20
C VAL B 620 32.06 23.60 -11.42
N PRO B 621 31.53 23.03 -10.33
CA PRO B 621 30.62 23.79 -9.48
C PRO B 621 31.36 24.74 -8.56
N VAL B 622 31.32 26.04 -8.85
CA VAL B 622 31.98 27.01 -7.98
C VAL B 622 31.23 27.14 -6.66
N ALA B 623 29.90 27.11 -6.70
CA ALA B 623 29.08 27.21 -5.51
C ALA B 623 28.76 25.82 -4.95
N ILE B 624 28.05 25.82 -3.82
CA ILE B 624 27.66 24.56 -3.20
C ILE B 624 26.56 23.91 -4.03
N HIS B 625 26.78 22.65 -4.41
CA HIS B 625 25.83 21.91 -5.24
C HIS B 625 25.77 20.47 -4.71
N ALA B 626 24.78 20.19 -3.86
CA ALA B 626 24.53 18.85 -3.32
C ALA B 626 25.75 18.43 -2.50
N ASP B 627 26.50 17.41 -2.95
CA ASP B 627 27.55 16.84 -2.11
C ASP B 627 28.73 17.79 -1.96
N GLN B 628 29.15 17.98 -0.70
CA GLN B 628 30.40 18.67 -0.34
C GLN B 628 30.36 20.07 -0.94
N LEU B 629 31.40 20.51 -1.66
CA LEU B 629 31.47 21.80 -2.32
C LEU B 629 31.41 22.96 -1.34
N THR B 630 31.61 22.69 -0.06
CA THR B 630 31.88 23.70 0.93
C THR B 630 33.34 24.12 0.83
N PRO B 631 33.73 25.24 1.45
CA PRO B 631 35.14 25.62 1.45
C PRO B 631 36.06 24.56 2.05
N THR B 632 35.54 23.68 2.91
CA THR B 632 36.37 22.63 3.49
C THR B 632 36.88 21.68 2.42
N TRP B 633 36.02 21.25 1.50
CA TRP B 633 36.42 20.39 0.40
C TRP B 633 35.63 20.77 -0.84
N ARG B 634 36.34 21.08 -1.92
CA ARG B 634 35.73 21.52 -3.18
C ARG B 634 36.48 20.88 -4.33
N VAL B 635 35.81 20.79 -5.49
CA VAL B 635 36.44 20.24 -6.68
C VAL B 635 37.61 21.10 -7.11
N TYR B 636 38.48 20.50 -7.91
CA TYR B 636 39.77 21.11 -8.30
C TYR B 636 40.55 21.59 -7.07
N SER B 637 40.67 20.71 -6.07
CA SER B 637 41.50 21.04 -4.91
C SER B 637 42.95 21.26 -5.33
N THR B 638 43.46 20.40 -6.22
CA THR B 638 44.77 20.59 -6.83
C THR B 638 44.63 20.36 -8.33
N GLY B 639 45.32 21.18 -9.11
CA GLY B 639 45.25 21.04 -10.56
C GLY B 639 45.82 19.73 -11.05
N SER B 640 46.94 19.30 -10.48
CA SER B 640 47.58 18.05 -10.91
C SER B 640 46.83 16.83 -10.40
N ASN B 641 46.04 16.98 -9.34
CA ASN B 641 45.33 15.84 -8.77
C ASN B 641 44.23 15.35 -9.71
N VAL B 642 43.55 16.26 -10.39
CA VAL B 642 42.35 15.90 -11.14
C VAL B 642 42.74 15.12 -12.40
N PHE B 643 42.08 13.99 -12.62
CA PHE B 643 42.32 13.15 -13.78
C PHE B 643 41.00 12.54 -14.24
N GLN B 644 40.90 12.29 -15.54
CA GLN B 644 39.68 11.82 -16.17
C GLN B 644 39.87 10.37 -16.59
N THR B 645 39.13 9.46 -15.96
CA THR B 645 39.05 8.07 -16.36
C THR B 645 37.69 7.78 -16.97
N ARG B 646 37.56 6.61 -17.59
CA ARG B 646 36.30 6.24 -18.21
C ARG B 646 35.18 6.12 -17.19
N ALA B 647 35.52 5.77 -15.95
CA ALA B 647 34.53 5.74 -14.89
C ALA B 647 34.01 7.14 -14.58
N GLY B 648 34.88 8.14 -14.62
CA GLY B 648 34.46 9.51 -14.37
C GLY B 648 35.67 10.38 -14.07
N CYS B 649 35.41 11.48 -13.37
CA CYS B 649 36.44 12.41 -12.97
C CYS B 649 36.93 12.05 -11.57
N LEU B 650 38.20 11.65 -11.47
CA LEU B 650 38.79 11.27 -10.20
C LEU B 650 39.62 12.44 -9.67
N ILE B 651 39.23 12.95 -8.51
CA ILE B 651 39.86 14.13 -7.92
C ILE B 651 40.50 13.73 -6.60
N GLY B 652 41.76 14.09 -6.43
CA GLY B 652 42.49 13.78 -5.21
C GLY B 652 43.43 12.61 -5.31
N ALA B 653 43.59 12.02 -6.49
CA ALA B 653 44.49 10.89 -6.69
C ALA B 653 45.48 11.23 -7.81
N GLU B 654 46.76 11.01 -7.54
CA GLU B 654 47.79 11.31 -8.53
C GLU B 654 47.96 10.14 -9.49
N HIS B 655 47.94 10.44 -10.78
CA HIS B 655 48.12 9.41 -11.79
C HIS B 655 49.59 9.06 -11.92
N VAL B 656 49.91 7.79 -11.78
CA VAL B 656 51.27 7.29 -11.97
C VAL B 656 51.29 6.40 -13.20
N ASN B 657 52.33 6.57 -14.03
CA ASN B 657 52.39 5.89 -15.31
C ASN B 657 52.88 4.45 -15.22
N ASN B 658 53.28 3.99 -14.04
CA ASN B 658 53.61 2.60 -13.81
C ASN B 658 52.40 1.86 -13.24
N SER B 659 52.49 0.54 -13.21
CA SER B 659 51.35 -0.31 -12.90
C SER B 659 51.68 -1.26 -11.74
N TYR B 660 50.71 -1.44 -10.84
CA TYR B 660 50.76 -2.42 -9.78
C TYR B 660 49.50 -3.27 -9.83
N GLU B 661 49.39 -4.19 -8.88
CA GLU B 661 48.16 -4.96 -8.73
C GLU B 661 47.03 -4.05 -8.23
N CYS B 662 45.80 -4.42 -8.57
CA CYS B 662 44.65 -3.61 -8.18
C CYS B 662 44.47 -3.64 -6.67
N ASP B 663 44.23 -2.47 -6.08
CA ASP B 663 43.95 -2.34 -4.66
C ASP B 663 42.53 -1.85 -4.41
N ILE B 664 42.16 -0.71 -4.97
CA ILE B 664 40.80 -0.20 -4.89
C ILE B 664 40.30 -0.01 -6.31
N PRO B 665 39.35 -0.81 -6.78
CA PRO B 665 38.93 -0.73 -8.19
C PRO B 665 38.14 0.52 -8.51
N ILE B 666 38.74 1.46 -9.24
CA ILE B 666 37.99 2.61 -9.72
C ILE B 666 37.03 2.19 -10.82
N GLY B 667 37.49 1.37 -11.76
CA GLY B 667 36.68 0.95 -12.88
C GLY B 667 37.39 1.25 -14.20
N ALA B 668 37.03 0.49 -15.23
CA ALA B 668 37.60 0.65 -16.57
C ALA B 668 39.11 0.49 -16.56
N GLY B 669 39.61 -0.48 -15.79
CA GLY B 669 41.02 -0.77 -15.77
C GLY B 669 41.86 0.13 -14.91
N ILE B 670 41.26 1.02 -14.13
CA ILE B 670 41.97 1.94 -13.26
C ILE B 670 41.73 1.53 -11.82
N CYS B 671 42.80 1.44 -11.05
CA CYS B 671 42.71 1.11 -9.62
C CYS B 671 43.52 2.12 -8.83
N ALA B 672 43.10 2.35 -7.59
CA ALA B 672 43.76 3.32 -6.71
C ALA B 672 44.35 2.60 -5.50
N SER B 673 45.43 3.17 -4.98
CA SER B 673 46.09 2.60 -3.81
C SER B 673 46.75 3.71 -3.02
N TYR B 674 46.99 3.45 -1.74
CA TYR B 674 47.67 4.38 -0.85
C TYR B 674 49.13 3.95 -0.76
N GLN B 675 50.01 4.68 -1.42
CA GLN B 675 51.42 4.30 -1.49
C GLN B 675 52.27 5.56 -1.57
N THR B 676 53.43 5.51 -0.93
CA THR B 676 54.36 6.64 -0.92
C THR B 676 54.92 6.90 -2.31
N SER B 686 54.26 12.98 1.28
CA SER B 686 55.05 11.78 1.03
C SER B 686 54.14 10.62 0.58
N GLN B 687 53.10 10.37 1.37
CA GLN B 687 52.14 9.31 1.09
C GLN B 687 50.85 9.92 0.57
N SER B 688 50.37 9.40 -0.55
CA SER B 688 49.17 9.95 -1.18
C SER B 688 48.48 8.84 -1.98
N ILE B 689 47.25 9.12 -2.38
CA ILE B 689 46.48 8.18 -3.19
C ILE B 689 46.97 8.26 -4.63
N ILE B 690 47.28 7.11 -5.22
CA ILE B 690 47.75 7.03 -6.59
C ILE B 690 46.74 6.24 -7.41
N ALA B 691 46.39 6.79 -8.57
CA ALA B 691 45.50 6.13 -9.51
C ALA B 691 46.31 5.66 -10.71
N TYR B 692 46.17 4.39 -11.08
CA TYR B 692 47.01 3.80 -12.10
C TYR B 692 46.20 2.80 -12.91
N THR B 693 46.71 2.48 -14.10
CA THR B 693 46.18 1.37 -14.86
C THR B 693 46.69 0.07 -14.24
N MET B 694 45.76 -0.74 -13.73
CA MET B 694 46.16 -1.91 -12.95
C MET B 694 46.93 -2.90 -13.80
N SER B 695 47.86 -3.60 -13.17
CA SER B 695 48.74 -4.54 -13.86
C SER B 695 48.10 -5.91 -13.89
N LEU B 696 47.99 -6.47 -15.09
CA LEU B 696 47.41 -7.80 -15.24
C LEU B 696 48.35 -8.87 -14.70
N GLY B 697 49.65 -8.65 -14.81
CA GLY B 697 50.62 -9.59 -14.29
C GLY B 697 51.98 -9.34 -14.93
N ALA B 698 52.97 -10.03 -14.38
CA ALA B 698 54.32 -9.95 -14.92
C ALA B 698 54.37 -10.58 -16.31
N GLU B 699 54.87 -9.82 -17.28
CA GLU B 699 54.96 -10.35 -18.64
C GLU B 699 55.96 -11.49 -18.70
N ASN B 700 55.57 -12.57 -19.38
CA ASN B 700 56.42 -13.73 -19.53
C ASN B 700 56.41 -14.18 -20.99
N SER B 701 57.50 -14.83 -21.39
CA SER B 701 57.65 -15.31 -22.76
C SER B 701 58.26 -16.71 -22.68
N VAL B 702 57.41 -17.73 -22.82
CA VAL B 702 57.91 -19.10 -22.79
C VAL B 702 58.80 -19.32 -24.00
N ALA B 703 60.00 -19.85 -23.76
CA ALA B 703 60.96 -20.05 -24.83
C ALA B 703 60.55 -21.23 -25.69
N TYR B 704 59.52 -21.05 -26.51
CA TYR B 704 59.04 -22.13 -27.36
C TYR B 704 60.07 -22.47 -28.42
N SER B 705 60.18 -23.76 -28.72
CA SER B 705 61.00 -24.26 -29.80
C SER B 705 60.55 -25.67 -30.12
N ASN B 706 60.45 -25.98 -31.41
CA ASN B 706 60.01 -27.30 -31.84
C ASN B 706 60.97 -28.41 -31.45
N ASN B 707 62.09 -28.07 -30.79
CA ASN B 707 63.12 -29.04 -30.46
C ASN B 707 63.44 -29.13 -28.99
N SER B 708 63.06 -28.15 -28.18
CA SER B 708 63.48 -28.07 -26.79
C SER B 708 62.30 -28.27 -25.85
N ILE B 709 62.55 -28.96 -24.73
CA ILE B 709 61.56 -29.19 -23.69
C ILE B 709 62.17 -28.79 -22.35
N ALA B 710 61.29 -28.52 -21.39
CA ALA B 710 61.68 -28.14 -20.03
C ALA B 710 61.08 -29.15 -19.07
N ILE B 711 61.94 -29.93 -18.43
CA ILE B 711 61.53 -30.96 -17.49
C ILE B 711 62.00 -30.54 -16.10
N PRO B 712 61.12 -30.47 -15.11
CA PRO B 712 61.57 -30.06 -13.76
C PRO B 712 62.39 -31.14 -13.11
N THR B 713 63.51 -30.73 -12.51
CA THR B 713 64.39 -31.63 -11.79
C THR B 713 64.15 -31.62 -10.28
N ASN B 714 63.18 -30.83 -9.81
CA ASN B 714 62.89 -30.73 -8.39
C ASN B 714 61.48 -30.17 -8.25
N PHE B 715 60.90 -30.41 -7.07
CA PHE B 715 59.49 -30.08 -6.86
C PHE B 715 59.27 -29.25 -5.60
N THR B 716 58.01 -29.04 -5.24
CA THR B 716 57.65 -28.30 -4.04
C THR B 716 56.29 -28.80 -3.57
N ILE B 717 56.24 -29.32 -2.35
CA ILE B 717 54.99 -29.73 -1.72
C ILE B 717 54.41 -28.50 -1.03
N SER B 718 53.38 -27.93 -1.64
CA SER B 718 52.75 -26.71 -1.14
C SER B 718 51.34 -27.01 -0.65
N VAL B 719 50.98 -26.41 0.47
CA VAL B 719 49.66 -26.56 1.06
C VAL B 719 48.88 -25.29 0.82
N THR B 720 47.75 -25.41 0.13
CA THR B 720 46.87 -24.29 -0.16
C THR B 720 45.68 -24.31 0.77
N THR B 721 45.26 -23.14 1.23
CA THR B 721 44.12 -23.01 2.12
C THR B 721 42.94 -22.48 1.34
N GLU B 722 41.81 -23.19 1.42
CA GLU B 722 40.58 -22.81 0.74
C GLU B 722 39.47 -22.71 1.77
N ILE B 723 38.80 -21.55 1.82
CA ILE B 723 37.75 -21.28 2.78
C ILE B 723 36.43 -21.28 2.04
N LEU B 724 35.45 -22.03 2.56
CA LEU B 724 34.15 -22.15 1.93
C LEU B 724 33.04 -22.04 2.96
N PRO B 725 32.12 -21.09 2.83
CA PRO B 725 30.93 -21.09 3.70
C PRO B 725 30.11 -22.36 3.47
N VAL B 726 29.59 -22.91 4.56
CA VAL B 726 28.81 -24.14 4.49
C VAL B 726 27.39 -23.87 4.94
N SER B 727 27.23 -22.93 5.87
CA SER B 727 25.92 -22.61 6.40
C SER B 727 25.96 -21.18 6.92
N MET B 728 24.80 -20.66 7.27
CA MET B 728 24.69 -19.32 7.82
C MET B 728 23.85 -19.36 9.08
N THR B 729 23.74 -18.21 9.74
CA THR B 729 23.04 -18.15 11.02
C THR B 729 21.59 -18.58 10.85
N LYS B 730 21.12 -19.43 11.75
CA LYS B 730 19.81 -20.05 11.64
C LYS B 730 18.75 -19.21 12.35
N THR B 731 18.57 -17.99 11.85
CA THR B 731 17.64 -17.06 12.45
C THR B 731 16.21 -17.43 12.13
N SER B 732 15.30 -17.03 13.03
CA SER B 732 13.87 -17.17 12.81
C SER B 732 13.19 -15.89 13.27
N VAL B 733 12.11 -15.52 12.58
CA VAL B 733 11.39 -14.29 12.84
C VAL B 733 9.95 -14.64 13.15
N ASP B 734 9.44 -14.13 14.26
CA ASP B 734 8.02 -14.25 14.59
C ASP B 734 7.28 -13.11 13.91
N CYS B 735 6.56 -13.42 12.84
CA CYS B 735 5.93 -12.37 12.04
C CYS B 735 4.92 -11.57 12.85
N THR B 736 4.08 -12.26 13.62
CA THR B 736 3.09 -11.57 14.44
C THR B 736 3.75 -10.72 15.51
N MET B 737 4.81 -11.25 16.14
CA MET B 737 5.54 -10.50 17.16
C MET B 737 6.36 -9.37 16.56
N TYR B 738 6.67 -9.44 15.26
CA TYR B 738 7.44 -8.39 14.62
C TYR B 738 6.53 -7.24 14.19
N ILE B 739 5.51 -7.54 13.39
CA ILE B 739 4.58 -6.50 12.95
C ILE B 739 3.90 -5.84 14.14
N CYS B 740 3.46 -6.64 15.11
CA CYS B 740 2.74 -6.14 16.27
C CYS B 740 3.42 -6.62 17.54
N GLY B 741 3.26 -5.87 18.61
CA GLY B 741 3.80 -6.27 19.90
C GLY B 741 2.83 -7.20 20.60
N ASP B 742 2.44 -6.83 21.81
CA ASP B 742 1.35 -7.52 22.49
C ASP B 742 -0.01 -7.07 22.01
N SER B 743 -0.07 -6.11 21.09
CA SER B 743 -1.33 -5.54 20.65
C SER B 743 -2.19 -6.59 19.97
N THR B 744 -3.49 -6.56 20.24
CA THR B 744 -4.44 -7.48 19.63
C THR B 744 -5.21 -6.84 18.48
N GLU B 745 -5.43 -5.54 18.51
CA GLU B 745 -6.02 -4.86 17.35
C GLU B 745 -5.10 -4.98 16.14
N CYS B 746 -3.80 -4.74 16.35
CA CYS B 746 -2.83 -4.96 15.29
C CYS B 746 -2.83 -6.41 14.84
N SER B 747 -2.99 -7.34 15.78
CA SER B 747 -3.04 -8.76 15.43
C SER B 747 -4.23 -9.06 14.53
N ASN B 748 -5.40 -8.48 14.84
CA ASN B 748 -6.58 -8.70 14.01
C ASN B 748 -6.40 -8.10 12.62
N LEU B 749 -5.86 -6.87 12.56
CA LEU B 749 -5.63 -6.26 11.26
C LEU B 749 -4.61 -7.04 10.45
N LEU B 750 -3.65 -7.67 11.11
CA LEU B 750 -2.74 -8.57 10.42
C LEU B 750 -3.46 -9.84 9.96
N LEU B 751 -4.42 -10.31 10.76
CA LEU B 751 -5.19 -11.50 10.38
C LEU B 751 -5.97 -11.26 9.10
N GLN B 752 -6.53 -10.05 8.93
CA GLN B 752 -7.28 -9.79 7.71
C GLN B 752 -6.40 -9.65 6.48
N TYR B 753 -5.07 -9.66 6.64
CA TYR B 753 -4.15 -9.59 5.51
C TYR B 753 -3.82 -10.96 4.93
N GLY B 754 -4.44 -12.02 5.42
CA GLY B 754 -4.23 -13.34 4.85
C GLY B 754 -3.26 -14.20 5.63
N SER B 755 -2.44 -14.96 4.92
CA SER B 755 -1.46 -15.86 5.51
C SER B 755 -0.04 -15.49 5.09
N PHE B 756 0.24 -14.19 5.05
CA PHE B 756 1.61 -13.76 4.74
C PHE B 756 2.58 -14.19 5.83
N CYS B 757 2.18 -14.07 7.10
CA CYS B 757 3.06 -14.46 8.20
C CYS B 757 3.37 -15.94 8.14
N THR B 758 2.38 -16.77 7.80
CA THR B 758 2.63 -18.21 7.67
C THR B 758 3.64 -18.50 6.57
N GLN B 759 3.51 -17.81 5.43
CA GLN B 759 4.48 -18.01 4.35
C GLN B 759 5.88 -17.60 4.78
N LEU B 760 6.01 -16.46 5.46
CA LEU B 760 7.31 -16.01 5.91
C LEU B 760 7.93 -16.99 6.90
N ASN B 761 7.14 -17.47 7.86
CA ASN B 761 7.65 -18.44 8.82
C ASN B 761 8.04 -19.74 8.15
N ARG B 762 7.25 -20.19 7.18
CA ARG B 762 7.58 -21.42 6.46
C ARG B 762 8.87 -21.25 5.67
N ALA B 763 9.07 -20.10 5.03
CA ALA B 763 10.30 -19.86 4.30
C ALA B 763 11.51 -19.86 5.23
N LEU B 764 11.39 -19.20 6.38
CA LEU B 764 12.51 -19.17 7.31
C LEU B 764 12.80 -20.55 7.88
N THR B 765 11.77 -21.33 8.17
CA THR B 765 11.98 -22.70 8.65
C THR B 765 12.64 -23.56 7.58
N GLY B 766 12.25 -23.37 6.32
CA GLY B 766 12.92 -24.07 5.24
C GLY B 766 14.38 -23.70 5.13
N ILE B 767 14.70 -22.41 5.32
CA ILE B 767 16.10 -21.99 5.34
C ILE B 767 16.84 -22.68 6.48
N ALA B 768 16.23 -22.75 7.65
CA ALA B 768 16.86 -23.39 8.80
C ALA B 768 17.18 -24.85 8.53
N VAL B 769 16.18 -25.60 8.04
CA VAL B 769 16.39 -27.01 7.73
C VAL B 769 17.44 -27.15 6.64
N GLU B 770 17.46 -26.22 5.69
CA GLU B 770 18.47 -26.26 4.64
C GLU B 770 19.87 -26.05 5.19
N GLN B 771 20.02 -25.17 6.17
CA GLN B 771 21.34 -24.97 6.78
C GLN B 771 21.80 -26.23 7.50
N ASP B 772 20.88 -26.88 8.23
CA ASP B 772 21.22 -28.15 8.86
C ASP B 772 21.62 -29.19 7.83
N LYS B 773 20.88 -29.25 6.72
CA LYS B 773 21.21 -30.20 5.66
C LYS B 773 22.56 -29.90 5.04
N ASN B 774 22.89 -28.61 4.88
CA ASN B 774 24.18 -28.22 4.33
C ASN B 774 25.32 -28.72 5.22
N THR B 775 25.20 -28.49 6.52
CA THR B 775 26.25 -28.95 7.44
C THR B 775 26.36 -30.47 7.41
N GLN B 776 25.22 -31.17 7.46
CA GLN B 776 25.24 -32.63 7.49
C GLN B 776 25.67 -33.23 6.16
N GLU B 777 25.55 -32.49 5.06
CA GLU B 777 26.00 -32.97 3.76
C GLU B 777 27.48 -32.73 3.56
N VAL B 778 28.01 -31.62 4.09
CA VAL B 778 29.43 -31.36 3.97
C VAL B 778 30.24 -32.28 4.89
N PHE B 779 29.85 -32.36 6.16
CA PHE B 779 30.74 -32.95 7.15
C PHE B 779 30.48 -34.42 7.43
N ALA B 780 29.29 -34.93 7.13
CA ALA B 780 28.95 -36.32 7.43
C ALA B 780 29.19 -37.24 6.24
N GLN B 781 30.22 -36.97 5.44
CA GLN B 781 30.60 -37.90 4.37
C GLN B 781 30.98 -39.25 4.94
N VAL B 782 31.74 -39.25 6.02
CA VAL B 782 32.21 -40.49 6.65
C VAL B 782 31.04 -41.18 7.36
N LYS B 783 31.10 -42.50 7.43
CA LYS B 783 30.06 -43.28 8.08
C LYS B 783 30.44 -43.74 9.48
N GLN B 784 31.72 -43.97 9.75
CA GLN B 784 32.21 -44.40 11.05
C GLN B 784 33.24 -43.40 11.55
N ILE B 785 33.20 -43.12 12.85
CA ILE B 785 34.11 -42.16 13.46
C ILE B 785 35.45 -42.87 13.65
N TYR B 786 36.38 -42.66 12.72
CA TYR B 786 37.69 -43.27 12.80
C TYR B 786 38.54 -42.58 13.85
N LYS B 787 39.40 -43.36 14.50
CA LYS B 787 40.25 -42.87 15.58
C LYS B 787 41.70 -42.92 15.15
N THR B 788 42.42 -41.81 15.38
CA THR B 788 43.84 -41.78 15.08
C THR B 788 44.59 -42.68 16.04
N PRO B 789 45.58 -43.44 15.56
CA PRO B 789 46.32 -44.33 16.46
C PRO B 789 47.04 -43.53 17.52
N PRO B 790 47.27 -44.12 18.70
CA PRO B 790 47.93 -43.37 19.78
C PRO B 790 49.33 -42.91 19.43
N ILE B 791 50.06 -43.66 18.61
CA ILE B 791 51.42 -43.30 18.22
C ILE B 791 51.39 -42.71 16.82
N LYS B 792 52.11 -41.61 16.63
CA LYS B 792 52.18 -40.92 15.34
C LYS B 792 53.51 -41.25 14.68
N ASP B 793 53.53 -42.40 14.00
CA ASP B 793 54.69 -42.85 13.25
C ASP B 793 54.29 -42.86 11.77
N PHE B 794 54.41 -41.71 11.13
CA PHE B 794 53.98 -41.54 9.74
C PHE B 794 55.15 -41.28 8.80
N GLY B 795 56.33 -41.79 9.15
CA GLY B 795 57.48 -41.65 8.27
C GLY B 795 58.02 -40.25 8.16
N GLY B 796 57.77 -39.41 9.17
CA GLY B 796 58.25 -38.05 9.21
C GLY B 796 57.16 -37.00 9.05
N PHE B 797 56.02 -37.39 8.49
CA PHE B 797 54.91 -36.45 8.35
C PHE B 797 54.34 -36.10 9.71
N ASN B 798 54.00 -34.83 9.89
CA ASN B 798 53.57 -34.31 11.18
C ASN B 798 52.20 -33.67 11.02
N PHE B 799 51.17 -34.34 11.53
CA PHE B 799 49.80 -33.86 11.46
C PHE B 799 49.33 -33.25 12.76
N SER B 800 50.25 -32.95 13.67
CA SER B 800 49.88 -32.41 14.97
C SER B 800 49.08 -31.12 14.84
N GLN B 801 49.33 -30.37 13.77
CA GLN B 801 48.63 -29.11 13.58
C GLN B 801 47.19 -29.33 13.14
N ILE B 802 46.89 -30.46 12.52
CA ILE B 802 45.57 -30.71 11.96
C ILE B 802 44.83 -31.76 12.78
N LEU B 803 45.58 -32.62 13.48
CA LEU B 803 44.96 -33.61 14.33
C LEU B 803 44.44 -32.97 15.61
N PRO B 804 43.42 -33.55 16.23
CA PRO B 804 42.82 -32.94 17.42
C PRO B 804 43.83 -32.83 18.57
N ASP B 805 43.68 -31.77 19.37
CA ASP B 805 44.53 -31.56 20.53
C ASP B 805 43.78 -32.01 21.77
N PRO B 806 44.16 -33.12 22.41
CA PRO B 806 43.36 -33.62 23.54
C PRO B 806 43.46 -32.75 24.78
N SER B 807 44.54 -31.97 24.91
CA SER B 807 44.76 -31.21 26.14
C SER B 807 43.66 -30.17 26.37
N LYS B 808 43.33 -29.39 25.35
CA LYS B 808 42.34 -28.36 25.50
C LYS B 808 40.94 -28.97 25.64
N PRO B 809 40.00 -28.26 26.28
CA PRO B 809 38.69 -28.85 26.57
C PRO B 809 37.94 -29.32 25.34
N SER B 810 37.98 -28.57 24.24
CA SER B 810 37.32 -28.97 23.01
C SER B 810 38.35 -29.57 22.06
N LYS B 811 38.11 -30.81 21.63
CA LYS B 811 39.09 -31.57 20.86
C LYS B 811 39.20 -30.99 19.45
N ARG B 812 39.80 -29.82 19.38
CA ARG B 812 40.02 -29.10 18.13
C ARG B 812 41.51 -28.96 17.88
N SER B 813 41.90 -29.07 16.62
CA SER B 813 43.30 -28.93 16.25
C SER B 813 43.73 -27.47 16.39
N PRO B 814 45.05 -27.22 16.48
CA PRO B 814 45.51 -25.83 16.54
C PRO B 814 45.04 -24.98 15.38
N ILE B 815 45.04 -25.52 14.17
CA ILE B 815 44.53 -24.78 13.01
C ILE B 815 43.05 -24.46 13.22
N GLU B 816 42.27 -25.43 13.71
CA GLU B 816 40.87 -25.18 13.99
C GLU B 816 40.70 -24.13 15.08
N ASP B 817 41.60 -24.11 16.08
CA ASP B 817 41.55 -23.08 17.11
C ASP B 817 41.75 -21.70 16.51
N LEU B 818 42.75 -21.56 15.63
CA LEU B 818 42.95 -20.28 14.96
C LEU B 818 41.74 -19.90 14.12
N LEU B 819 41.17 -20.86 13.38
CA LEU B 819 40.03 -20.56 12.53
C LEU B 819 38.83 -20.11 13.34
N PHE B 820 38.62 -20.73 14.51
CA PHE B 820 37.50 -20.34 15.35
C PHE B 820 37.74 -19.03 16.07
N ASN B 821 38.99 -18.71 16.40
CA ASN B 821 39.28 -17.43 17.04
C ASN B 821 39.22 -16.27 16.05
N LYS B 822 39.50 -16.53 14.77
CA LYS B 822 39.55 -15.43 13.81
C LYS B 822 38.18 -14.88 13.48
N VAL B 823 37.19 -15.76 13.28
CA VAL B 823 35.86 -15.32 12.90
C VAL B 823 35.10 -14.88 14.15
N THR B 824 34.59 -13.65 14.14
CA THR B 824 33.87 -13.10 15.28
C THR B 824 32.42 -12.78 14.90
N CYS B 848 21.83 -5.89 19.87
CA CYS B 848 23.00 -6.28 20.65
C CYS B 848 22.98 -7.77 20.96
N ALA B 849 22.70 -8.58 19.93
CA ALA B 849 22.65 -10.03 20.01
C ALA B 849 21.55 -10.52 20.94
N GLN B 850 20.73 -9.59 21.46
CA GLN B 850 19.57 -9.91 22.28
C GLN B 850 18.40 -9.12 21.71
N LYS B 851 17.72 -9.70 20.72
CA LYS B 851 16.61 -9.05 20.05
C LYS B 851 15.30 -9.62 20.56
N PHE B 852 14.42 -8.74 21.02
CA PHE B 852 13.15 -9.11 21.61
C PHE B 852 11.97 -8.71 20.74
N ASN B 853 12.20 -8.42 19.47
CA ASN B 853 11.15 -8.05 18.52
C ASN B 853 10.66 -9.24 17.71
N GLY B 854 10.68 -10.44 18.30
CA GLY B 854 10.32 -11.64 17.58
C GLY B 854 11.48 -12.32 16.89
N LEU B 855 12.67 -11.77 16.97
CA LEU B 855 13.84 -12.34 16.31
C LEU B 855 14.55 -13.30 17.26
N THR B 856 14.78 -14.52 16.79
CA THR B 856 15.49 -15.52 17.57
C THR B 856 16.44 -16.28 16.65
N VAL B 857 17.53 -16.78 17.24
CA VAL B 857 18.53 -17.53 16.50
C VAL B 857 18.47 -18.98 16.97
N LEU B 858 18.06 -19.86 16.09
CA LEU B 858 18.00 -21.28 16.40
C LEU B 858 19.41 -21.88 16.37
N PRO B 859 19.73 -22.76 17.32
CA PRO B 859 21.05 -23.37 17.34
C PRO B 859 21.18 -24.43 16.27
N PRO B 860 22.36 -24.59 15.68
CA PRO B 860 22.55 -25.65 14.69
C PRO B 860 22.40 -27.04 15.32
N LEU B 861 21.89 -27.97 14.52
CA LEU B 861 21.73 -29.34 15.02
C LEU B 861 23.07 -29.97 15.35
N LEU B 862 24.06 -29.77 14.49
CA LEU B 862 25.42 -30.29 14.71
C LEU B 862 26.21 -29.24 15.49
N THR B 863 26.52 -29.53 16.74
CA THR B 863 27.31 -28.60 17.53
C THR B 863 28.76 -28.58 17.03
N ASP B 864 29.53 -27.64 17.57
CA ASP B 864 30.90 -27.46 17.13
C ASP B 864 31.75 -28.68 17.40
N GLU B 865 31.55 -29.34 18.55
CA GLU B 865 32.35 -30.53 18.85
C GLU B 865 31.95 -31.71 17.98
N MET B 866 30.67 -31.80 17.59
CA MET B 866 30.26 -32.86 16.68
C MET B 866 30.86 -32.66 15.29
N ILE B 867 30.89 -31.42 14.81
CA ILE B 867 31.53 -31.12 13.53
C ILE B 867 33.02 -31.38 13.62
N ALA B 868 33.64 -31.05 14.75
CA ALA B 868 35.05 -31.37 14.95
C ALA B 868 35.28 -32.86 14.99
N GLN B 869 34.32 -33.64 15.48
CA GLN B 869 34.48 -35.10 15.50
C GLN B 869 34.35 -35.69 14.09
N TYR B 870 33.42 -35.17 13.29
CA TYR B 870 33.43 -35.46 11.85
C TYR B 870 34.76 -35.15 11.20
N THR B 871 35.31 -33.95 11.47
CA THR B 871 36.57 -33.57 10.86
C THR B 871 37.70 -34.49 11.29
N SER B 872 37.72 -34.86 12.57
CA SER B 872 38.74 -35.77 13.08
C SER B 872 38.60 -37.16 12.47
N ALA B 873 37.35 -37.63 12.30
CA ALA B 873 37.15 -38.93 11.66
C ALA B 873 37.63 -38.92 10.22
N LEU B 874 37.33 -37.85 9.48
CA LEU B 874 37.82 -37.73 8.11
C LEU B 874 39.33 -37.69 8.07
N LEU B 875 39.95 -36.94 8.97
CA LEU B 875 41.41 -36.86 9.02
C LEU B 875 42.03 -38.21 9.35
N ALA B 876 41.48 -38.92 10.33
CA ALA B 876 42.03 -40.22 10.72
C ALA B 876 41.87 -41.24 9.61
N GLY B 877 40.72 -41.23 8.93
CA GLY B 877 40.55 -42.12 7.80
C GLY B 877 41.51 -41.80 6.66
N THR B 878 41.71 -40.51 6.38
CA THR B 878 42.62 -40.11 5.33
C THR B 878 44.06 -40.51 5.66
N ILE B 879 44.47 -40.31 6.91
CA ILE B 879 45.85 -40.58 7.29
C ILE B 879 46.11 -42.08 7.32
N THR B 880 45.21 -42.84 7.95
CA THR B 880 45.45 -44.26 8.17
C THR B 880 45.10 -45.12 6.97
N SER B 881 44.05 -44.77 6.24
CA SER B 881 43.57 -45.59 5.12
C SER B 881 43.77 -44.95 3.75
N GLY B 882 43.59 -43.64 3.63
CA GLY B 882 43.74 -42.98 2.36
C GLY B 882 42.42 -42.65 1.71
N TRP B 883 42.25 -42.99 0.44
CA TRP B 883 40.96 -42.88 -0.21
C TRP B 883 40.10 -44.12 -0.03
N THR B 884 40.65 -45.18 0.56
CA THR B 884 39.94 -46.44 0.70
C THR B 884 38.75 -46.33 1.65
N PHE B 885 38.76 -45.35 2.57
CA PHE B 885 37.67 -45.23 3.52
C PHE B 885 36.46 -44.53 2.95
N GLY B 886 36.54 -44.00 1.74
CA GLY B 886 35.40 -43.35 1.12
C GLY B 886 34.74 -44.21 0.06
N ALA B 887 35.42 -45.27 -0.36
CA ALA B 887 34.93 -46.19 -1.38
C ALA B 887 34.57 -47.56 -0.80
N GLY B 888 34.38 -47.64 0.51
CA GLY B 888 34.10 -48.90 1.15
C GLY B 888 34.70 -48.95 2.54
N PRO B 889 35.15 -50.13 2.95
CA PRO B 889 35.81 -50.24 4.25
C PRO B 889 37.20 -49.65 4.21
N ALA B 890 37.59 -49.04 5.33
CA ALA B 890 38.90 -48.41 5.42
C ALA B 890 39.99 -49.47 5.46
N LEU B 891 40.94 -49.36 4.55
CA LEU B 891 42.06 -50.31 4.44
C LEU B 891 43.33 -49.61 4.90
N GLN B 892 43.93 -50.11 5.97
CA GLN B 892 45.12 -49.48 6.50
C GLN B 892 46.28 -49.59 5.51
N ILE B 893 47.11 -48.56 5.50
CA ILE B 893 48.28 -48.50 4.63
C ILE B 893 49.27 -47.51 5.26
N PRO B 894 50.56 -47.81 5.29
CA PRO B 894 51.52 -46.84 5.81
C PRO B 894 51.47 -45.55 5.02
N PHE B 895 51.58 -44.43 5.73
CA PHE B 895 51.45 -43.13 5.07
C PHE B 895 52.48 -42.90 3.97
N PRO B 896 53.76 -43.28 4.10
CA PRO B 896 54.64 -43.19 2.93
C PRO B 896 54.10 -43.95 1.72
N MET B 897 53.49 -45.12 1.92
CA MET B 897 52.93 -45.82 0.78
C MET B 897 51.69 -45.13 0.24
N GLN B 898 50.89 -44.51 1.11
CA GLN B 898 49.77 -43.71 0.60
C GLN B 898 50.26 -42.56 -0.26
N MET B 899 51.33 -41.88 0.18
CA MET B 899 51.84 -40.77 -0.59
C MET B 899 52.48 -41.25 -1.89
N ALA B 900 53.04 -42.45 -1.89
CA ALA B 900 53.51 -43.05 -3.14
C ALA B 900 52.34 -43.32 -4.07
N TYR B 901 51.21 -43.80 -3.54
CA TYR B 901 50.00 -43.92 -4.32
C TYR B 901 49.63 -42.58 -4.96
N ARG B 902 49.65 -41.51 -4.17
CA ARG B 902 49.27 -40.20 -4.69
C ARG B 902 50.24 -39.72 -5.76
N PHE B 903 51.54 -39.97 -5.58
CA PHE B 903 52.51 -39.61 -6.60
C PHE B 903 52.25 -40.36 -7.90
N ASN B 904 51.94 -41.67 -7.81
CA ASN B 904 51.50 -42.38 -9.00
C ASN B 904 50.23 -41.76 -9.58
N GLY B 905 49.39 -41.19 -8.72
CA GLY B 905 48.18 -40.54 -9.20
C GLY B 905 48.48 -39.32 -10.04
N ILE B 906 49.46 -38.52 -9.64
CA ILE B 906 49.81 -37.31 -10.40
C ILE B 906 50.78 -37.58 -11.53
N GLY B 907 51.17 -38.84 -11.75
CA GLY B 907 52.07 -39.16 -12.84
C GLY B 907 53.53 -39.22 -12.49
N VAL B 908 53.87 -39.35 -11.21
CA VAL B 908 55.26 -39.40 -10.75
C VAL B 908 55.48 -40.77 -10.12
N THR B 909 56.59 -41.42 -10.48
CA THR B 909 56.85 -42.77 -10.01
C THR B 909 57.09 -42.78 -8.50
N GLN B 910 56.97 -43.98 -7.91
CA GLN B 910 57.22 -44.15 -6.49
C GLN B 910 58.67 -43.86 -6.13
N ASN B 911 59.58 -44.01 -7.10
CA ASN B 911 61.00 -43.76 -6.90
C ASN B 911 61.23 -42.38 -6.30
N VAL B 912 60.51 -41.38 -6.80
CA VAL B 912 60.71 -40.02 -6.33
C VAL B 912 60.45 -39.92 -4.84
N LEU B 913 59.32 -40.44 -4.38
CA LEU B 913 59.00 -40.34 -2.96
C LEU B 913 59.93 -41.20 -2.12
N TYR B 914 60.23 -42.42 -2.57
CA TYR B 914 60.99 -43.31 -1.70
C TYR B 914 62.47 -42.91 -1.65
N GLU B 915 62.90 -42.05 -2.57
CA GLU B 915 64.24 -41.45 -2.48
C GLU B 915 64.24 -40.02 -1.97
N ASN B 916 63.07 -39.39 -1.78
CA ASN B 916 63.03 -38.05 -1.21
C ASN B 916 62.02 -37.98 -0.07
N GLN B 917 61.86 -39.09 0.66
CA GLN B 917 60.87 -39.14 1.73
C GLN B 917 61.13 -38.09 2.80
N LYS B 918 62.36 -37.99 3.29
CA LYS B 918 62.65 -37.03 4.35
C LYS B 918 62.43 -35.60 3.86
N LEU B 919 62.90 -35.30 2.65
CA LEU B 919 62.71 -33.96 2.10
C LEU B 919 61.24 -33.62 1.94
N ILE B 920 60.44 -34.57 1.44
CA ILE B 920 59.03 -34.31 1.22
C ILE B 920 58.29 -34.16 2.54
N ALA B 921 58.65 -34.97 3.53
CA ALA B 921 58.04 -34.83 4.85
C ALA B 921 58.36 -33.48 5.47
N ASN B 922 59.62 -33.05 5.37
CA ASN B 922 60.00 -31.74 5.88
C ASN B 922 59.26 -30.63 5.14
N GLN B 923 59.12 -30.75 3.82
CA GLN B 923 58.40 -29.75 3.05
C GLN B 923 56.94 -29.68 3.48
N PHE B 924 56.31 -30.83 3.69
CA PHE B 924 54.91 -30.87 4.12
C PHE B 924 54.74 -30.23 5.49
N ASN B 925 55.63 -30.58 6.44
CA ASN B 925 55.55 -30.00 7.77
C ASN B 925 55.76 -28.50 7.74
N SER B 926 56.74 -28.03 6.95
CA SER B 926 56.99 -26.60 6.84
C SER B 926 55.81 -25.89 6.20
N ALA B 927 55.18 -26.51 5.19
CA ALA B 927 54.02 -25.90 4.56
C ALA B 927 52.87 -25.77 5.55
N ILE B 928 52.64 -26.80 6.36
CA ILE B 928 51.57 -26.71 7.36
C ILE B 928 51.88 -25.63 8.39
N GLY B 929 53.15 -25.55 8.82
CA GLY B 929 53.53 -24.49 9.74
C GLY B 929 53.33 -23.11 9.16
N LYS B 930 53.67 -22.95 7.88
CA LYS B 930 53.46 -21.66 7.22
C LYS B 930 51.98 -21.33 7.09
N ILE B 931 51.13 -22.34 6.87
CA ILE B 931 49.69 -22.10 6.86
C ILE B 931 49.24 -21.58 8.22
N GLN B 932 49.72 -22.21 9.30
CA GLN B 932 49.34 -21.73 10.62
C GLN B 932 49.82 -20.30 10.85
N ASP B 933 51.05 -20.00 10.46
CA ASP B 933 51.59 -18.65 10.66
C ASP B 933 50.82 -17.62 9.84
N SER B 934 50.48 -17.96 8.59
CA SER B 934 49.75 -17.01 7.75
C SER B 934 48.34 -16.79 8.28
N LEU B 935 47.69 -17.83 8.76
CA LEU B 935 46.37 -17.67 9.36
C LEU B 935 46.45 -16.79 10.61
N SER B 936 47.48 -17.00 11.43
CA SER B 936 47.61 -16.22 12.66
C SER B 936 47.90 -14.75 12.36
N SER B 937 48.84 -14.48 11.46
CA SER B 937 49.27 -13.11 11.23
C SER B 937 48.22 -12.30 10.46
N THR B 938 47.68 -12.88 9.38
CA THR B 938 46.76 -12.14 8.52
C THR B 938 45.37 -12.12 9.15
N PRO B 939 44.81 -10.96 9.46
CA PRO B 939 43.48 -10.93 10.09
C PRO B 939 42.35 -11.20 9.12
N SER B 940 42.52 -10.87 7.85
CA SER B 940 41.47 -11.03 6.85
C SER B 940 41.57 -12.35 6.08
N ALA B 941 42.24 -13.36 6.65
CA ALA B 941 42.38 -14.64 5.96
C ALA B 941 41.02 -15.31 5.76
N LEU B 942 40.18 -15.28 6.79
CA LEU B 942 38.86 -15.93 6.72
C LEU B 942 37.81 -14.90 6.29
N GLY B 943 38.04 -14.36 5.10
CA GLY B 943 37.17 -13.30 4.60
C GLY B 943 35.76 -13.78 4.28
N LYS B 944 35.64 -14.99 3.75
CA LYS B 944 34.34 -15.45 3.26
C LYS B 944 33.36 -15.69 4.40
N LEU B 945 33.78 -16.42 5.44
CA LEU B 945 32.89 -16.68 6.56
C LEU B 945 32.52 -15.41 7.29
N GLN B 946 33.51 -14.54 7.51
CA GLN B 946 33.23 -13.26 8.16
C GLN B 946 32.29 -12.42 7.33
N ASP B 947 32.44 -12.44 6.00
CA ASP B 947 31.54 -11.69 5.13
C ASP B 947 30.13 -12.23 5.22
N VAL B 948 29.96 -13.56 5.28
CA VAL B 948 28.63 -14.14 5.42
C VAL B 948 28.00 -13.72 6.74
N VAL B 949 28.79 -13.79 7.82
CA VAL B 949 28.28 -13.40 9.14
C VAL B 949 27.89 -11.93 9.15
N ASN B 950 28.72 -11.08 8.56
CA ASN B 950 28.43 -9.65 8.51
C ASN B 950 27.19 -9.37 7.67
N GLN B 951 27.01 -10.08 6.57
CA GLN B 951 25.82 -9.90 5.75
C GLN B 951 24.56 -10.25 6.52
N ASN B 952 24.58 -11.39 7.21
CA ASN B 952 23.41 -11.78 8.01
C ASN B 952 23.14 -10.78 9.12
N ALA B 953 24.19 -10.34 9.82
CA ALA B 953 24.01 -9.40 10.91
C ALA B 953 23.49 -8.06 10.41
N GLN B 954 23.98 -7.60 9.26
CA GLN B 954 23.50 -6.35 8.70
C GLN B 954 22.05 -6.45 8.25
N ALA B 955 21.66 -7.59 7.68
CA ALA B 955 20.26 -7.79 7.32
C ALA B 955 19.36 -7.75 8.55
N LEU B 956 19.78 -8.42 9.62
CA LEU B 956 19.00 -8.41 10.85
C LEU B 956 18.92 -7.01 11.45
N ASN B 957 20.04 -6.27 11.43
CA ASN B 957 20.04 -4.92 11.97
C ASN B 957 19.14 -3.99 11.18
N THR B 958 19.14 -4.13 9.85
CA THR B 958 18.22 -3.33 9.03
C THR B 958 16.77 -3.70 9.32
N LEU B 959 16.50 -4.99 9.49
CA LEU B 959 15.14 -5.41 9.83
C LEU B 959 14.69 -4.81 11.16
N VAL B 960 15.60 -4.76 12.14
CA VAL B 960 15.27 -4.15 13.43
C VAL B 960 15.04 -2.66 13.26
N LYS B 961 15.95 -1.96 12.56
CA LYS B 961 15.84 -0.52 12.39
C LYS B 961 14.58 -0.14 11.62
N GLN B 962 14.03 -1.04 10.82
CA GLN B 962 12.81 -0.74 10.09
C GLN B 962 11.60 -0.52 10.99
N LEU B 963 11.69 -0.88 12.27
CA LEU B 963 10.61 -0.60 13.20
C LEU B 963 10.57 0.86 13.64
N SER B 964 11.64 1.61 13.40
CA SER B 964 11.71 3.01 13.82
C SER B 964 11.10 3.97 12.82
N SER B 965 10.71 3.50 11.65
CA SER B 965 10.18 4.37 10.61
C SER B 965 8.65 4.41 10.66
N ASN B 966 8.10 5.58 10.39
CA ASN B 966 6.66 5.78 10.54
C ASN B 966 5.86 5.09 9.44
N PHE B 967 6.43 4.97 8.25
CA PHE B 967 5.74 4.47 7.06
C PHE B 967 4.51 5.30 6.72
N GLY B 968 4.47 6.56 7.17
CA GLY B 968 3.36 7.44 6.96
C GLY B 968 2.46 7.61 8.17
N ALA B 969 2.59 6.75 9.17
CA ALA B 969 1.78 6.88 10.38
C ALA B 969 2.25 8.06 11.21
N ILE B 970 1.43 8.45 12.19
CA ILE B 970 1.79 9.57 13.04
C ILE B 970 3.00 9.23 13.90
N SER B 971 3.11 7.98 14.35
CA SER B 971 4.24 7.56 15.16
C SER B 971 4.66 6.15 14.75
N SER B 972 5.94 5.87 14.95
CA SER B 972 6.49 4.55 14.66
C SER B 972 6.32 3.58 15.82
N VAL B 973 5.84 4.05 16.97
CA VAL B 973 5.63 3.21 18.14
C VAL B 973 4.18 2.77 18.14
N LEU B 974 3.96 1.45 18.20
CA LEU B 974 2.61 0.91 18.09
C LEU B 974 1.74 1.35 19.26
N ASN B 975 2.30 1.31 20.48
CA ASN B 975 1.52 1.68 21.65
C ASN B 975 1.13 3.15 21.63
N ASP B 976 1.99 4.02 21.09
CA ASP B 976 1.66 5.43 20.97
C ASP B 976 0.50 5.67 20.00
N ILE B 977 0.17 4.69 19.16
CA ILE B 977 -0.98 4.78 18.29
C ILE B 977 -2.21 4.12 18.90
N LEU B 978 -2.03 2.98 19.57
CA LEU B 978 -3.16 2.39 20.29
C LEU B 978 -3.70 3.35 21.34
N SER B 979 -2.81 3.91 22.16
CA SER B 979 -3.19 5.07 22.94
C SER B 979 -3.18 6.30 22.06
N ARG B 980 -3.67 7.41 22.60
CA ARG B 980 -3.65 8.71 21.93
C ARG B 980 -4.55 8.75 20.69
N LEU B 981 -5.29 7.69 20.41
CA LEU B 981 -6.18 7.66 19.26
C LEU B 981 -7.32 6.67 19.50
N ASP B 982 -8.49 7.00 18.94
CA ASP B 982 -9.63 6.11 18.98
C ASP B 982 -9.46 4.99 17.95
N PRO B 983 -10.06 3.83 18.19
CA PRO B 983 -9.87 2.68 17.28
C PRO B 983 -10.23 3.00 15.84
N PRO B 984 -11.36 3.68 15.56
CA PRO B 984 -11.66 3.98 14.15
C PRO B 984 -10.59 4.83 13.47
N GLU B 985 -9.99 5.77 14.19
CA GLU B 985 -8.93 6.59 13.64
C GLU B 985 -7.55 5.99 13.83
N ALA B 986 -7.38 5.11 14.82
CA ALA B 986 -6.09 4.45 14.99
C ALA B 986 -5.88 3.34 13.98
N GLU B 987 -6.96 2.77 13.44
CA GLU B 987 -6.83 1.63 12.54
C GLU B 987 -6.09 1.98 11.26
N VAL B 988 -6.24 3.21 10.75
CA VAL B 988 -5.54 3.58 9.52
C VAL B 988 -4.04 3.68 9.77
N GLN B 989 -3.64 4.24 10.92
CA GLN B 989 -2.22 4.28 11.26
C GLN B 989 -1.67 2.87 11.49
N ILE B 990 -2.46 2.00 12.12
CA ILE B 990 -2.03 0.62 12.31
C ILE B 990 -1.86 -0.07 10.97
N ASP B 991 -2.75 0.22 10.02
CA ASP B 991 -2.61 -0.36 8.69
C ASP B 991 -1.36 0.13 7.98
N ARG B 992 -1.04 1.42 8.12
CA ARG B 992 0.19 1.93 7.51
C ARG B 992 1.41 1.24 8.10
N LEU B 993 1.45 1.11 9.42
CA LEU B 993 2.56 0.44 10.07
C LEU B 993 2.64 -1.03 9.66
N ILE B 994 1.49 -1.70 9.57
CA ILE B 994 1.47 -3.11 9.20
C ILE B 994 1.97 -3.30 7.78
N THR B 995 1.53 -2.44 6.86
CA THR B 995 2.00 -2.54 5.48
C THR B 995 3.51 -2.33 5.41
N GLY B 996 4.02 -1.31 6.11
CA GLY B 996 5.46 -1.07 6.09
C GLY B 996 6.25 -2.23 6.66
N ARG B 997 5.84 -2.74 7.82
CA ARG B 997 6.59 -3.81 8.47
C ARG B 997 6.46 -5.12 7.72
N LEU B 998 5.30 -5.40 7.12
CA LEU B 998 5.15 -6.59 6.30
C LEU B 998 6.02 -6.52 5.05
N GLN B 999 6.11 -5.33 4.45
CA GLN B 999 7.05 -5.15 3.34
C GLN B 999 8.48 -5.36 3.79
N SER B 1000 8.82 -4.89 5.00
CA SER B 1000 10.16 -5.11 5.53
C SER B 1000 10.46 -6.59 5.69
N LEU B 1001 9.53 -7.35 6.26
CA LEU B 1001 9.74 -8.79 6.39
C LEU B 1001 9.82 -9.48 5.05
N GLN B 1002 8.99 -9.07 4.09
CA GLN B 1002 9.05 -9.70 2.77
C GLN B 1002 10.39 -9.45 2.10
N THR B 1003 10.91 -8.22 2.21
CA THR B 1003 12.23 -7.91 1.67
C THR B 1003 13.29 -8.74 2.35
N TYR B 1004 13.24 -8.82 3.68
CA TYR B 1004 14.24 -9.58 4.42
C TYR B 1004 14.19 -11.06 4.06
N VAL B 1005 12.99 -11.62 3.92
CA VAL B 1005 12.86 -13.04 3.62
C VAL B 1005 13.31 -13.32 2.20
N THR B 1006 13.02 -12.42 1.25
CA THR B 1006 13.53 -12.63 -0.11
C THR B 1006 15.05 -12.58 -0.13
N GLN B 1007 15.65 -11.61 0.56
CA GLN B 1007 17.11 -11.55 0.63
C GLN B 1007 17.67 -12.79 1.28
N GLN B 1008 17.01 -13.30 2.33
CA GLN B 1008 17.49 -14.49 3.01
C GLN B 1008 17.36 -15.72 2.12
N LEU B 1009 16.30 -15.80 1.32
CA LEU B 1009 16.14 -16.93 0.40
C LEU B 1009 17.23 -16.92 -0.66
N ILE B 1010 17.54 -15.74 -1.21
CA ILE B 1010 18.60 -15.66 -2.21
C ILE B 1010 19.96 -15.98 -1.58
N ARG B 1011 20.22 -15.43 -0.39
CA ARG B 1011 21.47 -15.71 0.31
C ARG B 1011 21.57 -17.20 0.67
N ALA B 1012 20.44 -17.83 1.02
CA ALA B 1012 20.44 -19.25 1.32
C ALA B 1012 20.70 -20.08 0.08
N ALA B 1013 20.20 -19.63 -1.08
CA ALA B 1013 20.55 -20.32 -2.33
C ALA B 1013 22.04 -20.23 -2.60
N GLU B 1014 22.62 -19.05 -2.39
CA GLU B 1014 24.06 -18.89 -2.58
C GLU B 1014 24.86 -19.76 -1.60
N ILE B 1015 24.43 -19.79 -0.33
CA ILE B 1015 25.10 -20.60 0.67
C ILE B 1015 24.93 -22.09 0.37
N ARG B 1016 23.77 -22.49 -0.17
CA ARG B 1016 23.56 -23.88 -0.53
C ARG B 1016 24.44 -24.28 -1.70
N ALA B 1017 24.65 -23.38 -2.66
CA ALA B 1017 25.61 -23.65 -3.73
C ALA B 1017 27.01 -23.80 -3.16
N SER B 1018 27.39 -22.93 -2.23
CA SER B 1018 28.71 -23.03 -1.61
C SER B 1018 28.86 -24.33 -0.82
N ALA B 1019 27.79 -24.75 -0.14
CA ALA B 1019 27.83 -25.99 0.64
C ALA B 1019 27.87 -27.22 -0.26
N ASN B 1020 27.17 -27.18 -1.40
CA ASN B 1020 27.28 -28.26 -2.37
C ASN B 1020 28.69 -28.36 -2.92
N LEU B 1021 29.32 -27.21 -3.20
CA LEU B 1021 30.71 -27.22 -3.64
C LEU B 1021 31.63 -27.75 -2.55
N ALA B 1022 31.37 -27.38 -1.29
CA ALA B 1022 32.18 -27.88 -0.18
C ALA B 1022 32.04 -29.38 -0.03
N ALA B 1023 30.82 -29.90 -0.18
CA ALA B 1023 30.61 -31.35 -0.12
C ALA B 1023 31.31 -32.06 -1.28
N THR B 1024 31.26 -31.47 -2.47
CA THR B 1024 31.95 -32.04 -3.61
C THR B 1024 33.46 -32.06 -3.39
N LYS B 1025 34.00 -30.97 -2.86
CA LYS B 1025 35.44 -30.93 -2.58
C LYS B 1025 35.83 -31.94 -1.51
N MET B 1026 35.00 -32.06 -0.46
CA MET B 1026 35.24 -33.09 0.55
C MET B 1026 35.29 -34.47 -0.09
N SER B 1027 34.28 -34.80 -0.89
CA SER B 1027 34.21 -36.14 -1.50
C SER B 1027 35.39 -36.39 -2.42
N GLU B 1028 35.76 -35.41 -3.24
CA GLU B 1028 36.72 -35.65 -4.30
C GLU B 1028 38.16 -35.33 -3.92
N CYS B 1029 38.40 -34.74 -2.75
CA CYS B 1029 39.77 -34.40 -2.40
C CYS B 1029 40.14 -34.94 -1.02
N VAL B 1030 39.18 -34.98 -0.09
CA VAL B 1030 39.45 -35.60 1.19
C VAL B 1030 39.29 -37.10 1.11
N LEU B 1031 38.26 -37.56 0.41
CA LEU B 1031 37.99 -38.99 0.26
C LEU B 1031 38.65 -39.59 -0.97
N GLY B 1032 39.41 -38.80 -1.73
CA GLY B 1032 40.08 -39.31 -2.91
C GLY B 1032 41.03 -38.26 -3.45
N GLN B 1033 41.68 -38.61 -4.56
CA GLN B 1033 42.62 -37.71 -5.23
C GLN B 1033 42.00 -37.29 -6.56
N SER B 1034 41.72 -36.00 -6.69
CA SER B 1034 41.01 -35.48 -7.86
C SER B 1034 42.00 -35.08 -8.94
N LYS B 1035 41.68 -35.47 -10.18
CA LYS B 1035 42.45 -35.07 -11.35
C LYS B 1035 41.93 -33.79 -11.99
N ARG B 1036 40.86 -33.22 -11.45
CA ARG B 1036 40.35 -31.95 -11.96
C ARG B 1036 41.36 -30.85 -11.69
N VAL B 1037 41.69 -30.08 -12.72
CA VAL B 1037 42.74 -29.07 -12.60
C VAL B 1037 42.22 -27.88 -11.82
N ASP B 1038 43.01 -27.42 -10.85
CA ASP B 1038 42.71 -26.27 -10.00
C ASP B 1038 41.43 -26.44 -9.20
N PHE B 1039 40.89 -27.66 -9.12
CA PHE B 1039 39.73 -27.88 -8.28
C PHE B 1039 40.10 -27.87 -6.81
N CYS B 1040 41.22 -28.48 -6.46
CA CYS B 1040 41.70 -28.55 -5.08
C CYS B 1040 43.16 -28.11 -5.06
N GLY B 1041 43.36 -26.80 -4.96
CA GLY B 1041 44.69 -26.24 -4.91
C GLY B 1041 45.30 -26.06 -6.28
N LYS B 1042 46.26 -25.15 -6.36
CA LYS B 1042 46.99 -24.86 -7.59
C LYS B 1042 48.16 -25.83 -7.68
N GLY B 1043 48.07 -26.78 -8.60
CA GLY B 1043 49.11 -27.77 -8.78
C GLY B 1043 48.54 -29.16 -8.94
N TYR B 1044 49.41 -30.17 -9.01
CA TYR B 1044 48.96 -31.55 -9.10
C TYR B 1044 48.51 -32.00 -7.72
N HIS B 1045 47.20 -32.10 -7.53
CA HIS B 1045 46.63 -32.36 -6.22
C HIS B 1045 47.12 -33.69 -5.66
N LEU B 1046 47.50 -33.68 -4.38
CA LEU B 1046 47.90 -34.88 -3.67
C LEU B 1046 46.88 -35.26 -2.60
N MET B 1047 46.57 -34.36 -1.68
CA MET B 1047 45.69 -34.67 -0.56
C MET B 1047 44.85 -33.44 -0.26
N SER B 1048 44.04 -33.53 0.80
CA SER B 1048 43.29 -32.41 1.33
C SER B 1048 42.84 -32.77 2.73
N PHE B 1049 42.88 -31.79 3.62
CA PHE B 1049 42.53 -32.01 5.03
C PHE B 1049 41.42 -31.05 5.43
N PRO B 1050 40.24 -31.54 5.76
CA PRO B 1050 39.18 -30.63 6.22
C PRO B 1050 39.51 -30.04 7.57
N GLN B 1051 39.06 -28.81 7.79
CA GLN B 1051 39.17 -28.17 9.09
C GLN B 1051 37.87 -27.45 9.36
N SER B 1052 37.27 -27.73 10.52
CA SER B 1052 36.04 -27.05 10.89
C SER B 1052 36.29 -25.57 11.10
N ALA B 1053 35.34 -24.75 10.65
CA ALA B 1053 35.39 -23.31 10.83
C ALA B 1053 33.99 -22.83 11.15
N PRO B 1054 33.85 -21.68 11.79
CA PRO B 1054 32.50 -21.18 12.10
C PRO B 1054 31.67 -20.95 10.85
N HIS B 1055 30.59 -21.72 10.70
CA HIS B 1055 29.69 -21.63 9.55
C HIS B 1055 30.43 -21.82 8.23
N GLY B 1056 31.34 -22.78 8.21
CA GLY B 1056 32.11 -23.02 7.00
C GLY B 1056 33.07 -24.17 7.18
N VAL B 1057 33.95 -24.32 6.20
CA VAL B 1057 34.96 -25.38 6.22
C VAL B 1057 36.21 -24.84 5.54
N VAL B 1058 37.37 -25.31 6.00
CA VAL B 1058 38.66 -24.91 5.47
C VAL B 1058 39.37 -26.17 4.99
N PHE B 1059 39.85 -26.14 3.75
CA PHE B 1059 40.58 -27.26 3.18
C PHE B 1059 42.05 -26.90 3.04
N LEU B 1060 42.92 -27.81 3.47
CA LEU B 1060 44.37 -27.63 3.34
C LEU B 1060 44.81 -28.52 2.17
N HIS B 1061 44.77 -27.95 0.97
CA HIS B 1061 45.03 -28.71 -0.25
C HIS B 1061 46.53 -28.93 -0.41
N VAL B 1062 46.97 -30.16 -0.21
CA VAL B 1062 48.38 -30.52 -0.43
C VAL B 1062 48.57 -30.83 -1.90
N THR B 1063 49.42 -30.05 -2.56
CA THR B 1063 49.61 -30.15 -4.00
C THR B 1063 51.09 -30.29 -4.33
N TYR B 1064 51.36 -30.85 -5.50
CA TYR B 1064 52.71 -31.05 -6.00
C TYR B 1064 52.99 -29.99 -7.04
N VAL B 1065 53.98 -29.13 -6.78
CA VAL B 1065 54.35 -28.06 -7.67
C VAL B 1065 55.79 -28.28 -8.11
N PRO B 1066 56.06 -28.49 -9.40
CA PRO B 1066 57.45 -28.54 -9.87
C PRO B 1066 58.15 -27.22 -9.62
N ALA B 1067 59.44 -27.30 -9.29
CA ALA B 1067 60.17 -26.11 -8.84
C ALA B 1067 61.29 -25.70 -9.79
N GLN B 1068 62.23 -26.59 -10.09
CA GLN B 1068 63.44 -26.23 -10.82
C GLN B 1068 63.42 -26.95 -12.17
N GLU B 1069 63.21 -26.19 -13.23
CA GLU B 1069 63.15 -26.75 -14.58
C GLU B 1069 64.47 -26.52 -15.31
N LYS B 1070 64.76 -27.41 -16.25
CA LYS B 1070 65.98 -27.36 -17.03
C LYS B 1070 65.66 -27.58 -18.50
N ASN B 1071 66.30 -26.82 -19.36
CA ASN B 1071 66.12 -26.98 -20.80
C ASN B 1071 66.73 -28.29 -21.28
N PHE B 1072 66.03 -28.96 -22.19
CA PHE B 1072 66.55 -30.17 -22.82
C PHE B 1072 66.10 -30.22 -24.27
N THR B 1073 66.95 -30.75 -25.13
CA THR B 1073 66.58 -31.02 -26.52
C THR B 1073 65.81 -32.32 -26.59
N THR B 1074 64.66 -32.29 -27.27
CA THR B 1074 63.75 -33.42 -27.29
C THR B 1074 63.43 -33.82 -28.72
N ALA B 1075 63.11 -35.10 -28.89
CA ALA B 1075 62.73 -35.66 -30.18
C ALA B 1075 61.53 -36.57 -30.00
N PRO B 1076 60.62 -36.61 -30.98
CA PRO B 1076 59.41 -37.42 -30.82
C PRO B 1076 59.64 -38.91 -30.88
N ALA B 1077 60.70 -39.36 -31.55
CA ALA B 1077 60.96 -40.79 -31.70
C ALA B 1077 62.44 -40.98 -31.93
N ILE B 1078 62.88 -42.23 -31.76
CA ILE B 1078 64.28 -42.61 -31.94
C ILE B 1078 64.35 -43.59 -33.10
N CYS B 1079 65.12 -43.25 -34.13
CA CYS B 1079 65.27 -44.10 -35.30
C CYS B 1079 66.43 -45.06 -35.05
N HIS B 1080 66.09 -46.33 -34.82
CA HIS B 1080 67.09 -47.37 -34.59
C HIS B 1080 66.76 -48.58 -35.44
N ASP B 1081 67.78 -49.14 -36.10
CA ASP B 1081 67.63 -50.31 -36.95
C ASP B 1081 66.56 -50.11 -38.02
N GLY B 1082 66.45 -48.88 -38.51
CA GLY B 1082 65.43 -48.57 -39.52
C GLY B 1082 64.01 -48.70 -39.03
N LYS B 1083 63.76 -48.37 -37.77
CA LYS B 1083 62.41 -48.39 -37.22
C LYS B 1083 62.29 -47.31 -36.16
N ALA B 1084 61.07 -46.84 -35.96
CA ALA B 1084 60.81 -45.73 -35.04
C ALA B 1084 60.49 -46.27 -33.66
N HIS B 1085 61.14 -45.73 -32.64
CA HIS B 1085 60.91 -46.12 -31.25
C HIS B 1085 60.27 -44.96 -30.50
N PHE B 1086 59.19 -45.24 -29.80
CA PHE B 1086 58.48 -44.25 -29.02
C PHE B 1086 58.48 -44.67 -27.55
N PRO B 1087 58.57 -43.73 -26.62
CA PRO B 1087 58.63 -44.11 -25.21
C PRO B 1087 57.28 -44.57 -24.68
N ARG B 1088 57.30 -45.67 -23.92
CA ARG B 1088 56.07 -46.18 -23.34
C ARG B 1088 55.44 -45.15 -22.40
N GLU B 1089 56.25 -44.54 -21.55
CA GLU B 1089 55.80 -43.44 -20.71
C GLU B 1089 57.01 -42.57 -20.39
N GLY B 1090 56.98 -41.34 -20.88
CA GLY B 1090 58.09 -40.43 -20.77
C GLY B 1090 58.35 -39.73 -22.09
N VAL B 1091 59.46 -38.99 -22.11
CA VAL B 1091 59.88 -38.26 -23.29
C VAL B 1091 61.37 -38.49 -23.52
N PHE B 1092 61.77 -38.43 -24.79
CA PHE B 1092 63.17 -38.52 -25.15
C PHE B 1092 63.81 -37.15 -24.98
N VAL B 1093 64.87 -37.07 -24.18
CA VAL B 1093 65.59 -35.83 -23.96
C VAL B 1093 67.08 -36.10 -24.07
N SER B 1094 67.83 -35.04 -24.34
CA SER B 1094 69.28 -35.12 -24.42
C SER B 1094 69.89 -33.95 -23.66
N ASN B 1095 70.99 -34.22 -22.97
CA ASN B 1095 71.75 -33.18 -22.30
C ASN B 1095 72.77 -32.53 -23.23
N GLY B 1096 72.61 -32.68 -24.54
CA GLY B 1096 73.52 -32.10 -25.51
C GLY B 1096 74.20 -33.14 -26.37
N THR B 1097 74.60 -34.26 -25.78
CA THR B 1097 75.34 -35.30 -26.50
C THR B 1097 74.68 -36.66 -26.42
N HIS B 1098 74.12 -37.03 -25.27
CA HIS B 1098 73.54 -38.35 -25.06
C HIS B 1098 72.03 -38.23 -24.88
N TRP B 1099 71.30 -39.16 -25.48
CA TRP B 1099 69.84 -39.15 -25.47
C TRP B 1099 69.32 -40.04 -24.35
N PHE B 1100 68.34 -39.53 -23.60
CA PHE B 1100 67.76 -40.24 -22.47
C PHE B 1100 66.24 -40.15 -22.53
N VAL B 1101 65.58 -41.14 -21.93
CA VAL B 1101 64.14 -41.13 -21.74
C VAL B 1101 63.85 -40.74 -20.31
N THR B 1102 62.91 -39.81 -20.13
CA THR B 1102 62.64 -39.21 -18.83
C THR B 1102 61.15 -39.09 -18.61
N GLN B 1103 60.70 -39.41 -17.41
CA GLN B 1103 59.31 -39.21 -17.05
C GLN B 1103 58.95 -37.73 -17.15
N ARG B 1104 57.68 -37.45 -17.42
CA ARG B 1104 57.28 -36.11 -17.82
C ARG B 1104 57.48 -35.09 -16.70
N ASN B 1105 57.16 -35.44 -15.47
CA ASN B 1105 57.06 -34.46 -14.39
C ASN B 1105 58.27 -34.43 -13.47
N PHE B 1106 59.34 -35.16 -13.80
CA PHE B 1106 60.51 -35.18 -12.94
C PHE B 1106 61.70 -35.64 -13.77
N TYR B 1107 62.80 -34.91 -13.71
CA TYR B 1107 63.96 -35.24 -14.53
C TYR B 1107 64.64 -36.47 -13.95
N GLU B 1108 64.38 -37.63 -14.55
CA GLU B 1108 65.04 -38.89 -14.21
C GLU B 1108 65.52 -39.52 -15.50
N PRO B 1109 66.71 -39.17 -15.97
CA PRO B 1109 67.20 -39.73 -17.23
C PRO B 1109 67.39 -41.24 -17.14
N GLN B 1110 67.01 -41.92 -18.21
CA GLN B 1110 67.15 -43.36 -18.30
C GLN B 1110 67.74 -43.71 -19.67
N ILE B 1111 68.55 -44.78 -19.69
CA ILE B 1111 69.12 -45.24 -20.95
C ILE B 1111 68.01 -45.81 -21.82
N ILE B 1112 68.01 -45.45 -23.09
CA ILE B 1112 66.99 -45.93 -24.01
C ILE B 1112 67.14 -47.43 -24.19
N THR B 1113 66.08 -48.18 -23.91
CA THR B 1113 66.07 -49.63 -24.04
C THR B 1113 64.79 -50.04 -24.76
N THR B 1114 64.62 -51.35 -24.92
CA THR B 1114 63.39 -51.86 -25.49
C THR B 1114 62.28 -52.03 -24.45
N ASP B 1115 62.61 -51.94 -23.17
CA ASP B 1115 61.61 -52.05 -22.12
C ASP B 1115 60.78 -50.78 -21.98
N ASN B 1116 61.41 -49.62 -22.18
CA ASN B 1116 60.74 -48.33 -22.04
C ASN B 1116 60.37 -47.70 -23.37
N THR B 1117 60.56 -48.43 -24.48
CA THR B 1117 60.22 -47.94 -25.81
C THR B 1117 59.49 -49.03 -26.58
N PHE B 1118 58.65 -48.61 -27.53
CA PHE B 1118 57.93 -49.55 -28.38
C PHE B 1118 58.04 -49.13 -29.84
N VAL B 1119 58.28 -50.11 -30.70
CA VAL B 1119 58.46 -49.88 -32.13
C VAL B 1119 57.11 -49.64 -32.78
N SER B 1120 57.03 -48.64 -33.65
CA SER B 1120 55.77 -48.27 -34.27
C SER B 1120 55.95 -47.90 -35.74
N GLY B 1121 56.72 -48.70 -36.48
CA GLY B 1121 56.86 -48.52 -37.92
C GLY B 1121 58.30 -48.26 -38.32
N ASN B 1122 58.48 -47.30 -39.23
CA ASN B 1122 59.79 -46.93 -39.75
C ASN B 1122 60.00 -45.43 -39.56
N CYS B 1123 61.18 -44.96 -39.94
CA CYS B 1123 61.60 -43.60 -39.68
C CYS B 1123 61.19 -42.61 -40.77
N ASP B 1124 60.60 -43.09 -41.86
CA ASP B 1124 60.28 -42.20 -42.98
C ASP B 1124 59.03 -41.36 -42.73
N VAL B 1125 58.23 -41.71 -41.73
CA VAL B 1125 56.95 -41.04 -41.54
C VAL B 1125 56.96 -40.03 -40.40
N VAL B 1126 57.80 -40.23 -39.39
CA VAL B 1126 57.80 -39.36 -38.22
C VAL B 1126 58.58 -38.09 -38.53
N ILE B 1127 57.99 -36.95 -38.22
CA ILE B 1127 58.63 -35.65 -38.43
C ILE B 1127 59.36 -35.27 -37.15
N GLY B 1128 60.67 -35.15 -37.24
CA GLY B 1128 61.48 -34.83 -36.09
C GLY B 1128 62.21 -36.01 -35.45
N ILE B 1129 62.09 -37.21 -36.02
CA ILE B 1129 62.79 -38.36 -35.48
C ILE B 1129 64.30 -38.13 -35.59
N VAL B 1130 65.04 -38.68 -34.63
CA VAL B 1130 66.49 -38.53 -34.59
C VAL B 1130 67.13 -39.91 -34.53
N ASN B 1131 68.38 -39.97 -34.98
CA ASN B 1131 69.12 -41.22 -35.04
C ASN B 1131 69.81 -41.46 -33.71
N ASN B 1132 69.53 -42.61 -33.09
CA ASN B 1132 70.19 -42.98 -31.84
C ASN B 1132 70.10 -44.49 -31.68
N THR B 1133 70.93 -45.02 -30.81
CA THR B 1133 70.95 -46.44 -30.52
C THR B 1133 70.01 -46.75 -29.35
N VAL B 1134 69.40 -47.93 -29.41
CA VAL B 1134 68.52 -48.42 -28.36
C VAL B 1134 69.13 -49.69 -27.80
N TYR B 1135 69.42 -49.68 -26.50
CA TYR B 1135 70.05 -50.82 -25.85
C TYR B 1135 69.09 -52.00 -25.85
N ASP B 1136 69.59 -53.15 -26.28
CA ASP B 1136 68.81 -54.39 -26.22
C ASP B 1136 69.20 -55.15 -24.96
N PRO B 1137 68.31 -55.24 -23.97
CA PRO B 1137 68.69 -55.90 -22.70
C PRO B 1137 68.85 -57.40 -22.80
N LEU B 1138 68.78 -57.98 -24.00
CA LEU B 1138 68.94 -59.41 -24.17
C LEU B 1138 70.29 -59.78 -24.77
N GLN B 1139 70.86 -58.91 -25.61
CA GLN B 1139 72.11 -59.24 -26.29
C GLN B 1139 73.28 -59.52 -25.34
N PRO B 1140 73.54 -58.74 -24.29
CA PRO B 1140 74.67 -59.07 -23.41
C PRO B 1140 74.55 -60.46 -22.78
N GLU B 1141 73.34 -60.87 -22.41
CA GLU B 1141 73.16 -62.22 -21.87
C GLU B 1141 73.38 -63.28 -22.95
N LEU B 1142 72.95 -63.00 -24.18
CA LEU B 1142 73.20 -63.95 -25.27
C LEU B 1142 74.69 -64.12 -25.52
N ASP B 1143 75.45 -63.02 -25.46
CA ASP B 1143 76.89 -63.10 -25.65
C ASP B 1143 77.56 -63.94 -24.57
N SER B 1144 77.14 -63.77 -23.32
CA SER B 1144 77.70 -64.53 -22.22
C SER B 1144 76.75 -65.63 -21.76
N PRO C 26 -23.23 -31.14 42.73
CA PRO C 26 -23.59 -31.84 41.49
C PRO C 26 -22.41 -32.55 40.86
N ALA C 27 -22.67 -33.68 40.20
CA ALA C 27 -21.61 -34.44 39.57
C ALA C 27 -21.07 -33.72 38.34
N TYR C 28 -19.86 -34.09 37.94
CA TYR C 28 -19.18 -33.47 36.81
C TYR C 28 -18.85 -34.54 35.78
N THR C 29 -18.98 -34.17 34.50
CA THR C 29 -18.71 -35.08 33.39
C THR C 29 -17.98 -34.32 32.28
N ASN C 30 -17.11 -35.03 31.57
CA ASN C 30 -16.38 -34.43 30.47
C ASN C 30 -17.30 -34.19 29.27
N SER C 31 -16.95 -33.21 28.45
CA SER C 31 -17.72 -32.93 27.25
C SER C 31 -17.67 -34.09 26.27
N PHE C 32 -16.51 -34.72 26.13
CA PHE C 32 -16.33 -35.90 25.29
C PHE C 32 -16.64 -35.59 23.82
N THR C 33 -15.95 -34.59 23.29
CA THR C 33 -16.04 -34.21 21.87
C THR C 33 -17.48 -33.87 21.46
N ARG C 34 -18.18 -33.12 22.30
CA ARG C 34 -19.53 -32.68 21.99
C ARG C 34 -19.65 -31.19 22.28
N GLY C 35 -20.51 -30.53 21.52
CA GLY C 35 -20.73 -29.11 21.63
C GLY C 35 -20.24 -28.27 20.46
N VAL C 36 -20.25 -28.82 19.25
CA VAL C 36 -19.79 -28.11 18.06
C VAL C 36 -20.98 -27.84 17.16
N TYR C 37 -21.15 -26.59 16.76
CA TYR C 37 -22.24 -26.17 15.90
C TYR C 37 -21.71 -25.68 14.56
N TYR C 38 -22.59 -25.60 13.58
CA TYR C 38 -22.21 -25.05 12.28
C TYR C 38 -21.91 -23.56 12.43
N PRO C 39 -20.74 -23.09 12.01
CA PRO C 39 -20.40 -21.68 12.26
C PRO C 39 -21.24 -20.70 11.45
N ASP C 40 -21.45 -20.97 10.16
CA ASP C 40 -22.18 -20.07 9.30
C ASP C 40 -23.06 -20.87 8.36
N LYS C 41 -24.01 -20.19 7.73
CA LYS C 41 -24.97 -20.83 6.84
C LYS C 41 -24.48 -20.83 5.40
N VAL C 42 -23.32 -21.46 5.19
CA VAL C 42 -22.75 -21.66 3.87
C VAL C 42 -22.38 -23.13 3.74
N PHE C 43 -22.46 -23.66 2.53
CA PHE C 43 -22.19 -25.07 2.30
C PHE C 43 -20.71 -25.27 1.96
N ARG C 44 -20.04 -26.14 2.70
CA ARG C 44 -18.65 -26.48 2.47
C ARG C 44 -18.51 -28.00 2.41
N SER C 45 -17.81 -28.49 1.39
CA SER C 45 -17.66 -29.92 1.16
C SER C 45 -16.18 -30.25 0.94
N SER C 46 -15.71 -31.26 1.64
CA SER C 46 -14.32 -31.76 1.51
C SER C 46 -13.32 -30.64 1.74
N VAL C 47 -13.61 -29.76 2.69
CA VAL C 47 -12.74 -28.65 3.03
C VAL C 47 -12.57 -28.59 4.54
N LEU C 48 -11.32 -28.48 4.99
CA LEU C 48 -11.01 -28.25 6.39
C LEU C 48 -11.00 -26.75 6.63
N HIS C 49 -12.01 -26.26 7.34
CA HIS C 49 -12.23 -24.83 7.53
C HIS C 49 -11.98 -24.46 8.98
N SER C 50 -11.27 -23.35 9.20
CA SER C 50 -10.90 -22.90 10.53
C SER C 50 -11.84 -21.77 10.96
N THR C 51 -12.48 -21.94 12.12
CA THR C 51 -13.45 -20.99 12.63
C THR C 51 -13.02 -20.51 14.00
N GLN C 52 -13.08 -19.19 14.22
CA GLN C 52 -12.79 -18.58 15.51
C GLN C 52 -14.10 -18.04 16.07
N ASP C 53 -14.69 -18.78 17.01
CA ASP C 53 -16.00 -18.42 17.54
C ASP C 53 -16.15 -19.06 18.92
N LEU C 54 -17.17 -18.62 19.64
CA LEU C 54 -17.46 -19.17 20.95
C LEU C 54 -17.85 -20.64 20.83
N PHE C 55 -17.04 -21.51 21.42
CA PHE C 55 -17.21 -22.95 21.28
C PHE C 55 -17.07 -23.61 22.65
N LEU C 56 -17.65 -24.80 22.78
CA LEU C 56 -17.43 -25.61 23.97
C LEU C 56 -16.13 -26.38 23.80
N PRO C 57 -15.14 -26.18 24.67
CA PRO C 57 -13.86 -26.89 24.51
C PRO C 57 -14.05 -28.40 24.61
N PHE C 58 -13.24 -29.12 23.84
CA PHE C 58 -13.22 -30.57 23.95
C PHE C 58 -12.73 -31.01 25.32
N PHE C 59 -13.35 -32.07 25.85
CA PHE C 59 -12.93 -32.68 27.11
C PHE C 59 -12.97 -31.66 28.25
N SER C 60 -13.94 -30.75 28.18
CA SER C 60 -14.14 -29.76 29.23
C SER C 60 -15.06 -30.31 30.31
N ASN C 61 -15.02 -29.67 31.47
CA ASN C 61 -15.80 -30.14 32.61
C ASN C 61 -17.23 -29.62 32.49
N VAL C 62 -18.16 -30.50 32.13
CA VAL C 62 -19.56 -30.16 31.95
C VAL C 62 -20.32 -30.63 33.18
N THR C 63 -20.95 -29.68 33.87
CA THR C 63 -21.64 -30.01 35.11
C THR C 63 -22.93 -30.75 34.81
N TRP C 64 -23.14 -31.87 35.49
CA TRP C 64 -24.39 -32.63 35.40
C TRP C 64 -25.27 -32.27 36.59
N PHE C 65 -26.51 -31.89 36.31
CA PHE C 65 -27.47 -31.51 37.33
C PHE C 65 -28.57 -32.55 37.40
N HIS C 66 -28.75 -33.14 38.58
CA HIS C 66 -29.85 -34.06 38.80
C HIS C 66 -31.16 -33.28 38.86
N ALA C 67 -32.21 -33.87 38.30
CA ALA C 67 -33.53 -33.27 38.37
C ALA C 67 -34.05 -33.29 39.81
N ILE C 68 -35.15 -32.57 40.03
CA ILE C 68 -35.73 -32.53 41.36
C ILE C 68 -36.27 -33.91 41.72
N HIS C 69 -35.91 -34.37 42.91
CA HIS C 69 -36.12 -35.76 43.30
C HIS C 69 -37.55 -35.94 43.81
N VAL C 70 -38.22 -36.98 43.32
CA VAL C 70 -39.54 -37.38 43.78
C VAL C 70 -39.49 -38.86 44.16
N SER C 71 -39.90 -39.16 45.38
CA SER C 71 -39.89 -40.54 45.86
C SER C 71 -41.32 -41.05 46.07
N ASN C 74 -43.52 -42.76 49.27
CA ASN C 74 -42.66 -42.00 50.17
C ASN C 74 -42.99 -40.52 50.14
N GLY C 75 -42.95 -39.92 48.95
CA GLY C 75 -43.26 -38.52 48.79
C GLY C 75 -42.12 -37.57 49.10
N THR C 76 -40.93 -38.07 49.39
CA THR C 76 -39.79 -37.20 49.67
C THR C 76 -39.44 -36.40 48.42
N LYS C 77 -39.27 -35.09 48.58
CA LYS C 77 -39.03 -34.18 47.47
C LYS C 77 -37.93 -33.19 47.81
N ARG C 78 -37.05 -32.94 46.85
CA ARG C 78 -36.02 -31.93 46.97
C ARG C 78 -35.98 -31.13 45.69
N PHE C 79 -35.50 -29.88 45.79
CA PHE C 79 -35.47 -28.97 44.66
C PHE C 79 -34.03 -28.77 44.19
N ASP C 80 -33.77 -29.13 42.94
CA ASP C 80 -32.47 -28.99 42.31
C ASP C 80 -32.65 -28.31 40.95
N ASN C 81 -32.64 -26.98 40.95
CA ASN C 81 -32.78 -26.17 39.74
C ASN C 81 -32.07 -24.85 39.95
N PRO C 82 -30.74 -24.85 39.95
CA PRO C 82 -29.99 -23.63 40.29
C PRO C 82 -30.08 -22.58 39.19
N VAL C 83 -29.80 -21.35 39.59
CA VAL C 83 -29.74 -20.22 38.66
C VAL C 83 -28.34 -20.16 38.06
N LEU C 84 -28.14 -20.85 36.95
CA LEU C 84 -26.80 -20.99 36.38
C LEU C 84 -26.40 -19.71 35.65
N PRO C 85 -25.16 -19.26 35.80
CA PRO C 85 -24.72 -18.10 35.02
C PRO C 85 -24.63 -18.41 33.54
N PHE C 86 -24.83 -17.38 32.72
CA PHE C 86 -24.76 -17.57 31.28
C PHE C 86 -23.32 -17.77 30.81
N ASN C 87 -22.40 -16.94 31.31
CA ASN C 87 -20.96 -17.09 31.05
C ASN C 87 -20.66 -17.12 29.55
N ASP C 88 -21.26 -16.16 28.82
CA ASP C 88 -20.98 -15.96 27.40
C ASP C 88 -21.23 -17.22 26.59
N GLY C 89 -22.40 -17.83 26.77
CA GLY C 89 -22.70 -19.03 25.98
C GLY C 89 -22.87 -20.22 26.89
N VAL C 90 -23.84 -21.07 26.54
CA VAL C 90 -24.15 -22.28 27.30
C VAL C 90 -24.40 -23.42 26.33
N TYR C 91 -23.78 -24.57 26.59
CA TYR C 91 -24.10 -25.81 25.91
C TYR C 91 -25.03 -26.60 26.83
N PHE C 92 -26.21 -26.95 26.33
CA PHE C 92 -27.22 -27.62 27.13
C PHE C 92 -27.55 -28.96 26.48
N ALA C 93 -27.45 -30.04 27.26
CA ALA C 93 -27.69 -31.38 26.78
C ALA C 93 -28.61 -32.12 27.75
N SER C 94 -29.62 -32.80 27.20
CA SER C 94 -30.57 -33.58 27.99
C SER C 94 -30.79 -34.93 27.34
N THR C 95 -30.84 -35.98 28.15
CA THR C 95 -31.12 -37.33 27.67
C THR C 95 -32.45 -37.86 28.16
N GLU C 96 -33.31 -37.00 28.72
CA GLU C 96 -34.58 -37.45 29.28
C GLU C 96 -35.49 -37.99 28.19
N LYS C 97 -36.15 -39.11 28.48
CA LYS C 97 -37.11 -39.71 27.56
C LYS C 97 -38.54 -39.26 27.79
N SER C 98 -38.83 -38.64 28.94
CA SER C 98 -40.15 -38.16 29.26
C SER C 98 -40.36 -36.69 28.91
N ASN C 99 -39.36 -36.04 28.31
CA ASN C 99 -39.43 -34.63 27.92
C ASN C 99 -39.75 -33.74 29.12
N ILE C 100 -39.13 -34.05 30.26
CA ILE C 100 -39.34 -33.24 31.45
C ILE C 100 -38.74 -31.85 31.26
N ILE C 101 -37.57 -31.78 30.62
CA ILE C 101 -36.95 -30.49 30.33
C ILE C 101 -37.80 -29.76 29.30
N ARG C 102 -38.46 -28.69 29.73
CA ARG C 102 -39.35 -27.91 28.87
C ARG C 102 -39.01 -26.43 29.03
N GLY C 103 -38.06 -25.96 28.21
CA GLY C 103 -37.78 -24.55 28.11
C GLY C 103 -36.78 -24.04 29.12
N TRP C 104 -36.51 -22.74 29.00
CA TRP C 104 -35.54 -22.05 29.84
C TRP C 104 -35.99 -20.62 30.06
N ILE C 105 -35.42 -19.98 31.07
CA ILE C 105 -35.64 -18.57 31.35
C ILE C 105 -34.28 -17.89 31.45
N PHE C 106 -34.11 -16.78 30.73
CA PHE C 106 -32.86 -16.04 30.68
C PHE C 106 -33.13 -14.62 31.15
N GLY C 107 -32.30 -14.13 32.07
CA GLY C 107 -32.47 -12.78 32.56
C GLY C 107 -31.31 -12.34 33.42
N THR C 108 -31.17 -11.01 33.54
CA THR C 108 -30.12 -10.45 34.37
C THR C 108 -30.36 -10.76 35.85
N THR C 109 -31.58 -10.51 36.32
CA THR C 109 -31.95 -10.79 37.69
C THR C 109 -33.22 -11.63 37.81
N LEU C 110 -33.90 -11.92 36.70
CA LEU C 110 -35.09 -12.76 36.69
C LEU C 110 -36.18 -12.20 37.62
N ASP C 111 -36.34 -10.88 37.59
CA ASP C 111 -37.38 -10.22 38.37
C ASP C 111 -38.07 -9.18 37.48
N SER C 112 -39.12 -8.57 38.02
CA SER C 112 -39.88 -7.59 37.26
C SER C 112 -39.06 -6.33 37.00
N LYS C 113 -37.99 -6.13 37.77
CA LYS C 113 -37.18 -4.92 37.61
C LYS C 113 -36.51 -4.85 36.26
N THR C 114 -36.00 -5.98 35.76
CA THR C 114 -35.26 -6.02 34.51
C THR C 114 -35.91 -6.99 33.53
N GLN C 115 -35.68 -6.73 32.24
CA GLN C 115 -36.22 -7.59 31.20
C GLN C 115 -35.62 -8.99 31.28
N SER C 116 -36.46 -10.00 31.03
CA SER C 116 -36.04 -11.39 31.06
C SER C 116 -36.59 -12.11 29.84
N LEU C 117 -35.79 -13.01 29.29
CA LEU C 117 -36.19 -13.82 28.14
C LEU C 117 -36.73 -15.15 28.63
N LEU C 118 -37.93 -15.49 28.18
CA LEU C 118 -38.60 -16.73 28.59
C LEU C 118 -38.90 -17.56 27.35
N ILE C 119 -38.36 -18.77 27.31
CA ILE C 119 -38.59 -19.71 26.22
C ILE C 119 -39.21 -20.96 26.82
N VAL C 120 -40.40 -21.33 26.36
CA VAL C 120 -41.11 -22.51 26.85
C VAL C 120 -41.62 -23.29 25.65
N ASN C 121 -41.39 -24.61 25.67
CA ASN C 121 -41.93 -25.52 24.67
C ASN C 121 -43.19 -26.18 25.25
N ASN C 122 -44.35 -25.72 24.80
CA ASN C 122 -45.61 -26.32 25.21
C ASN C 122 -45.89 -27.55 24.37
N ALA C 123 -47.09 -28.13 24.57
CA ALA C 123 -47.41 -29.41 23.93
C ALA C 123 -47.43 -29.29 22.41
N THR C 124 -47.89 -28.16 21.87
CA THR C 124 -48.07 -28.03 20.43
C THR C 124 -47.10 -27.05 19.78
N ASN C 125 -46.52 -26.12 20.54
CA ASN C 125 -45.69 -25.08 19.94
C ASN C 125 -44.67 -24.60 20.95
N VAL C 126 -44.00 -23.51 20.61
CA VAL C 126 -43.05 -22.84 21.49
C VAL C 126 -43.53 -21.42 21.75
N VAL C 127 -43.47 -21.00 23.01
CA VAL C 127 -43.79 -19.63 23.41
C VAL C 127 -42.50 -18.97 23.85
N ILE C 128 -42.03 -18.01 23.08
CA ILE C 128 -40.85 -17.22 23.41
C ILE C 128 -41.31 -15.80 23.70
N LYS C 129 -41.25 -15.40 24.97
CA LYS C 129 -41.71 -14.10 25.41
C LYS C 129 -40.58 -13.38 26.13
N VAL C 130 -40.30 -12.15 25.69
CA VAL C 130 -39.30 -11.31 26.33
C VAL C 130 -40.06 -10.24 27.11
N CYS C 131 -40.36 -10.53 28.37
CA CYS C 131 -41.10 -9.58 29.18
C CYS C 131 -40.40 -9.39 30.51
N GLU C 132 -40.78 -8.31 31.20
CA GLU C 132 -40.23 -8.01 32.53
C GLU C 132 -40.87 -8.97 33.53
N PHE C 133 -40.61 -10.25 33.31
CA PHE C 133 -41.30 -11.31 34.03
C PHE C 133 -40.92 -11.27 35.50
N GLN C 134 -41.92 -11.46 36.35
CA GLN C 134 -41.68 -11.60 37.79
C GLN C 134 -41.64 -13.08 38.12
N PHE C 135 -40.44 -13.60 38.33
CA PHE C 135 -40.21 -15.03 38.47
C PHE C 135 -40.24 -15.41 39.95
N CYS C 136 -40.99 -16.46 40.27
CA CYS C 136 -41.00 -16.98 41.62
C CYS C 136 -39.67 -17.64 41.95
N ASN C 137 -39.45 -17.90 43.24
CA ASN C 137 -38.20 -18.51 43.68
C ASN C 137 -38.02 -19.90 43.07
N ASP C 138 -39.11 -20.54 42.69
CA ASP C 138 -39.03 -21.86 42.09
C ASP C 138 -39.81 -21.86 40.78
N PRO C 139 -39.24 -21.37 39.67
CA PRO C 139 -39.97 -21.37 38.40
C PRO C 139 -40.43 -22.76 38.02
N PHE C 140 -41.66 -22.88 37.54
CA PHE C 140 -42.39 -24.15 37.51
C PHE C 140 -43.36 -24.18 36.35
N LEU C 141 -43.48 -25.36 35.71
CA LEU C 141 -44.45 -25.57 34.64
C LEU C 141 -45.49 -26.59 35.11
N GLY C 142 -46.73 -26.14 35.29
CA GLY C 142 -47.78 -27.00 35.84
C GLY C 142 -48.72 -27.56 34.80
N VAL C 143 -48.88 -28.88 34.80
CA VAL C 143 -49.72 -29.58 33.84
C VAL C 143 -50.71 -30.46 34.59
N TYR C 144 -51.79 -30.85 33.92
CA TYR C 144 -52.79 -31.74 34.49
C TYR C 144 -53.11 -32.86 33.52
N TYR C 145 -53.79 -33.89 34.03
CA TYR C 145 -54.07 -35.10 33.28
C TYR C 145 -55.55 -35.18 32.92
N HIS C 146 -55.84 -35.55 31.68
CA HIS C 146 -57.19 -35.81 31.23
C HIS C 146 -57.42 -37.31 31.14
N LYS C 147 -58.56 -37.78 31.66
CA LYS C 147 -58.82 -39.21 31.71
C LYS C 147 -58.88 -39.81 30.31
N ASN C 148 -59.59 -39.16 29.39
CA ASN C 148 -59.75 -39.70 28.05
C ASN C 148 -58.49 -39.49 27.20
N ASN C 149 -57.83 -38.35 27.39
CA ASN C 149 -56.68 -38.02 26.54
C ASN C 149 -55.50 -38.94 26.82
N LYS C 150 -55.40 -39.46 28.05
CA LYS C 150 -54.32 -40.32 28.53
C LYS C 150 -52.97 -39.63 28.47
N SER C 151 -52.93 -38.30 28.44
CA SER C 151 -51.70 -37.55 28.41
C SER C 151 -51.79 -36.38 29.39
N TRP C 152 -50.63 -35.92 29.85
CA TRP C 152 -50.54 -34.84 30.81
C TRP C 152 -50.29 -33.54 30.05
N MET C 153 -51.35 -33.01 29.44
CA MET C 153 -51.21 -31.81 28.63
C MET C 153 -51.08 -30.56 29.51
N GLU C 154 -50.52 -29.51 28.92
CA GLU C 154 -50.11 -28.33 29.67
C GLU C 154 -51.27 -27.35 29.80
N SER C 155 -51.55 -26.95 31.04
CA SER C 155 -52.62 -25.98 31.28
C SER C 155 -52.13 -24.56 31.10
N GLU C 156 -51.19 -24.13 31.94
CA GLU C 156 -50.72 -22.76 31.93
C GLU C 156 -49.30 -22.71 32.49
N PHE C 157 -48.58 -21.66 32.13
CA PHE C 157 -47.18 -21.49 32.51
C PHE C 157 -47.14 -20.88 33.91
N ARG C 158 -47.02 -21.73 34.94
CA ARG C 158 -46.94 -21.26 36.33
C ARG C 158 -45.52 -20.85 36.67
N VAL C 159 -44.94 -20.02 35.79
CA VAL C 159 -43.55 -19.61 35.93
C VAL C 159 -43.42 -18.17 36.41
N TYR C 160 -44.36 -17.30 36.08
CA TYR C 160 -44.20 -15.86 36.21
C TYR C 160 -45.40 -15.27 36.93
N SER C 161 -45.17 -14.20 37.70
CA SER C 161 -46.27 -13.49 38.32
C SER C 161 -46.83 -12.41 37.41
N SER C 162 -45.97 -11.71 36.66
CA SER C 162 -46.38 -10.59 35.83
C SER C 162 -45.62 -10.59 34.52
N ALA C 163 -46.18 -9.89 33.53
CA ALA C 163 -45.59 -9.75 32.20
C ALA C 163 -45.73 -8.32 31.70
N ASN C 164 -45.34 -7.35 32.54
CA ASN C 164 -45.64 -5.96 32.25
C ASN C 164 -44.58 -5.32 31.35
N ASN C 165 -45.03 -4.39 30.50
CA ASN C 165 -44.17 -3.45 29.78
C ASN C 165 -43.11 -4.17 28.94
N CYS C 166 -43.56 -5.02 28.02
CA CYS C 166 -42.60 -5.79 27.24
C CYS C 166 -42.83 -5.63 25.73
N THR C 167 -41.87 -6.17 24.96
CA THR C 167 -41.70 -5.80 23.56
C THR C 167 -41.81 -6.96 22.58
N PHE C 168 -41.30 -8.14 22.92
CA PHE C 168 -41.07 -9.17 21.90
C PHE C 168 -41.81 -10.45 22.28
N GLU C 169 -42.42 -11.08 21.28
CA GLU C 169 -43.07 -12.37 21.43
C GLU C 169 -42.94 -13.15 20.13
N TYR C 170 -42.60 -14.44 20.24
CA TYR C 170 -42.38 -15.29 19.08
C TYR C 170 -42.98 -16.66 19.34
N VAL C 171 -43.67 -17.20 18.34
CA VAL C 171 -44.28 -18.53 18.43
C VAL C 171 -43.97 -19.29 17.14
N SER C 172 -43.56 -20.55 17.28
CA SER C 172 -43.28 -21.41 16.14
C SER C 172 -43.40 -22.86 16.61
N GLN C 173 -42.92 -23.77 15.77
CA GLN C 173 -42.97 -25.19 16.12
C GLN C 173 -42.00 -25.47 17.27
N PRO C 174 -42.35 -26.40 18.17
CA PRO C 174 -41.46 -26.70 19.29
C PRO C 174 -40.21 -27.44 18.82
N PHE C 175 -39.12 -27.27 19.58
CA PHE C 175 -37.85 -27.89 19.23
C PHE C 175 -37.41 -28.96 20.21
N LEU C 176 -37.71 -28.80 21.51
CA LEU C 176 -37.25 -29.78 22.49
C LEU C 176 -37.86 -31.16 22.24
N MET C 177 -39.17 -31.23 22.04
CA MET C 177 -39.80 -32.53 21.85
C MET C 177 -39.38 -33.14 20.53
N ASP C 178 -39.08 -34.44 20.55
CA ASP C 178 -38.79 -35.21 19.36
C ASP C 178 -37.61 -34.65 18.57
N LYS C 187 -32.53 -41.79 26.39
CA LYS C 187 -32.71 -42.48 25.11
C LYS C 187 -32.37 -41.57 23.94
N ASN C 188 -32.88 -40.34 24.00
CA ASN C 188 -32.64 -39.34 22.97
C ASN C 188 -31.92 -38.16 23.59
N LEU C 189 -30.85 -37.70 22.93
CA LEU C 189 -30.03 -36.60 23.43
C LEU C 189 -30.36 -35.33 22.67
N ARG C 190 -30.54 -34.24 23.42
CA ARG C 190 -30.90 -32.94 22.88
C ARG C 190 -29.82 -31.94 23.25
N GLU C 191 -29.09 -31.45 22.27
CA GLU C 191 -27.97 -30.54 22.50
C GLU C 191 -28.33 -29.16 21.99
N PHE C 192 -28.09 -28.15 22.83
CA PHE C 192 -28.44 -26.76 22.53
C PHE C 192 -27.29 -25.83 22.87
N VAL C 193 -27.17 -24.77 22.08
CA VAL C 193 -26.20 -23.71 22.32
C VAL C 193 -26.91 -22.37 22.28
N PHE C 194 -26.69 -21.54 23.29
CA PHE C 194 -27.30 -20.21 23.36
C PHE C 194 -26.20 -19.17 23.38
N LYS C 195 -26.30 -18.19 22.49
CA LYS C 195 -25.33 -17.10 22.41
C LYS C 195 -26.06 -15.77 22.37
N ASN C 196 -25.47 -14.75 23.00
CA ASN C 196 -26.05 -13.41 23.04
C ASN C 196 -24.99 -12.43 22.52
N ILE C 197 -24.98 -12.23 21.20
CA ILE C 197 -24.01 -11.36 20.54
C ILE C 197 -24.75 -10.27 19.79
N ASP C 198 -24.38 -9.02 20.06
CA ASP C 198 -24.96 -7.85 19.39
C ASP C 198 -26.47 -7.81 19.52
N GLY C 199 -26.97 -8.19 20.69
CA GLY C 199 -28.40 -8.20 20.93
C GLY C 199 -29.16 -9.31 20.26
N TYR C 200 -28.47 -10.28 19.67
CA TYR C 200 -29.11 -11.39 18.96
C TYR C 200 -28.90 -12.67 19.75
N PHE C 201 -30.00 -13.37 20.02
CA PHE C 201 -29.97 -14.65 20.70
C PHE C 201 -29.92 -15.77 19.66
N LYS C 202 -28.80 -16.47 19.61
CA LYS C 202 -28.58 -17.53 18.63
C LYS C 202 -28.74 -18.88 19.29
N ILE C 203 -29.59 -19.73 18.72
CA ILE C 203 -29.88 -21.05 19.24
C ILE C 203 -29.52 -22.08 18.19
N TYR C 204 -28.72 -23.07 18.57
CA TYR C 204 -28.34 -24.19 17.72
C TYR C 204 -28.82 -25.47 18.38
N SER C 205 -29.43 -26.36 17.58
CA SER C 205 -30.02 -27.57 18.13
C SER C 205 -29.72 -28.75 17.22
N LYS C 206 -29.62 -29.93 17.84
CA LYS C 206 -29.42 -31.18 17.13
C LYS C 206 -29.94 -32.32 17.99
N HIS C 207 -30.66 -33.26 17.36
CA HIS C 207 -31.31 -34.35 18.07
C HIS C 207 -30.69 -35.67 17.59
N THR C 208 -30.27 -36.51 18.53
CA THR C 208 -29.66 -37.78 18.22
C THR C 208 -29.99 -38.78 19.31
N PRO C 209 -30.59 -39.93 18.98
CA PRO C 209 -30.80 -40.97 20.00
C PRO C 209 -29.47 -41.57 20.43
N ILE C 210 -29.34 -41.81 21.74
CA ILE C 210 -28.10 -42.30 22.33
C ILE C 210 -28.41 -43.51 23.19
N ASN C 211 -27.58 -44.56 23.06
CA ASN C 211 -27.77 -45.75 23.88
C ASN C 211 -27.29 -45.52 25.31
N LEU C 212 -26.15 -44.83 25.47
CA LEU C 212 -25.63 -44.55 26.80
C LEU C 212 -26.56 -43.60 27.55
N VAL C 213 -26.72 -43.84 28.85
CA VAL C 213 -27.62 -43.06 29.69
C VAL C 213 -26.85 -42.28 30.75
N ARG C 214 -25.81 -42.89 31.32
CA ARG C 214 -25.10 -42.26 32.42
C ARG C 214 -24.36 -41.00 31.99
N ASP C 215 -23.65 -41.07 30.87
CA ASP C 215 -22.81 -39.96 30.42
C ASP C 215 -23.02 -39.70 28.93
N LEU C 216 -22.54 -38.54 28.49
CA LEU C 216 -22.62 -38.20 27.08
C LEU C 216 -21.77 -39.17 26.27
N PRO C 217 -22.29 -39.71 25.17
CA PRO C 217 -21.55 -40.72 24.41
C PRO C 217 -20.33 -40.13 23.73
N GLN C 218 -19.29 -40.96 23.58
CA GLN C 218 -18.13 -40.56 22.80
C GLN C 218 -18.49 -40.53 21.32
N GLY C 219 -18.09 -39.45 20.66
CA GLY C 219 -18.44 -39.25 19.27
C GLY C 219 -18.51 -37.77 18.97
N PHE C 220 -18.94 -37.46 17.75
CA PHE C 220 -19.03 -36.09 17.27
C PHE C 220 -20.41 -35.84 16.68
N SER C 221 -21.03 -34.73 17.08
CA SER C 221 -22.31 -34.30 16.54
C SER C 221 -22.26 -32.80 16.31
N ALA C 222 -22.76 -32.37 15.16
CA ALA C 222 -22.77 -30.97 14.78
C ALA C 222 -24.17 -30.40 14.99
N LEU C 223 -24.25 -29.25 15.66
CA LEU C 223 -25.54 -28.64 16.00
C LEU C 223 -25.98 -27.72 14.87
N GLU C 224 -27.14 -28.03 14.28
CA GLU C 224 -27.67 -27.20 13.22
C GLU C 224 -28.11 -25.84 13.80
N PRO C 225 -27.90 -24.75 13.07
CA PRO C 225 -28.52 -23.48 13.48
C PRO C 225 -30.04 -23.60 13.47
N LEU C 226 -30.68 -22.98 14.46
CA LEU C 226 -32.12 -23.13 14.64
C LEU C 226 -32.87 -21.83 14.42
N VAL C 227 -32.53 -20.77 15.15
CA VAL C 227 -33.25 -19.50 15.05
C VAL C 227 -32.43 -18.41 15.70
N ASP C 228 -32.52 -17.20 15.15
CA ASP C 228 -31.88 -16.00 15.69
C ASP C 228 -32.97 -15.03 16.12
N LEU C 229 -32.81 -14.46 17.31
CA LEU C 229 -33.82 -13.57 17.84
C LEU C 229 -33.21 -12.21 18.19
N PRO C 230 -33.93 -11.13 17.91
CA PRO C 230 -33.47 -9.79 18.34
C PRO C 230 -33.88 -9.48 19.78
N ILE C 231 -33.34 -10.26 20.72
CA ILE C 231 -33.74 -10.11 22.11
C ILE C 231 -33.26 -8.78 22.66
N GLY C 232 -31.98 -8.47 22.45
CA GLY C 232 -31.43 -7.17 22.81
C GLY C 232 -31.42 -6.86 24.29
N ILE C 233 -31.10 -7.83 25.14
CA ILE C 233 -30.95 -7.58 26.57
C ILE C 233 -29.67 -8.20 27.08
N ASN C 234 -29.41 -8.06 28.38
CA ASN C 234 -28.15 -8.43 29.02
C ASN C 234 -27.90 -9.94 29.02
N ILE C 235 -28.88 -10.74 29.47
CA ILE C 235 -28.75 -12.18 29.58
C ILE C 235 -27.52 -12.51 30.44
N THR C 236 -27.57 -12.14 31.71
CA THR C 236 -26.45 -12.41 32.60
C THR C 236 -26.46 -13.85 33.09
N ARG C 237 -27.64 -14.38 33.41
CA ARG C 237 -27.76 -15.72 33.97
C ARG C 237 -29.07 -16.34 33.49
N PHE C 238 -29.20 -17.65 33.71
CA PHE C 238 -30.37 -18.38 33.24
C PHE C 238 -30.73 -19.48 34.23
N GLN C 239 -31.82 -20.19 33.92
CA GLN C 239 -32.23 -21.36 34.68
C GLN C 239 -33.16 -22.19 33.80
N THR C 240 -33.17 -23.50 34.04
CA THR C 240 -33.90 -24.45 33.23
C THR C 240 -35.24 -24.78 33.88
N LEU C 241 -36.29 -24.84 33.07
CA LEU C 241 -37.62 -25.13 33.59
C LEU C 241 -37.86 -26.64 33.62
N LEU C 242 -38.55 -27.10 34.66
CA LEU C 242 -38.78 -28.53 34.88
C LEU C 242 -40.28 -28.80 34.89
N ALA C 243 -40.68 -29.88 34.20
CA ALA C 243 -42.08 -30.27 34.18
C ALA C 243 -42.41 -31.10 35.43
N LEU C 244 -43.54 -30.77 36.07
CA LEU C 244 -44.08 -31.55 37.18
C LEU C 244 -45.57 -31.73 36.94
N HIS C 245 -46.05 -32.96 37.12
CA HIS C 245 -47.37 -33.34 36.64
C HIS C 245 -48.45 -32.92 37.63
N ARG C 246 -49.68 -33.38 37.37
CA ARG C 246 -50.82 -33.01 38.20
C ARG C 246 -50.61 -33.44 39.65
N SER C 247 -49.75 -34.45 39.87
CA SER C 247 -49.41 -34.84 41.22
C SER C 247 -48.78 -33.69 41.99
N TYR C 248 -47.98 -32.87 41.30
CA TYR C 248 -47.39 -31.68 41.90
C TYR C 248 -48.16 -30.41 41.60
N LEU C 249 -49.05 -30.42 40.59
CA LEU C 249 -49.78 -29.20 40.25
C LEU C 249 -50.62 -28.71 41.41
N THR C 250 -51.25 -29.62 42.13
CA THR C 250 -51.90 -29.24 43.38
C THR C 250 -50.86 -28.76 44.38
N PRO C 251 -51.15 -27.71 45.15
CA PRO C 251 -50.12 -27.15 46.06
C PRO C 251 -49.80 -28.09 47.22
N GLY C 252 -49.06 -29.15 46.89
CA GLY C 252 -48.67 -30.13 47.88
C GLY C 252 -47.28 -30.65 47.60
N ASP C 253 -46.69 -31.28 48.61
CA ASP C 253 -45.36 -31.85 48.52
C ASP C 253 -45.36 -33.35 48.27
N SER C 254 -46.50 -33.93 47.90
CA SER C 254 -46.63 -35.36 47.67
C SER C 254 -47.08 -35.60 46.24
N SER C 255 -46.38 -36.52 45.55
CA SER C 255 -46.73 -36.93 44.20
C SER C 255 -47.17 -38.38 44.24
N SER C 256 -48.29 -38.69 43.58
CA SER C 256 -48.90 -40.00 43.70
C SER C 256 -48.47 -40.96 42.61
N GLY C 257 -48.75 -40.64 41.34
CA GLY C 257 -48.56 -41.60 40.27
C GLY C 257 -47.51 -41.25 39.24
N TRP C 258 -46.73 -40.21 39.47
CA TRP C 258 -45.71 -39.79 38.53
C TRP C 258 -44.46 -39.39 39.30
N THR C 259 -43.30 -39.54 38.66
CA THR C 259 -42.01 -39.27 39.28
C THR C 259 -41.20 -38.31 38.41
N ALA C 260 -40.44 -37.42 39.06
CA ALA C 260 -39.62 -36.44 38.35
C ALA C 260 -38.14 -36.80 38.32
N GLY C 261 -37.76 -37.99 38.80
CA GLY C 261 -36.35 -38.34 38.84
C GLY C 261 -35.76 -38.77 37.51
N ALA C 262 -36.59 -38.93 36.48
CA ALA C 262 -36.10 -39.44 35.21
C ALA C 262 -35.21 -38.42 34.50
N ALA C 263 -35.51 -37.13 34.66
CA ALA C 263 -34.80 -36.10 33.91
C ALA C 263 -33.34 -36.00 34.35
N ALA C 264 -32.46 -35.72 33.40
CA ALA C 264 -31.05 -35.49 33.65
C ALA C 264 -30.50 -34.61 32.54
N TYR C 265 -30.01 -33.43 32.91
CA TYR C 265 -29.52 -32.46 31.94
C TYR C 265 -28.12 -31.99 32.30
N TYR C 266 -27.32 -31.71 31.27
CA TYR C 266 -25.94 -31.28 31.42
C TYR C 266 -25.80 -29.86 30.93
N VAL C 267 -24.96 -29.07 31.60
CA VAL C 267 -24.74 -27.68 31.26
C VAL C 267 -23.24 -27.42 31.12
N GLY C 268 -22.84 -26.88 29.98
CA GLY C 268 -21.46 -26.51 29.75
C GLY C 268 -21.36 -25.10 29.20
N TYR C 269 -20.39 -24.36 29.68
CA TYR C 269 -20.20 -22.96 29.32
C TYR C 269 -19.26 -22.84 28.13
N LEU C 270 -19.67 -22.08 27.13
CA LEU C 270 -18.86 -21.88 25.93
C LEU C 270 -17.72 -20.92 26.22
N GLN C 271 -16.66 -21.03 25.39
CA GLN C 271 -15.48 -20.20 25.52
C GLN C 271 -15.05 -19.74 24.13
N PRO C 272 -14.38 -18.59 24.03
CA PRO C 272 -13.83 -18.18 22.74
C PRO C 272 -12.70 -19.12 22.33
N ARG C 273 -12.86 -19.73 21.15
CA ARG C 273 -11.94 -20.77 20.73
C ARG C 273 -11.71 -20.68 19.23
N THR C 274 -10.65 -21.34 18.78
CA THR C 274 -10.38 -21.54 17.36
C THR C 274 -10.53 -23.02 17.07
N PHE C 275 -11.37 -23.35 16.10
CA PHE C 275 -11.70 -24.73 15.78
C PHE C 275 -11.39 -25.01 14.31
N LEU C 276 -10.76 -26.14 14.04
CA LEU C 276 -10.55 -26.60 12.68
C LEU C 276 -11.62 -27.63 12.35
N LEU C 277 -12.59 -27.23 11.55
CA LEU C 277 -13.77 -28.04 11.26
C LEU C 277 -13.56 -28.82 9.98
N LYS C 278 -13.84 -30.12 10.05
CA LYS C 278 -13.76 -30.99 8.87
C LYS C 278 -15.15 -31.16 8.29
N TYR C 279 -15.32 -30.77 7.04
CA TYR C 279 -16.54 -31.01 6.29
C TYR C 279 -16.30 -32.16 5.33
N ASN C 280 -17.20 -33.14 5.33
CA ASN C 280 -17.07 -34.26 4.41
C ASN C 280 -17.63 -33.84 3.05
N GLU C 281 -17.65 -34.78 2.09
CA GLU C 281 -18.07 -34.41 0.74
C GLU C 281 -19.58 -34.17 0.69
N ASN C 282 -20.34 -34.75 1.62
CA ASN C 282 -21.74 -34.38 1.74
C ASN C 282 -21.95 -33.14 2.59
N GLY C 283 -20.88 -32.58 3.17
CA GLY C 283 -20.96 -31.30 3.84
C GLY C 283 -21.17 -31.33 5.34
N THR C 284 -21.36 -32.50 5.94
CA THR C 284 -21.54 -32.57 7.38
C THR C 284 -20.20 -32.45 8.11
N ILE C 285 -20.23 -31.83 9.29
CA ILE C 285 -19.03 -31.69 10.10
C ILE C 285 -18.77 -33.00 10.82
N THR C 286 -17.90 -33.84 10.24
CA THR C 286 -17.65 -35.16 10.83
C THR C 286 -16.77 -35.06 12.07
N ASP C 287 -15.73 -34.24 12.02
CA ASP C 287 -14.78 -34.17 13.12
C ASP C 287 -14.18 -32.77 13.20
N ALA C 288 -13.60 -32.46 14.36
CA ALA C 288 -12.98 -31.17 14.60
C ALA C 288 -11.91 -31.31 15.68
N VAL C 289 -11.02 -30.32 15.74
CA VAL C 289 -9.96 -30.28 16.73
C VAL C 289 -9.91 -28.87 17.33
N ASP C 290 -9.67 -28.79 18.64
CA ASP C 290 -9.53 -27.52 19.32
C ASP C 290 -8.05 -27.15 19.31
N CYS C 291 -7.73 -25.97 18.78
CA CYS C 291 -6.34 -25.57 18.65
C CYS C 291 -5.67 -25.32 20.00
N ALA C 292 -6.43 -25.25 21.09
CA ALA C 292 -5.86 -25.07 22.42
C ALA C 292 -6.11 -26.23 23.36
N LEU C 293 -6.68 -27.35 22.88
CA LEU C 293 -6.96 -28.47 23.75
C LEU C 293 -5.66 -29.12 24.25
N ASP C 294 -4.75 -29.42 23.33
CA ASP C 294 -3.49 -30.06 23.67
C ASP C 294 -2.50 -29.78 22.53
N PRO C 295 -1.19 -29.90 22.79
CA PRO C 295 -0.22 -29.49 21.76
C PRO C 295 -0.35 -30.25 20.46
N LEU C 296 -0.77 -31.52 20.50
CA LEU C 296 -0.99 -32.26 19.27
C LEU C 296 -2.10 -31.61 18.44
N SER C 297 -3.17 -31.17 19.10
CA SER C 297 -4.25 -30.53 18.37
C SER C 297 -3.83 -29.16 17.84
N GLU C 298 -2.97 -28.45 18.58
CA GLU C 298 -2.41 -27.20 18.06
C GLU C 298 -1.59 -27.46 16.80
N THR C 299 -0.80 -28.53 16.81
CA THR C 299 -0.05 -28.91 15.62
C THR C 299 -0.98 -29.23 14.46
N LYS C 300 -2.07 -29.95 14.75
CA LYS C 300 -3.04 -30.27 13.72
C LYS C 300 -3.67 -29.00 13.14
N CYS C 301 -3.97 -28.03 13.99
CA CYS C 301 -4.50 -26.75 13.52
C CYS C 301 -3.49 -26.02 12.64
N THR C 302 -2.24 -25.95 13.07
CA THR C 302 -1.23 -25.19 12.33
C THR C 302 -1.02 -25.78 10.93
N LEU C 303 -0.95 -27.09 10.83
CA LEU C 303 -0.75 -27.75 9.54
C LEU C 303 -2.03 -27.86 8.74
N LYS C 304 -3.18 -27.52 9.32
CA LYS C 304 -4.49 -27.60 8.65
C LYS C 304 -4.77 -29.02 8.18
N SER C 305 -4.36 -30.00 8.98
CA SER C 305 -4.64 -31.40 8.70
C SER C 305 -4.82 -32.14 10.02
N PHE C 306 -5.64 -33.19 9.99
CA PHE C 306 -5.87 -33.99 11.19
C PHE C 306 -4.88 -35.13 11.35
N THR C 307 -4.01 -35.35 10.37
CA THR C 307 -2.94 -36.34 10.48
C THR C 307 -1.61 -35.62 10.27
N VAL C 308 -0.69 -35.80 11.21
CA VAL C 308 0.63 -35.19 11.13
C VAL C 308 1.67 -36.29 11.02
N GLU C 309 2.77 -35.98 10.35
CA GLU C 309 3.84 -36.92 10.12
C GLU C 309 4.93 -36.72 11.17
N LYS C 310 5.84 -37.68 11.24
CA LYS C 310 6.92 -37.61 12.22
C LYS C 310 7.79 -36.39 11.96
N GLY C 311 8.07 -35.64 13.01
CA GLY C 311 8.88 -34.44 12.88
C GLY C 311 8.60 -33.49 14.03
N ILE C 312 9.24 -32.33 13.95
CA ILE C 312 9.10 -31.26 14.93
C ILE C 312 8.49 -30.05 14.23
N TYR C 313 7.38 -29.56 14.75
CA TYR C 313 6.57 -28.54 14.09
C TYR C 313 6.52 -27.28 14.94
N GLN C 314 6.80 -26.14 14.32
CA GLN C 314 6.66 -24.84 14.96
C GLN C 314 5.19 -24.47 14.92
N THR C 315 4.49 -24.65 16.04
CA THR C 315 3.04 -24.47 16.08
C THR C 315 2.65 -23.04 16.39
N SER C 316 3.07 -22.53 17.55
CA SER C 316 2.69 -21.19 17.98
C SER C 316 3.82 -20.62 18.83
N ASN C 317 3.53 -19.56 19.56
CA ASN C 317 4.50 -18.88 20.40
C ASN C 317 4.06 -18.91 21.85
N PHE C 318 5.05 -18.95 22.75
CA PHE C 318 4.82 -18.97 24.19
C PHE C 318 5.15 -17.59 24.73
N ARG C 319 4.18 -16.97 25.41
CA ARG C 319 4.34 -15.61 25.92
C ARG C 319 3.83 -15.54 27.35
N VAL C 320 4.61 -14.95 28.23
CA VAL C 320 4.23 -14.82 29.64
C VAL C 320 3.23 -13.67 29.76
N GLN C 321 2.00 -13.99 30.11
CA GLN C 321 0.98 -12.96 30.25
C GLN C 321 1.26 -12.10 31.47
N PRO C 322 0.93 -10.81 31.43
CA PRO C 322 1.18 -9.94 32.60
C PRO C 322 0.37 -10.38 33.80
N THR C 323 0.96 -10.23 34.98
CA THR C 323 0.27 -10.62 36.21
C THR C 323 -0.65 -9.52 36.72
N GLU C 324 -0.27 -8.26 36.53
CA GLU C 324 -1.05 -7.14 37.03
C GLU C 324 -0.80 -5.91 36.16
N SER C 325 -1.63 -4.89 36.37
CA SER C 325 -1.52 -3.63 35.66
C SER C 325 -0.92 -2.58 36.59
N ILE C 326 0.09 -1.87 36.10
CA ILE C 326 0.80 -0.85 36.88
C ILE C 326 0.60 0.49 36.20
N VAL C 327 0.17 1.48 36.97
CA VAL C 327 0.03 2.86 36.51
C VAL C 327 0.85 3.74 37.43
N ARG C 328 1.74 4.55 36.85
CA ARG C 328 2.63 5.41 37.62
C ARG C 328 2.61 6.82 37.01
N PHE C 329 1.89 7.72 37.67
CA PHE C 329 1.83 9.12 37.32
C PHE C 329 2.50 9.95 38.40
N PRO C 330 2.98 11.16 38.06
CA PRO C 330 3.68 11.97 39.06
C PRO C 330 2.78 12.37 40.22
N ASN C 331 3.41 12.85 41.28
CA ASN C 331 2.73 13.17 42.53
C ASN C 331 1.96 14.49 42.48
N ILE C 332 1.75 15.05 41.29
CA ILE C 332 0.94 16.26 41.16
C ILE C 332 -0.49 15.96 41.56
N THR C 333 -1.11 16.89 42.28
CA THR C 333 -2.45 16.66 42.81
C THR C 333 -3.40 17.83 42.56
N ASN C 334 -2.85 19.04 42.40
CA ASN C 334 -3.68 20.22 42.23
C ASN C 334 -4.33 20.24 40.85
N LEU C 335 -5.60 20.66 40.83
CA LEU C 335 -6.34 20.73 39.57
C LEU C 335 -5.79 21.84 38.68
N CYS C 336 -5.89 21.62 37.37
CA CYS C 336 -5.38 22.61 36.43
C CYS C 336 -6.32 23.82 36.36
N PRO C 337 -5.77 25.02 36.17
CA PRO C 337 -6.59 26.22 36.10
C PRO C 337 -7.26 26.40 34.73
N PHE C 338 -8.10 25.44 34.37
CA PHE C 338 -8.85 25.53 33.12
C PHE C 338 -10.02 26.51 33.23
N GLY C 339 -10.44 26.85 34.45
CA GLY C 339 -11.49 27.85 34.59
C GLY C 339 -11.06 29.22 34.09
N GLU C 340 -9.83 29.63 34.42
CA GLU C 340 -9.35 30.94 34.04
C GLU C 340 -9.20 31.10 32.52
N VAL C 341 -9.25 30.01 31.77
CA VAL C 341 -9.18 30.10 30.31
C VAL C 341 -10.56 30.14 29.69
N PHE C 342 -11.48 29.28 30.15
CA PHE C 342 -12.81 29.21 29.56
C PHE C 342 -13.81 30.14 30.23
N ASN C 343 -13.71 30.31 31.54
CA ASN C 343 -14.58 31.22 32.27
C ASN C 343 -14.13 32.68 32.19
N ALA C 344 -13.24 33.01 31.25
CA ALA C 344 -12.68 34.35 31.18
C ALA C 344 -13.75 35.38 30.84
N THR C 345 -13.65 36.55 31.47
CA THR C 345 -14.63 37.61 31.24
C THR C 345 -14.55 38.14 29.82
N ARG C 346 -13.36 38.49 29.35
CA ARG C 346 -13.16 38.87 27.97
C ARG C 346 -11.94 38.15 27.40
N PHE C 347 -12.07 37.69 26.16
CA PHE C 347 -11.00 37.03 25.44
C PHE C 347 -10.17 38.07 24.68
N ALA C 348 -8.87 37.81 24.61
CA ALA C 348 -8.00 38.72 23.87
C ALA C 348 -8.32 38.67 22.38
N SER C 349 -7.97 39.75 21.70
CA SER C 349 -8.19 39.83 20.26
C SER C 349 -7.29 38.85 19.53
N VAL C 350 -7.66 38.52 18.29
CA VAL C 350 -6.91 37.53 17.53
C VAL C 350 -5.52 38.03 17.19
N TYR C 351 -5.38 39.32 16.89
CA TYR C 351 -4.09 39.85 16.52
C TYR C 351 -3.08 39.74 17.66
N ALA C 352 -3.53 39.90 18.91
CA ALA C 352 -2.69 39.73 20.09
C ALA C 352 -3.46 38.82 21.05
N TRP C 353 -3.32 37.52 20.86
CA TRP C 353 -4.05 36.56 21.68
C TRP C 353 -3.34 36.37 23.02
N ASN C 354 -3.95 35.57 23.88
CA ASN C 354 -3.36 35.24 25.18
C ASN C 354 -3.02 33.75 25.20
N ARG C 355 -1.77 33.44 25.50
CA ARG C 355 -1.31 32.07 25.64
C ARG C 355 -0.97 31.81 27.11
N LYS C 356 -1.58 30.78 27.67
CA LYS C 356 -1.42 30.45 29.09
C LYS C 356 -0.62 29.17 29.25
N ARG C 357 0.32 29.19 30.17
CA ARG C 357 1.16 28.02 30.48
C ARG C 357 0.42 27.17 31.50
N ILE C 358 -0.18 26.08 31.03
CA ILE C 358 -0.86 25.14 31.91
C ILE C 358 0.13 24.01 32.20
N SER C 359 0.63 23.95 33.43
CA SER C 359 1.62 22.96 33.80
C SER C 359 1.59 22.76 35.31
N ASN C 360 2.21 21.67 35.75
CA ASN C 360 2.30 21.31 37.17
C ASN C 360 0.92 21.19 37.80
N CYS C 361 0.01 20.53 37.11
CA CYS C 361 -1.35 20.35 37.62
C CYS C 361 -1.97 19.13 36.95
N VAL C 362 -3.03 18.62 37.58
CA VAL C 362 -3.80 17.50 37.05
C VAL C 362 -4.92 18.06 36.19
N ALA C 363 -4.94 17.68 34.92
CA ALA C 363 -5.92 18.19 33.97
C ALA C 363 -6.98 17.13 33.71
N ASP C 364 -8.25 17.52 33.86
CA ASP C 364 -9.38 16.63 33.62
C ASP C 364 -10.08 17.11 32.35
N TYR C 365 -9.79 16.45 31.23
CA TYR C 365 -10.42 16.78 29.96
C TYR C 365 -11.78 16.11 29.80
N SER C 366 -12.13 15.17 30.67
CA SER C 366 -13.44 14.52 30.57
C SER C 366 -14.56 15.52 30.79
N VAL C 367 -14.42 16.41 31.77
CA VAL C 367 -15.45 17.43 32.01
C VAL C 367 -15.50 18.41 30.85
N LEU C 368 -14.35 18.72 30.25
CA LEU C 368 -14.33 19.62 29.11
C LEU C 368 -15.05 19.02 27.91
N TYR C 369 -14.81 17.74 27.64
CA TYR C 369 -15.45 17.10 26.48
C TYR C 369 -16.92 16.83 26.73
N ASN C 370 -17.28 16.41 27.94
CA ASN C 370 -18.66 16.04 28.22
C ASN C 370 -19.59 17.24 28.23
N SER C 371 -19.06 18.43 28.56
CA SER C 371 -19.89 19.63 28.56
C SER C 371 -20.36 19.94 27.15
N ALA C 372 -21.66 20.26 27.03
CA ALA C 372 -22.26 20.57 25.74
C ALA C 372 -22.19 22.04 25.38
N SER C 373 -21.55 22.86 26.21
CA SER C 373 -21.43 24.28 25.92
C SER C 373 -20.62 24.53 24.65
N PHE C 374 -19.54 23.78 24.47
CA PHE C 374 -18.66 23.97 23.32
C PHE C 374 -19.31 23.34 22.08
N SER C 375 -19.53 24.17 21.06
CA SER C 375 -20.13 23.67 19.82
C SER C 375 -19.12 22.86 19.01
N THR C 376 -17.88 23.31 18.95
CA THR C 376 -16.82 22.65 18.18
C THR C 376 -15.74 22.17 19.14
N PHE C 377 -15.52 20.86 19.18
CA PHE C 377 -14.48 20.24 20.00
C PHE C 377 -13.76 19.23 19.12
N LYS C 378 -12.72 19.69 18.43
CA LYS C 378 -12.01 18.87 17.45
C LYS C 378 -10.57 18.69 17.90
N CYS C 379 -10.15 17.44 18.05
CA CYS C 379 -8.77 17.10 18.42
C CYS C 379 -8.08 16.48 17.22
N TYR C 380 -6.87 16.93 16.93
CA TYR C 380 -6.16 16.53 15.71
C TYR C 380 -5.15 15.42 15.96
N GLY C 381 -4.16 15.66 16.82
CA GLY C 381 -3.16 14.65 17.07
C GLY C 381 -3.51 13.63 18.12
N VAL C 382 -4.61 13.83 18.83
CA VAL C 382 -5.03 12.98 19.93
C VAL C 382 -6.49 12.62 19.75
N SER C 383 -7.04 11.89 20.73
CA SER C 383 -8.45 11.59 20.78
C SER C 383 -9.04 12.24 22.02
N PRO C 384 -10.17 12.95 21.90
CA PRO C 384 -10.70 13.67 23.06
C PRO C 384 -11.03 12.76 24.25
N THR C 385 -11.45 11.52 24.00
CA THR C 385 -11.75 10.60 25.08
C THR C 385 -10.51 9.93 25.66
N LYS C 386 -9.37 10.00 24.97
CA LYS C 386 -8.12 9.42 25.45
C LYS C 386 -7.25 10.42 26.19
N LEU C 387 -7.71 11.67 26.35
CA LEU C 387 -6.88 12.69 26.97
C LEU C 387 -6.66 12.46 28.46
N ASN C 388 -7.57 11.75 29.13
CA ASN C 388 -7.42 11.51 30.56
C ASN C 388 -6.35 10.46 30.87
N ASP C 389 -6.00 9.62 29.90
CA ASP C 389 -5.01 8.57 30.10
C ASP C 389 -3.60 9.00 29.72
N LEU C 390 -3.42 10.20 29.19
CA LEU C 390 -2.14 10.67 28.70
C LEU C 390 -1.50 11.66 29.67
N CYS C 391 -0.21 11.91 29.45
CA CYS C 391 0.53 12.89 30.22
C CYS C 391 1.30 13.78 29.26
N PHE C 392 1.30 15.08 29.54
CA PHE C 392 1.95 16.07 28.69
C PHE C 392 2.96 16.85 29.50
N THR C 393 4.05 17.25 28.84
CA THR C 393 5.07 18.04 29.54
C THR C 393 4.65 19.50 29.70
N ASN C 394 3.91 20.04 28.73
CA ASN C 394 3.42 21.41 28.81
C ASN C 394 2.18 21.53 27.94
N VAL C 395 1.17 22.22 28.47
CA VAL C 395 -0.08 22.48 27.74
C VAL C 395 -0.25 23.99 27.66
N TYR C 396 -0.49 24.49 26.45
CA TYR C 396 -0.68 25.91 26.21
C TYR C 396 -2.06 26.14 25.62
N ALA C 397 -2.82 27.06 26.21
CA ALA C 397 -4.15 27.40 25.75
C ALA C 397 -4.13 28.79 25.15
N ASP C 398 -4.50 28.91 23.88
CA ASP C 398 -4.58 30.19 23.19
C ASP C 398 -6.04 30.54 22.98
N SER C 399 -6.45 31.69 23.52
CA SER C 399 -7.85 32.11 23.53
C SER C 399 -8.02 33.36 22.67
N PHE C 400 -8.98 33.31 21.75
CA PHE C 400 -9.30 34.46 20.92
C PHE C 400 -10.73 34.28 20.40
N VAL C 401 -11.29 35.36 19.88
CA VAL C 401 -12.67 35.39 19.41
C VAL C 401 -12.68 35.61 17.90
N ILE C 402 -13.36 34.74 17.18
CA ILE C 402 -13.52 34.83 15.74
C ILE C 402 -15.00 34.67 15.40
N ARG C 403 -15.29 34.62 14.11
CA ARG C 403 -16.66 34.56 13.61
C ARG C 403 -16.96 33.19 13.02
N GLY C 404 -18.25 32.92 12.84
CA GLY C 404 -18.67 31.61 12.37
C GLY C 404 -18.14 31.27 10.99
N ASP C 405 -18.00 32.28 10.13
CA ASP C 405 -17.44 32.05 8.81
C ASP C 405 -15.94 31.78 8.86
N GLU C 406 -15.27 32.14 9.95
CA GLU C 406 -13.83 31.97 10.08
C GLU C 406 -13.45 30.91 11.10
N VAL C 407 -14.42 30.18 11.66
CA VAL C 407 -14.08 29.17 12.65
C VAL C 407 -13.34 28.00 12.01
N ARG C 408 -13.66 27.70 10.74
CA ARG C 408 -12.97 26.62 10.04
C ARG C 408 -11.52 26.96 9.73
N GLN C 409 -11.15 28.25 9.79
CA GLN C 409 -9.77 28.64 9.51
C GLN C 409 -8.81 28.23 10.62
N ILE C 410 -9.33 27.91 11.80
CA ILE C 410 -8.47 27.47 12.91
C ILE C 410 -8.30 25.97 12.75
N ALA C 411 -7.33 25.59 11.92
CA ALA C 411 -7.01 24.20 11.62
C ALA C 411 -5.67 24.15 10.91
N PRO C 412 -4.92 23.05 11.06
CA PRO C 412 -3.63 22.96 10.36
C PRO C 412 -3.80 22.99 8.85
N GLY C 413 -2.87 23.65 8.18
CA GLY C 413 -2.88 23.72 6.73
C GLY C 413 -4.10 24.40 6.14
N GLN C 414 -4.47 25.55 6.68
CA GLN C 414 -5.63 26.29 6.22
C GLN C 414 -5.20 27.65 5.66
N THR C 415 -5.95 28.11 4.66
CA THR C 415 -5.70 29.39 4.02
C THR C 415 -6.91 30.29 4.24
N GLY C 416 -6.67 31.48 4.75
CA GLY C 416 -7.74 32.43 5.02
C GLY C 416 -7.19 33.66 5.69
N LYS C 417 -8.09 34.61 5.97
CA LYS C 417 -7.67 35.86 6.59
C LYS C 417 -7.05 35.60 7.96
N ILE C 418 -7.77 34.87 8.82
CA ILE C 418 -7.26 34.57 10.16
C ILE C 418 -6.00 33.71 10.06
N ALA C 419 -6.04 32.67 9.22
CA ALA C 419 -4.90 31.77 9.11
C ALA C 419 -3.66 32.50 8.61
N ASP C 420 -3.82 33.32 7.56
CA ASP C 420 -2.65 33.94 6.95
C ASP C 420 -2.11 35.08 7.79
N TYR C 421 -2.98 35.93 8.33
CA TYR C 421 -2.53 37.19 8.92
C TYR C 421 -2.68 37.27 10.43
N ASN C 422 -3.47 36.41 11.06
CA ASN C 422 -3.75 36.53 12.49
C ASN C 422 -3.23 35.35 13.29
N TYR C 423 -3.64 34.11 12.97
CA TYR C 423 -3.30 32.95 13.78
C TYR C 423 -3.10 31.75 12.85
N LYS C 424 -1.88 31.26 12.77
CA LYS C 424 -1.54 30.11 11.94
C LYS C 424 -1.23 28.91 12.81
N LEU C 425 -1.88 27.78 12.52
CA LEU C 425 -1.63 26.54 13.24
C LEU C 425 -0.55 25.74 12.51
N PRO C 426 0.33 25.05 13.24
CA PRO C 426 1.39 24.28 12.60
C PRO C 426 0.82 23.12 11.78
N ASP C 427 1.58 22.73 10.75
CA ASP C 427 1.18 21.58 9.95
C ASP C 427 1.16 20.31 10.80
N ASP C 428 2.17 20.12 11.64
CA ASP C 428 2.21 19.00 12.57
C ASP C 428 1.59 19.36 13.92
N PHE C 429 0.38 19.90 13.89
CA PHE C 429 -0.29 20.35 15.10
C PHE C 429 -0.96 19.17 15.78
N THR C 430 -0.58 18.92 17.03
CA THR C 430 -1.24 17.94 17.88
C THR C 430 -1.89 18.66 19.05
N GLY C 431 -3.16 18.39 19.26
CA GLY C 431 -3.93 19.07 20.28
C GLY C 431 -5.40 19.08 19.91
N CYS C 432 -6.13 19.98 20.58
CA CYS C 432 -7.57 20.10 20.39
C CYS C 432 -7.95 21.55 20.16
N VAL C 433 -9.01 21.76 19.38
CA VAL C 433 -9.56 23.07 19.11
C VAL C 433 -10.95 23.13 19.70
N ILE C 434 -11.17 24.11 20.57
CA ILE C 434 -12.44 24.26 21.28
C ILE C 434 -13.03 25.62 20.90
N ALA C 435 -14.31 25.61 20.51
CA ALA C 435 -15.00 26.83 20.13
C ALA C 435 -16.46 26.76 20.58
N TRP C 436 -16.99 27.89 21.01
CA TRP C 436 -18.38 27.98 21.39
C TRP C 436 -18.89 29.40 21.13
N ASN C 437 -20.20 29.53 21.01
CA ASN C 437 -20.80 30.80 20.63
C ASN C 437 -20.73 31.79 21.78
N SER C 438 -20.25 33.00 21.48
CA SER C 438 -20.15 34.08 22.45
C SER C 438 -21.09 35.23 22.12
N ASN C 439 -22.15 34.97 21.34
CA ASN C 439 -23.12 36.01 21.04
C ASN C 439 -23.79 36.51 22.30
N ASN C 440 -24.09 35.60 23.24
CA ASN C 440 -24.65 35.98 24.52
C ASN C 440 -23.64 36.70 25.41
N LEU C 441 -22.36 36.71 25.02
CA LEU C 441 -21.28 37.23 25.86
C LEU C 441 -20.72 38.54 25.36
N ASP C 442 -20.41 38.64 24.06
CA ASP C 442 -19.67 39.78 23.53
C ASP C 442 -20.49 40.70 22.62
N SER C 443 -21.63 40.23 22.11
CA SER C 443 -22.44 41.08 21.24
C SER C 443 -23.03 42.25 22.03
N LYS C 444 -23.01 43.43 21.42
CA LYS C 444 -23.50 44.64 22.05
C LYS C 444 -24.30 45.44 21.03
N VAL C 445 -25.25 46.23 21.55
CA VAL C 445 -26.04 47.09 20.67
C VAL C 445 -25.14 48.18 20.10
N GLY C 446 -25.18 48.33 18.77
CA GLY C 446 -24.29 49.24 18.10
C GLY C 446 -22.93 48.67 17.73
N GLY C 447 -22.67 47.42 18.09
CA GLY C 447 -21.42 46.76 17.75
C GLY C 447 -20.41 46.82 18.89
N ASN C 448 -19.62 45.76 18.99
CA ASN C 448 -18.56 45.66 20.00
C ASN C 448 -17.23 45.94 19.30
N TYR C 449 -16.64 47.09 19.59
CA TYR C 449 -15.44 47.55 18.91
C TYR C 449 -14.16 47.30 19.72
N ASN C 450 -14.25 46.51 20.79
CA ASN C 450 -13.06 46.12 21.53
C ASN C 450 -12.31 44.96 20.88
N TYR C 451 -12.84 44.43 19.77
CA TYR C 451 -12.34 43.20 19.17
C TYR C 451 -11.75 43.53 17.80
N LEU C 452 -10.50 43.12 17.60
CA LEU C 452 -9.74 43.53 16.42
C LEU C 452 -9.17 42.31 15.70
N TYR C 453 -9.21 42.35 14.37
CA TYR C 453 -8.54 41.37 13.53
C TYR C 453 -7.73 42.12 12.48
N ARG C 454 -6.52 41.63 12.21
CA ARG C 454 -5.69 42.24 11.17
C ARG C 454 -6.25 41.91 9.79
N LEU C 455 -6.28 42.91 8.92
CA LEU C 455 -6.78 42.76 7.56
C LEU C 455 -5.69 42.80 6.51
N PHE C 456 -4.59 43.50 6.77
CA PHE C 456 -3.48 43.61 5.83
C PHE C 456 -2.16 43.34 6.53
N ARG C 457 -1.29 42.58 5.88
CA ARG C 457 0.05 42.35 6.38
C ARG C 457 0.97 42.11 5.19
N LYS C 458 2.24 42.47 5.36
CA LYS C 458 3.22 42.35 4.28
C LYS C 458 3.43 40.89 3.88
N SER C 459 3.55 40.00 4.87
CA SER C 459 3.82 38.60 4.62
C SER C 459 2.95 37.74 5.52
N ASN C 460 2.72 36.51 5.07
CA ASN C 460 1.93 35.55 5.85
C ASN C 460 2.69 35.16 7.12
N LEU C 461 1.92 34.72 8.12
CA LEU C 461 2.49 34.36 9.40
C LEU C 461 2.94 32.91 9.43
N LYS C 462 4.12 32.68 10.00
CA LYS C 462 4.54 31.35 10.36
C LYS C 462 3.69 30.84 11.52
N PRO C 463 3.61 29.53 11.73
CA PRO C 463 2.74 29.02 12.81
C PRO C 463 3.18 29.53 14.17
N PHE C 464 2.19 29.87 15.00
CA PHE C 464 2.39 30.42 16.34
C PHE C 464 3.26 31.68 16.28
N GLU C 465 2.80 32.63 15.48
CA GLU C 465 3.44 33.93 15.32
C GLU C 465 2.45 35.02 15.65
N ARG C 466 2.82 35.90 16.59
CA ARG C 466 1.97 37.00 17.02
C ARG C 466 2.70 38.31 16.78
N ASP C 467 2.00 39.28 16.19
CA ASP C 467 2.56 40.58 15.89
C ASP C 467 1.69 41.67 16.52
N ILE C 468 2.32 42.60 17.23
CA ILE C 468 1.64 43.73 17.85
C ILE C 468 2.24 45.06 17.40
N SER C 469 2.82 45.09 16.20
CA SER C 469 3.48 46.30 15.72
C SER C 469 2.51 47.45 15.55
N THR C 470 1.31 47.18 15.00
CA THR C 470 0.30 48.18 14.72
C THR C 470 0.84 49.27 13.80
N GLU C 471 1.82 48.93 12.97
CA GLU C 471 2.35 49.87 12.01
C GLU C 471 1.40 50.03 10.84
N ILE C 472 1.28 51.27 10.33
CA ILE C 472 0.34 51.54 9.25
C ILE C 472 0.74 50.75 8.01
N TYR C 473 -0.27 50.33 7.24
CA TYR C 473 -0.05 49.51 6.05
C TYR C 473 0.26 50.40 4.86
N GLN C 474 1.36 50.07 4.17
CA GLN C 474 1.81 50.82 3.00
C GLN C 474 1.72 49.91 1.78
N ALA C 475 0.99 50.36 0.76
CA ALA C 475 0.77 49.56 -0.43
C ALA C 475 0.88 50.46 -1.66
N GLY C 476 0.54 49.92 -2.82
CA GLY C 476 0.63 50.69 -4.05
C GLY C 476 2.06 51.08 -4.35
N SER C 477 2.27 52.36 -4.66
CA SER C 477 3.58 52.92 -4.88
C SER C 477 4.28 53.33 -3.59
N THR C 478 3.82 52.79 -2.47
CA THR C 478 4.32 53.15 -1.14
C THR C 478 4.32 54.67 -0.89
N PRO C 479 3.17 55.32 -0.98
CA PRO C 479 3.11 56.77 -0.66
C PRO C 479 2.63 57.10 0.74
N CYS C 480 2.27 56.12 1.57
CA CYS C 480 1.70 56.35 2.88
C CYS C 480 2.78 56.23 3.94
N ASN C 481 3.11 57.34 4.59
CA ASN C 481 4.00 57.35 5.73
C ASN C 481 3.32 57.81 7.01
N GLY C 482 2.03 58.14 6.95
CA GLY C 482 1.30 58.59 8.12
C GLY C 482 0.05 57.76 8.37
N VAL C 483 -0.93 58.36 9.04
CA VAL C 483 -2.16 57.63 9.37
C VAL C 483 -2.93 57.28 8.10
N GLU C 484 -3.05 58.24 7.18
CA GLU C 484 -3.82 58.05 5.96
C GLU C 484 -2.98 58.43 4.75
N GLY C 485 -3.16 57.69 3.66
CA GLY C 485 -2.44 57.95 2.43
C GLY C 485 -3.08 57.22 1.27
N PHE C 486 -2.53 57.44 0.09
CA PHE C 486 -3.01 56.75 -1.11
C PHE C 486 -2.70 55.27 -1.00
N ASN C 487 -3.71 54.43 -1.24
CA ASN C 487 -3.59 52.98 -1.13
C ASN C 487 -3.05 52.58 0.24
N CYS C 488 -3.53 53.26 1.28
CA CYS C 488 -3.06 53.08 2.64
C CYS C 488 -4.24 52.83 3.56
N TYR C 489 -4.07 51.88 4.48
CA TYR C 489 -5.17 51.48 5.36
C TYR C 489 -4.61 51.14 6.74
N PHE C 490 -5.49 51.17 7.73
CA PHE C 490 -5.12 50.79 9.09
C PHE C 490 -5.04 49.27 9.20
N PRO C 491 -3.94 48.72 9.72
CA PRO C 491 -3.81 47.26 9.78
C PRO C 491 -4.88 46.57 10.61
N LEU C 492 -5.31 47.20 11.71
CA LEU C 492 -6.27 46.59 12.61
C LEU C 492 -7.67 47.04 12.21
N GLN C 493 -8.40 46.15 11.54
CA GLN C 493 -9.77 46.44 11.11
C GLN C 493 -10.73 45.92 12.18
N SER C 494 -11.36 46.83 12.90
CA SER C 494 -12.30 46.45 13.94
C SER C 494 -13.61 45.95 13.33
N TYR C 495 -14.29 45.08 14.06
CA TYR C 495 -15.61 44.61 13.68
C TYR C 495 -16.51 44.58 14.91
N GLY C 496 -17.75 45.01 14.74
CA GLY C 496 -18.72 45.05 15.81
C GLY C 496 -19.73 43.92 15.67
N PHE C 497 -19.98 43.22 16.77
CA PHE C 497 -20.87 42.07 16.80
C PHE C 497 -22.24 42.52 17.28
N GLN C 498 -23.26 42.33 16.45
CA GLN C 498 -24.62 42.73 16.79
C GLN C 498 -25.37 41.57 17.44
N PRO C 499 -26.24 41.85 18.41
CA PRO C 499 -27.04 40.77 19.00
C PRO C 499 -27.93 40.05 17.99
N THR C 500 -28.41 40.76 16.97
CA THR C 500 -29.25 40.17 15.94
C THR C 500 -28.47 39.87 14.67
N ASN C 501 -27.15 39.90 14.71
CA ASN C 501 -26.34 39.62 13.54
C ASN C 501 -26.45 38.15 13.14
N GLY C 502 -26.01 37.85 11.93
CA GLY C 502 -26.08 36.50 11.43
C GLY C 502 -25.16 35.56 12.21
N VAL C 503 -25.52 34.27 12.19
CA VAL C 503 -24.74 33.27 12.92
C VAL C 503 -23.31 33.21 12.38
N GLY C 504 -23.16 33.33 11.06
CA GLY C 504 -21.84 33.35 10.46
C GLY C 504 -20.97 34.51 10.91
N TYR C 505 -21.59 35.63 11.28
CA TYR C 505 -20.86 36.79 11.76
C TYR C 505 -20.91 36.94 13.28
N GLN C 506 -21.56 36.01 13.98
CA GLN C 506 -21.61 36.09 15.44
C GLN C 506 -20.23 35.84 16.04
N PRO C 507 -19.93 36.45 17.18
CA PRO C 507 -18.62 36.23 17.80
C PRO C 507 -18.53 34.84 18.42
N TYR C 508 -17.44 34.15 18.13
CA TYR C 508 -17.21 32.79 18.61
C TYR C 508 -15.95 32.78 19.48
N ARG C 509 -16.09 32.34 20.73
CA ARG C 509 -14.96 32.21 21.63
C ARG C 509 -14.22 30.91 21.33
N VAL C 510 -12.93 31.01 21.03
CA VAL C 510 -12.12 29.88 20.60
C VAL C 510 -10.95 29.73 21.55
N VAL C 511 -10.77 28.51 22.07
CA VAL C 511 -9.61 28.14 22.86
C VAL C 511 -9.00 26.90 22.24
N VAL C 512 -7.70 26.94 21.96
CA VAL C 512 -6.99 25.81 21.37
C VAL C 512 -5.94 25.33 22.36
N LEU C 513 -5.97 24.04 22.65
CA LEU C 513 -4.99 23.43 23.55
C LEU C 513 -3.89 22.80 22.71
N SER C 514 -2.68 23.35 22.81
CA SER C 514 -1.55 22.88 22.02
C SER C 514 -0.73 21.94 22.89
N PHE C 515 -1.16 20.68 22.93
CA PHE C 515 -0.39 19.66 23.64
C PHE C 515 0.92 19.41 22.91
N GLU C 516 2.00 19.28 23.68
CA GLU C 516 3.26 18.75 23.18
C GLU C 516 3.54 17.46 23.93
N LEU C 517 3.71 16.37 23.18
CA LEU C 517 3.66 15.05 23.78
C LEU C 517 4.92 14.76 24.60
N LEU C 518 5.00 13.53 25.08
CA LEU C 518 5.95 13.15 26.11
C LEU C 518 7.31 12.82 25.51
N HIS C 519 8.19 13.82 25.47
CA HIS C 519 9.61 13.60 25.25
C HIS C 519 10.46 14.11 26.40
N ALA C 520 9.91 14.94 27.28
CA ALA C 520 10.55 15.46 28.47
C ALA C 520 9.75 15.00 29.68
N PRO C 521 10.23 15.20 30.90
CA PRO C 521 9.42 14.85 32.07
C PRO C 521 8.07 15.57 32.05
N ALA C 522 7.03 14.86 32.46
CA ALA C 522 5.68 15.38 32.41
C ALA C 522 5.39 16.27 33.62
N THR C 523 4.59 17.31 33.39
CA THR C 523 4.14 18.19 34.45
C THR C 523 2.62 18.27 34.57
N VAL C 524 1.90 18.12 33.47
CA VAL C 524 0.43 18.10 33.48
C VAL C 524 -0.03 16.72 33.05
N CYS C 525 -0.90 16.11 33.84
CA CYS C 525 -1.30 14.73 33.62
C CYS C 525 -2.80 14.60 33.82
N GLY C 526 -3.33 13.45 33.42
CA GLY C 526 -4.74 13.17 33.60
C GLY C 526 -5.05 12.73 35.02
N PRO C 527 -6.34 12.55 35.29
CA PRO C 527 -6.78 12.16 36.64
C PRO C 527 -6.75 10.64 36.85
N LYS C 528 -5.58 10.06 36.70
CA LYS C 528 -5.37 8.62 36.84
C LYS C 528 -4.64 8.33 38.13
N LYS C 529 -5.20 7.43 38.94
CA LYS C 529 -4.54 7.03 40.18
C LYS C 529 -3.27 6.24 39.89
N SER C 530 -2.30 6.40 40.76
CA SER C 530 -1.00 5.75 40.61
C SER C 530 -0.91 4.55 41.57
N THR C 531 -0.59 3.39 41.02
CA THR C 531 -0.46 2.18 41.81
C THR C 531 0.99 2.01 42.29
N ASN C 532 1.17 1.07 43.21
CA ASN C 532 2.50 0.81 43.75
C ASN C 532 3.40 0.18 42.70
N LEU C 533 4.68 0.55 42.74
CA LEU C 533 5.64 -0.01 41.80
C LEU C 533 6.02 -1.43 42.20
N VAL C 534 5.98 -2.35 41.24
CA VAL C 534 6.36 -3.74 41.45
C VAL C 534 7.39 -4.11 40.40
N LYS C 535 8.45 -4.81 40.82
CA LYS C 535 9.55 -5.17 39.95
C LYS C 535 9.65 -6.69 39.85
N ASN C 536 10.43 -7.14 38.85
CA ASN C 536 10.71 -8.54 38.62
C ASN C 536 9.45 -9.37 38.34
N LYS C 537 8.39 -8.71 37.89
CA LYS C 537 7.15 -9.38 37.49
C LYS C 537 6.60 -8.71 36.24
N CYS C 538 6.15 -9.52 35.29
CA CYS C 538 5.61 -8.98 34.04
C CYS C 538 4.32 -8.23 34.33
N VAL C 539 4.31 -6.94 33.99
CA VAL C 539 3.19 -6.06 34.30
C VAL C 539 2.86 -5.21 33.09
N ASN C 540 1.64 -4.66 33.10
CA ASN C 540 1.21 -3.70 32.08
C ASN C 540 1.47 -2.28 32.59
N PHE C 541 2.76 -1.94 32.65
CA PHE C 541 3.15 -0.66 33.21
C PHE C 541 2.63 0.50 32.37
N ASN C 542 2.24 1.57 33.05
CA ASN C 542 1.76 2.80 32.40
C ASN C 542 2.55 3.95 33.03
N PHE C 543 3.72 4.23 32.47
CA PHE C 543 4.59 5.29 32.98
C PHE C 543 4.28 6.57 32.22
N ASN C 544 3.47 7.44 32.83
CA ASN C 544 3.12 8.73 32.25
C ASN C 544 2.45 8.56 30.88
N GLY C 545 1.65 7.51 30.74
CA GLY C 545 0.99 7.24 29.48
C GLY C 545 1.80 6.41 28.50
N LEU C 546 2.91 5.81 28.94
CA LEU C 546 3.71 4.99 28.04
C LEU C 546 3.02 3.69 27.67
N THR C 547 2.12 3.22 28.53
CA THR C 547 1.28 2.03 28.32
C THR C 547 2.01 0.89 27.61
N GLY C 548 3.16 0.52 28.19
CA GLY C 548 3.92 -0.61 27.71
C GLY C 548 3.57 -1.90 28.44
N THR C 549 4.39 -2.92 28.19
CA THR C 549 4.23 -4.22 28.84
C THR C 549 5.59 -4.88 28.95
N GLY C 550 5.92 -5.38 30.14
CA GLY C 550 7.19 -6.04 30.34
C GLY C 550 7.48 -6.19 31.82
N VAL C 551 8.68 -6.68 32.10
CA VAL C 551 9.15 -6.88 33.47
C VAL C 551 10.15 -5.78 33.81
N LEU C 552 10.02 -5.21 35.00
CA LEU C 552 10.78 -4.05 35.41
C LEU C 552 11.90 -4.45 36.37
N THR C 553 13.11 -3.98 36.11
CA THR C 553 14.27 -4.27 36.93
C THR C 553 15.04 -2.98 37.20
N GLU C 554 15.80 -3.00 38.28
CA GLU C 554 16.63 -1.84 38.63
C GLU C 554 17.69 -1.62 37.56
N SER C 555 17.97 -0.35 37.28
CA SER C 555 18.90 0.04 36.23
C SER C 555 20.11 0.75 36.83
N ASN C 556 21.28 0.46 36.27
CA ASN C 556 22.50 1.20 36.59
C ASN C 556 22.78 2.32 35.61
N LYS C 557 21.88 2.55 34.65
CA LYS C 557 22.07 3.62 33.67
C LYS C 557 21.70 4.96 34.29
N LYS C 558 22.55 5.95 34.08
CA LYS C 558 22.37 7.28 34.67
C LYS C 558 21.68 8.18 33.65
N PHE C 559 20.41 8.47 33.89
CA PHE C 559 19.67 9.39 33.03
C PHE C 559 20.10 10.83 33.31
N LEU C 560 20.20 11.63 32.25
CA LEU C 560 20.41 13.05 32.42
C LEU C 560 19.13 13.69 32.96
N PRO C 561 19.25 14.80 33.68
CA PRO C 561 18.05 15.42 34.28
C PRO C 561 16.98 15.78 33.27
N PHE C 562 17.35 16.16 32.05
CA PHE C 562 16.37 16.62 31.08
C PHE C 562 15.68 15.50 30.31
N GLN C 563 16.17 14.26 30.42
CA GLN C 563 15.60 13.13 29.69
C GLN C 563 14.95 12.16 30.66
N GLN C 564 13.79 11.63 30.27
CA GLN C 564 13.01 10.74 31.10
C GLN C 564 12.80 9.36 30.49
N PHE C 565 13.08 9.18 29.20
CA PHE C 565 12.87 7.92 28.53
C PHE C 565 14.19 7.44 27.92
N GLY C 566 14.29 6.12 27.75
CA GLY C 566 15.43 5.54 27.08
C GLY C 566 15.01 4.57 25.99
N ARG C 567 15.35 4.88 24.74
CA ARG C 567 14.94 4.07 23.61
C ARG C 567 16.11 3.18 23.17
N ASP C 568 15.88 2.42 22.10
CA ASP C 568 16.85 1.46 21.60
C ASP C 568 16.85 1.54 20.07
N ILE C 569 17.46 0.54 19.44
CA ILE C 569 17.60 0.54 17.99
C ILE C 569 16.23 0.54 17.31
N ALA C 570 15.30 -0.27 17.81
CA ALA C 570 13.96 -0.35 17.24
C ALA C 570 13.04 0.77 17.71
N ASP C 571 13.58 1.81 18.34
CA ASP C 571 12.80 2.94 18.85
C ASP C 571 11.68 2.48 19.78
N THR C 572 11.99 1.50 20.62
CA THR C 572 11.09 1.04 21.67
C THR C 572 11.69 1.43 23.02
N THR C 573 10.83 1.84 23.94
CA THR C 573 11.29 2.30 25.24
C THR C 573 11.98 1.18 25.99
N ASP C 574 13.27 1.36 26.26
CA ASP C 574 14.09 0.39 26.97
C ASP C 574 14.20 0.71 28.46
N ALA C 575 14.45 1.97 28.79
CA ALA C 575 14.57 2.41 30.17
C ALA C 575 13.64 3.59 30.41
N VAL C 576 13.02 3.61 31.59
CA VAL C 576 12.12 4.69 31.98
C VAL C 576 12.53 5.14 33.37
N ARG C 577 12.21 6.40 33.68
CA ARG C 577 12.44 6.98 34.99
C ARG C 577 11.10 7.08 35.71
N ASP C 578 11.03 6.51 36.90
CA ASP C 578 9.79 6.53 37.67
C ASP C 578 9.37 7.98 37.94
N PRO C 579 8.14 8.37 37.63
CA PRO C 579 7.73 9.75 37.94
C PRO C 579 7.68 10.05 39.43
N GLN C 580 7.25 9.09 40.26
CA GLN C 580 7.14 9.34 41.69
C GLN C 580 8.52 9.42 42.33
N THR C 581 9.28 8.33 42.28
CA THR C 581 10.65 8.34 42.75
C THR C 581 11.53 8.97 41.66
N LEU C 582 12.85 8.82 41.79
CA LEU C 582 13.78 9.31 40.77
C LEU C 582 14.75 8.20 40.37
N GLU C 583 14.23 6.98 40.20
CA GLU C 583 15.06 5.84 39.85
C GLU C 583 14.79 5.42 38.41
N ILE C 584 15.80 4.81 37.80
CA ILE C 584 15.72 4.37 36.41
C ILE C 584 15.47 2.87 36.40
N LEU C 585 14.55 2.42 35.55
CA LEU C 585 14.16 1.02 35.45
C LEU C 585 14.33 0.53 34.03
N ASP C 586 14.59 -0.77 33.89
CA ASP C 586 14.68 -1.41 32.58
C ASP C 586 13.32 -1.98 32.20
N ILE C 587 12.92 -1.76 30.95
CA ILE C 587 11.74 -2.40 30.39
C ILE C 587 12.24 -3.57 29.55
N THR C 588 12.27 -4.75 30.16
CA THR C 588 12.49 -5.90 29.31
C THR C 588 11.19 -6.67 29.14
N PRO C 589 10.88 -7.14 27.94
CA PRO C 589 9.59 -7.79 27.71
C PRO C 589 9.51 -9.14 28.41
N CYS C 590 8.29 -9.65 28.48
CA CYS C 590 8.05 -10.93 29.12
C CYS C 590 8.75 -12.05 28.34
N SER C 591 9.09 -13.12 29.06
CA SER C 591 9.76 -14.25 28.45
C SER C 591 8.91 -14.81 27.31
N PHE C 592 9.42 -14.69 26.09
CA PHE C 592 8.71 -15.14 24.90
C PHE C 592 9.58 -16.09 24.11
N GLY C 593 8.93 -16.97 23.36
CA GLY C 593 9.66 -17.91 22.53
C GLY C 593 8.68 -18.74 21.73
N GLY C 594 9.23 -19.53 20.81
CA GLY C 594 8.42 -20.43 20.04
C GLY C 594 8.13 -21.73 20.76
N VAL C 595 7.07 -22.39 20.32
CA VAL C 595 6.69 -23.69 20.85
C VAL C 595 6.74 -24.70 19.70
N SER C 596 7.58 -25.71 19.85
CA SER C 596 7.74 -26.75 18.85
C SER C 596 7.24 -28.08 19.44
N VAL C 597 6.38 -28.76 18.70
CA VAL C 597 5.76 -30.00 19.16
C VAL C 597 6.47 -31.15 18.47
N ILE C 598 7.17 -31.97 19.25
CA ILE C 598 7.89 -33.13 18.73
C ILE C 598 6.96 -34.32 18.80
N THR C 599 6.52 -34.81 17.65
CA THR C 599 5.58 -35.91 17.59
C THR C 599 6.02 -36.92 16.53
N PRO C 600 5.71 -38.19 16.74
CA PRO C 600 5.75 -39.15 15.65
C PRO C 600 4.46 -39.03 14.84
N GLY C 601 4.29 -39.93 13.88
CA GLY C 601 3.08 -39.92 13.08
C GLY C 601 1.85 -40.13 13.95
N THR C 602 0.75 -39.48 13.54
CA THR C 602 -0.51 -39.66 14.26
C THR C 602 -0.94 -41.11 14.23
N ASN C 603 -0.77 -41.78 13.08
CA ASN C 603 -1.05 -43.21 13.01
C ASN C 603 -0.14 -44.00 13.94
N THR C 604 1.09 -43.55 14.14
CA THR C 604 2.00 -44.26 15.04
C THR C 604 1.57 -44.12 16.49
N SER C 605 1.28 -42.90 16.92
CA SER C 605 0.90 -42.63 18.30
C SER C 605 0.34 -41.22 18.39
N ASN C 606 -0.16 -40.87 19.58
CA ASN C 606 -0.62 -39.52 19.87
C ASN C 606 0.18 -38.82 20.94
N GLN C 607 1.24 -39.45 21.46
CA GLN C 607 2.09 -38.78 22.43
C GLN C 607 2.93 -37.71 21.74
N VAL C 608 3.11 -36.59 22.42
CA VAL C 608 3.88 -35.47 21.89
C VAL C 608 4.82 -34.95 22.97
N ALA C 609 5.89 -34.30 22.53
CA ALA C 609 6.80 -33.58 23.40
C ALA C 609 6.86 -32.13 22.96
N VAL C 610 6.91 -31.23 23.92
CA VAL C 610 6.86 -29.79 23.66
C VAL C 610 8.24 -29.19 23.93
N LEU C 611 8.74 -28.43 22.96
CA LEU C 611 10.03 -27.76 23.08
C LEU C 611 9.78 -26.27 23.21
N TYR C 612 10.15 -25.70 24.36
CA TYR C 612 10.07 -24.27 24.59
C TYR C 612 11.43 -23.67 24.23
N GLN C 613 11.50 -23.07 23.04
CA GLN C 613 12.79 -22.69 22.48
C GLN C 613 13.40 -21.52 23.26
N ASP C 614 14.66 -21.69 23.67
CA ASP C 614 15.44 -20.65 24.35
C ASP C 614 14.74 -20.13 25.60
N VAL C 615 14.03 -21.00 26.31
CA VAL C 615 13.33 -20.62 27.54
C VAL C 615 13.65 -21.68 28.59
N ASN C 616 14.14 -21.23 29.74
CA ASN C 616 14.46 -22.14 30.84
C ASN C 616 13.20 -22.73 31.45
N CYS C 617 13.18 -24.06 31.62
CA CYS C 617 12.04 -24.70 32.28
C CYS C 617 11.86 -24.17 33.71
N THR C 618 12.95 -23.83 34.39
CA THR C 618 12.82 -23.18 35.68
C THR C 618 12.08 -21.85 35.55
N GLU C 619 12.36 -21.11 34.49
CA GLU C 619 11.64 -19.86 34.24
C GLU C 619 10.25 -20.13 33.69
N VAL C 620 10.04 -21.29 33.07
CA VAL C 620 8.77 -21.62 32.43
C VAL C 620 7.64 -21.67 33.46
N PRO C 621 6.60 -20.87 33.30
CA PRO C 621 5.34 -21.15 33.99
C PRO C 621 4.53 -22.15 33.17
N VAL C 622 3.65 -22.87 33.87
CA VAL C 622 2.97 -23.98 33.20
C VAL C 622 1.97 -23.43 32.19
N ALA C 623 2.40 -23.35 30.93
CA ALA C 623 1.66 -22.78 29.82
C ALA C 623 0.93 -21.50 30.22
N ILE C 624 1.69 -20.49 30.63
CA ILE C 624 1.10 -19.26 31.14
C ILE C 624 0.33 -18.52 30.05
N HIS C 625 0.69 -18.70 28.78
CA HIS C 625 0.02 -17.98 27.71
C HIS C 625 -1.46 -18.35 27.64
N ALA C 626 -1.78 -19.63 27.78
CA ALA C 626 -3.18 -20.05 27.81
C ALA C 626 -3.86 -19.57 29.09
N ASP C 627 -3.23 -19.82 30.24
CA ASP C 627 -3.73 -19.37 31.52
C ASP C 627 -2.59 -19.40 32.53
N GLN C 628 -2.69 -18.53 33.54
CA GLN C 628 -1.59 -18.38 34.49
C GLN C 628 -1.32 -19.68 35.24
N LEU C 629 -2.37 -20.36 35.70
CA LEU C 629 -2.20 -21.63 36.40
C LEU C 629 -3.33 -22.57 35.97
N THR C 630 -2.96 -23.85 35.82
CA THR C 630 -3.84 -24.91 35.32
C THR C 630 -4.54 -24.48 34.03
N PRO C 631 -3.79 -24.26 32.94
CA PRO C 631 -4.40 -23.80 31.70
C PRO C 631 -5.12 -24.89 30.93
N THR C 632 -5.61 -24.54 29.73
CA THR C 632 -6.34 -25.51 28.92
C THR C 632 -5.45 -26.67 28.51
N TRP C 633 -4.27 -26.39 27.98
CA TRP C 633 -3.26 -27.41 27.68
C TRP C 633 -2.01 -27.07 28.48
N ARG C 634 -1.60 -27.98 29.36
CA ARG C 634 -0.45 -27.77 30.23
C ARG C 634 0.47 -28.96 30.11
N VAL C 635 1.65 -28.74 29.54
CA VAL C 635 2.67 -29.77 29.42
C VAL C 635 3.90 -29.23 30.14
N TYR C 636 4.00 -29.52 31.43
CA TYR C 636 5.12 -29.08 32.25
C TYR C 636 5.18 -29.95 33.50
N SER C 637 6.38 -30.09 34.05
CA SER C 637 6.66 -30.92 35.22
C SER C 637 6.24 -32.35 34.88
N THR C 638 5.21 -32.92 35.52
CA THR C 638 4.75 -34.28 35.26
C THR C 638 5.90 -35.28 35.38
N GLY C 639 6.73 -35.10 36.40
CA GLY C 639 7.81 -36.01 36.68
C GLY C 639 9.17 -35.48 36.25
N SER C 640 10.09 -36.41 36.01
CA SER C 640 11.46 -36.10 35.65
C SER C 640 11.67 -36.03 34.14
N ASN C 641 10.61 -36.14 33.35
CA ASN C 641 10.77 -36.07 31.90
C ASN C 641 11.21 -34.70 31.42
N VAL C 642 11.10 -33.66 32.27
CA VAL C 642 11.55 -32.34 31.90
C VAL C 642 13.06 -32.36 31.70
N PHE C 643 13.49 -31.97 30.50
CA PHE C 643 14.90 -31.99 30.13
C PHE C 643 15.30 -30.63 29.59
N GLN C 644 16.49 -30.17 29.95
CA GLN C 644 17.00 -28.88 29.53
C GLN C 644 18.05 -29.07 28.45
N THR C 645 17.81 -28.50 27.28
CA THR C 645 18.73 -28.54 26.15
C THR C 645 19.33 -27.16 25.95
N ARG C 646 20.11 -27.01 24.88
CA ARG C 646 20.56 -25.70 24.46
C ARG C 646 19.60 -25.04 23.47
N ALA C 647 18.83 -25.84 22.73
CA ALA C 647 17.78 -25.32 21.87
C ALA C 647 16.59 -24.80 22.64
N GLY C 648 16.55 -25.03 23.96
CA GLY C 648 15.43 -24.64 24.78
C GLY C 648 15.37 -25.55 25.99
N CYS C 649 14.18 -26.07 26.29
CA CYS C 649 14.09 -27.13 27.29
C CYS C 649 12.85 -27.96 27.00
N LEU C 650 13.02 -29.28 27.03
CA LEU C 650 12.04 -30.23 26.51
C LEU C 650 11.28 -30.85 27.66
N ILE C 651 9.97 -30.98 27.51
CA ILE C 651 9.10 -31.38 28.61
C ILE C 651 8.71 -32.84 28.53
N GLY C 652 8.04 -33.22 27.45
CA GLY C 652 7.36 -34.51 27.40
C GLY C 652 8.17 -35.68 26.90
N ALA C 653 9.49 -35.55 26.88
CA ALA C 653 10.37 -36.62 26.38
C ALA C 653 11.37 -37.01 27.46
N GLU C 654 11.45 -38.31 27.73
CA GLU C 654 12.40 -38.82 28.71
C GLU C 654 13.81 -38.83 28.15
N HIS C 655 14.76 -38.36 28.94
CA HIS C 655 16.15 -38.35 28.52
C HIS C 655 16.78 -39.72 28.74
N VAL C 656 17.49 -40.21 27.74
CA VAL C 656 18.22 -41.47 27.81
C VAL C 656 19.69 -41.18 27.58
N ASN C 657 20.56 -41.85 28.36
CA ASN C 657 21.99 -41.55 28.33
C ASN C 657 22.74 -42.29 27.22
N ASN C 658 22.07 -43.15 26.47
CA ASN C 658 22.68 -43.78 25.31
C ASN C 658 22.28 -43.04 24.04
N SER C 659 22.96 -43.38 22.94
CA SER C 659 22.87 -42.62 21.70
C SER C 659 22.43 -43.51 20.53
N TYR C 660 21.55 -42.97 19.69
CA TYR C 660 21.17 -43.59 18.43
C TYR C 660 21.35 -42.56 17.31
N GLU C 661 20.96 -42.96 16.11
CA GLU C 661 20.92 -42.02 15.00
C GLU C 661 19.81 -41.00 15.20
N CYS C 662 19.98 -39.82 14.63
CA CYS C 662 19.00 -38.76 14.79
C CYS C 662 17.70 -39.12 14.09
N ASP C 663 16.58 -38.91 14.77
CA ASP C 663 15.25 -39.15 14.22
C ASP C 663 14.47 -37.85 14.05
N ILE C 664 14.28 -37.10 15.13
CA ILE C 664 13.64 -35.80 15.08
C ILE C 664 14.62 -34.79 15.66
N PRO C 665 15.17 -33.89 14.86
CA PRO C 665 16.21 -32.99 15.36
C PRO C 665 15.69 -31.93 16.30
N ILE C 666 15.97 -32.07 17.60
CA ILE C 666 15.64 -31.01 18.55
C ILE C 666 16.54 -29.81 18.35
N GLY C 667 17.84 -30.05 18.17
CA GLY C 667 18.80 -28.98 18.03
C GLY C 667 19.92 -29.09 19.04
N ALA C 668 21.08 -28.51 18.72
CA ALA C 668 22.25 -28.53 19.60
C ALA C 668 22.67 -29.95 19.96
N GLY C 669 22.65 -30.84 18.97
CA GLY C 669 23.11 -32.19 19.17
C GLY C 669 22.12 -33.12 19.84
N ILE C 670 20.89 -32.67 20.06
CA ILE C 670 19.86 -33.47 20.73
C ILE C 670 18.81 -33.85 19.70
N CYS C 671 18.46 -35.13 19.66
CA CYS C 671 17.41 -35.63 18.78
C CYS C 671 16.43 -36.47 19.59
N ALA C 672 15.19 -36.49 19.13
CA ALA C 672 14.13 -37.23 19.79
C ALA C 672 13.61 -38.34 18.89
N SER C 673 13.13 -39.41 19.50
CA SER C 673 12.58 -40.53 18.76
C SER C 673 11.52 -41.21 19.61
N TYR C 674 10.65 -41.95 18.93
CA TYR C 674 9.59 -42.73 19.58
C TYR C 674 10.04 -44.18 19.63
N GLN C 675 10.46 -44.62 20.81
CA GLN C 675 11.01 -45.96 20.97
C GLN C 675 10.65 -46.50 22.34
N THR C 676 10.41 -47.79 22.42
CA THR C 676 10.07 -48.45 23.68
C THR C 676 11.24 -48.44 24.64
N SER C 686 5.07 -47.99 28.15
CA SER C 686 6.09 -48.82 27.50
C SER C 686 6.80 -48.05 26.40
N GLN C 687 6.03 -47.42 25.53
CA GLN C 687 6.56 -46.64 24.43
C GLN C 687 6.40 -45.15 24.74
N SER C 688 7.49 -44.40 24.60
CA SER C 688 7.48 -42.98 24.92
C SER C 688 8.54 -42.28 24.08
N ILE C 689 8.45 -40.95 24.05
CA ILE C 689 9.41 -40.13 23.33
C ILE C 689 10.69 -40.05 24.16
N ILE C 690 11.83 -40.33 23.53
CA ILE C 690 13.13 -40.31 24.18
C ILE C 690 13.97 -39.20 23.55
N ALA C 691 14.58 -38.37 24.38
CA ALA C 691 15.48 -37.32 23.94
C ALA C 691 16.91 -37.73 24.27
N TYR C 692 17.79 -37.68 23.29
CA TYR C 692 19.14 -38.18 23.45
C TYR C 692 20.10 -37.36 22.62
N THR C 693 21.39 -37.46 22.96
CA THR C 693 22.45 -36.92 22.13
C THR C 693 22.68 -37.87 20.96
N MET C 694 22.48 -37.37 19.74
CA MET C 694 22.53 -38.24 18.57
C MET C 694 23.92 -38.82 18.38
N SER C 695 23.98 -40.04 17.85
CA SER C 695 25.23 -40.74 17.61
C SER C 695 25.76 -40.36 16.25
N LEU C 696 27.01 -39.90 16.21
CA LEU C 696 27.64 -39.57 14.94
C LEU C 696 27.90 -40.81 14.11
N GLY C 697 28.11 -41.94 14.75
CA GLY C 697 28.35 -43.18 14.05
C GLY C 697 29.08 -44.16 14.94
N ALA C 698 29.26 -45.37 14.40
CA ALA C 698 29.98 -46.40 15.12
C ALA C 698 31.45 -46.05 15.19
N GLU C 699 31.98 -45.90 16.40
CA GLU C 699 33.39 -45.58 16.55
C GLU C 699 34.26 -46.68 15.98
N ASN C 700 35.27 -46.30 15.20
CA ASN C 700 36.17 -47.25 14.57
C ASN C 700 37.60 -46.80 14.78
N SER C 701 38.51 -47.77 14.73
CA SER C 701 39.94 -47.51 14.94
C SER C 701 40.70 -48.36 13.92
N VAL C 702 41.15 -47.72 12.84
CA VAL C 702 41.92 -48.43 11.83
C VAL C 702 43.25 -48.86 12.44
N ALA C 703 43.59 -50.14 12.28
CA ALA C 703 44.82 -50.66 12.86
C ALA C 703 46.03 -50.19 12.08
N TYR C 704 46.37 -48.91 12.23
CA TYR C 704 47.50 -48.36 11.50
C TYR C 704 48.81 -48.96 11.98
N SER C 705 49.72 -49.18 11.05
CA SER C 705 51.07 -49.63 11.35
C SER C 705 51.93 -49.34 10.13
N ASN C 706 53.15 -48.86 10.36
CA ASN C 706 54.05 -48.53 9.26
C ASN C 706 54.49 -49.75 8.46
N ASN C 707 54.02 -50.94 8.82
CA ASN C 707 54.47 -52.19 8.21
C ASN C 707 53.35 -53.03 7.63
N SER C 708 52.10 -52.79 8.00
CA SER C 708 50.99 -53.67 7.63
C SER C 708 50.03 -52.96 6.69
N ILE C 709 49.49 -53.71 5.73
CA ILE C 709 48.50 -53.21 4.78
C ILE C 709 47.31 -54.17 4.79
N ALA C 710 46.17 -53.66 4.34
CA ALA C 710 44.94 -54.43 4.25
C ALA C 710 44.48 -54.42 2.80
N ILE C 711 44.55 -55.57 2.14
CA ILE C 711 44.19 -55.71 0.73
C ILE C 711 42.92 -56.55 0.66
N PRO C 712 41.85 -56.07 0.03
CA PRO C 712 40.62 -56.86 -0.03
C PRO C 712 40.79 -58.08 -0.93
N THR C 713 40.31 -59.22 -0.44
CA THR C 713 40.35 -60.47 -1.19
C THR C 713 39.02 -60.78 -1.87
N ASN C 714 38.01 -59.93 -1.73
CA ASN C 714 36.71 -60.15 -2.32
C ASN C 714 36.00 -58.80 -2.42
N PHE C 715 35.01 -58.74 -3.31
CA PHE C 715 34.35 -57.47 -3.58
C PHE C 715 32.84 -57.57 -3.46
N THR C 716 32.14 -56.51 -3.85
CA THR C 716 30.68 -56.47 -3.82
C THR C 716 30.20 -55.50 -4.88
N ILE C 717 29.38 -55.98 -5.80
CA ILE C 717 28.76 -55.12 -6.80
C ILE C 717 27.45 -54.61 -6.22
N SER C 718 27.45 -53.35 -5.81
CA SER C 718 26.29 -52.74 -5.16
C SER C 718 25.68 -51.69 -6.07
N VAL C 719 24.36 -51.70 -6.17
CA VAL C 719 23.63 -50.74 -6.98
C VAL C 719 22.99 -49.72 -6.05
N THR C 720 23.36 -48.46 -6.21
CA THR C 720 22.84 -47.36 -5.41
C THR C 720 21.79 -46.61 -6.22
N THR C 721 20.74 -46.16 -5.54
CA THR C 721 19.67 -45.41 -6.17
C THR C 721 19.79 -43.94 -5.79
N GLU C 722 19.81 -43.07 -6.79
CA GLU C 722 19.92 -41.64 -6.58
C GLU C 722 18.77 -40.94 -7.29
N ILE C 723 18.03 -40.11 -6.56
CA ILE C 723 16.86 -39.42 -7.07
C ILE C 723 17.17 -37.94 -7.16
N LEU C 724 16.92 -37.34 -8.33
CA LEU C 724 17.18 -35.94 -8.57
C LEU C 724 15.98 -35.30 -9.25
N PRO C 725 15.39 -34.25 -8.70
CA PRO C 725 14.38 -33.50 -9.45
C PRO C 725 15.01 -32.89 -10.69
N VAL C 726 14.25 -32.89 -11.78
CA VAL C 726 14.73 -32.38 -13.06
C VAL C 726 13.88 -31.19 -13.48
N SER C 727 12.62 -31.22 -13.10
CA SER C 727 11.69 -30.16 -13.47
C SER C 727 10.57 -30.12 -12.44
N MET C 728 9.79 -29.05 -12.48
CA MET C 728 8.64 -28.92 -11.60
C MET C 728 7.40 -28.62 -12.45
N THR C 729 6.26 -28.57 -11.77
CA THR C 729 4.99 -28.38 -12.47
C THR C 729 5.00 -27.05 -13.23
N LYS C 730 4.54 -27.10 -14.47
CA LYS C 730 4.63 -25.96 -15.38
C LYS C 730 3.37 -25.10 -15.29
N THR C 731 3.15 -24.55 -14.10
CA THR C 731 1.95 -23.76 -13.85
C THR C 731 2.06 -22.39 -14.51
N SER C 732 0.90 -21.82 -14.84
CA SER C 732 0.80 -20.46 -15.34
C SER C 732 -0.35 -19.77 -14.64
N VAL C 733 -0.19 -18.47 -14.41
CA VAL C 733 -1.18 -17.66 -13.71
C VAL C 733 -1.58 -16.51 -14.61
N ASP C 734 -2.89 -16.32 -14.78
CA ASP C 734 -3.43 -15.17 -15.48
C ASP C 734 -3.59 -14.05 -14.47
N CYS C 735 -2.70 -13.05 -14.54
CA CYS C 735 -2.69 -12.01 -13.53
C CYS C 735 -4.00 -11.23 -13.51
N THR C 736 -4.51 -10.87 -14.68
CA THR C 736 -5.78 -10.14 -14.73
C THR C 736 -6.93 -10.99 -14.21
N MET C 737 -6.96 -12.28 -14.57
CA MET C 737 -8.01 -13.17 -14.11
C MET C 737 -7.86 -13.53 -12.63
N TYR C 738 -6.66 -13.37 -12.07
CA TYR C 738 -6.46 -13.65 -10.66
C TYR C 738 -6.84 -12.44 -9.80
N ILE C 739 -6.23 -11.29 -10.07
CA ILE C 739 -6.56 -10.06 -9.34
C ILE C 739 -8.02 -9.72 -9.53
N CYS C 740 -8.54 -9.88 -10.73
CA CYS C 740 -9.86 -9.40 -11.09
C CYS C 740 -10.65 -10.57 -11.67
N GLY C 741 -11.97 -10.54 -11.49
CA GLY C 741 -12.78 -11.61 -12.04
C GLY C 741 -13.15 -11.32 -13.48
N ASP C 742 -14.44 -11.30 -13.77
CA ASP C 742 -14.93 -10.74 -15.01
C ASP C 742 -15.14 -9.23 -14.92
N SER C 743 -14.83 -8.63 -13.76
CA SER C 743 -15.06 -7.21 -13.56
C SER C 743 -14.17 -6.38 -14.47
N THR C 744 -14.73 -5.27 -14.97
CA THR C 744 -13.99 -4.34 -15.79
C THR C 744 -13.51 -3.10 -15.04
N GLU C 745 -14.22 -2.70 -13.99
CA GLU C 745 -13.72 -1.65 -13.12
C GLU C 745 -12.42 -2.09 -12.44
N CYS C 746 -12.41 -3.33 -11.95
CA CYS C 746 -11.19 -3.89 -11.40
C CYS C 746 -10.08 -3.95 -12.45
N SER C 747 -10.43 -4.32 -13.68
CA SER C 747 -9.44 -4.38 -14.74
C SER C 747 -8.83 -3.02 -15.03
N ASN C 748 -9.67 -1.97 -15.03
CA ASN C 748 -9.14 -0.62 -15.26
C ASN C 748 -8.23 -0.17 -14.12
N LEU C 749 -8.64 -0.43 -12.87
CA LEU C 749 -7.79 -0.06 -11.74
C LEU C 749 -6.49 -0.84 -11.76
N LEU C 750 -6.51 -2.07 -12.27
CA LEU C 750 -5.27 -2.82 -12.46
C LEU C 750 -4.43 -2.21 -13.58
N LEU C 751 -5.09 -1.72 -14.63
CA LEU C 751 -4.37 -1.09 -15.72
C LEU C 751 -3.61 0.14 -15.24
N GLN C 752 -4.20 0.90 -14.32
CA GLN C 752 -3.50 2.08 -13.81
C GLN C 752 -2.32 1.73 -12.92
N TYR C 753 -2.10 0.45 -12.59
CA TYR C 753 -0.98 0.03 -11.77
C TYR C 753 0.27 -0.30 -12.60
N GLY C 754 0.23 -0.10 -13.91
CA GLY C 754 1.42 -0.31 -14.72
C GLY C 754 1.44 -1.64 -15.45
N SER C 755 2.60 -2.25 -15.54
CA SER C 755 2.80 -3.52 -16.24
C SER C 755 3.29 -4.60 -15.28
N PHE C 756 2.72 -4.63 -14.08
CA PHE C 756 3.05 -5.69 -13.13
C PHE C 756 2.58 -7.05 -13.63
N CYS C 757 1.37 -7.11 -14.19
CA CYS C 757 0.84 -8.37 -14.69
C CYS C 757 1.69 -8.92 -15.83
N THR C 758 2.15 -8.04 -16.71
CA THR C 758 3.02 -8.48 -17.80
C THR C 758 4.33 -9.04 -17.27
N GLN C 759 4.91 -8.40 -16.25
CA GLN C 759 6.13 -8.92 -15.65
C GLN C 759 5.91 -10.28 -15.02
N LEU C 760 4.80 -10.45 -14.30
CA LEU C 760 4.53 -11.74 -13.67
C LEU C 760 4.32 -12.84 -14.71
N ASN C 761 3.57 -12.54 -15.77
CA ASN C 761 3.34 -13.52 -16.82
C ASN C 761 4.65 -13.87 -17.53
N ARG C 762 5.50 -12.87 -17.78
CA ARG C 762 6.79 -13.13 -18.41
C ARG C 762 7.66 -14.01 -17.53
N ALA C 763 7.67 -13.75 -16.22
CA ALA C 763 8.46 -14.57 -15.31
C ALA C 763 7.97 -16.02 -15.31
N LEU C 764 6.64 -16.21 -15.25
CA LEU C 764 6.12 -17.57 -15.24
C LEU C 764 6.38 -18.29 -16.56
N THR C 765 6.28 -17.58 -17.68
CA THR C 765 6.61 -18.18 -18.97
C THR C 765 8.08 -18.55 -19.05
N GLY C 766 8.96 -17.71 -18.51
CA GLY C 766 10.36 -18.05 -18.45
C GLY C 766 10.62 -19.29 -17.62
N ILE C 767 9.91 -19.42 -16.50
CA ILE C 767 10.00 -20.63 -15.69
C ILE C 767 9.57 -21.85 -16.49
N ALA C 768 8.48 -21.72 -17.23
CA ALA C 768 7.98 -22.84 -18.04
C ALA C 768 9.00 -23.28 -19.08
N VAL C 769 9.54 -22.32 -19.83
CA VAL C 769 10.55 -22.63 -20.84
C VAL C 769 11.78 -23.24 -20.19
N GLU C 770 12.13 -22.75 -18.98
CA GLU C 770 13.26 -23.31 -18.27
C GLU C 770 13.02 -24.76 -17.87
N GLN C 771 11.79 -25.10 -17.47
CA GLN C 771 11.48 -26.48 -17.13
C GLN C 771 11.62 -27.39 -18.35
N ASP C 772 11.12 -26.92 -19.50
CA ASP C 772 11.29 -27.69 -20.72
C ASP C 772 12.76 -27.86 -21.07
N LYS C 773 13.56 -26.80 -20.91
CA LYS C 773 14.98 -26.88 -21.19
C LYS C 773 15.68 -27.83 -20.22
N ASN C 774 15.25 -27.85 -18.96
CA ASN C 774 15.82 -28.77 -17.99
C ASN C 774 15.59 -30.21 -18.40
N THR C 775 14.36 -30.54 -18.78
CA THR C 775 14.08 -31.91 -19.22
C THR C 775 14.87 -32.26 -20.47
N GLN C 776 14.93 -31.35 -21.43
CA GLN C 776 15.63 -31.62 -22.68
C GLN C 776 17.14 -31.71 -22.47
N GLU C 777 17.68 -31.01 -21.49
CA GLU C 777 19.10 -31.11 -21.18
C GLU C 777 19.44 -32.41 -20.47
N VAL C 778 18.57 -32.83 -19.54
CA VAL C 778 18.86 -34.05 -18.80
C VAL C 778 18.74 -35.27 -19.69
N PHE C 779 17.65 -35.36 -20.46
CA PHE C 779 17.30 -36.64 -21.09
C PHE C 779 17.73 -36.74 -22.54
N ALA C 780 17.94 -35.63 -23.25
CA ALA C 780 18.28 -35.68 -24.67
C ALA C 780 19.79 -35.65 -24.91
N GLN C 781 20.58 -36.22 -24.01
CA GLN C 781 22.01 -36.34 -24.25
C GLN C 781 22.29 -37.18 -25.48
N VAL C 782 21.55 -38.28 -25.64
CA VAL C 782 21.73 -39.16 -26.78
C VAL C 782 21.22 -38.48 -28.04
N LYS C 783 21.86 -38.78 -29.17
CA LYS C 783 21.48 -38.20 -30.45
C LYS C 783 20.60 -39.12 -31.30
N GLN C 784 20.77 -40.43 -31.18
CA GLN C 784 19.98 -41.40 -31.91
C GLN C 784 19.31 -42.36 -30.95
N ILE C 785 18.07 -42.72 -31.23
CA ILE C 785 17.30 -43.61 -30.36
C ILE C 785 17.79 -45.03 -30.62
N TYR C 786 18.69 -45.51 -29.76
CA TYR C 786 19.21 -46.86 -29.91
C TYR C 786 18.19 -47.90 -29.47
N LYS C 787 18.26 -49.07 -30.07
CA LYS C 787 17.32 -50.15 -29.82
C LYS C 787 18.04 -51.34 -29.20
N THR C 788 17.47 -51.88 -28.14
CA THR C 788 18.02 -53.07 -27.52
C THR C 788 17.83 -54.27 -28.46
N PRO C 789 18.84 -55.13 -28.61
CA PRO C 789 18.70 -56.26 -29.51
C PRO C 789 17.60 -57.19 -29.04
N PRO C 790 16.96 -57.92 -29.97
CA PRO C 790 15.84 -58.78 -29.58
C PRO C 790 16.21 -59.86 -28.58
N ILE C 791 17.43 -60.37 -28.62
CA ILE C 791 17.88 -61.40 -27.70
C ILE C 791 18.76 -60.78 -26.63
N LYS C 792 18.53 -61.16 -25.39
CA LYS C 792 19.27 -60.63 -24.24
C LYS C 792 20.31 -61.67 -23.84
N ASP C 793 21.45 -61.64 -24.50
CA ASP C 793 22.57 -62.54 -24.20
C ASP C 793 23.74 -61.65 -23.75
N PHE C 794 23.75 -61.32 -22.46
CA PHE C 794 24.73 -60.42 -21.88
C PHE C 794 25.66 -61.12 -20.90
N GLY C 795 25.90 -62.41 -21.10
CA GLY C 795 26.80 -63.16 -20.24
C GLY C 795 26.32 -63.29 -18.81
N GLY C 796 25.02 -63.41 -18.60
CA GLY C 796 24.45 -63.57 -17.29
C GLY C 796 23.86 -62.31 -16.68
N PHE C 797 24.21 -61.14 -17.21
CA PHE C 797 23.64 -59.90 -16.72
C PHE C 797 22.19 -59.78 -17.16
N ASN C 798 21.34 -59.31 -16.26
CA ASN C 798 19.89 -59.28 -16.47
C ASN C 798 19.40 -57.85 -16.28
N PHE C 799 19.03 -57.21 -17.40
CA PHE C 799 18.54 -55.85 -17.39
C PHE C 799 17.02 -55.77 -17.54
N SER C 800 16.32 -56.89 -17.32
CA SER C 800 14.88 -56.90 -17.50
C SER C 800 14.19 -55.90 -16.59
N GLN C 801 14.75 -55.64 -15.41
CA GLN C 801 14.14 -54.69 -14.49
C GLN C 801 14.29 -53.25 -14.98
N ILE C 802 15.29 -52.98 -15.80
CA ILE C 802 15.55 -51.63 -16.28
C ILE C 802 15.20 -51.45 -17.76
N LEU C 803 15.20 -52.52 -18.55
CA LEU C 803 14.83 -52.39 -19.95
C LEU C 803 13.32 -52.26 -20.09
N PRO C 804 12.84 -51.62 -21.15
CA PRO C 804 11.40 -51.42 -21.31
C PRO C 804 10.63 -52.73 -21.40
N ASP C 805 9.42 -52.72 -20.86
CA ASP C 805 8.55 -53.89 -20.90
C ASP C 805 7.51 -53.68 -21.99
N PRO C 806 7.58 -54.41 -23.10
CA PRO C 806 6.63 -54.16 -24.20
C PRO C 806 5.21 -54.62 -23.91
N SER C 807 5.02 -55.51 -22.93
CA SER C 807 3.68 -56.04 -22.67
C SER C 807 2.73 -54.94 -22.22
N LYS C 808 3.16 -54.10 -21.28
CA LYS C 808 2.32 -53.03 -20.79
C LYS C 808 2.19 -51.93 -21.85
N PRO C 809 1.12 -51.13 -21.78
CA PRO C 809 0.90 -50.14 -22.85
C PRO C 809 2.04 -49.15 -23.01
N SER C 810 2.42 -48.45 -21.95
CA SER C 810 3.53 -47.51 -22.00
C SER C 810 4.83 -48.29 -21.80
N LYS C 811 5.77 -48.14 -22.73
CA LYS C 811 6.98 -48.95 -22.71
C LYS C 811 7.90 -48.50 -21.59
N ARG C 812 7.52 -48.79 -20.35
CA ARG C 812 8.29 -48.44 -19.17
C ARG C 812 8.76 -49.70 -18.47
N SER C 813 9.98 -49.65 -17.93
CA SER C 813 10.53 -50.76 -17.21
C SER C 813 9.82 -50.94 -15.87
N PRO C 814 9.92 -52.13 -15.26
CA PRO C 814 9.28 -52.32 -13.95
C PRO C 814 9.76 -51.33 -12.90
N ILE C 815 11.05 -50.99 -12.89
CA ILE C 815 11.54 -49.97 -11.97
C ILE C 815 10.86 -48.64 -12.25
N GLU C 816 10.75 -48.27 -13.52
CA GLU C 816 10.05 -47.05 -13.88
C GLU C 816 8.58 -47.11 -13.49
N ASP C 817 7.98 -48.29 -13.56
CA ASP C 817 6.59 -48.44 -13.12
C ASP C 817 6.46 -48.15 -11.62
N LEU C 818 7.37 -48.70 -10.81
CA LEU C 818 7.33 -48.38 -9.39
C LEU C 818 7.56 -46.89 -9.16
N LEU C 819 8.51 -46.29 -9.87
CA LEU C 819 8.81 -44.88 -9.66
C LEU C 819 7.62 -44.00 -10.01
N PHE C 820 6.89 -44.35 -11.08
CA PHE C 820 5.73 -43.57 -11.46
C PHE C 820 4.54 -43.82 -10.54
N ASN C 821 4.43 -45.03 -9.97
CA ASN C 821 3.33 -45.30 -9.06
C ASN C 821 3.56 -44.65 -7.69
N LYS C 822 4.83 -44.47 -7.30
CA LYS C 822 5.11 -43.97 -5.95
C LYS C 822 4.81 -42.48 -5.81
N VAL C 823 5.17 -41.68 -6.80
CA VAL C 823 4.97 -40.22 -6.71
C VAL C 823 3.52 -39.91 -7.07
N THR C 824 2.84 -39.21 -6.16
CA THR C 824 1.44 -38.85 -6.37
C THR C 824 1.25 -37.35 -6.40
N CYS C 848 -9.69 -29.90 -5.82
CA CYS C 848 -8.97 -28.65 -6.00
C CYS C 848 -8.09 -28.69 -7.24
N ALA C 849 -8.13 -29.83 -7.95
CA ALA C 849 -7.34 -29.97 -9.16
C ALA C 849 -7.86 -29.07 -10.29
N GLN C 850 -9.11 -28.63 -10.22
CA GLN C 850 -9.69 -27.75 -11.23
C GLN C 850 -9.71 -26.34 -10.66
N LYS C 851 -8.60 -25.63 -10.83
CA LYS C 851 -8.46 -24.26 -10.35
C LYS C 851 -8.91 -23.31 -11.46
N PHE C 852 -9.98 -22.56 -11.18
CA PHE C 852 -10.60 -21.70 -12.17
C PHE C 852 -10.38 -20.22 -11.89
N ASN C 853 -9.38 -19.89 -11.07
CA ASN C 853 -9.08 -18.51 -10.73
C ASN C 853 -7.93 -17.95 -11.55
N GLY C 854 -7.83 -18.34 -12.82
CA GLY C 854 -6.74 -17.92 -13.68
C GLY C 854 -5.53 -18.82 -13.62
N LEU C 855 -5.56 -19.89 -12.84
CA LEU C 855 -4.43 -20.80 -12.71
C LEU C 855 -4.60 -21.96 -13.68
N THR C 856 -3.56 -22.23 -14.46
CA THR C 856 -3.57 -23.34 -15.39
C THR C 856 -2.20 -24.01 -15.36
N VAL C 857 -2.19 -25.30 -15.68
CA VAL C 857 -0.96 -26.09 -15.69
C VAL C 857 -0.67 -26.44 -17.14
N LEU C 858 0.41 -25.89 -17.67
CA LEU C 858 0.84 -26.19 -19.03
C LEU C 858 1.47 -27.58 -19.08
N PRO C 859 1.14 -28.38 -20.08
CA PRO C 859 1.74 -29.71 -20.20
C PRO C 859 3.20 -29.61 -20.61
N PRO C 860 4.05 -30.52 -20.12
CA PRO C 860 5.45 -30.53 -20.57
C PRO C 860 5.56 -30.86 -22.04
N LEU C 861 6.58 -30.30 -22.68
CA LEU C 861 6.80 -30.57 -24.10
C LEU C 861 7.15 -32.04 -24.33
N LEU C 862 8.00 -32.59 -23.48
CA LEU C 862 8.39 -33.99 -23.59
C LEU C 862 7.41 -34.83 -22.79
N THR C 863 6.62 -35.66 -23.48
CA THR C 863 5.69 -36.53 -22.79
C THR C 863 6.45 -37.61 -22.03
N ASP C 864 5.76 -38.26 -21.10
CA ASP C 864 6.37 -39.33 -20.33
C ASP C 864 6.84 -40.47 -21.23
N GLU C 865 6.12 -40.73 -22.32
CA GLU C 865 6.55 -41.75 -23.26
C GLU C 865 7.84 -41.34 -23.96
N MET C 866 7.98 -40.07 -24.31
CA MET C 866 9.21 -39.61 -24.96
C MET C 866 10.38 -39.64 -23.99
N ILE C 867 10.16 -39.28 -22.73
CA ILE C 867 11.21 -39.37 -21.74
C ILE C 867 11.62 -40.83 -21.53
N ALA C 868 10.64 -41.73 -21.53
CA ALA C 868 10.96 -43.16 -21.45
C ALA C 868 11.72 -43.63 -22.67
N GLN C 869 11.44 -43.05 -23.85
CA GLN C 869 12.17 -43.43 -25.05
C GLN C 869 13.62 -42.94 -25.00
N TYR C 870 13.85 -41.72 -24.53
CA TYR C 870 15.20 -41.27 -24.22
C TYR C 870 15.91 -42.20 -23.24
N THR C 871 15.23 -42.58 -22.16
CA THR C 871 15.84 -43.45 -21.17
C THR C 871 16.19 -44.80 -21.78
N SER C 872 15.30 -45.35 -22.61
CA SER C 872 15.56 -46.62 -23.27
C SER C 872 16.71 -46.50 -24.25
N ALA C 873 16.81 -45.39 -24.98
CA ALA C 873 17.93 -45.20 -25.89
C ALA C 873 19.25 -45.13 -25.13
N LEU C 874 19.27 -44.40 -24.01
CA LEU C 874 20.48 -44.34 -23.20
C LEU C 874 20.85 -45.71 -22.65
N LEU C 875 19.85 -46.48 -22.19
CA LEU C 875 20.11 -47.81 -21.67
C LEU C 875 20.65 -48.74 -22.76
N ALA C 876 20.07 -48.68 -23.96
CA ALA C 876 20.52 -49.55 -25.05
C ALA C 876 21.92 -49.18 -25.50
N GLY C 877 22.22 -47.88 -25.57
CA GLY C 877 23.57 -47.47 -25.90
C GLY C 877 24.58 -47.91 -24.85
N THR C 878 24.21 -47.79 -23.58
CA THR C 878 25.12 -48.21 -22.50
C THR C 878 25.35 -49.71 -22.54
N ILE C 879 24.29 -50.49 -22.76
CA ILE C 879 24.41 -51.95 -22.72
C ILE C 879 25.19 -52.45 -23.93
N THR C 880 24.83 -51.97 -25.13
CA THR C 880 25.39 -52.52 -26.35
C THR C 880 26.74 -51.90 -26.71
N SER C 881 26.93 -50.61 -26.47
CA SER C 881 28.15 -49.91 -26.86
C SER C 881 29.04 -49.51 -25.70
N GLY C 882 28.46 -49.08 -24.58
CA GLY C 882 29.26 -48.66 -23.44
C GLY C 882 29.32 -47.16 -23.31
N TRP C 883 30.52 -46.63 -23.13
CA TRP C 883 30.71 -45.18 -23.18
C TRP C 883 30.96 -44.66 -24.58
N THR C 884 31.11 -45.54 -25.55
CA THR C 884 31.46 -45.13 -26.91
C THR C 884 30.34 -44.39 -27.60
N PHE C 885 29.09 -44.54 -27.15
CA PHE C 885 27.98 -43.88 -27.80
C PHE C 885 27.83 -42.42 -27.38
N GLY C 886 28.56 -41.98 -26.36
CA GLY C 886 28.50 -40.59 -25.95
C GLY C 886 29.65 -39.77 -26.49
N ALA C 887 30.64 -40.44 -27.06
CA ALA C 887 31.84 -39.78 -27.58
C ALA C 887 31.97 -39.93 -29.10
N GLY C 888 30.87 -40.27 -29.78
CA GLY C 888 30.91 -40.45 -31.20
C GLY C 888 29.98 -41.56 -31.65
N PRO C 889 30.38 -42.32 -32.67
CA PRO C 889 29.57 -43.46 -33.10
C PRO C 889 29.54 -44.54 -32.03
N ALA C 890 28.39 -45.21 -31.92
CA ALA C 890 28.24 -46.28 -30.96
C ALA C 890 28.96 -47.52 -31.47
N LEU C 891 29.91 -48.01 -30.69
CA LEU C 891 30.74 -49.16 -31.05
C LEU C 891 30.30 -50.36 -30.22
N GLN C 892 29.76 -51.38 -30.90
CA GLN C 892 29.28 -52.55 -30.18
C GLN C 892 30.43 -53.28 -29.49
N ILE C 893 30.13 -53.85 -28.33
CA ILE C 893 31.10 -54.59 -27.54
C ILE C 893 30.34 -55.54 -26.63
N PRO C 894 30.76 -56.79 -26.48
CA PRO C 894 30.08 -57.69 -25.55
C PRO C 894 30.12 -57.13 -24.14
N PHE C 895 29.00 -57.32 -23.43
CA PHE C 895 28.90 -56.72 -22.09
C PHE C 895 29.95 -57.22 -21.11
N PRO C 896 30.32 -58.50 -21.07
CA PRO C 896 31.47 -58.87 -20.22
C PRO C 896 32.74 -58.10 -20.55
N MET C 897 32.99 -57.81 -21.82
CA MET C 897 34.16 -57.01 -22.16
C MET C 897 34.00 -55.56 -21.75
N GLN C 898 32.77 -55.02 -21.82
CA GLN C 898 32.54 -53.68 -21.30
C GLN C 898 32.81 -53.62 -19.81
N MET C 899 32.36 -54.63 -19.07
CA MET C 899 32.64 -54.67 -17.65
C MET C 899 34.13 -54.85 -17.37
N ALA C 900 34.84 -55.57 -18.22
CA ALA C 900 36.30 -55.62 -18.08
C ALA C 900 36.92 -54.24 -18.29
N TYR C 901 36.42 -53.50 -19.29
CA TYR C 901 36.82 -52.10 -19.47
C TYR C 901 36.63 -51.31 -18.18
N ARG C 902 35.44 -51.43 -17.58
CA ARG C 902 35.15 -50.63 -16.39
C ARG C 902 35.99 -51.06 -15.20
N PHE C 903 36.28 -52.36 -15.08
CA PHE C 903 37.17 -52.82 -14.03
C PHE C 903 38.57 -52.23 -14.20
N ASN C 904 39.09 -52.21 -15.43
CA ASN C 904 40.33 -51.49 -15.65
C ASN C 904 40.18 -50.01 -15.30
N GLY C 905 38.99 -49.46 -15.50
CA GLY C 905 38.75 -48.07 -15.15
C GLY C 905 38.93 -47.82 -13.67
N ILE C 906 38.48 -48.74 -12.83
CA ILE C 906 38.58 -48.57 -11.38
C ILE C 906 39.90 -49.13 -10.85
N GLY C 907 40.80 -49.52 -11.76
CA GLY C 907 42.09 -50.02 -11.35
C GLY C 907 42.14 -51.49 -11.01
N VAL C 908 41.21 -52.29 -11.53
CA VAL C 908 41.18 -53.73 -11.30
C VAL C 908 41.33 -54.42 -12.65
N THR C 909 42.15 -55.46 -12.71
CA THR C 909 42.43 -56.08 -13.99
C THR C 909 41.20 -56.80 -14.54
N GLN C 910 41.24 -57.06 -15.86
CA GLN C 910 40.21 -57.89 -16.49
C GLN C 910 40.20 -59.29 -15.89
N ASN C 911 41.37 -59.74 -15.44
CA ASN C 911 41.52 -61.05 -14.83
C ASN C 911 40.49 -61.26 -13.73
N VAL C 912 40.30 -60.24 -12.88
CA VAL C 912 39.38 -60.37 -11.76
C VAL C 912 37.98 -60.73 -12.24
N LEU C 913 37.54 -60.14 -13.34
CA LEU C 913 36.17 -60.37 -13.76
C LEU C 913 36.01 -61.64 -14.57
N TYR C 914 36.96 -61.95 -15.46
CA TYR C 914 36.73 -63.06 -16.37
C TYR C 914 36.67 -64.42 -15.66
N GLU C 915 37.23 -64.54 -14.46
CA GLU C 915 36.94 -65.75 -13.69
C GLU C 915 35.88 -65.53 -12.61
N ASN C 916 35.32 -64.34 -12.51
CA ASN C 916 34.20 -64.09 -11.62
C ASN C 916 33.02 -63.55 -12.39
N GLN C 917 32.90 -63.93 -13.66
CA GLN C 917 31.83 -63.41 -14.50
C GLN C 917 30.47 -63.84 -13.98
N LYS C 918 30.31 -65.12 -13.66
CA LYS C 918 29.03 -65.59 -13.13
C LYS C 918 28.73 -64.97 -11.78
N LEU C 919 29.73 -64.90 -10.90
CA LEU C 919 29.52 -64.32 -9.58
C LEU C 919 29.16 -62.84 -9.67
N ILE C 920 29.86 -62.09 -10.52
CA ILE C 920 29.58 -60.66 -10.65
C ILE C 920 28.22 -60.45 -11.29
N ALA C 921 27.87 -61.26 -12.28
CA ALA C 921 26.55 -61.15 -12.90
C ALA C 921 25.44 -61.43 -11.90
N ASN C 922 25.61 -62.47 -11.08
CA ASN C 922 24.62 -62.78 -10.05
C ASN C 922 24.52 -61.67 -9.03
N GLN C 923 25.66 -61.09 -8.63
CA GLN C 923 25.64 -59.98 -7.68
C GLN C 923 24.92 -58.78 -8.26
N PHE C 924 25.17 -58.47 -9.53
CA PHE C 924 24.49 -57.34 -10.18
C PHE C 924 22.99 -57.58 -10.26
N ASN C 925 22.59 -58.80 -10.65
CA ASN C 925 21.16 -59.12 -10.74
C ASN C 925 20.50 -59.03 -9.37
N SER C 926 21.16 -59.55 -8.33
CA SER C 926 20.60 -59.48 -6.98
C SER C 926 20.51 -58.05 -6.50
N ALA C 927 21.50 -57.21 -6.80
CA ALA C 927 21.44 -55.81 -6.41
C ALA C 927 20.28 -55.10 -7.10
N ILE C 928 20.06 -55.38 -8.39
CA ILE C 928 18.94 -54.78 -9.10
C ILE C 928 17.61 -55.25 -8.51
N GLY C 929 17.51 -56.54 -8.19
CA GLY C 929 16.31 -57.04 -7.56
C GLY C 929 16.05 -56.42 -6.20
N LYS C 930 17.12 -56.18 -5.44
CA LYS C 930 16.98 -55.52 -4.15
C LYS C 930 16.54 -54.08 -4.30
N ILE C 931 17.02 -53.39 -5.34
CA ILE C 931 16.51 -52.05 -5.64
C ILE C 931 15.02 -52.11 -5.95
N GLN C 932 14.61 -53.08 -6.76
CA GLN C 932 13.19 -53.29 -7.06
C GLN C 932 12.39 -53.45 -5.77
N ASP C 933 12.84 -54.34 -4.89
CA ASP C 933 12.11 -54.62 -3.65
C ASP C 933 12.07 -53.40 -2.74
N SER C 934 13.19 -52.69 -2.58
CA SER C 934 13.24 -51.54 -1.69
C SER C 934 12.35 -50.42 -2.21
N LEU C 935 12.35 -50.19 -3.52
CA LEU C 935 11.44 -49.19 -4.09
C LEU C 935 9.99 -49.61 -3.90
N SER C 936 9.69 -50.90 -4.06
CA SER C 936 8.31 -51.36 -3.91
C SER C 936 7.82 -51.23 -2.47
N SER C 937 8.69 -51.52 -1.51
CA SER C 937 8.28 -51.58 -0.10
C SER C 937 8.30 -50.20 0.56
N THR C 938 9.46 -49.55 0.58
CA THR C 938 9.59 -48.28 1.28
C THR C 938 8.76 -47.21 0.59
N PRO C 939 7.84 -46.54 1.28
CA PRO C 939 6.99 -45.55 0.61
C PRO C 939 7.66 -44.20 0.44
N SER C 940 8.62 -43.88 1.31
CA SER C 940 9.30 -42.59 1.30
C SER C 940 10.61 -42.62 0.51
N ALA C 941 10.77 -43.60 -0.38
CA ALA C 941 12.01 -43.68 -1.16
C ALA C 941 12.16 -42.47 -2.08
N LEU C 942 11.07 -42.08 -2.76
CA LEU C 942 11.11 -40.97 -3.71
C LEU C 942 10.74 -39.67 -3.00
N GLY C 943 11.54 -39.35 -1.97
CA GLY C 943 11.26 -38.19 -1.15
C GLY C 943 11.43 -36.87 -1.88
N LYS C 944 12.44 -36.77 -2.74
CA LYS C 944 12.77 -35.49 -3.34
C LYS C 944 11.71 -35.03 -4.33
N LEU C 945 11.29 -35.92 -5.24
CA LEU C 945 10.27 -35.55 -6.22
C LEU C 945 8.94 -35.25 -5.54
N GLN C 946 8.56 -36.07 -4.56
CA GLN C 946 7.33 -35.82 -3.84
C GLN C 946 7.40 -34.51 -3.08
N ASP C 947 8.56 -34.18 -2.52
CA ASP C 947 8.73 -32.91 -1.82
C ASP C 947 8.58 -31.74 -2.77
N VAL C 948 9.14 -31.85 -3.98
CA VAL C 948 9.00 -30.78 -4.97
C VAL C 948 7.53 -30.61 -5.35
N VAL C 949 6.84 -31.73 -5.60
CA VAL C 949 5.43 -31.66 -5.97
C VAL C 949 4.60 -31.05 -4.84
N ASN C 950 4.87 -31.45 -3.60
CA ASN C 950 4.15 -30.92 -2.45
C ASN C 950 4.41 -29.44 -2.27
N GLN C 951 5.65 -28.99 -2.48
CA GLN C 951 5.96 -27.58 -2.37
C GLN C 951 5.20 -26.76 -3.40
N ASN C 952 5.18 -27.23 -4.65
CA ASN C 952 4.45 -26.51 -5.70
C ASN C 952 2.96 -26.48 -5.40
N ALA C 953 2.40 -27.63 -4.98
CA ALA C 953 0.98 -27.69 -4.69
C ALA C 953 0.61 -26.79 -3.52
N GLN C 954 1.44 -26.76 -2.49
CA GLN C 954 1.18 -25.91 -1.34
C GLN C 954 1.27 -24.43 -1.71
N ALA C 955 2.23 -24.07 -2.56
CA ALA C 955 2.31 -22.69 -3.02
C ALA C 955 1.06 -22.30 -3.80
N LEU C 956 0.59 -23.18 -4.69
CA LEU C 956 -0.62 -22.89 -5.44
C LEU C 956 -1.84 -22.79 -4.52
N ASN C 957 -1.92 -23.67 -3.52
CA ASN C 957 -3.04 -23.65 -2.59
C ASN C 957 -3.04 -22.36 -1.78
N THR C 958 -1.87 -21.90 -1.33
CA THR C 958 -1.79 -20.64 -0.62
C THR C 958 -2.19 -19.47 -1.52
N LEU C 959 -1.76 -19.50 -2.79
CA LEU C 959 -2.15 -18.46 -3.73
C LEU C 959 -3.66 -18.43 -3.92
N VAL C 960 -4.30 -19.60 -3.98
CA VAL C 960 -5.75 -19.65 -4.09
C VAL C 960 -6.41 -19.12 -2.82
N LYS C 961 -5.94 -19.57 -1.66
CA LYS C 961 -6.54 -19.16 -0.39
C LYS C 961 -6.38 -17.67 -0.15
N GLN C 962 -5.39 -17.03 -0.76
CA GLN C 962 -5.22 -15.59 -0.57
C GLN C 962 -6.37 -14.78 -1.13
N LEU C 963 -7.24 -15.36 -1.95
CA LEU C 963 -8.42 -14.65 -2.43
C LEU C 963 -9.50 -14.51 -1.36
N SER C 964 -9.42 -15.29 -0.28
CA SER C 964 -10.43 -15.25 0.76
C SER C 964 -10.20 -14.15 1.78
N SER C 965 -9.07 -13.47 1.75
CA SER C 965 -8.74 -12.45 2.72
C SER C 965 -9.20 -11.09 2.24
N ASN C 966 -9.68 -10.26 3.18
CA ASN C 966 -10.25 -8.97 2.83
C ASN C 966 -9.17 -7.96 2.45
N PHE C 967 -7.98 -8.08 3.03
CA PHE C 967 -6.90 -7.11 2.86
C PHE C 967 -7.30 -5.71 3.30
N GLY C 968 -8.30 -5.60 4.18
CA GLY C 968 -8.81 -4.33 4.63
C GLY C 968 -10.12 -3.91 3.99
N ALA C 969 -10.52 -4.55 2.89
CA ALA C 969 -11.78 -4.23 2.25
C ALA C 969 -12.95 -4.76 3.07
N ILE C 970 -14.15 -4.30 2.73
CA ILE C 970 -15.35 -4.76 3.44
C ILE C 970 -15.59 -6.23 3.19
N SER C 971 -15.29 -6.71 1.98
CA SER C 971 -15.51 -8.10 1.62
C SER C 971 -14.36 -8.58 0.74
N SER C 972 -14.13 -9.89 0.76
CA SER C 972 -13.10 -10.50 -0.07
C SER C 972 -13.61 -10.94 -1.43
N VAL C 973 -14.89 -10.70 -1.73
CA VAL C 973 -15.49 -11.07 -3.00
C VAL C 973 -15.63 -9.81 -3.83
N LEU C 974 -15.08 -9.83 -5.04
CA LEU C 974 -15.11 -8.66 -5.91
C LEU C 974 -16.53 -8.30 -6.30
N ASN C 975 -17.36 -9.30 -6.60
CA ASN C 975 -18.73 -9.03 -7.01
C ASN C 975 -19.54 -8.39 -5.89
N ASP C 976 -19.32 -8.83 -4.65
CA ASP C 976 -19.99 -8.22 -3.51
C ASP C 976 -19.61 -6.76 -3.35
N ILE C 977 -18.34 -6.41 -3.53
CA ILE C 977 -17.94 -5.01 -3.48
C ILE C 977 -18.51 -4.22 -4.64
N LEU C 978 -18.61 -4.81 -5.83
CA LEU C 978 -19.22 -4.12 -6.96
C LEU C 978 -20.68 -3.80 -6.70
N SER C 979 -21.42 -4.74 -6.12
CA SER C 979 -22.73 -4.44 -5.58
C SER C 979 -22.59 -3.64 -4.30
N ARG C 980 -23.72 -3.27 -3.70
CA ARG C 980 -23.79 -2.65 -2.36
C ARG C 980 -22.82 -1.48 -2.20
N LEU C 981 -22.33 -0.90 -3.29
CA LEU C 981 -21.38 0.20 -3.21
C LEU C 981 -21.38 0.97 -4.52
N ASP C 982 -21.40 2.30 -4.41
CA ASP C 982 -21.26 3.14 -5.59
C ASP C 982 -19.82 3.11 -6.09
N PRO C 983 -19.60 3.35 -7.38
CA PRO C 983 -18.25 3.26 -7.95
C PRO C 983 -17.24 4.15 -7.23
N PRO C 984 -17.57 5.40 -6.89
CA PRO C 984 -16.58 6.21 -6.15
C PRO C 984 -16.19 5.61 -4.80
N GLU C 985 -17.13 4.97 -4.10
CA GLU C 985 -16.82 4.33 -2.84
C GLU C 985 -16.37 2.89 -2.99
N ALA C 986 -16.75 2.23 -4.09
CA ALA C 986 -16.27 0.88 -4.34
C ALA C 986 -14.83 0.85 -4.80
N GLU C 987 -14.35 1.94 -5.40
CA GLU C 987 -13.01 1.95 -5.97
C GLU C 987 -11.94 1.79 -4.90
N VAL C 988 -12.14 2.36 -3.71
CA VAL C 988 -11.13 2.22 -2.67
C VAL C 988 -11.04 0.76 -2.19
N GLN C 989 -12.17 0.09 -2.04
CA GLN C 989 -12.15 -1.31 -1.67
C GLN C 989 -11.53 -2.17 -2.77
N ILE C 990 -11.84 -1.86 -4.02
CA ILE C 990 -11.21 -2.59 -5.13
C ILE C 990 -9.71 -2.37 -5.12
N ASP C 991 -9.26 -1.16 -4.78
CA ASP C 991 -7.83 -0.89 -4.69
C ASP C 991 -7.18 -1.70 -3.57
N ARG C 992 -7.86 -1.81 -2.43
CA ARG C 992 -7.31 -2.64 -1.34
C ARG C 992 -7.17 -4.09 -1.78
N LEU C 993 -8.22 -4.62 -2.42
CA LEU C 993 -8.16 -6.00 -2.90
C LEU C 993 -7.07 -6.18 -3.95
N ILE C 994 -6.93 -5.21 -4.85
CA ILE C 994 -5.93 -5.30 -5.91
C ILE C 994 -4.53 -5.28 -5.32
N THR C 995 -4.28 -4.41 -4.34
CA THR C 995 -2.98 -4.36 -3.71
C THR C 995 -2.66 -5.67 -3.01
N GLY C 996 -3.63 -6.21 -2.26
CA GLY C 996 -3.39 -7.46 -1.57
C GLY C 996 -3.11 -8.61 -2.53
N ARG C 997 -3.91 -8.73 -3.58
CA ARG C 997 -3.74 -9.84 -4.51
C ARG C 997 -2.49 -9.66 -5.37
N LEU C 998 -2.10 -8.43 -5.67
CA LEU C 998 -0.85 -8.19 -6.37
C LEU C 998 0.34 -8.57 -5.51
N GLN C 999 0.29 -8.25 -4.21
CA GLN C 999 1.35 -8.74 -3.31
C GLN C 999 1.36 -10.26 -3.26
N SER C 1000 0.18 -10.88 -3.29
CA SER C 1000 0.12 -12.34 -3.29
C SER C 1000 0.80 -12.92 -4.52
N LEU C 1001 0.49 -12.40 -5.71
CA LEU C 1001 1.15 -12.88 -6.92
C LEU C 1001 2.64 -12.59 -6.92
N GLN C 1002 3.05 -11.42 -6.44
CA GLN C 1002 4.47 -11.12 -6.42
C GLN C 1002 5.23 -12.07 -5.49
N THR C 1003 4.65 -12.37 -4.33
CA THR C 1003 5.26 -13.34 -3.43
C THR C 1003 5.33 -14.72 -4.08
N TYR C 1004 4.24 -15.14 -4.71
CA TYR C 1004 4.22 -16.46 -5.35
C TYR C 1004 5.24 -16.54 -6.47
N VAL C 1005 5.36 -15.47 -7.27
CA VAL C 1005 6.29 -15.47 -8.39
C VAL C 1005 7.73 -15.45 -7.91
N THR C 1006 8.01 -14.67 -6.86
CA THR C 1006 9.37 -14.68 -6.31
C THR C 1006 9.74 -16.06 -5.77
N GLN C 1007 8.81 -16.70 -5.03
CA GLN C 1007 9.07 -18.04 -4.54
C GLN C 1007 9.27 -19.02 -5.70
N GLN C 1008 8.47 -18.87 -6.77
CA GLN C 1008 8.60 -19.75 -7.92
C GLN C 1008 9.92 -19.54 -8.63
N LEU C 1009 10.39 -18.30 -8.74
CA LEU C 1009 11.68 -18.04 -9.36
C LEU C 1009 12.82 -18.65 -8.54
N ILE C 1010 12.77 -18.52 -7.21
CA ILE C 1010 13.81 -19.10 -6.38
C ILE C 1010 13.78 -20.63 -6.45
N ARG C 1011 12.58 -21.21 -6.37
CA ARG C 1011 12.44 -22.66 -6.47
C ARG C 1011 12.85 -23.16 -7.86
N ALA C 1012 12.60 -22.36 -8.90
CA ALA C 1012 13.03 -22.72 -10.24
C ALA C 1012 14.54 -22.66 -10.39
N ALA C 1013 15.18 -21.71 -9.71
CA ALA C 1013 16.65 -21.70 -9.69
C ALA C 1013 17.19 -22.95 -9.00
N GLU C 1014 16.57 -23.34 -7.90
CA GLU C 1014 16.99 -24.57 -7.21
C GLU C 1014 16.77 -25.81 -8.10
N ILE C 1015 15.62 -25.86 -8.77
CA ILE C 1015 15.31 -26.99 -9.65
C ILE C 1015 16.26 -27.00 -10.85
N ARG C 1016 16.63 -25.82 -11.35
CA ARG C 1016 17.58 -25.74 -12.46
C ARG C 1016 18.96 -26.21 -12.03
N ALA C 1017 19.37 -25.88 -10.81
CA ALA C 1017 20.62 -26.44 -10.30
C ALA C 1017 20.56 -27.96 -10.21
N SER C 1018 19.42 -28.48 -9.72
CA SER C 1018 19.25 -29.94 -9.65
C SER C 1018 19.27 -30.56 -11.04
N ALA C 1019 18.67 -29.89 -12.03
CA ALA C 1019 18.62 -30.43 -13.39
C ALA C 1019 20.00 -30.37 -14.04
N ASN C 1020 20.78 -29.33 -13.75
CA ASN C 1020 22.15 -29.28 -14.23
C ASN C 1020 22.98 -30.40 -13.63
N LEU C 1021 22.79 -30.66 -12.33
CA LEU C 1021 23.48 -31.79 -11.71
C LEU C 1021 23.04 -33.12 -12.32
N ALA C 1022 21.75 -33.26 -12.63
CA ALA C 1022 21.26 -34.48 -13.26
C ALA C 1022 21.84 -34.66 -14.64
N ALA C 1023 21.94 -33.57 -15.42
CA ALA C 1023 22.56 -33.65 -16.74
C ALA C 1023 24.04 -34.01 -16.63
N THR C 1024 24.74 -33.43 -15.65
CA THR C 1024 26.13 -33.78 -15.46
C THR C 1024 26.31 -35.24 -15.07
N LYS C 1025 25.44 -35.75 -14.18
CA LYS C 1025 25.51 -37.15 -13.79
C LYS C 1025 25.20 -38.07 -14.97
N MET C 1026 24.21 -37.71 -15.77
CA MET C 1026 23.93 -38.48 -16.99
C MET C 1026 25.16 -38.54 -17.89
N SER C 1027 25.75 -37.37 -18.16
CA SER C 1027 26.89 -37.32 -19.06
C SER C 1027 28.08 -38.11 -18.53
N GLU C 1028 28.37 -37.98 -17.24
CA GLU C 1028 29.60 -38.54 -16.69
C GLU C 1028 29.45 -39.94 -16.12
N CYS C 1029 28.23 -40.48 -16.04
CA CYS C 1029 28.07 -41.81 -15.47
C CYS C 1029 27.27 -42.73 -16.37
N VAL C 1030 26.26 -42.19 -17.05
CA VAL C 1030 25.56 -43.01 -18.04
C VAL C 1030 26.36 -43.10 -19.32
N LEU C 1031 26.96 -41.99 -19.75
CA LEU C 1031 27.72 -41.94 -20.98
C LEU C 1031 29.21 -42.21 -20.78
N GLY C 1032 29.63 -42.48 -19.56
CA GLY C 1032 31.03 -42.77 -19.30
C GLY C 1032 31.21 -43.25 -17.87
N GLN C 1033 32.45 -43.53 -17.52
CA GLN C 1033 32.81 -43.96 -16.17
C GLN C 1033 33.55 -42.83 -15.48
N SER C 1034 32.99 -42.34 -14.38
CA SER C 1034 33.53 -41.16 -13.71
C SER C 1034 34.49 -41.59 -12.59
N LYS C 1035 35.65 -40.95 -12.55
CA LYS C 1035 36.61 -41.14 -11.48
C LYS C 1035 36.38 -40.21 -10.30
N ARG C 1036 35.38 -39.34 -10.38
CA ARG C 1036 35.06 -38.46 -9.26
C ARG C 1036 34.53 -39.29 -8.10
N VAL C 1037 35.10 -39.09 -6.91
CA VAL C 1037 34.75 -39.90 -5.76
C VAL C 1037 33.38 -39.49 -5.24
N ASP C 1038 32.53 -40.49 -4.98
CA ASP C 1038 31.19 -40.31 -4.44
C ASP C 1038 30.29 -39.45 -5.33
N PHE C 1039 30.69 -39.21 -6.58
CA PHE C 1039 29.82 -38.47 -7.49
C PHE C 1039 28.67 -39.34 -7.96
N CYS C 1040 28.95 -40.60 -8.30
CA CYS C 1040 27.93 -41.54 -8.76
C CYS C 1040 28.04 -42.81 -7.91
N GLY C 1041 27.37 -42.79 -6.77
CA GLY C 1041 27.36 -43.93 -5.89
C GLY C 1041 28.57 -43.97 -4.97
N LYS C 1042 28.41 -44.67 -3.85
CA LYS C 1042 29.48 -44.83 -2.88
C LYS C 1042 30.31 -46.05 -3.29
N GLY C 1043 31.54 -45.80 -3.72
CA GLY C 1043 32.44 -46.84 -4.15
C GLY C 1043 33.07 -46.52 -5.48
N TYR C 1044 33.87 -47.46 -5.97
CA TYR C 1044 34.51 -47.31 -7.27
C TYR C 1044 33.45 -47.48 -8.35
N HIS C 1045 33.00 -46.36 -8.91
CA HIS C 1045 31.88 -46.35 -9.83
C HIS C 1045 32.17 -47.20 -11.06
N LEU C 1046 31.18 -48.01 -11.46
CA LEU C 1046 31.27 -48.83 -12.66
C LEU C 1046 30.35 -48.34 -13.76
N MET C 1047 29.05 -48.28 -13.52
CA MET C 1047 28.09 -47.82 -14.52
C MET C 1047 27.00 -47.02 -13.82
N SER C 1048 26.00 -46.63 -14.59
CA SER C 1048 24.80 -45.98 -14.06
C SER C 1048 23.70 -46.11 -15.09
N PHE C 1049 22.48 -46.29 -14.62
CA PHE C 1049 21.34 -46.52 -15.50
C PHE C 1049 20.29 -45.45 -15.24
N PRO C 1050 19.95 -44.61 -16.21
CA PRO C 1050 18.88 -43.65 -16.01
C PRO C 1050 17.54 -44.35 -15.91
N GLN C 1051 16.65 -43.76 -15.10
CA GLN C 1051 15.27 -44.23 -15.03
C GLN C 1051 14.37 -43.01 -14.95
N SER C 1052 13.39 -42.96 -15.84
CA SER C 1052 12.44 -41.85 -15.82
C SER C 1052 11.61 -41.89 -14.55
N ALA C 1053 11.36 -40.71 -14.01
CA ALA C 1053 10.54 -40.54 -12.82
C ALA C 1053 9.69 -39.30 -13.01
N PRO C 1054 8.56 -39.20 -12.29
CA PRO C 1054 7.73 -38.01 -12.42
C PRO C 1054 8.45 -36.75 -11.98
N HIS C 1055 8.72 -35.84 -12.94
CA HIS C 1055 9.41 -34.58 -12.68
C HIS C 1055 10.80 -34.83 -12.07
N GLY C 1056 11.50 -35.83 -12.59
CA GLY C 1056 12.82 -36.14 -12.07
C GLY C 1056 13.43 -37.29 -12.81
N VAL C 1057 14.56 -37.76 -12.27
CA VAL C 1057 15.29 -38.88 -12.85
C VAL C 1057 15.90 -39.69 -11.71
N VAL C 1058 16.01 -40.99 -11.91
CA VAL C 1058 16.57 -41.92 -10.94
C VAL C 1058 17.76 -42.60 -11.58
N PHE C 1059 18.90 -42.59 -10.90
CA PHE C 1059 20.12 -43.21 -11.38
C PHE C 1059 20.42 -44.45 -10.55
N LEU C 1060 20.66 -45.57 -11.22
CA LEU C 1060 21.02 -46.83 -10.55
C LEU C 1060 22.53 -46.99 -10.66
N HIS C 1061 23.24 -46.40 -9.71
CA HIS C 1061 24.70 -46.35 -9.76
C HIS C 1061 25.26 -47.71 -9.40
N VAL C 1062 25.81 -48.42 -10.39
CA VAL C 1062 26.49 -49.68 -10.15
C VAL C 1062 27.93 -49.38 -9.75
N THR C 1063 28.32 -49.78 -8.54
CA THR C 1063 29.61 -49.46 -7.98
C THR C 1063 30.30 -50.72 -7.49
N TYR C 1064 31.61 -50.64 -7.36
CA TYR C 1064 32.44 -51.75 -6.89
C TYR C 1064 32.88 -51.44 -5.46
N VAL C 1065 32.52 -52.33 -4.54
CA VAL C 1065 32.83 -52.17 -3.13
C VAL C 1065 33.66 -53.36 -2.67
N PRO C 1066 34.91 -53.16 -2.24
CA PRO C 1066 35.66 -54.27 -1.64
C PRO C 1066 34.98 -54.76 -0.38
N ALA C 1067 35.04 -56.08 -0.16
CA ALA C 1067 34.25 -56.71 0.89
C ALA C 1067 35.09 -57.34 1.99
N GLN C 1068 35.97 -58.26 1.66
CA GLN C 1068 36.67 -59.06 2.66
C GLN C 1068 38.13 -58.67 2.72
N GLU C 1069 38.59 -58.26 3.90
CA GLU C 1069 39.94 -57.76 4.09
C GLU C 1069 40.85 -58.86 4.58
N LYS C 1070 42.16 -58.59 4.56
CA LYS C 1070 43.14 -59.49 5.12
C LYS C 1070 44.41 -58.69 5.40
N ASN C 1071 44.90 -58.78 6.63
CA ASN C 1071 46.12 -58.09 7.00
C ASN C 1071 47.32 -58.70 6.29
N PHE C 1072 48.21 -57.85 5.82
CA PHE C 1072 49.47 -58.30 5.22
C PHE C 1072 50.59 -57.36 5.65
N THR C 1073 51.78 -57.93 5.78
CA THR C 1073 52.97 -57.14 6.02
C THR C 1073 53.50 -56.63 4.68
N THR C 1074 53.79 -55.34 4.61
CA THR C 1074 54.14 -54.71 3.36
C THR C 1074 55.46 -53.95 3.50
N ALA C 1075 56.14 -53.80 2.37
CA ALA C 1075 57.40 -53.07 2.30
C ALA C 1075 57.38 -52.16 1.09
N PRO C 1076 57.99 -50.97 1.19
CA PRO C 1076 57.99 -50.04 0.05
C PRO C 1076 58.79 -50.53 -1.14
N ALA C 1077 59.81 -51.37 -0.93
CA ALA C 1077 60.65 -51.83 -2.01
C ALA C 1077 61.27 -53.17 -1.62
N ILE C 1078 61.95 -53.78 -2.58
CA ILE C 1078 62.61 -55.06 -2.39
C ILE C 1078 64.09 -54.88 -2.70
N CYS C 1079 64.95 -55.17 -1.74
CA CYS C 1079 66.40 -55.06 -1.92
C CYS C 1079 66.92 -56.38 -2.45
N HIS C 1080 67.19 -56.42 -3.76
CA HIS C 1080 67.74 -57.61 -4.39
C HIS C 1080 68.96 -57.22 -5.22
N ASP C 1081 70.01 -58.03 -5.13
CA ASP C 1081 71.23 -57.83 -5.90
C ASP C 1081 71.84 -56.45 -5.67
N GLY C 1082 71.69 -55.93 -4.46
CA GLY C 1082 72.22 -54.61 -4.15
C GLY C 1082 71.54 -53.49 -4.90
N LYS C 1083 70.23 -53.59 -5.10
CA LYS C 1083 69.47 -52.53 -5.77
C LYS C 1083 68.03 -52.62 -5.30
N ALA C 1084 67.34 -51.47 -5.37
CA ALA C 1084 65.97 -51.37 -4.88
C ALA C 1084 65.00 -51.66 -6.03
N HIS C 1085 64.04 -52.52 -5.76
CA HIS C 1085 63.01 -52.89 -6.72
C HIS C 1085 61.66 -52.36 -6.26
N PHE C 1086 60.98 -51.63 -7.12
CA PHE C 1086 59.66 -51.10 -6.84
C PHE C 1086 58.65 -51.70 -7.82
N PRO C 1087 57.42 -51.95 -7.38
CA PRO C 1087 56.45 -52.59 -8.28
C PRO C 1087 55.91 -51.62 -9.31
N ARG C 1088 55.81 -52.11 -10.55
CA ARG C 1088 55.29 -51.27 -11.63
C ARG C 1088 53.86 -50.85 -11.34
N GLU C 1089 53.03 -51.79 -10.89
CA GLU C 1089 51.67 -51.46 -10.47
C GLU C 1089 51.25 -52.53 -9.47
N GLY C 1090 51.15 -52.16 -8.21
CA GLY C 1090 50.87 -53.10 -7.15
C GLY C 1090 51.62 -52.72 -5.90
N VAL C 1091 51.52 -53.58 -4.90
CA VAL C 1091 52.18 -53.41 -3.62
C VAL C 1091 52.81 -54.72 -3.20
N PHE C 1092 54.00 -54.64 -2.61
CA PHE C 1092 54.66 -55.82 -2.06
C PHE C 1092 53.97 -56.21 -0.76
N VAL C 1093 53.54 -57.47 -0.67
CA VAL C 1093 52.91 -57.98 0.53
C VAL C 1093 53.49 -59.36 0.83
N SER C 1094 53.35 -59.78 2.08
CA SER C 1094 53.80 -61.09 2.51
C SER C 1094 52.74 -61.72 3.40
N ASN C 1095 52.54 -63.02 3.22
CA ASN C 1095 51.64 -63.78 4.09
C ASN C 1095 52.33 -64.26 5.35
N GLY C 1096 53.47 -63.66 5.70
CA GLY C 1096 54.20 -64.05 6.88
C GLY C 1096 55.60 -64.54 6.59
N THR C 1097 55.76 -65.33 5.52
CA THR C 1097 57.05 -65.92 5.18
C THR C 1097 57.50 -65.61 3.76
N HIS C 1098 56.59 -65.55 2.80
CA HIS C 1098 56.93 -65.33 1.40
C HIS C 1098 56.37 -63.99 0.94
N TRP C 1099 57.15 -63.28 0.14
CA TRP C 1099 56.79 -61.94 -0.32
C TRP C 1099 56.17 -62.02 -1.71
N PHE C 1100 55.07 -61.29 -1.89
CA PHE C 1100 54.33 -61.27 -3.15
C PHE C 1100 53.99 -59.84 -3.52
N VAL C 1101 53.80 -59.62 -4.82
CA VAL C 1101 53.30 -58.35 -5.34
C VAL C 1101 51.84 -58.52 -5.70
N THR C 1102 51.01 -57.58 -5.27
CA THR C 1102 49.58 -57.69 -5.38
C THR C 1102 48.98 -56.38 -5.87
N GLN C 1103 48.01 -56.46 -6.77
CA GLN C 1103 47.27 -55.27 -7.19
C GLN C 1103 46.54 -54.67 -6.00
N ARG C 1104 46.34 -53.36 -6.05
CA ARG C 1104 45.90 -52.62 -4.86
C ARG C 1104 44.51 -53.03 -4.42
N ASN C 1105 43.58 -53.20 -5.35
CA ASN C 1105 42.16 -53.32 -5.03
C ASN C 1105 41.66 -54.76 -4.95
N PHE C 1106 42.54 -55.75 -5.10
CA PHE C 1106 42.12 -57.14 -5.07
C PHE C 1106 43.33 -58.00 -4.74
N TYR C 1107 43.17 -58.94 -3.81
CA TYR C 1107 44.29 -59.76 -3.38
C TYR C 1107 44.60 -60.81 -4.44
N GLU C 1108 45.63 -60.54 -5.25
CA GLU C 1108 46.13 -61.49 -6.23
C GLU C 1108 47.65 -61.56 -6.08
N PRO C 1109 48.14 -62.44 -5.21
CA PRO C 1109 49.59 -62.54 -5.02
C PRO C 1109 50.29 -63.01 -6.29
N GLN C 1110 51.43 -62.41 -6.57
CA GLN C 1110 52.27 -62.78 -7.71
C GLN C 1110 53.71 -62.90 -7.24
N ILE C 1111 54.45 -63.82 -7.87
CA ILE C 1111 55.86 -63.98 -7.56
C ILE C 1111 56.62 -62.75 -8.05
N ILE C 1112 57.50 -62.22 -7.22
CA ILE C 1112 58.27 -61.04 -7.57
C ILE C 1112 59.22 -61.39 -8.71
N THR C 1113 59.06 -60.71 -9.84
CA THR C 1113 59.91 -60.90 -11.01
C THR C 1113 60.38 -59.54 -11.49
N THR C 1114 61.13 -59.54 -12.59
CA THR C 1114 61.56 -58.28 -13.19
C THR C 1114 60.52 -57.68 -14.12
N ASP C 1115 59.48 -58.43 -14.46
CA ASP C 1115 58.43 -57.90 -15.33
C ASP C 1115 57.48 -56.98 -14.58
N ASN C 1116 57.24 -57.25 -13.30
CA ASN C 1116 56.33 -56.44 -12.50
C ASN C 1116 57.06 -55.52 -11.53
N THR C 1117 58.38 -55.40 -11.64
CA THR C 1117 59.16 -54.52 -10.79
C THR C 1117 60.16 -53.75 -11.65
N PHE C 1118 60.54 -52.57 -11.17
CA PHE C 1118 61.55 -51.76 -11.84
C PHE C 1118 62.59 -51.26 -10.84
N VAL C 1119 63.85 -51.33 -11.24
CA VAL C 1119 64.96 -50.94 -10.38
C VAL C 1119 65.08 -49.43 -10.36
N SER C 1120 65.28 -48.86 -9.18
CA SER C 1120 65.37 -47.41 -9.03
C SER C 1120 66.45 -47.01 -8.04
N GLY C 1121 67.63 -47.63 -8.14
CA GLY C 1121 68.74 -47.21 -7.31
C GLY C 1121 69.35 -48.32 -6.46
N ASN C 1122 69.69 -47.99 -5.21
CA ASN C 1122 70.25 -48.95 -4.27
C ASN C 1122 69.42 -48.95 -3.00
N CYS C 1123 69.80 -49.82 -2.07
CA CYS C 1123 69.02 -50.07 -0.87
C CYS C 1123 69.35 -49.13 0.29
N ASP C 1124 70.36 -48.27 0.14
CA ASP C 1124 70.77 -47.42 1.25
C ASP C 1124 69.81 -46.26 1.49
N VAL C 1125 69.06 -45.86 0.47
CA VAL C 1125 68.27 -44.63 0.55
C VAL C 1125 66.82 -44.89 0.91
N VAL C 1126 66.28 -46.06 0.59
CA VAL C 1126 64.87 -46.35 0.83
C VAL C 1126 64.67 -46.75 2.29
N ILE C 1127 63.70 -46.13 2.94
CA ILE C 1127 63.38 -46.41 4.34
C ILE C 1127 62.27 -47.45 4.38
N GLY C 1128 62.56 -48.60 4.97
CA GLY C 1128 61.61 -49.70 5.03
C GLY C 1128 61.83 -50.79 4.02
N ILE C 1129 62.88 -50.70 3.19
CA ILE C 1129 63.15 -51.75 2.22
C ILE C 1129 63.47 -53.05 2.94
N VAL C 1130 63.12 -54.18 2.29
CA VAL C 1130 63.35 -55.49 2.87
C VAL C 1130 64.13 -56.34 1.88
N ASN C 1131 64.82 -57.34 2.41
CA ASN C 1131 65.66 -58.22 1.62
C ASN C 1131 64.83 -59.38 1.09
N ASN C 1132 64.80 -59.54 -0.22
CA ASN C 1132 64.10 -60.66 -0.85
C ASN C 1132 64.70 -60.90 -2.23
N THR C 1133 64.39 -62.06 -2.78
CA THR C 1133 64.86 -62.42 -4.10
C THR C 1133 63.83 -62.04 -5.15
N VAL C 1134 64.31 -61.65 -6.32
CA VAL C 1134 63.47 -61.29 -7.46
C VAL C 1134 63.77 -62.28 -8.58
N TYR C 1135 62.73 -62.99 -9.01
CA TYR C 1135 62.91 -64.02 -10.04
C TYR C 1135 63.27 -63.36 -11.37
N ASP C 1136 64.33 -63.87 -12.01
CA ASP C 1136 64.69 -63.42 -13.35
C ASP C 1136 64.14 -64.41 -14.36
N PRO C 1137 63.11 -64.05 -15.14
CA PRO C 1137 62.53 -65.01 -16.07
C PRO C 1137 63.49 -65.48 -17.16
N LEU C 1138 64.54 -64.72 -17.46
CA LEU C 1138 65.46 -65.12 -18.52
C LEU C 1138 66.41 -66.23 -18.10
N GLN C 1139 66.76 -66.29 -16.82
CA GLN C 1139 67.77 -67.25 -16.37
C GLN C 1139 67.39 -68.72 -16.62
N PRO C 1140 66.17 -69.18 -16.34
CA PRO C 1140 65.87 -70.60 -16.65
C PRO C 1140 66.05 -70.96 -18.11
N GLU C 1141 65.70 -70.06 -19.02
CA GLU C 1141 65.93 -70.33 -20.44
C GLU C 1141 67.41 -70.28 -20.78
N LEU C 1142 68.18 -69.41 -20.12
CA LEU C 1142 69.62 -69.37 -20.34
C LEU C 1142 70.27 -70.69 -19.90
N ASP C 1143 69.83 -71.24 -18.78
CA ASP C 1143 70.37 -72.51 -18.32
C ASP C 1143 70.06 -73.65 -19.29
N SER C 1144 68.84 -73.67 -19.81
CA SER C 1144 68.44 -74.71 -20.76
C SER C 1144 68.38 -74.16 -22.17
N GLN D 1 -67.00 23.11 30.18
CA GLN D 1 -67.39 22.17 29.14
C GLN D 1 -66.73 22.52 27.81
N VAL D 2 -66.64 21.53 26.93
CA VAL D 2 -66.03 21.70 25.61
C VAL D 2 -67.08 21.37 24.56
N GLN D 3 -67.28 22.30 23.61
CA GLN D 3 -68.27 22.13 22.56
C GLN D 3 -67.63 22.39 21.22
N LEU D 4 -67.92 21.54 20.24
CA LEU D 4 -67.46 21.71 18.86
C LEU D 4 -68.68 22.03 18.01
N GLN D 5 -68.66 23.19 17.35
CA GLN D 5 -69.77 23.65 16.55
C GLN D 5 -69.51 23.34 15.07
N GLN D 6 -70.49 22.71 14.43
CA GLN D 6 -70.37 22.36 13.02
C GLN D 6 -71.73 22.44 12.34
N PRO D 7 -71.99 23.48 11.55
CA PRO D 7 -73.26 23.56 10.82
C PRO D 7 -73.38 22.44 9.80
N GLY D 8 -74.62 22.02 9.56
CA GLY D 8 -74.89 20.93 8.63
C GLY D 8 -76.04 21.20 7.68
N ALA D 9 -76.47 20.16 6.97
CA ALA D 9 -77.58 20.24 6.03
C ALA D 9 -77.34 21.31 4.97
N GLU D 10 -76.12 21.36 4.44
CA GLU D 10 -75.78 22.31 3.39
C GLU D 10 -75.95 21.67 2.03
N LEU D 11 -76.65 22.37 1.13
CA LEU D 11 -76.91 21.88 -0.22
C LEU D 11 -76.12 22.73 -1.21
N VAL D 12 -75.31 22.08 -2.04
CA VAL D 12 -74.50 22.77 -3.04
C VAL D 12 -74.65 22.05 -4.37
N LYS D 13 -74.41 22.79 -5.44
CA LYS D 13 -74.45 22.20 -6.77
C LYS D 13 -73.22 21.33 -7.01
N PRO D 14 -73.39 20.14 -7.61
CA PRO D 14 -72.23 19.31 -7.91
C PRO D 14 -71.24 20.03 -8.82
N GLY D 15 -69.95 19.77 -8.58
CA GLY D 15 -68.89 20.44 -9.30
C GLY D 15 -68.44 21.75 -8.71
N ALA D 16 -68.92 22.11 -7.52
CA ALA D 16 -68.57 23.36 -6.87
C ALA D 16 -67.91 23.08 -5.52
N SER D 17 -67.10 24.03 -5.07
CA SER D 17 -66.38 23.89 -3.81
C SER D 17 -67.27 24.28 -2.64
N VAL D 18 -66.91 23.76 -1.45
CA VAL D 18 -67.61 24.02 -0.21
C VAL D 18 -66.58 24.46 0.84
N LYS D 19 -67.02 25.31 1.76
CA LYS D 19 -66.15 25.83 2.81
C LYS D 19 -66.75 25.38 4.16
N MET D 20 -66.33 24.21 4.61
CA MET D 20 -66.84 23.67 5.87
C MET D 20 -66.43 24.54 7.04
N SER D 21 -67.34 24.68 8.01
CA SER D 21 -67.10 25.45 9.22
C SER D 21 -67.08 24.49 10.41
N CYS D 22 -65.98 24.50 11.16
CA CYS D 22 -65.81 23.67 12.34
C CYS D 22 -65.33 24.56 13.48
N LYS D 23 -66.27 25.14 14.21
CA LYS D 23 -65.96 26.00 15.34
C LYS D 23 -65.77 25.17 16.60
N ALA D 24 -64.66 25.38 17.30
CA ALA D 24 -64.33 24.63 18.49
C ALA D 24 -63.99 25.59 19.62
N SER D 25 -64.47 25.26 20.83
CA SER D 25 -64.21 26.08 22.00
C SER D 25 -64.22 25.19 23.23
N GLY D 26 -63.61 25.68 24.31
CA GLY D 26 -63.53 24.97 25.57
C GLY D 26 -62.20 24.31 25.85
N TYR D 27 -61.29 24.28 24.87
CA TYR D 27 -59.99 23.66 25.05
C TYR D 27 -58.93 24.54 24.39
N ASN D 28 -57.67 24.29 24.74
CA ASN D 28 -56.56 25.02 24.13
C ASN D 28 -56.38 24.56 22.69
N PHE D 29 -56.55 25.48 21.75
CA PHE D 29 -56.62 25.10 20.34
C PHE D 29 -55.28 24.62 19.81
N ASN D 30 -54.18 25.00 20.45
CA ASN D 30 -52.86 24.64 19.97
C ASN D 30 -52.35 23.32 20.54
N HIS D 31 -53.06 22.71 21.48
CA HIS D 31 -52.63 21.48 22.12
C HIS D 31 -53.43 20.26 21.67
N TYR D 32 -54.22 20.38 20.61
CA TYR D 32 -55.05 19.27 20.17
C TYR D 32 -55.18 19.27 18.65
N TRP D 33 -55.08 18.09 18.06
CA TRP D 33 -55.37 17.95 16.64
C TRP D 33 -56.87 17.93 16.41
N ILE D 34 -57.28 18.34 15.21
CA ILE D 34 -58.67 18.31 14.80
C ILE D 34 -58.77 17.67 13.42
N SER D 35 -59.74 16.78 13.25
CA SER D 35 -59.80 15.91 12.10
C SER D 35 -61.16 15.98 11.43
N TRP D 36 -61.26 15.34 10.26
CA TRP D 36 -62.50 15.21 9.50
C TRP D 36 -62.72 13.75 9.13
N VAL D 37 -63.96 13.30 9.26
CA VAL D 37 -64.34 11.93 8.92
C VAL D 37 -65.62 11.99 8.09
N LYS D 38 -65.65 11.20 7.02
CA LYS D 38 -66.78 11.20 6.08
C LYS D 38 -67.56 9.90 6.23
N GLN D 39 -68.89 10.01 6.26
CA GLN D 39 -69.76 8.86 6.46
C GLN D 39 -70.95 8.98 5.52
N ARG D 40 -71.03 8.07 4.55
CA ARG D 40 -72.23 7.97 3.73
C ARG D 40 -73.34 7.31 4.53
N PRO D 41 -74.60 7.61 4.24
CA PRO D 41 -75.71 6.95 4.95
C PRO D 41 -75.68 5.45 4.69
N GLY D 42 -75.60 4.69 5.79
CA GLY D 42 -75.50 3.25 5.68
C GLY D 42 -74.13 2.73 5.31
N GLN D 43 -73.10 3.59 5.37
CA GLN D 43 -71.74 3.20 5.03
C GLN D 43 -70.80 3.55 6.17
N GLY D 44 -69.67 2.87 6.23
CA GLY D 44 -68.73 3.06 7.31
C GLY D 44 -68.04 4.41 7.25
N LEU D 45 -67.48 4.79 8.40
CA LEU D 45 -66.76 6.05 8.51
C LEU D 45 -65.46 5.99 7.72
N GLU D 46 -65.11 7.10 7.06
CA GLU D 46 -63.91 7.19 6.25
C GLU D 46 -63.12 8.43 6.65
N TRP D 47 -61.82 8.25 6.86
CA TRP D 47 -60.96 9.34 7.28
C TRP D 47 -60.51 10.16 6.07
N ILE D 48 -60.49 11.47 6.23
CA ILE D 48 -60.03 12.38 5.18
C ILE D 48 -58.63 12.90 5.46
N GLY D 49 -58.46 13.61 6.57
CA GLY D 49 -57.18 14.25 6.81
C GLY D 49 -57.05 14.70 8.25
N ASP D 50 -55.88 15.26 8.54
CA ASP D 50 -55.57 15.79 9.85
C ASP D 50 -54.92 17.15 9.68
N ILE D 51 -54.82 17.89 10.77
CA ILE D 51 -54.15 19.19 10.78
C ILE D 51 -53.62 19.46 12.18
N TYR D 52 -52.42 20.04 12.23
CA TYR D 52 -51.83 20.48 13.48
C TYR D 52 -51.93 22.00 13.53
N PRO D 53 -52.80 22.56 14.36
CA PRO D 53 -53.11 24.00 14.24
C PRO D 53 -51.91 24.91 14.44
N LEU D 54 -50.98 24.54 15.33
CA LEU D 54 -49.86 25.42 15.63
C LEU D 54 -48.93 25.56 14.43
N SER D 55 -48.66 24.47 13.72
CA SER D 55 -47.73 24.52 12.59
C SER D 55 -48.40 24.27 11.25
N HIS D 56 -49.72 24.06 11.23
CA HIS D 56 -50.48 23.93 9.97
C HIS D 56 -49.95 22.79 9.10
N PHE D 57 -49.63 21.66 9.73
CA PHE D 57 -49.17 20.48 8.98
C PHE D 57 -50.36 19.54 8.76
N THR D 58 -50.59 19.19 7.49
CA THR D 58 -51.74 18.39 7.11
C THR D 58 -51.30 17.10 6.42
N THR D 59 -52.04 16.02 6.68
CA THR D 59 -51.87 14.75 6.01
C THR D 59 -53.22 14.30 5.47
N TYR D 60 -53.31 14.06 4.17
CA TYR D 60 -54.56 13.74 3.52
C TYR D 60 -54.64 12.25 3.21
N ASN D 61 -55.87 11.75 3.11
CA ASN D 61 -56.10 10.39 2.63
C ASN D 61 -55.71 10.29 1.16
N GLU D 62 -55.34 9.07 0.74
CA GLU D 62 -54.89 8.87 -0.63
C GLU D 62 -56.00 9.18 -1.63
N LYS D 63 -57.24 8.79 -1.32
CA LYS D 63 -58.35 9.10 -2.20
C LYS D 63 -58.60 10.59 -2.28
N PHE D 64 -58.43 11.30 -1.16
CA PHE D 64 -58.75 12.72 -1.05
C PHE D 64 -57.49 13.58 -0.96
N THR D 65 -56.37 13.10 -1.52
CA THR D 65 -55.12 13.84 -1.42
C THR D 65 -55.08 15.05 -2.32
N ASN D 66 -55.93 15.11 -3.33
CA ASN D 66 -55.95 16.22 -4.29
C ASN D 66 -57.26 16.99 -4.30
N ARG D 67 -58.39 16.28 -4.20
CA ARG D 67 -59.69 16.96 -4.20
C ARG D 67 -59.82 17.88 -3.00
N ALA D 68 -59.79 17.31 -1.79
CA ALA D 68 -59.98 18.09 -0.58
C ALA D 68 -58.69 18.77 -0.16
N THR D 69 -58.74 20.08 0.03
CA THR D 69 -57.64 20.87 0.54
C THR D 69 -58.07 21.54 1.84
N LEU D 70 -57.21 21.50 2.84
CA LEU D 70 -57.57 21.90 4.20
C LEU D 70 -56.80 23.17 4.58
N THR D 71 -57.50 24.05 5.29
CA THR D 71 -56.89 25.25 5.88
C THR D 71 -57.49 25.46 7.26
N VAL D 72 -56.72 26.14 8.12
CA VAL D 72 -57.12 26.39 9.50
C VAL D 72 -56.92 27.86 9.81
N ASP D 73 -57.87 28.45 10.54
CA ASP D 73 -57.79 29.84 10.98
C ASP D 73 -57.56 29.85 12.48
N THR D 74 -56.34 30.19 12.90
CA THR D 74 -56.01 30.21 14.32
C THR D 74 -56.71 31.34 15.05
N SER D 75 -56.93 32.47 14.37
CA SER D 75 -57.57 33.61 15.03
C SER D 75 -58.99 33.28 15.47
N SER D 76 -59.77 32.62 14.61
CA SER D 76 -61.13 32.25 14.93
C SER D 76 -61.24 30.85 15.50
N THR D 77 -60.15 30.09 15.54
CA THR D 77 -60.15 28.70 16.02
C THR D 77 -61.21 27.88 15.30
N THR D 78 -61.28 28.07 13.99
CA THR D 78 -62.27 27.39 13.15
C THR D 78 -61.54 26.62 12.06
N ALA D 79 -61.93 25.36 11.88
CA ALA D 79 -61.34 24.51 10.86
C ALA D 79 -62.09 24.66 9.54
N TYR D 80 -61.36 24.45 8.44
CA TYR D 80 -61.93 24.63 7.11
C TYR D 80 -61.34 23.60 6.16
N MET D 81 -62.12 23.28 5.13
CA MET D 81 -61.64 22.52 3.98
C MET D 81 -62.37 23.04 2.75
N GLN D 82 -61.67 23.17 1.63
CA GLN D 82 -62.24 23.83 0.47
C GLN D 82 -61.44 23.48 -0.78
N LEU D 83 -61.84 24.10 -1.89
CA LEU D 83 -61.22 23.92 -3.21
C LEU D 83 -61.26 22.45 -3.63
N ASN D 84 -62.49 21.95 -3.75
CA ASN D 84 -62.73 20.57 -4.15
C ASN D 84 -63.84 20.52 -5.20
N SER D 85 -63.74 19.53 -6.07
CA SER D 85 -64.76 19.28 -7.08
C SER D 85 -65.63 18.12 -6.60
N LEU D 86 -66.87 18.42 -6.24
CA LEU D 86 -67.77 17.42 -5.68
C LEU D 86 -68.62 16.81 -6.79
N THR D 87 -68.60 15.48 -6.88
CA THR D 87 -69.47 14.76 -7.79
C THR D 87 -70.80 14.46 -7.11
N SER D 88 -71.63 13.62 -7.73
CA SER D 88 -72.91 13.23 -7.16
C SER D 88 -72.77 12.21 -6.04
N ASP D 89 -71.58 11.67 -5.80
CA ASP D 89 -71.34 10.69 -4.77
C ASP D 89 -70.84 11.32 -3.46
N ASP D 90 -70.76 12.64 -3.39
CA ASP D 90 -70.27 13.32 -2.20
C ASP D 90 -71.38 13.68 -1.22
N SER D 91 -72.61 13.26 -1.49
CA SER D 91 -73.73 13.54 -0.58
C SER D 91 -73.63 12.65 0.66
N ALA D 92 -72.69 12.95 1.54
CA ALA D 92 -72.47 12.18 2.76
C ALA D 92 -72.40 13.13 3.95
N VAL D 93 -72.38 12.54 5.14
CA VAL D 93 -72.29 13.30 6.38
C VAL D 93 -70.82 13.54 6.71
N PHE D 94 -70.44 14.80 6.85
CA PHE D 94 -69.07 15.17 7.17
C PHE D 94 -68.97 15.53 8.65
N TYR D 95 -68.00 14.93 9.33
CA TYR D 95 -67.80 15.15 10.76
C TYR D 95 -66.51 15.93 11.00
N CYS D 96 -66.44 16.54 12.18
CA CYS D 96 -65.25 17.25 12.62
C CYS D 96 -64.97 16.84 14.06
N ALA D 97 -63.85 16.15 14.28
CA ALA D 97 -63.50 15.63 15.59
C ALA D 97 -62.15 16.19 16.03
N ARG D 98 -61.97 16.26 17.35
CA ARG D 98 -60.74 16.75 17.95
C ARG D 98 -59.87 15.55 18.30
N TRP D 99 -58.76 15.39 17.57
CA TRP D 99 -57.85 14.28 17.82
C TRP D 99 -56.92 14.63 18.98
N ASP D 100 -56.85 13.75 19.98
CA ASP D 100 -56.08 14.01 21.19
C ASP D 100 -54.68 13.44 21.01
N TYR D 101 -53.86 14.17 20.26
CA TYR D 101 -52.46 13.82 20.08
C TYR D 101 -51.67 14.38 21.25
N PHE D 102 -50.39 13.99 21.36
CA PHE D 102 -49.54 14.24 22.53
C PHE D 102 -50.07 13.57 23.78
N ASP D 103 -51.07 12.70 23.64
CA ASP D 103 -51.70 12.00 24.75
C ASP D 103 -52.37 10.76 24.17
N SER D 104 -53.31 10.18 24.92
CA SER D 104 -54.08 9.07 24.40
C SER D 104 -54.81 9.48 23.13
N ARG D 105 -54.41 8.92 21.99
CA ARG D 105 -54.99 9.29 20.70
C ARG D 105 -56.37 8.66 20.55
N THR D 106 -57.42 9.38 20.95
CA THR D 106 -58.73 8.79 21.12
C THR D 106 -59.83 9.40 20.26
N PHE D 107 -59.58 10.54 19.59
CA PHE D 107 -60.63 11.29 18.90
C PHE D 107 -61.77 11.62 19.88
N ASP D 108 -61.40 12.40 20.89
CA ASP D 108 -62.27 12.58 22.06
C ASP D 108 -63.63 13.15 21.68
N TYR D 109 -63.65 14.38 21.17
CA TYR D 109 -64.89 15.13 20.99
C TYR D 109 -65.20 15.26 19.51
N TRP D 110 -66.43 14.92 19.13
CA TRP D 110 -66.88 14.98 17.75
C TRP D 110 -67.92 16.08 17.59
N GLY D 111 -68.16 16.44 16.33
CA GLY D 111 -69.16 17.42 15.99
C GLY D 111 -70.54 16.80 15.78
N GLN D 112 -71.51 17.67 15.54
CA GLN D 112 -72.86 17.19 15.26
C GLN D 112 -72.93 16.46 13.94
N GLY D 113 -72.21 16.94 12.93
CA GLY D 113 -72.20 16.29 11.62
C GLY D 113 -72.79 17.15 10.53
N THR D 114 -71.98 17.47 9.51
CA THR D 114 -72.43 18.25 8.38
C THR D 114 -72.96 17.30 7.30
N THR D 115 -74.29 17.27 7.15
CA THR D 115 -74.93 16.39 6.19
C THR D 115 -75.05 17.10 4.84
N LEU D 116 -73.94 17.15 4.13
CA LEU D 116 -73.92 17.76 2.81
C LEU D 116 -74.70 16.89 1.82
N THR D 117 -75.47 17.54 0.95
CA THR D 117 -76.23 16.87 -0.09
C THR D 117 -75.98 17.56 -1.42
N VAL D 118 -75.97 16.77 -2.50
CA VAL D 118 -75.76 17.28 -3.85
C VAL D 118 -76.77 16.63 -4.78
N SER D 119 -77.30 17.40 -5.72
CA SER D 119 -78.27 16.89 -6.68
C SER D 119 -78.23 17.70 -7.98
N ASP E 1 -50.36 1.03 4.66
CA ASP E 1 -51.81 1.17 4.76
C ASP E 1 -52.41 -0.01 5.52
N ILE E 2 -52.71 0.20 6.80
CA ILE E 2 -53.29 -0.85 7.63
C ILE E 2 -54.77 -0.98 7.30
N LEU E 3 -55.20 -2.22 7.07
CA LEU E 3 -56.58 -2.52 6.71
C LEU E 3 -57.25 -3.29 7.85
N LEU E 4 -58.52 -2.98 8.08
CA LEU E 4 -59.29 -3.59 9.16
C LEU E 4 -60.52 -4.29 8.60
N THR E 5 -60.79 -5.49 9.11
CA THR E 5 -61.95 -6.26 8.72
C THR E 5 -62.70 -6.71 9.97
N GLN E 6 -64.02 -6.53 9.96
CA GLN E 6 -64.89 -6.92 11.06
C GLN E 6 -65.80 -8.05 10.57
N PHE E 7 -65.61 -9.24 11.12
CA PHE E 7 -66.42 -10.39 10.72
C PHE E 7 -67.91 -10.19 11.00
N PRO E 8 -68.34 -9.77 12.20
CA PRO E 8 -69.79 -9.60 12.40
C PRO E 8 -70.32 -8.29 11.82
N ALA E 9 -70.61 -8.31 10.52
CA ALA E 9 -71.20 -7.14 9.88
C ALA E 9 -72.56 -6.83 10.48
N ILE E 10 -73.40 -7.84 10.68
CA ILE E 10 -74.68 -7.71 11.37
C ILE E 10 -74.74 -8.78 12.44
N LEU E 11 -75.10 -8.38 13.66
CA LEU E 11 -75.15 -9.30 14.78
C LEU E 11 -76.41 -9.04 15.59
N SER E 12 -77.04 -10.11 16.08
CA SER E 12 -78.28 -10.02 16.83
C SER E 12 -78.01 -10.29 18.30
N VAL E 13 -78.62 -9.49 19.18
CA VAL E 13 -78.44 -9.60 20.61
C VAL E 13 -79.79 -9.65 21.30
N SER E 14 -79.79 -10.15 22.53
CA SER E 14 -80.93 -10.16 23.42
C SER E 14 -80.57 -9.46 24.73
N PRO E 15 -81.53 -8.80 25.37
CA PRO E 15 -81.21 -8.04 26.59
C PRO E 15 -80.71 -8.94 27.71
N GLY E 16 -79.54 -8.61 28.24
CA GLY E 16 -78.95 -9.32 29.36
C GLY E 16 -77.89 -10.34 29.01
N GLU E 17 -77.49 -10.44 27.75
CA GLU E 17 -76.47 -11.41 27.34
C GLU E 17 -75.15 -10.71 27.08
N ARG E 18 -74.09 -11.52 26.98
CA ARG E 18 -72.74 -11.04 26.73
C ARG E 18 -72.33 -11.36 25.30
N VAL E 19 -71.81 -10.36 24.59
CA VAL E 19 -71.36 -10.52 23.22
C VAL E 19 -69.99 -9.89 23.06
N SER E 20 -69.28 -10.30 22.01
CA SER E 20 -67.96 -9.78 21.71
C SER E 20 -67.80 -9.61 20.21
N PHE E 21 -66.99 -8.64 19.81
CA PHE E 21 -66.71 -8.34 18.41
C PHE E 21 -65.25 -8.67 18.08
N SER E 22 -64.84 -8.36 16.87
CA SER E 22 -63.48 -8.65 16.44
C SER E 22 -63.12 -7.76 15.25
N CYS E 23 -61.86 -7.33 15.21
CA CYS E 23 -61.33 -6.58 14.07
C CYS E 23 -59.85 -6.88 13.96
N ARG E 24 -59.49 -7.72 12.99
CA ARG E 24 -58.09 -8.05 12.76
C ARG E 24 -57.45 -7.02 11.84
N ALA E 25 -56.23 -6.63 12.19
CA ALA E 25 -55.50 -5.62 11.43
C ALA E 25 -54.58 -6.27 10.41
N SER E 26 -54.27 -5.52 9.35
CA SER E 26 -53.36 -6.03 8.32
C SER E 26 -51.97 -6.26 8.88
N GLN E 27 -51.48 -5.35 9.70
CA GLN E 27 -50.17 -5.46 10.34
C GLN E 27 -50.31 -5.34 11.85
N THR E 28 -49.34 -5.91 12.56
CA THR E 28 -49.34 -5.82 14.01
C THR E 28 -49.15 -4.36 14.44
N ILE E 29 -49.92 -3.93 15.42
CA ILE E 29 -49.92 -2.53 15.84
C ILE E 29 -49.69 -2.35 17.33
N GLY E 30 -49.94 -3.35 18.17
CA GLY E 30 -49.66 -3.24 19.59
C GLY E 30 -50.60 -2.32 20.34
N THR E 31 -51.87 -2.71 20.45
CA THR E 31 -52.88 -1.98 21.22
C THR E 31 -53.01 -0.53 20.75
N ASN E 32 -53.45 -0.39 19.49
CA ASN E 32 -53.72 0.91 18.90
C ASN E 32 -55.11 0.92 18.28
N ILE E 33 -56.10 0.41 19.02
CA ILE E 33 -57.46 0.29 18.54
C ILE E 33 -58.40 1.02 19.49
N HIS E 34 -59.29 1.83 18.93
CA HIS E 34 -60.28 2.57 19.71
C HIS E 34 -61.66 2.28 19.14
N TRP E 35 -62.55 1.77 19.99
CA TRP E 35 -63.90 1.40 19.56
C TRP E 35 -64.85 2.57 19.77
N TYR E 36 -65.79 2.72 18.83
CA TYR E 36 -66.77 3.80 18.85
C TYR E 36 -68.17 3.22 18.65
N GLN E 37 -69.17 4.02 19.00
CA GLN E 37 -70.56 3.62 18.88
C GLN E 37 -71.30 4.58 17.96
N GLN E 38 -72.33 4.06 17.29
CA GLN E 38 -73.11 4.83 16.31
C GLN E 38 -74.59 4.60 16.57
N ARG E 39 -75.19 5.45 17.41
CA ARG E 39 -76.63 5.43 17.56
C ARG E 39 -77.29 6.03 16.31
N ILE E 40 -78.59 5.77 16.18
CA ILE E 40 -79.32 6.24 15.01
C ILE E 40 -79.31 7.76 14.99
N ASN E 41 -78.76 8.34 13.92
CA ASN E 41 -78.66 9.79 13.75
C ASN E 41 -77.93 10.43 14.94
N GLY E 42 -76.77 9.87 15.27
CA GLY E 42 -75.97 10.36 16.38
C GLY E 42 -74.53 10.64 15.96
N SER E 43 -73.74 11.08 16.94
CA SER E 43 -72.34 11.41 16.70
C SER E 43 -71.43 10.37 17.34
N PRO E 44 -70.29 10.07 16.72
CA PRO E 44 -69.37 9.08 17.29
C PRO E 44 -68.93 9.46 18.70
N ARG E 45 -68.76 8.45 19.53
CA ARG E 45 -68.28 8.64 20.90
C ARG E 45 -67.33 7.50 21.26
N LEU E 46 -66.22 7.85 21.92
CA LEU E 46 -65.21 6.87 22.27
C LEU E 46 -65.71 5.95 23.39
N LEU E 47 -65.40 4.66 23.26
CA LEU E 47 -65.73 3.67 24.28
C LEU E 47 -64.50 3.24 25.07
N ILE E 48 -63.46 2.75 24.39
CA ILE E 48 -62.25 2.26 25.04
C ILE E 48 -61.05 2.82 24.31
N LYS E 49 -59.98 3.09 25.06
CA LYS E 49 -58.75 3.65 24.49
C LYS E 49 -57.67 2.58 24.44
N TYR E 50 -56.98 2.48 23.30
CA TYR E 50 -55.92 1.52 23.06
C TYR E 50 -56.40 0.08 23.20
N ALA E 51 -57.70 -0.15 23.04
CA ALA E 51 -58.37 -1.46 23.03
C ALA E 51 -58.32 -2.17 24.38
N SER E 52 -57.64 -1.61 25.37
CA SER E 52 -57.57 -2.21 26.70
C SER E 52 -58.10 -1.30 27.78
N GLU E 53 -57.67 -0.04 27.81
CA GLU E 53 -58.07 0.89 28.84
C GLU E 53 -59.43 1.52 28.50
N SER E 54 -60.04 2.13 29.52
CA SER E 54 -61.35 2.74 29.38
C SER E 54 -61.33 4.15 29.94
N ILE E 55 -62.31 4.95 29.53
CA ILE E 55 -62.43 6.34 29.96
C ILE E 55 -63.63 6.48 30.89
N SER E 56 -63.74 7.67 31.49
CA SER E 56 -64.88 7.96 32.35
C SER E 56 -66.13 8.21 31.53
N GLY E 57 -67.29 7.98 32.15
CA GLY E 57 -68.56 8.19 31.50
C GLY E 57 -69.05 7.03 30.67
N ILE E 58 -68.29 5.96 30.56
CA ILE E 58 -68.66 4.78 29.79
C ILE E 58 -69.08 3.68 30.76
N PRO E 59 -70.19 3.00 30.53
CA PRO E 59 -70.58 1.91 31.42
C PRO E 59 -69.55 0.80 31.44
N SER E 60 -69.43 0.13 32.58
CA SER E 60 -68.45 -0.93 32.76
C SER E 60 -68.75 -2.16 31.91
N ARG E 61 -69.94 -2.24 31.31
CA ARG E 61 -70.26 -3.37 30.44
C ARG E 61 -69.34 -3.41 29.22
N PHE E 62 -69.01 -2.26 28.66
CA PHE E 62 -68.12 -2.19 27.51
C PHE E 62 -66.69 -2.48 27.97
N SER E 63 -66.23 -3.70 27.69
CA SER E 63 -64.88 -4.13 28.04
C SER E 63 -64.14 -4.54 26.78
N GLY E 64 -62.89 -4.11 26.66
CA GLY E 64 -62.09 -4.39 25.49
C GLY E 64 -60.85 -5.22 25.85
N SER E 65 -60.47 -6.09 24.92
CA SER E 65 -59.31 -6.94 25.11
C SER E 65 -58.71 -7.26 23.75
N GLY E 66 -57.43 -7.64 23.77
CA GLY E 66 -56.74 -8.00 22.55
C GLY E 66 -55.47 -7.21 22.31
N SER E 67 -54.54 -7.78 21.55
CA SER E 67 -53.28 -7.11 21.25
C SER E 67 -52.72 -7.70 19.96
N GLY E 68 -51.76 -6.98 19.39
CA GLY E 68 -51.14 -7.42 18.14
C GLY E 68 -51.98 -7.10 16.92
N THR E 69 -52.57 -8.12 16.31
CA THR E 69 -53.40 -7.95 15.13
C THR E 69 -54.88 -8.17 15.39
N ASP E 70 -55.24 -9.19 16.18
CA ASP E 70 -56.63 -9.52 16.45
C ASP E 70 -57.06 -8.82 17.74
N PHE E 71 -58.11 -7.99 17.64
CA PHE E 71 -58.66 -7.27 18.76
C PHE E 71 -60.12 -7.63 18.94
N SER E 72 -60.65 -7.32 20.13
CA SER E 72 -62.04 -7.66 20.44
C SER E 72 -62.61 -6.60 21.36
N LEU E 73 -63.93 -6.41 21.25
CA LEU E 73 -64.69 -5.53 22.13
C LEU E 73 -65.86 -6.31 22.69
N SER E 74 -65.97 -6.38 24.00
CA SER E 74 -66.98 -7.19 24.68
C SER E 74 -67.96 -6.31 25.43
N ILE E 75 -69.23 -6.73 25.44
CA ILE E 75 -70.28 -6.06 26.18
C ILE E 75 -70.79 -7.03 27.24
N ASN E 76 -70.70 -6.63 28.51
CA ASN E 76 -71.08 -7.53 29.60
C ASN E 76 -72.57 -7.81 29.58
N ASN E 77 -73.39 -6.76 29.50
CA ASN E 77 -74.84 -6.90 29.50
C ASN E 77 -75.43 -6.06 28.38
N VAL E 78 -76.37 -6.65 27.65
CA VAL E 78 -77.01 -5.99 26.52
C VAL E 78 -78.25 -5.26 27.01
N GLU E 79 -78.34 -3.98 26.67
CA GLU E 79 -79.49 -3.15 27.02
C GLU E 79 -80.12 -2.59 25.75
N SER E 80 -81.23 -1.87 25.92
CA SER E 80 -81.92 -1.26 24.78
C SER E 80 -81.09 -0.16 24.14
N GLU E 81 -80.13 0.42 24.87
CA GLU E 81 -79.27 1.47 24.34
C GLU E 81 -78.02 0.93 23.67
N ASP E 82 -77.86 -0.39 23.61
CA ASP E 82 -76.66 -1.01 23.05
C ASP E 82 -76.80 -1.32 21.56
N ILE E 83 -77.93 -1.00 20.93
CA ILE E 83 -78.11 -1.20 19.50
C ILE E 83 -77.47 -0.02 18.78
N ALA E 84 -76.28 -0.24 18.23
CA ALA E 84 -75.54 0.82 17.55
C ALA E 84 -74.59 0.16 16.56
N ASP E 85 -73.66 0.95 16.02
CA ASP E 85 -72.65 0.47 15.09
C ASP E 85 -71.27 0.75 15.69
N TYR E 86 -70.38 -0.24 15.59
CA TYR E 86 -69.07 -0.17 16.22
C TYR E 86 -67.98 -0.27 15.17
N TYR E 87 -66.95 0.56 15.31
CA TYR E 87 -65.86 0.64 14.36
C TYR E 87 -64.53 0.42 15.06
N CYS E 88 -63.58 -0.16 14.32
CA CYS E 88 -62.31 -0.58 14.92
C CYS E 88 -61.33 0.58 15.00
N GLN E 89 -61.13 1.28 13.88
CA GLN E 89 -60.46 2.58 13.84
C GLN E 89 -59.03 2.49 14.40
N GLN E 90 -58.13 1.89 13.63
CA GLN E 90 -56.72 1.83 14.00
C GLN E 90 -56.05 3.20 13.88
N ILE E 91 -55.03 3.43 14.71
CA ILE E 91 -54.31 4.69 14.76
C ILE E 91 -52.80 4.51 14.69
N ASN E 92 -52.32 3.32 14.30
CA ASN E 92 -50.90 3.04 14.44
C ASN E 92 -50.07 3.96 13.55
N SER E 93 -50.47 4.13 12.29
CA SER E 93 -49.75 4.99 11.37
C SER E 93 -50.73 5.55 10.35
N TRP E 94 -50.36 6.69 9.78
CA TRP E 94 -51.16 7.25 8.70
C TRP E 94 -51.02 6.38 7.45
N PRO E 95 -52.09 6.24 6.64
CA PRO E 95 -53.41 6.85 6.84
C PRO E 95 -54.23 6.16 7.93
N LEU E 96 -54.97 6.94 8.72
CA LEU E 96 -55.85 6.37 9.72
C LEU E 96 -57.02 5.67 9.04
N THR E 97 -57.36 4.49 9.53
CA THR E 97 -58.39 3.67 8.91
C THR E 97 -59.43 3.29 9.95
N PHE E 98 -60.71 3.38 9.56
CA PHE E 98 -61.83 3.01 10.40
C PHE E 98 -62.28 1.59 10.08
N GLY E 99 -63.21 1.08 10.88
CA GLY E 99 -63.70 -0.27 10.68
C GLY E 99 -64.63 -0.39 9.49
N ALA E 100 -64.78 -1.64 9.02
CA ALA E 100 -65.65 -1.89 7.88
C ALA E 100 -67.10 -1.59 8.22
N GLY E 101 -67.53 -1.96 9.43
CA GLY E 101 -68.90 -1.71 9.85
C GLY E 101 -69.57 -2.89 10.52
N THR E 102 -70.08 -2.66 11.72
CA THR E 102 -70.78 -3.68 12.50
C THR E 102 -72.16 -3.17 12.85
N LYS E 103 -73.18 -3.99 12.65
CA LYS E 103 -74.56 -3.62 12.93
C LYS E 103 -75.14 -4.53 14.01
N LEU E 104 -75.98 -3.94 14.87
CA LEU E 104 -76.58 -4.63 15.99
C LEU E 104 -78.08 -4.78 15.79
N ASP E 105 -78.59 -5.97 16.10
CA ASP E 105 -80.01 -6.27 15.97
C ASP E 105 -80.55 -6.80 17.28
N LEU E 106 -81.83 -6.56 17.52
CA LEU E 106 -82.49 -7.04 18.73
C LEU E 106 -83.12 -8.41 18.51
N GLN F 1 -52.34 54.47 -14.22
CA GLN F 1 -51.09 55.01 -14.73
C GLN F 1 -50.00 54.96 -13.67
N VAL F 2 -48.74 55.04 -14.12
CA VAL F 2 -47.57 55.01 -13.25
C VAL F 2 -46.80 56.31 -13.45
N GLN F 3 -46.50 56.99 -12.35
CA GLN F 3 -45.79 58.26 -12.39
C GLN F 3 -44.64 58.23 -11.42
N LEU F 4 -43.48 58.72 -11.86
CA LEU F 4 -42.29 58.84 -11.02
C LEU F 4 -42.03 60.32 -10.81
N GLN F 5 -42.05 60.75 -9.55
CA GLN F 5 -41.85 62.16 -9.20
C GLN F 5 -40.40 62.39 -8.78
N GLN F 6 -39.77 63.39 -9.38
CA GLN F 6 -38.39 63.71 -9.06
C GLN F 6 -38.16 65.21 -9.13
N PRO F 7 -38.05 65.90 -7.99
CA PRO F 7 -37.77 67.34 -8.02
C PRO F 7 -36.38 67.62 -8.58
N GLY F 8 -36.24 68.78 -9.20
CA GLY F 8 -34.97 69.16 -9.80
C GLY F 8 -34.57 70.59 -9.55
N ALA F 9 -33.53 71.04 -10.25
CA ALA F 9 -33.00 72.41 -10.14
C ALA F 9 -32.63 72.75 -8.70
N GLU F 10 -32.03 71.81 -8.00
CA GLU F 10 -31.57 72.04 -6.63
C GLU F 10 -30.23 72.76 -6.64
N LEU F 11 -30.10 73.73 -5.74
CA LEU F 11 -28.88 74.52 -5.60
C LEU F 11 -28.16 74.11 -4.33
N VAL F 12 -26.93 73.60 -4.48
CA VAL F 12 -26.12 73.16 -3.34
C VAL F 12 -24.69 73.66 -3.52
N LYS F 13 -24.09 74.08 -2.42
CA LYS F 13 -22.71 74.53 -2.45
C LYS F 13 -21.78 73.33 -2.67
N PRO F 14 -20.74 73.49 -3.49
CA PRO F 14 -19.79 72.39 -3.69
C PRO F 14 -19.14 71.98 -2.38
N GLY F 15 -18.88 70.68 -2.24
CA GLY F 15 -18.34 70.13 -1.03
C GLY F 15 -19.35 69.77 0.03
N ALA F 16 -20.64 69.79 -0.29
CA ALA F 16 -21.71 69.48 0.64
C ALA F 16 -22.55 68.32 0.11
N SER F 17 -23.22 67.63 1.03
CA SER F 17 -24.02 66.48 0.67
C SER F 17 -25.40 66.92 0.17
N VAL F 18 -26.04 66.01 -0.57
CA VAL F 18 -27.37 66.21 -1.14
C VAL F 18 -28.21 64.98 -0.80
N LYS F 19 -29.52 65.17 -0.77
CA LYS F 19 -30.45 64.05 -0.52
C LYS F 19 -31.45 64.03 -1.67
N MET F 20 -31.18 63.21 -2.67
CA MET F 20 -32.05 63.09 -3.83
C MET F 20 -33.40 62.51 -3.43
N SER F 21 -34.46 62.99 -4.07
CA SER F 21 -35.82 62.53 -3.83
C SER F 21 -36.37 61.89 -5.10
N CYS F 22 -36.86 60.66 -4.99
CA CYS F 22 -37.41 59.91 -6.11
C CYS F 22 -38.73 59.28 -5.65
N LYS F 23 -39.83 60.01 -5.82
CA LYS F 23 -41.13 59.50 -5.44
C LYS F 23 -41.75 58.74 -6.61
N ALA F 24 -42.16 57.50 -6.35
CA ALA F 24 -42.73 56.63 -7.36
C ALA F 24 -44.05 56.04 -6.85
N SER F 25 -45.03 55.93 -7.74
CA SER F 25 -46.32 55.38 -7.39
C SER F 25 -46.95 54.75 -8.63
N GLY F 26 -47.93 53.88 -8.41
CA GLY F 26 -48.64 53.22 -9.48
C GLY F 26 -48.20 51.80 -9.77
N TYR F 27 -47.21 51.28 -9.05
CA TYR F 27 -46.71 49.93 -9.29
C TYR F 27 -46.30 49.31 -7.96
N ASN F 28 -46.17 47.99 -7.96
CA ASN F 28 -45.69 47.27 -6.79
C ASN F 28 -44.22 47.59 -6.58
N PHE F 29 -43.91 48.30 -5.49
CA PHE F 29 -42.55 48.77 -5.27
C PHE F 29 -41.57 47.62 -5.09
N ASN F 30 -41.97 46.58 -4.36
CA ASN F 30 -41.08 45.47 -4.07
C ASN F 30 -40.80 44.60 -5.29
N HIS F 31 -41.59 44.74 -6.36
CA HIS F 31 -41.43 43.87 -7.52
C HIS F 31 -40.51 44.44 -8.60
N TYR F 32 -40.02 45.67 -8.43
CA TYR F 32 -39.23 46.33 -9.46
C TYR F 32 -38.02 47.02 -8.85
N TRP F 33 -36.89 46.95 -9.56
CA TRP F 33 -35.72 47.74 -9.22
C TRP F 33 -35.91 49.18 -9.67
N ILE F 34 -35.15 50.09 -9.07
CA ILE F 34 -35.10 51.48 -9.48
C ILE F 34 -33.64 51.90 -9.59
N SER F 35 -33.32 52.61 -10.67
CA SER F 35 -31.95 52.92 -11.02
C SER F 35 -31.70 54.42 -10.99
N TRP F 36 -30.41 54.77 -10.99
CA TRP F 36 -29.98 56.17 -11.00
C TRP F 36 -28.90 56.34 -12.05
N VAL F 37 -29.01 57.39 -12.85
CA VAL F 37 -28.02 57.72 -13.87
C VAL F 37 -27.72 59.22 -13.79
N LYS F 38 -26.57 59.61 -14.33
CA LYS F 38 -26.16 61.00 -14.39
C LYS F 38 -25.97 61.40 -15.85
N GLN F 39 -26.66 62.46 -16.26
CA GLN F 39 -26.53 63.00 -17.62
C GLN F 39 -25.84 64.35 -17.51
N ARG F 40 -24.52 64.35 -17.66
CA ARG F 40 -23.78 65.59 -17.61
C ARG F 40 -24.09 66.45 -18.84
N PRO F 41 -24.09 67.77 -18.72
CA PRO F 41 -24.39 68.62 -19.87
C PRO F 41 -23.41 68.37 -21.01
N GLY F 42 -23.96 68.27 -22.22
CA GLY F 42 -23.15 67.92 -23.37
C GLY F 42 -22.61 66.52 -23.38
N GLN F 43 -23.06 65.67 -22.45
CA GLN F 43 -22.59 64.30 -22.34
C GLN F 43 -23.78 63.36 -22.18
N GLY F 44 -23.56 62.09 -22.53
CA GLY F 44 -24.60 61.10 -22.43
C GLY F 44 -24.82 60.63 -21.00
N LEU F 45 -25.81 59.75 -20.86
CA LEU F 45 -26.13 59.19 -19.54
C LEU F 45 -24.97 58.33 -19.03
N GLU F 46 -24.65 58.50 -17.75
CA GLU F 46 -23.65 57.70 -17.07
C GLU F 46 -24.30 56.97 -15.90
N TRP F 47 -24.12 55.66 -15.86
CA TRP F 47 -24.73 54.85 -14.80
C TRP F 47 -24.14 55.22 -13.44
N ILE F 48 -24.98 55.18 -12.42
CA ILE F 48 -24.57 55.44 -11.04
C ILE F 48 -24.72 54.21 -10.17
N GLY F 49 -25.93 53.68 -10.05
CA GLY F 49 -26.14 52.51 -9.22
C GLY F 49 -27.57 52.05 -9.26
N ASP F 50 -27.82 50.95 -8.56
CA ASP F 50 -29.14 50.34 -8.46
C ASP F 50 -29.43 50.03 -7.00
N ILE F 51 -30.69 49.68 -6.72
CA ILE F 51 -31.12 49.33 -5.38
C ILE F 51 -32.31 48.37 -5.47
N TYR F 52 -32.36 47.44 -4.52
CA TYR F 52 -33.49 46.53 -4.38
C TYR F 52 -34.33 46.99 -3.20
N PRO F 53 -35.53 47.52 -3.42
CA PRO F 53 -36.35 47.97 -2.29
C PRO F 53 -36.69 46.87 -1.30
N LEU F 54 -36.86 45.63 -1.77
CA LEU F 54 -37.29 44.56 -0.88
C LEU F 54 -36.18 44.12 0.07
N SER F 55 -34.94 44.04 -0.41
CA SER F 55 -33.84 43.56 0.40
C SER F 55 -32.72 44.58 0.59
N HIS F 56 -32.88 45.80 0.08
CA HIS F 56 -31.90 46.88 0.28
C HIS F 56 -30.51 46.48 -0.19
N PHE F 57 -30.44 45.81 -1.34
CA PHE F 57 -29.16 45.46 -1.97
C PHE F 57 -28.83 46.52 -3.00
N THR F 58 -27.62 47.07 -2.92
CA THR F 58 -27.18 48.14 -3.81
C THR F 58 -25.92 47.71 -4.55
N THR F 59 -25.82 48.13 -5.81
CA THR F 59 -24.62 47.98 -6.62
C THR F 59 -24.24 49.33 -7.17
N TYR F 60 -22.97 49.71 -7.00
CA TYR F 60 -22.50 51.03 -7.36
C TYR F 60 -21.54 50.98 -8.53
N ASN F 61 -21.50 52.06 -9.29
CA ASN F 61 -20.49 52.23 -10.32
C ASN F 61 -19.12 52.40 -9.67
N GLU F 62 -18.08 52.04 -10.42
CA GLU F 62 -16.72 52.08 -9.86
C GLU F 62 -16.32 53.51 -9.49
N LYS F 63 -16.67 54.48 -10.33
CA LYS F 63 -16.37 55.87 -10.00
C LYS F 63 -17.15 56.36 -8.79
N PHE F 64 -18.35 55.83 -8.59
CA PHE F 64 -19.24 56.27 -7.51
C PHE F 64 -19.39 55.23 -6.42
N THR F 65 -18.42 54.32 -6.30
CA THR F 65 -18.52 53.25 -5.30
C THR F 65 -18.35 53.75 -3.88
N ASN F 66 -17.82 54.95 -3.70
CA ASN F 66 -17.60 55.52 -2.37
C ASN F 66 -18.26 56.86 -2.16
N ARG F 67 -18.28 57.73 -3.18
CA ARG F 67 -18.88 59.04 -3.04
C ARG F 67 -20.39 58.93 -2.79
N ALA F 68 -21.12 58.38 -3.75
CA ALA F 68 -22.57 58.31 -3.67
C ALA F 68 -23.01 57.02 -2.98
N THR F 69 -24.00 57.13 -2.11
CA THR F 69 -24.60 56.00 -1.43
C THR F 69 -26.10 55.99 -1.71
N LEU F 70 -26.61 54.84 -2.12
CA LEU F 70 -28.02 54.71 -2.50
C LEU F 70 -28.81 54.04 -1.39
N THR F 71 -29.88 54.71 -0.96
CA THR F 71 -30.76 54.19 0.08
C THR F 71 -32.21 54.34 -0.37
N VAL F 72 -33.06 53.45 0.14
CA VAL F 72 -34.47 53.41 -0.22
C VAL F 72 -35.31 53.42 1.05
N ASP F 73 -36.42 54.16 1.02
CA ASP F 73 -37.38 54.22 2.12
C ASP F 73 -38.63 53.48 1.68
N THR F 74 -38.82 52.28 2.23
CA THR F 74 -39.96 51.45 1.84
C THR F 74 -41.28 52.09 2.24
N SER F 75 -41.32 52.77 3.40
CA SER F 75 -42.57 53.36 3.87
C SER F 75 -43.06 54.45 2.91
N SER F 76 -42.16 55.31 2.44
CA SER F 76 -42.51 56.40 1.55
C SER F 76 -42.29 56.06 0.08
N THR F 77 -41.73 54.89 -0.23
CA THR F 77 -41.43 54.47 -1.60
C THR F 77 -40.60 55.54 -2.31
N THR F 78 -39.53 55.96 -1.64
CA THR F 78 -38.66 57.02 -2.14
C THR F 78 -37.22 56.55 -2.13
N ALA F 79 -36.48 56.89 -3.19
CA ALA F 79 -35.07 56.57 -3.29
C ALA F 79 -34.24 57.78 -2.87
N TYR F 80 -33.14 57.52 -2.18
CA TYR F 80 -32.32 58.58 -1.62
C TYR F 80 -30.84 58.34 -1.93
N MET F 81 -30.17 59.39 -2.37
CA MET F 81 -28.72 59.41 -2.53
C MET F 81 -28.18 60.46 -1.56
N GLN F 82 -27.32 60.02 -0.64
CA GLN F 82 -26.88 60.91 0.44
C GLN F 82 -25.42 60.65 0.76
N LEU F 83 -24.84 61.59 1.51
CA LEU F 83 -23.46 61.52 2.00
C LEU F 83 -22.47 61.39 0.84
N ASN F 84 -22.45 62.43 0.00
CA ASN F 84 -21.54 62.52 -1.12
C ASN F 84 -20.90 63.90 -1.16
N SER F 85 -19.60 63.92 -1.46
CA SER F 85 -18.85 65.18 -1.57
C SER F 85 -18.87 65.61 -3.03
N LEU F 86 -19.63 66.66 -3.34
CA LEU F 86 -19.75 67.13 -4.71
C LEU F 86 -18.69 68.18 -5.01
N THR F 87 -17.94 67.96 -6.09
CA THR F 87 -16.98 68.95 -6.56
C THR F 87 -17.66 69.95 -7.48
N SER F 88 -16.88 70.80 -8.14
CA SER F 88 -17.42 71.79 -9.05
C SER F 88 -17.83 71.21 -10.40
N ASP F 89 -17.34 70.04 -10.76
CA ASP F 89 -17.67 69.40 -12.03
C ASP F 89 -18.84 68.42 -11.89
N ASP F 90 -19.40 68.25 -10.70
CA ASP F 90 -20.48 67.28 -10.52
C ASP F 90 -21.83 67.87 -10.91
N SER F 91 -21.85 69.15 -11.29
CA SER F 91 -23.08 69.77 -11.77
C SER F 91 -23.60 69.06 -13.02
N ALA F 92 -24.73 68.37 -12.88
CA ALA F 92 -25.25 67.55 -13.97
C ALA F 92 -26.71 67.24 -13.68
N VAL F 93 -27.37 66.65 -14.68
CA VAL F 93 -28.78 66.27 -14.56
C VAL F 93 -28.84 64.85 -14.02
N PHE F 94 -29.59 64.65 -12.94
CA PHE F 94 -29.74 63.35 -12.31
C PHE F 94 -31.13 62.80 -12.62
N TYR F 95 -31.17 61.55 -13.09
CA TYR F 95 -32.43 60.89 -13.41
C TYR F 95 -32.66 59.72 -12.47
N CYS F 96 -33.94 59.42 -12.25
CA CYS F 96 -34.36 58.27 -11.47
C CYS F 96 -35.31 57.45 -12.33
N ALA F 97 -34.93 56.21 -12.63
CA ALA F 97 -35.71 55.33 -13.47
C ALA F 97 -36.03 54.03 -12.74
N ARG F 98 -37.10 53.38 -13.18
CA ARG F 98 -37.53 52.10 -12.63
C ARG F 98 -37.00 50.98 -13.50
N TRP F 99 -36.19 50.11 -12.93
CA TRP F 99 -35.61 48.99 -13.66
C TRP F 99 -36.57 47.81 -13.59
N ASP F 100 -36.97 47.30 -14.76
CA ASP F 100 -37.93 46.20 -14.85
C ASP F 100 -37.16 44.89 -14.77
N TYR F 101 -36.68 44.57 -13.58
CA TYR F 101 -36.06 43.29 -13.32
C TYR F 101 -37.14 42.25 -13.04
N PHE F 102 -36.75 40.97 -13.01
CA PHE F 102 -37.66 39.83 -13.00
C PHE F 102 -38.51 39.77 -14.27
N ASP F 103 -38.14 40.55 -15.29
CA ASP F 103 -38.81 40.60 -16.58
C ASP F 103 -37.80 41.22 -17.54
N SER F 104 -38.27 41.62 -18.72
CA SER F 104 -37.39 42.29 -19.68
C SER F 104 -36.72 43.48 -19.03
N ARG F 105 -35.39 43.41 -18.89
CA ARG F 105 -34.64 44.44 -18.20
C ARG F 105 -34.58 45.69 -19.07
N THR F 106 -35.51 46.63 -18.89
CA THR F 106 -35.73 47.66 -19.88
C THR F 106 -35.59 49.09 -19.38
N PHE F 107 -35.56 49.32 -18.06
CA PHE F 107 -35.60 50.67 -17.51
C PHE F 107 -36.84 51.40 -18.04
N ASP F 108 -38.02 50.89 -17.71
CA ASP F 108 -39.25 51.31 -18.38
C ASP F 108 -39.52 52.81 -18.18
N TYR F 109 -39.76 53.22 -16.94
CA TYR F 109 -40.25 54.56 -16.64
C TYR F 109 -39.14 55.39 -16.01
N TRP F 110 -38.95 56.60 -16.53
CA TRP F 110 -37.93 57.53 -16.06
C TRP F 110 -38.57 58.70 -15.34
N GLY F 111 -37.74 59.48 -14.65
CA GLY F 111 -38.18 60.68 -14.00
C GLY F 111 -38.03 61.91 -14.88
N GLN F 112 -38.44 63.05 -14.34
CA GLN F 112 -38.32 64.30 -15.08
C GLN F 112 -36.87 64.73 -15.21
N GLY F 113 -36.07 64.51 -14.17
CA GLY F 113 -34.67 64.88 -14.22
C GLY F 113 -34.28 65.94 -13.20
N THR F 114 -33.39 65.59 -12.27
CA THR F 114 -32.92 66.52 -11.25
C THR F 114 -31.69 67.23 -11.81
N THR F 115 -31.87 68.49 -12.24
CA THR F 115 -30.79 69.26 -12.82
C THR F 115 -30.03 69.98 -11.71
N LEU F 116 -29.23 69.21 -10.98
CA LEU F 116 -28.42 69.76 -9.91
C LEU F 116 -27.23 70.52 -10.48
N THR F 117 -26.98 71.71 -9.97
CA THR F 117 -25.85 72.52 -10.37
C THR F 117 -25.13 73.05 -9.15
N VAL F 118 -23.82 73.24 -9.28
CA VAL F 118 -22.97 73.71 -8.20
C VAL F 118 -22.11 74.86 -8.71
N SER F 119 -21.90 75.86 -7.85
CA SER F 119 -21.08 77.01 -8.21
C SER F 119 -20.40 77.61 -6.97
N ASP G 1 -16.20 44.60 -17.35
CA ASP G 1 -16.75 45.90 -17.73
C ASP G 1 -16.98 45.98 -19.24
N ILE G 2 -18.22 45.85 -19.65
CA ILE G 2 -18.57 45.89 -21.07
C ILE G 2 -18.58 47.33 -21.54
N LEU G 3 -17.92 47.59 -22.66
CA LEU G 3 -17.80 48.93 -23.23
C LEU G 3 -18.53 48.99 -24.56
N LEU G 4 -19.20 50.11 -24.81
CA LEU G 4 -19.98 50.33 -26.02
C LEU G 4 -19.48 51.58 -26.74
N THR G 5 -19.47 51.52 -28.06
CA THR G 5 -19.04 52.64 -28.89
C THR G 5 -20.07 52.88 -29.99
N GLN G 6 -20.36 54.15 -30.25
CA GLN G 6 -21.26 54.54 -31.32
C GLN G 6 -20.44 55.05 -32.49
N PHE G 7 -20.63 54.44 -33.67
CA PHE G 7 -19.84 54.84 -34.84
C PHE G 7 -20.07 56.29 -35.24
N PRO G 8 -21.30 56.77 -35.48
CA PRO G 8 -21.47 58.18 -35.83
C PRO G 8 -21.64 59.07 -34.60
N ALA G 9 -20.71 59.99 -34.38
CA ALA G 9 -20.91 61.00 -33.34
C ALA G 9 -22.10 61.87 -33.65
N ILE G 10 -22.20 62.33 -34.90
CA ILE G 10 -23.37 63.06 -35.41
C ILE G 10 -23.75 62.46 -36.76
N LEU G 11 -25.05 62.24 -36.96
CA LEU G 11 -25.54 61.62 -38.19
C LEU G 11 -26.61 62.52 -38.78
N SER G 12 -26.49 62.79 -40.08
CA SER G 12 -27.40 63.69 -40.78
C SER G 12 -28.51 62.89 -41.47
N VAL G 13 -29.74 63.40 -41.36
CA VAL G 13 -30.91 62.74 -41.93
C VAL G 13 -31.74 63.76 -42.69
N SER G 14 -32.60 63.24 -43.57
CA SER G 14 -33.59 64.00 -44.30
C SER G 14 -34.95 63.32 -44.16
N PRO G 15 -36.05 64.08 -44.23
CA PRO G 15 -37.38 63.46 -44.04
C PRO G 15 -37.72 62.51 -45.17
N GLY G 16 -38.02 61.26 -44.80
CA GLY G 16 -38.49 60.27 -45.74
C GLY G 16 -37.50 59.18 -46.13
N GLU G 17 -36.32 59.15 -45.55
CA GLU G 17 -35.32 58.14 -45.87
C GLU G 17 -35.07 57.23 -44.68
N ARG G 18 -34.22 56.23 -44.90
CA ARG G 18 -33.95 55.18 -43.93
C ARG G 18 -32.49 55.24 -43.49
N VAL G 19 -32.26 55.16 -42.18
CA VAL G 19 -30.92 55.16 -41.60
C VAL G 19 -30.81 54.01 -40.62
N SER G 20 -29.57 53.62 -40.33
CA SER G 20 -29.28 52.55 -39.38
C SER G 20 -28.10 52.94 -38.51
N PHE G 21 -28.26 52.76 -37.20
CA PHE G 21 -27.20 53.04 -36.24
C PHE G 21 -26.39 51.78 -35.98
N SER G 22 -25.51 51.83 -34.98
CA SER G 22 -24.62 50.71 -34.69
C SER G 22 -24.12 50.83 -33.26
N CYS G 23 -23.88 49.68 -32.63
CA CYS G 23 -23.35 49.64 -31.28
C CYS G 23 -22.64 48.29 -31.08
N ARG G 24 -21.31 48.30 -31.14
CA ARG G 24 -20.55 47.11 -30.84
C ARG G 24 -20.25 47.03 -29.35
N ALA G 25 -20.16 45.80 -28.84
CA ALA G 25 -19.88 45.57 -27.43
C ALA G 25 -18.49 44.98 -27.25
N SER G 26 -17.89 45.26 -26.09
CA SER G 26 -16.57 44.73 -25.79
C SER G 26 -16.59 43.21 -25.72
N GLN G 27 -17.60 42.65 -25.09
CA GLN G 27 -17.77 41.20 -25.02
C GLN G 27 -19.13 40.82 -25.57
N THR G 28 -19.23 39.58 -26.05
CA THR G 28 -20.51 39.09 -26.56
C THR G 28 -21.53 39.01 -25.44
N ILE G 29 -22.75 39.47 -25.74
CA ILE G 29 -23.81 39.53 -24.73
C ILE G 29 -25.08 38.83 -25.14
N GLY G 30 -25.33 38.60 -26.43
CA GLY G 30 -26.50 37.86 -26.84
C GLY G 30 -27.81 38.60 -26.66
N THR G 31 -28.00 39.67 -27.45
CA THR G 31 -29.23 40.45 -27.46
C THR G 31 -29.57 40.99 -26.06
N ASN G 32 -28.68 41.83 -25.56
CA ASN G 32 -28.87 42.53 -24.29
C ASN G 32 -28.64 44.03 -24.46
N ILE G 33 -29.12 44.57 -25.57
CA ILE G 33 -28.97 45.97 -25.92
C ILE G 33 -30.34 46.62 -25.99
N HIS G 34 -30.48 47.77 -25.34
CA HIS G 34 -31.70 48.56 -25.38
C HIS G 34 -31.38 49.94 -25.92
N TRP G 35 -32.21 50.42 -26.84
CA TRP G 35 -32.01 51.72 -27.48
C TRP G 35 -32.98 52.73 -26.90
N TYR G 36 -32.44 53.89 -26.49
CA TYR G 36 -33.21 54.95 -25.84
C TYR G 36 -33.15 56.20 -26.70
N GLN G 37 -34.11 57.10 -26.48
CA GLN G 37 -34.19 58.36 -27.21
C GLN G 37 -33.98 59.52 -26.25
N GLN G 38 -33.25 60.53 -26.68
CA GLN G 38 -32.92 61.69 -25.86
C GLN G 38 -33.43 62.96 -26.54
N ARG G 39 -34.48 63.54 -25.99
CA ARG G 39 -34.97 64.83 -26.47
C ARG G 39 -34.13 65.96 -25.90
N ILE G 40 -34.17 67.11 -26.57
CA ILE G 40 -33.48 68.28 -26.05
C ILE G 40 -34.11 68.70 -24.74
N ASN G 41 -33.34 68.56 -23.65
CA ASN G 41 -33.85 68.78 -22.29
C ASN G 41 -35.08 67.91 -22.02
N GLY G 42 -34.98 66.63 -22.39
CA GLY G 42 -36.08 65.71 -22.21
C GLY G 42 -35.61 64.42 -21.57
N SER G 43 -36.59 63.68 -21.03
CA SER G 43 -36.28 62.45 -20.33
C SER G 43 -36.15 61.28 -21.32
N PRO G 44 -35.32 60.29 -21.00
CA PRO G 44 -35.23 59.09 -21.83
C PRO G 44 -36.55 58.35 -21.92
N ARG G 45 -36.61 57.42 -22.88
CA ARG G 45 -37.81 56.61 -23.09
C ARG G 45 -37.42 55.35 -23.82
N LEU G 46 -37.99 54.22 -23.41
CA LEU G 46 -37.68 52.93 -24.01
C LEU G 46 -38.22 52.86 -25.44
N LEU G 47 -37.37 52.41 -26.37
CA LEU G 47 -37.77 52.26 -27.76
C LEU G 47 -37.79 50.79 -28.18
N ILE G 48 -36.67 50.08 -28.03
CA ILE G 48 -36.55 48.69 -28.47
C ILE G 48 -35.93 47.89 -27.32
N LYS G 49 -36.58 46.78 -26.96
CA LYS G 49 -36.12 45.91 -25.90
C LYS G 49 -35.32 44.76 -26.48
N TYR G 50 -34.20 44.43 -25.82
CA TYR G 50 -33.36 43.30 -26.17
C TYR G 50 -32.76 43.45 -27.57
N ALA G 51 -32.85 44.64 -28.16
CA ALA G 51 -32.37 45.00 -29.49
C ALA G 51 -33.13 44.27 -30.61
N SER G 52 -34.09 43.40 -30.27
CA SER G 52 -34.87 42.69 -31.27
C SER G 52 -36.37 42.95 -31.16
N GLU G 53 -36.92 42.84 -29.95
CA GLU G 53 -38.36 43.00 -29.77
C GLU G 53 -38.72 44.47 -29.64
N SER G 54 -40.02 44.75 -29.70
CA SER G 54 -40.55 46.10 -29.61
C SER G 54 -41.68 46.13 -28.60
N ILE G 55 -41.94 47.32 -28.06
CA ILE G 55 -42.99 47.52 -27.07
C ILE G 55 -44.12 48.33 -27.70
N SER G 56 -45.22 48.45 -26.95
CA SER G 56 -46.36 49.23 -27.39
C SER G 56 -46.07 50.73 -27.28
N GLY G 57 -46.77 51.50 -28.09
CA GLY G 57 -46.62 52.94 -28.09
C GLY G 57 -45.45 53.47 -28.88
N ILE G 58 -44.68 52.61 -29.53
CA ILE G 58 -43.52 53.00 -30.33
C ILE G 58 -43.87 52.83 -31.80
N PRO G 59 -43.58 53.81 -32.65
CA PRO G 59 -43.88 53.65 -34.08
C PRO G 59 -43.11 52.49 -34.68
N SER G 60 -43.71 51.87 -35.70
CA SER G 60 -43.12 50.71 -36.35
C SER G 60 -41.85 51.05 -37.13
N ARG G 61 -41.55 52.34 -37.32
CA ARG G 61 -40.33 52.73 -38.03
C ARG G 61 -39.09 52.27 -37.28
N PHE G 62 -39.11 52.35 -35.95
CA PHE G 62 -37.97 51.95 -35.13
C PHE G 62 -37.86 50.43 -35.15
N SER G 63 -36.88 49.91 -35.89
CA SER G 63 -36.63 48.49 -35.98
C SER G 63 -35.20 48.21 -35.54
N GLY G 64 -35.01 47.19 -34.72
CA GLY G 64 -33.70 46.84 -34.20
C GLY G 64 -33.27 45.46 -34.66
N SER G 65 -31.98 45.31 -34.92
CA SER G 65 -31.43 44.04 -35.37
C SER G 65 -29.99 43.92 -34.86
N GLY G 66 -29.52 42.68 -34.78
CA GLY G 66 -28.16 42.41 -34.33
C GLY G 66 -28.10 41.45 -33.17
N SER G 67 -26.97 40.77 -33.03
CA SER G 67 -26.78 39.82 -31.94
C SER G 67 -25.28 39.67 -31.70
N GLY G 68 -24.95 39.13 -30.53
CA GLY G 68 -23.55 38.94 -30.17
C GLY G 68 -22.90 40.22 -29.68
N THR G 69 -22.01 40.79 -30.49
CA THR G 69 -21.31 42.02 -30.16
C THR G 69 -21.80 43.22 -30.96
N ASP G 70 -21.98 43.08 -32.26
CA ASP G 70 -22.37 44.20 -33.11
C ASP G 70 -23.89 44.27 -33.19
N PHE G 71 -24.45 45.43 -32.87
CA PHE G 71 -25.88 45.67 -32.91
C PHE G 71 -26.16 46.87 -33.82
N SER G 72 -27.45 47.09 -34.09
CA SER G 72 -27.84 48.17 -34.99
C SER G 72 -29.21 48.69 -34.60
N LEU G 73 -29.44 49.97 -34.89
CA LEU G 73 -30.73 50.62 -34.68
C LEU G 73 -31.15 51.26 -36.00
N SER G 74 -32.30 50.85 -36.53
CA SER G 74 -32.76 51.29 -37.83
C SER G 74 -34.07 52.06 -37.70
N ILE G 75 -34.21 53.11 -38.49
CA ILE G 75 -35.44 53.91 -38.57
C ILE G 75 -35.95 53.82 -40.00
N ASN G 76 -37.20 53.36 -40.15
CA ASN G 76 -37.76 53.16 -41.48
C ASN G 76 -37.94 54.49 -42.21
N ASN G 77 -38.58 55.47 -41.55
CA ASN G 77 -38.87 56.76 -42.16
C ASN G 77 -38.45 57.86 -41.20
N VAL G 78 -37.56 58.74 -41.67
CA VAL G 78 -37.10 59.84 -40.84
C VAL G 78 -38.13 60.95 -40.82
N GLU G 79 -38.45 61.43 -39.62
CA GLU G 79 -39.39 62.53 -39.44
C GLU G 79 -38.80 63.49 -38.41
N SER G 80 -39.57 64.54 -38.09
CA SER G 80 -39.10 65.51 -37.10
C SER G 80 -39.01 64.89 -35.72
N GLU G 81 -39.74 63.79 -35.48
CA GLU G 81 -39.69 63.11 -34.19
C GLU G 81 -38.34 62.42 -34.01
N ASP G 82 -37.59 62.21 -35.08
CA ASP G 82 -36.36 61.42 -35.01
C ASP G 82 -35.12 62.27 -34.77
N ILE G 83 -35.27 63.59 -34.61
CA ILE G 83 -34.12 64.46 -34.38
C ILE G 83 -33.47 64.17 -33.03
N ALA G 84 -34.18 63.52 -32.13
CA ALA G 84 -33.64 63.22 -30.80
C ALA G 84 -32.44 62.31 -30.90
N ASP G 85 -31.54 62.42 -29.92
CA ASP G 85 -30.37 61.54 -29.86
C ASP G 85 -30.78 60.15 -29.37
N TYR G 86 -30.07 59.14 -29.87
CA TYR G 86 -30.32 57.76 -29.49
C TYR G 86 -29.08 57.19 -28.81
N TYR G 87 -29.29 56.46 -27.73
CA TYR G 87 -28.21 55.91 -26.91
C TYR G 87 -28.29 54.39 -26.87
N CYS G 88 -27.13 53.75 -26.79
CA CYS G 88 -27.04 52.30 -26.66
C CYS G 88 -26.74 51.94 -25.21
N GLN G 89 -27.45 50.93 -24.70
CA GLN G 89 -27.34 50.56 -23.28
C GLN G 89 -27.27 49.04 -23.17
N GLN G 90 -26.09 48.53 -22.78
CA GLN G 90 -25.97 47.11 -22.47
C GLN G 90 -26.34 46.88 -21.02
N ILE G 91 -27.05 45.78 -20.76
CA ILE G 91 -27.53 45.52 -19.41
C ILE G 91 -27.23 44.06 -19.08
N ASN G 92 -26.31 43.46 -19.84
CA ASN G 92 -25.98 42.05 -19.65
C ASN G 92 -25.45 41.78 -18.26
N SER G 93 -24.47 42.55 -17.81
CA SER G 93 -23.85 42.34 -16.51
C SER G 93 -23.41 43.67 -15.93
N TRP G 94 -23.37 43.74 -14.60
CA TRP G 94 -22.91 44.94 -13.94
C TRP G 94 -21.42 45.12 -14.18
N PRO G 95 -20.93 46.36 -14.30
CA PRO G 95 -21.73 47.59 -14.27
C PRO G 95 -22.48 47.84 -15.57
N LEU G 96 -23.70 48.33 -15.47
CA LEU G 96 -24.45 48.70 -16.68
C LEU G 96 -23.79 49.89 -17.35
N THR G 97 -23.76 49.87 -18.67
CA THR G 97 -23.04 50.88 -19.44
C THR G 97 -23.97 51.47 -20.51
N PHE G 98 -23.80 52.77 -20.75
CA PHE G 98 -24.51 53.48 -21.79
C PHE G 98 -23.55 53.87 -22.91
N GLY G 99 -24.11 54.00 -24.11
CA GLY G 99 -23.28 54.32 -25.26
C GLY G 99 -22.79 55.75 -25.25
N ALA G 100 -21.80 56.01 -26.11
CA ALA G 100 -21.25 57.35 -26.22
C ALA G 100 -22.30 58.34 -26.72
N GLY G 101 -23.11 57.93 -27.69
CA GLY G 101 -24.20 58.76 -28.15
C GLY G 101 -24.16 59.10 -29.62
N THR G 102 -25.33 59.14 -30.26
CA THR G 102 -25.47 59.52 -31.65
C THR G 102 -26.41 60.71 -31.74
N LYS G 103 -25.96 61.77 -32.39
CA LYS G 103 -26.77 62.97 -32.59
C LYS G 103 -27.33 63.00 -34.01
N LEU G 104 -28.53 63.56 -34.15
CA LEU G 104 -29.24 63.59 -35.41
C LEU G 104 -29.33 65.03 -35.92
N ASP G 105 -29.02 65.21 -37.19
CA ASP G 105 -29.06 66.52 -37.83
C ASP G 105 -29.97 66.47 -39.05
N LEU G 106 -30.76 67.53 -39.22
CA LEU G 106 -31.67 67.62 -40.36
C LEU G 106 -30.91 68.05 -41.62
N GLN H 1 -26.92 62.36 35.34
CA GLN H 1 -26.49 61.54 36.47
C GLN H 1 -27.02 60.12 36.35
N VAL H 2 -26.41 59.21 37.10
CA VAL H 2 -26.80 57.80 37.11
C VAL H 2 -27.18 57.43 38.53
N GLN H 3 -28.37 56.88 38.70
CA GLN H 3 -28.87 56.50 40.02
C GLN H 3 -29.45 55.09 39.96
N LEU H 4 -29.10 54.27 40.95
CA LEU H 4 -29.63 52.92 41.07
C LEU H 4 -30.49 52.87 42.32
N GLN H 5 -31.77 52.53 42.15
CA GLN H 5 -32.71 52.48 43.26
C GLN H 5 -32.85 51.06 43.76
N GLN H 6 -32.68 50.87 45.07
CA GLN H 6 -32.79 49.55 45.67
C GLN H 6 -33.39 49.65 47.06
N PRO H 7 -34.67 49.30 47.23
CA PRO H 7 -35.26 49.32 48.57
C PRO H 7 -34.62 48.28 49.47
N GLY H 8 -34.61 48.59 50.78
CA GLY H 8 -34.01 47.71 51.75
C GLY H 8 -34.84 47.51 53.00
N ALA H 9 -34.24 46.89 54.02
CA ALA H 9 -34.89 46.65 55.31
C ALA H 9 -36.20 45.86 55.14
N GLU H 10 -36.13 44.82 54.32
CA GLU H 10 -37.28 43.97 54.09
C GLU H 10 -37.31 42.82 55.09
N LEU H 11 -38.50 42.55 55.63
CA LEU H 11 -38.69 41.49 56.62
C LEU H 11 -39.41 40.32 55.95
N VAL H 12 -38.78 39.16 55.97
CA VAL H 12 -39.33 37.96 55.37
C VAL H 12 -39.13 36.78 56.31
N LYS H 13 -40.12 35.90 56.37
CA LYS H 13 -40.01 34.72 57.19
C LYS H 13 -39.01 33.74 56.57
N PRO H 14 -38.16 33.11 57.38
CA PRO H 14 -37.22 32.12 56.82
C PRO H 14 -37.96 30.98 56.13
N GLY H 15 -37.35 30.48 55.06
CA GLY H 15 -37.96 29.45 54.24
C GLY H 15 -38.87 29.94 53.15
N ALA H 16 -38.87 31.25 52.86
CA ALA H 16 -39.72 31.83 51.84
C ALA H 16 -38.87 32.60 50.84
N SER H 17 -39.40 32.77 49.63
CA SER H 17 -38.70 33.47 48.57
C SER H 17 -38.84 34.98 48.74
N VAL H 18 -37.90 35.71 48.12
CA VAL H 18 -37.86 37.16 48.14
C VAL H 18 -37.72 37.65 46.70
N LYS H 19 -38.29 38.83 46.43
CA LYS H 19 -38.25 39.42 45.09
C LYS H 19 -37.54 40.77 45.21
N MET H 20 -36.21 40.74 45.07
CA MET H 20 -35.42 41.96 45.17
C MET H 20 -35.76 42.91 44.02
N SER H 21 -35.80 44.20 44.33
CA SER H 21 -36.06 45.25 43.34
C SER H 21 -34.78 46.07 43.15
N CYS H 22 -34.31 46.15 41.91
CA CYS H 22 -33.11 46.91 41.56
C CYS H 22 -33.45 47.82 40.39
N LYS H 23 -33.95 49.01 40.70
CA LYS H 23 -34.30 49.98 39.68
C LYS H 23 -33.09 50.83 39.33
N ALA H 24 -32.79 50.93 38.03
CA ALA H 24 -31.63 51.66 37.55
C ALA H 24 -32.07 52.67 36.49
N SER H 25 -31.45 53.84 36.51
CA SER H 25 -31.74 54.88 35.54
C SER H 25 -30.51 55.75 35.35
N GLY H 26 -30.47 56.47 34.23
CA GLY H 26 -29.36 57.35 33.90
C GLY H 26 -28.36 56.80 32.92
N TYR H 27 -28.56 55.57 32.43
CA TYR H 27 -27.63 54.98 31.48
C TYR H 27 -28.40 54.04 30.55
N ASN H 28 -27.76 53.68 29.44
CA ASN H 28 -28.35 52.74 28.51
C ASN H 28 -28.35 51.35 29.13
N PHE H 29 -29.55 50.78 29.31
CA PHE H 29 -29.69 49.55 30.07
C PHE H 29 -29.14 48.34 29.33
N ASN H 30 -29.01 48.41 28.01
CA ASN H 30 -28.56 47.26 27.22
C ASN H 30 -27.05 47.23 27.01
N HIS H 31 -26.32 48.25 27.47
CA HIS H 31 -24.88 48.33 27.25
C HIS H 31 -24.08 48.12 28.53
N TYR H 32 -24.72 47.68 29.62
CA TYR H 32 -24.02 47.54 30.90
C TYR H 32 -24.60 46.36 31.67
N TRP H 33 -23.72 45.54 32.23
CA TRP H 33 -24.15 44.47 33.11
C TRP H 33 -24.51 45.04 34.48
N ILE H 34 -25.35 44.31 35.20
CA ILE H 34 -25.71 44.64 36.58
C ILE H 34 -25.61 43.37 37.41
N SER H 35 -25.03 43.49 38.61
CA SER H 35 -24.70 42.34 39.43
C SER H 35 -25.24 42.53 40.84
N TRP H 36 -25.09 41.48 41.65
CA TRP H 36 -25.53 41.47 43.04
C TRP H 36 -24.41 40.93 43.91
N VAL H 37 -24.27 41.53 45.10
CA VAL H 37 -23.24 41.15 46.06
C VAL H 37 -23.91 40.96 47.43
N LYS H 38 -23.54 39.90 48.13
CA LYS H 38 -24.05 39.61 49.46
C LYS H 38 -22.98 39.93 50.49
N GLN H 39 -23.35 40.71 51.51
CA GLN H 39 -22.43 41.11 52.56
C GLN H 39 -23.07 40.84 53.91
N ARG H 40 -22.43 39.99 54.71
CA ARG H 40 -22.85 39.81 56.09
C ARG H 40 -22.43 41.01 56.92
N PRO H 41 -23.18 41.34 57.98
CA PRO H 41 -22.78 42.45 58.86
C PRO H 41 -21.42 42.18 59.49
N GLY H 42 -20.48 43.08 59.23
CA GLY H 42 -19.13 42.91 59.74
C GLY H 42 -18.30 41.86 59.03
N GLN H 43 -18.69 41.48 57.81
CA GLN H 43 -17.98 40.48 57.04
C GLN H 43 -17.77 40.99 55.62
N GLY H 44 -16.83 40.37 54.93
CA GLY H 44 -16.47 40.82 53.60
C GLY H 44 -17.57 40.56 52.57
N LEU H 45 -17.43 41.25 51.44
CA LEU H 45 -18.38 41.11 50.35
C LEU H 45 -18.27 39.72 49.73
N GLU H 46 -19.41 39.16 49.32
CA GLU H 46 -19.47 37.86 48.68
C GLU H 46 -20.28 37.97 47.39
N TRP H 47 -19.70 37.48 46.31
CA TRP H 47 -20.35 37.56 45.00
C TRP H 47 -21.59 36.67 44.94
N ILE H 48 -22.57 37.10 44.16
CA ILE H 48 -23.80 36.34 43.93
C ILE H 48 -23.94 35.91 42.47
N GLY H 49 -24.00 36.87 41.57
CA GLY H 49 -24.17 36.54 40.16
C GLY H 49 -24.19 37.77 39.30
N ASP H 50 -24.26 37.53 37.99
CA ASP H 50 -24.28 38.58 36.98
C ASP H 50 -25.48 38.36 36.06
N ILE H 51 -25.67 39.28 35.12
CA ILE H 51 -26.73 39.17 34.13
C ILE H 51 -26.40 40.04 32.93
N TYR H 52 -26.83 39.59 31.75
CA TYR H 52 -26.85 40.39 30.53
C TYR H 52 -28.30 40.76 30.24
N PRO H 53 -28.71 42.01 30.46
CA PRO H 53 -30.12 42.36 30.20
C PRO H 53 -30.54 42.13 28.76
N LEU H 54 -29.64 42.36 27.80
CA LEU H 54 -30.01 42.26 26.40
C LEU H 54 -30.33 40.82 26.00
N SER H 55 -29.52 39.85 26.45
CA SER H 55 -29.69 38.46 26.08
C SER H 55 -30.10 37.57 27.24
N HIS H 56 -30.31 38.13 28.43
CA HIS H 56 -30.77 37.39 29.60
C HIS H 56 -29.85 36.20 29.91
N PHE H 57 -28.55 36.44 29.84
CA PHE H 57 -27.54 35.44 30.19
C PHE H 57 -27.05 35.70 31.61
N THR H 58 -27.10 34.66 32.45
CA THR H 58 -26.75 34.77 33.86
C THR H 58 -25.66 33.77 34.23
N THR H 59 -24.82 34.18 35.17
CA THR H 59 -23.83 33.32 35.80
C THR H 59 -24.02 33.39 37.31
N TYR H 60 -23.96 32.24 37.98
CA TYR H 60 -24.20 32.17 39.41
C TYR H 60 -22.96 31.70 40.14
N ASN H 61 -22.83 32.15 41.39
CA ASN H 61 -21.81 31.62 42.28
C ASN H 61 -22.12 30.16 42.61
N GLU H 62 -21.08 29.40 42.94
CA GLU H 62 -21.26 27.98 43.21
C GLU H 62 -22.16 27.76 44.42
N LYS H 63 -22.02 28.59 45.45
CA LYS H 63 -22.89 28.48 46.62
C LYS H 63 -24.33 28.83 46.27
N PHE H 64 -24.53 29.76 45.35
CA PHE H 64 -25.86 30.24 44.97
C PHE H 64 -26.29 29.78 43.59
N THR H 65 -25.72 28.68 43.10
CA THR H 65 -26.01 28.23 41.75
C THR H 65 -27.41 27.64 41.61
N ASN H 66 -28.04 27.24 42.72
CA ASN H 66 -29.36 26.63 42.69
C ASN H 66 -30.38 27.36 43.54
N ARG H 67 -29.96 27.92 44.68
CA ARG H 67 -30.90 28.61 45.56
C ARG H 67 -31.40 29.89 44.90
N ALA H 68 -30.49 30.78 44.53
CA ALA H 68 -30.87 32.06 43.95
C ALA H 68 -31.02 31.95 42.44
N THR H 69 -32.19 32.34 41.94
CA THR H 69 -32.47 32.39 40.51
C THR H 69 -32.75 33.82 40.12
N LEU H 70 -32.17 34.26 39.01
CA LEU H 70 -32.16 35.66 38.62
C LEU H 70 -33.00 35.87 37.37
N THR H 71 -33.76 36.96 37.34
CA THR H 71 -34.53 37.37 36.18
C THR H 71 -34.43 38.88 36.03
N VAL H 72 -34.61 39.35 34.80
CA VAL H 72 -34.49 40.77 34.48
C VAL H 72 -35.71 41.20 33.67
N ASP H 73 -36.23 42.38 33.99
CA ASP H 73 -37.36 42.97 33.28
C ASP H 73 -36.84 44.13 32.44
N THR H 74 -36.75 43.93 31.13
CA THR H 74 -36.24 44.97 30.25
C THR H 74 -37.19 46.15 30.14
N SER H 75 -38.50 45.88 30.22
CA SER H 75 -39.48 46.97 30.08
C SER H 75 -39.33 47.99 31.20
N SER H 76 -39.17 47.53 32.44
CA SER H 76 -39.01 48.41 33.58
C SER H 76 -37.56 48.68 33.93
N THR H 77 -36.61 48.08 33.21
CA THR H 77 -35.18 48.22 33.48
C THR H 77 -34.87 47.88 34.94
N THR H 78 -35.49 46.82 35.44
CA THR H 78 -35.33 46.38 36.81
C THR H 78 -34.95 44.91 36.83
N ALA H 79 -33.90 44.58 37.57
CA ALA H 79 -33.45 43.21 37.73
C ALA H 79 -34.02 42.62 39.01
N TYR H 80 -34.18 41.29 39.00
CA TYR H 80 -34.82 40.60 40.11
C TYR H 80 -34.08 39.29 40.39
N MET H 81 -34.19 38.83 41.63
CA MET H 81 -33.79 37.49 42.02
C MET H 81 -34.87 36.92 42.92
N GLN H 82 -35.18 35.64 42.74
CA GLN H 82 -36.33 35.06 43.41
C GLN H 82 -36.22 33.54 43.44
N LEU H 83 -37.22 32.91 44.07
CA LEU H 83 -37.33 31.45 44.18
C LEU H 83 -36.12 30.87 44.90
N ASN H 84 -35.96 31.30 46.15
CA ASN H 84 -34.87 30.84 47.01
C ASN H 84 -35.42 30.44 48.37
N SER H 85 -34.78 29.46 48.99
CA SER H 85 -35.16 28.99 50.32
C SER H 85 -34.23 29.64 51.33
N LEU H 86 -34.69 30.72 51.94
CA LEU H 86 -33.89 31.46 52.91
C LEU H 86 -33.80 30.71 54.22
N THR H 87 -32.67 30.89 54.91
CA THR H 87 -32.42 30.34 56.23
C THR H 87 -32.04 31.48 57.17
N SER H 88 -31.80 31.13 58.43
CA SER H 88 -31.42 32.15 59.41
C SER H 88 -30.06 32.74 59.10
N ASP H 89 -29.17 31.94 58.50
CA ASP H 89 -27.84 32.44 58.16
C ASP H 89 -27.88 33.39 56.97
N ASP H 90 -28.95 33.36 56.18
CA ASP H 90 -28.99 34.14 54.95
C ASP H 90 -29.20 35.62 55.23
N SER H 91 -29.49 35.98 56.49
CA SER H 91 -29.68 37.38 56.85
C SER H 91 -28.41 38.19 56.57
N ALA H 92 -28.48 39.08 55.58
CA ALA H 92 -27.32 39.85 55.17
C ALA H 92 -27.79 40.98 54.26
N VAL H 93 -26.86 41.86 53.92
CA VAL H 93 -27.16 42.98 53.03
C VAL H 93 -26.92 42.54 51.58
N PHE H 94 -27.89 42.81 50.72
CA PHE H 94 -27.82 42.42 49.31
C PHE H 94 -27.74 43.68 48.46
N TYR H 95 -26.58 43.91 47.85
CA TYR H 95 -26.37 45.08 47.02
C TYR H 95 -26.77 44.78 45.57
N CYS H 96 -26.77 45.82 44.75
CA CYS H 96 -27.01 45.72 43.32
C CYS H 96 -26.13 46.73 42.62
N ALA H 97 -25.08 46.26 41.96
CA ALA H 97 -24.11 47.13 41.31
C ALA H 97 -24.14 46.93 39.81
N ARG H 98 -23.79 48.00 39.09
CA ARG H 98 -23.77 48.00 37.63
C ARG H 98 -22.36 47.65 37.17
N TRP H 99 -22.23 46.55 36.44
CA TRP H 99 -20.93 46.09 35.95
C TRP H 99 -20.64 46.75 34.60
N ASP H 100 -19.50 47.44 34.51
CA ASP H 100 -19.12 48.19 33.32
C ASP H 100 -18.36 47.28 32.36
N TYR H 101 -19.12 46.46 31.66
CA TYR H 101 -18.53 45.52 30.71
C TYR H 101 -18.34 46.23 29.37
N PHE H 102 -17.65 45.56 28.43
CA PHE H 102 -17.27 46.12 27.14
C PHE H 102 -16.28 47.28 27.31
N ASP H 103 -15.90 47.57 28.54
CA ASP H 103 -14.96 48.63 28.85
C ASP H 103 -14.20 48.20 30.10
N SER H 104 -13.54 49.14 30.77
CA SER H 104 -12.91 48.84 32.04
C SER H 104 -13.95 48.26 33.00
N ARG H 105 -13.81 46.98 33.31
CA ARG H 105 -14.81 46.26 34.10
C ARG H 105 -14.61 46.62 35.57
N THR H 106 -15.40 47.56 36.07
CA THR H 106 -15.08 48.23 37.32
C THR H 106 -16.17 48.26 38.38
N PHE H 107 -17.38 47.78 38.08
CA PHE H 107 -18.51 47.92 38.99
C PHE H 107 -18.76 49.39 39.31
N ASP H 108 -19.10 50.15 38.28
CA ASP H 108 -19.07 51.62 38.37
C ASP H 108 -20.03 52.13 39.43
N TYR H 109 -21.30 51.73 39.36
CA TYR H 109 -22.34 52.29 40.20
C TYR H 109 -22.87 51.23 41.15
N TRP H 110 -23.01 51.58 42.42
CA TRP H 110 -23.47 50.68 43.46
C TRP H 110 -24.80 51.16 44.02
N GLY H 111 -25.62 50.21 44.48
CA GLY H 111 -26.88 50.55 45.10
C GLY H 111 -26.74 50.94 46.56
N GLN H 112 -27.86 51.36 47.13
CA GLN H 112 -27.87 51.73 48.55
C GLN H 112 -27.64 50.51 49.44
N GLY H 113 -28.24 49.38 49.09
CA GLY H 113 -28.06 48.17 49.87
C GLY H 113 -29.35 47.70 50.52
N THR H 114 -29.80 46.50 50.14
CA THR H 114 -31.00 45.91 50.74
C THR H 114 -30.60 45.09 51.96
N THR H 115 -30.91 45.62 53.14
CA THR H 115 -30.54 44.98 54.40
C THR H 115 -31.65 44.01 54.79
N LEU H 116 -31.63 42.84 54.16
CA LEU H 116 -32.62 41.80 54.49
C LEU H 116 -32.20 41.06 55.75
N THR H 117 -33.15 40.90 56.66
CA THR H 117 -32.93 40.14 57.89
C THR H 117 -34.10 39.19 58.11
N VAL H 118 -33.82 38.07 58.77
CA VAL H 118 -34.81 37.03 59.03
C VAL H 118 -34.75 36.66 60.50
N SER H 119 -35.85 36.11 61.00
CA SER H 119 -35.93 35.68 62.39
C SER H 119 -37.00 34.60 62.57
N ASP I 1 -11.23 28.84 39.97
CA ASP I 1 -11.64 29.67 41.08
C ASP I 1 -10.46 30.42 41.68
N ILE I 2 -10.44 31.73 41.51
CA ILE I 2 -9.34 32.56 41.98
C ILE I 2 -9.62 33.01 43.40
N LEU I 3 -8.63 32.87 44.27
CA LEU I 3 -8.76 33.20 45.68
C LEU I 3 -7.85 34.37 46.03
N LEU I 4 -8.35 35.29 46.85
CA LEU I 4 -7.63 36.49 47.25
C LEU I 4 -7.51 36.55 48.77
N THR I 5 -6.36 37.01 49.24
CA THR I 5 -6.11 37.15 50.67
C THR I 5 -5.40 38.47 50.93
N GLN I 6 -5.64 39.03 52.11
CA GLN I 6 -4.94 40.23 52.58
C GLN I 6 -4.28 39.91 53.92
N PHE I 7 -2.95 40.05 53.97
CA PHE I 7 -2.25 39.87 55.23
C PHE I 7 -2.67 40.90 56.28
N PRO I 8 -2.76 42.21 55.99
CA PRO I 8 -3.25 43.13 57.04
C PRO I 8 -4.77 43.14 57.14
N ALA I 9 -5.31 42.18 57.88
CA ALA I 9 -6.75 42.13 58.09
C ALA I 9 -7.23 43.37 58.85
N ILE I 10 -6.50 43.77 59.88
CA ILE I 10 -6.76 45.01 60.60
C ILE I 10 -5.47 45.82 60.63
N LEU I 11 -5.58 47.12 60.38
CA LEU I 11 -4.43 48.00 60.31
C LEU I 11 -4.71 49.27 61.09
N SER I 12 -3.70 49.73 61.85
CA SER I 12 -3.79 50.97 62.61
C SER I 12 -2.88 52.00 61.96
N VAL I 13 -3.44 53.17 61.66
CA VAL I 13 -2.70 54.22 60.97
C VAL I 13 -2.88 55.54 61.71
N SER I 14 -1.95 56.46 61.47
CA SER I 14 -1.96 57.81 62.01
C SER I 14 -2.19 58.82 60.89
N PRO I 15 -2.80 59.96 61.18
CA PRO I 15 -3.11 60.93 60.12
C PRO I 15 -1.86 61.52 59.51
N GLY I 16 -1.74 61.40 58.18
CA GLY I 16 -0.64 61.99 57.45
C GLY I 16 0.48 61.03 57.05
N GLU I 17 0.31 59.73 57.27
CA GLU I 17 1.34 58.75 56.94
C GLU I 17 0.96 57.96 55.69
N ARG I 18 1.93 57.22 55.17
CA ARG I 18 1.76 56.38 53.99
C ARG I 18 1.82 54.92 54.39
N VAL I 19 0.81 54.15 53.95
CA VAL I 19 0.77 52.71 54.18
C VAL I 19 0.37 52.02 52.88
N SER I 20 0.65 50.72 52.83
CA SER I 20 0.35 49.92 51.64
C SER I 20 -0.23 48.57 52.06
N PHE I 21 -1.21 48.10 51.29
CA PHE I 21 -1.87 46.83 51.54
C PHE I 21 -1.29 45.76 50.62
N SER I 22 -1.88 44.56 50.67
CA SER I 22 -1.42 43.45 49.84
C SER I 22 -2.62 42.58 49.46
N CYS I 23 -2.56 42.04 48.25
CA CYS I 23 -3.62 41.15 47.75
C CYS I 23 -2.99 40.24 46.69
N ARG I 24 -2.72 39.00 47.07
CA ARG I 24 -2.16 38.02 46.16
C ARG I 24 -3.24 37.05 45.70
N ALA I 25 -3.26 36.75 44.40
CA ALA I 25 -4.27 35.89 43.82
C ALA I 25 -3.75 34.46 43.69
N SER I 26 -4.69 33.52 43.58
CA SER I 26 -4.32 32.11 43.42
C SER I 26 -3.61 31.88 42.10
N GLN I 27 -4.09 32.51 41.02
CA GLN I 27 -3.47 32.39 39.71
C GLN I 27 -3.14 33.78 39.18
N THR I 28 -2.14 33.83 38.30
CA THR I 28 -1.76 35.10 37.68
C THR I 28 -2.90 35.62 36.81
N ILE I 29 -3.14 36.93 36.89
CA ILE I 29 -4.27 37.54 36.17
C ILE I 29 -3.85 38.72 35.30
N GLY I 30 -2.72 39.36 35.55
CA GLY I 30 -2.29 40.46 34.71
C GLY I 30 -3.12 41.72 34.85
N THR I 31 -3.04 42.36 36.01
CA THR I 31 -3.70 43.63 36.29
C THR I 31 -5.21 43.54 36.07
N ASN I 32 -5.84 42.70 36.89
CA ASN I 32 -7.29 42.57 36.90
C ASN I 32 -7.84 42.70 38.31
N ILE I 33 -7.28 43.64 39.08
CA ILE I 33 -7.67 43.89 40.47
C ILE I 33 -8.27 45.28 40.57
N HIS I 34 -9.41 45.37 41.23
CA HIS I 34 -10.06 46.65 41.53
C HIS I 34 -10.20 46.78 43.04
N TRP I 35 -9.75 47.92 43.57
CA TRP I 35 -9.78 48.17 45.00
C TRP I 35 -11.01 49.00 45.34
N TYR I 36 -11.77 48.54 46.33
CA TYR I 36 -13.01 49.18 46.74
C TYR I 36 -12.92 49.58 48.20
N GLN I 37 -13.70 50.60 48.57
CA GLN I 37 -13.79 51.04 49.96
C GLN I 37 -15.25 51.06 50.38
N GLN I 38 -15.49 50.70 51.64
CA GLN I 38 -16.83 50.70 52.20
C GLN I 38 -16.76 51.34 53.58
N ARG I 39 -17.30 52.56 53.69
CA ARG I 39 -17.36 53.23 54.98
C ARG I 39 -18.44 52.59 55.86
N ILE I 40 -18.47 53.01 57.12
CA ILE I 40 -19.44 52.47 58.06
C ILE I 40 -20.84 52.81 57.60
N ASN I 41 -21.70 51.80 57.50
CA ASN I 41 -23.08 51.94 57.03
C ASN I 41 -23.13 52.62 55.66
N GLY I 42 -22.23 52.19 54.76
CA GLY I 42 -22.14 52.77 53.43
C GLY I 42 -22.08 51.69 52.36
N SER I 43 -21.91 52.15 51.13
CA SER I 43 -21.85 51.29 49.96
C SER I 43 -20.44 51.29 49.36
N PRO I 44 -20.01 50.18 48.78
CA PRO I 44 -18.68 50.14 48.14
C PRO I 44 -18.60 51.11 46.97
N ARG I 45 -17.40 51.65 46.77
CA ARG I 45 -17.15 52.61 45.71
C ARG I 45 -15.82 52.31 45.04
N LEU I 46 -15.81 52.37 43.71
CA LEU I 46 -14.60 52.09 42.94
C LEU I 46 -13.56 53.20 43.15
N LEU I 47 -12.31 52.81 43.39
CA LEU I 47 -11.22 53.75 43.55
C LEU I 47 -10.19 53.63 42.43
N ILE I 48 -9.63 52.44 42.23
CA ILE I 48 -8.55 52.22 41.26
C ILE I 48 -8.96 51.05 40.38
N LYS I 49 -8.92 51.26 39.06
CA LYS I 49 -9.33 50.25 38.09
C LYS I 49 -8.10 49.58 37.50
N TYR I 50 -8.18 48.26 37.34
CA TYR I 50 -7.10 47.43 36.82
C TYR I 50 -5.84 47.51 37.67
N ALA I 51 -5.97 47.97 38.91
CA ALA I 51 -4.92 48.04 39.93
C ALA I 51 -3.77 48.97 39.55
N SER I 52 -3.82 49.63 38.40
CA SER I 52 -2.74 50.52 37.98
C SER I 52 -3.20 51.96 37.84
N GLU I 53 -4.25 52.22 37.07
CA GLU I 53 -4.72 53.57 36.85
C GLU I 53 -5.96 53.88 37.69
N SER I 54 -6.22 55.16 37.89
CA SER I 54 -7.31 55.62 38.73
C SER I 54 -8.37 56.29 37.86
N ILE I 55 -9.48 56.68 38.51
CA ILE I 55 -10.59 57.32 37.83
C ILE I 55 -10.76 58.75 38.32
N SER I 56 -11.71 59.48 37.74
CA SER I 56 -12.02 60.82 38.19
C SER I 56 -12.80 60.78 39.50
N GLY I 57 -12.68 61.88 40.27
CA GLY I 57 -13.38 61.98 41.53
C GLY I 57 -12.69 61.32 42.70
N ILE I 58 -11.55 60.68 42.49
CA ILE I 58 -10.82 60.00 43.56
C ILE I 58 -9.57 60.81 43.89
N PRO I 59 -9.28 61.03 45.17
CA PRO I 59 -8.06 61.77 45.51
C PRO I 59 -6.81 61.06 45.04
N SER I 60 -5.79 61.86 44.70
CA SER I 60 -4.55 61.33 44.15
C SER I 60 -3.75 60.50 45.16
N ARG I 61 -4.12 60.54 46.44
CA ARG I 61 -3.43 59.74 47.43
C ARG I 61 -3.58 58.25 47.15
N PHE I 62 -4.77 57.84 46.73
CA PHE I 62 -5.04 56.44 46.40
C PHE I 62 -4.25 56.07 45.15
N SER I 63 -3.16 55.34 45.34
CA SER I 63 -2.30 54.90 44.25
C SER I 63 -2.17 53.39 44.29
N GLY I 64 -2.32 52.74 43.14
CA GLY I 64 -2.29 51.29 43.04
C GLY I 64 -1.10 50.84 42.21
N SER I 65 -0.50 49.72 42.62
CA SER I 65 0.65 49.16 41.90
C SER I 65 0.63 47.66 42.06
N GLY I 66 1.28 46.98 41.12
CA GLY I 66 1.36 45.54 41.16
C GLY I 66 0.85 44.87 39.89
N SER I 67 1.34 43.67 39.60
CA SER I 67 0.91 42.93 38.43
C SER I 67 1.15 41.45 38.67
N GLY I 68 0.51 40.62 37.84
CA GLY I 68 0.64 39.19 37.99
C GLY I 68 -0.24 38.62 39.08
N THR I 69 0.37 38.22 40.19
CA THR I 69 -0.36 37.64 41.31
C THR I 69 -0.44 38.58 42.50
N ASP I 70 0.67 39.23 42.87
CA ASP I 70 0.73 40.08 44.05
C ASP I 70 0.35 41.51 43.67
N PHE I 71 -0.61 42.08 44.39
CA PHE I 71 -1.07 43.44 44.16
C PHE I 71 -1.08 44.20 45.47
N SER I 72 -0.97 45.52 45.37
CA SER I 72 -0.88 46.38 46.54
C SER I 72 -1.74 47.62 46.36
N LEU I 73 -2.18 48.18 47.48
CA LEU I 73 -2.94 49.42 47.50
C LEU I 73 -2.20 50.42 48.40
N SER I 74 -1.80 51.55 47.83
CA SER I 74 -1.02 52.54 48.56
C SER I 74 -1.79 53.86 48.64
N ILE I 75 -1.77 54.46 49.84
CA ILE I 75 -2.42 55.74 50.10
C ILE I 75 -1.33 56.72 50.53
N ASN I 76 -1.27 57.87 49.86
CA ASN I 76 -0.20 58.83 50.12
C ASN I 76 -0.34 59.46 51.51
N ASN I 77 -1.52 59.97 51.83
CA ASN I 77 -1.76 60.70 53.07
C ASN I 77 -3.01 60.16 53.73
N VAL I 78 -2.98 60.11 55.06
CA VAL I 78 -4.08 59.57 55.86
C VAL I 78 -4.81 60.72 56.52
N GLU I 79 -6.13 60.76 56.36
CA GLU I 79 -6.97 61.71 57.10
C GLU I 79 -8.14 60.98 57.74
N SER I 80 -9.09 61.74 58.29
CA SER I 80 -10.17 61.11 59.05
C SER I 80 -11.08 60.27 58.16
N GLU I 81 -11.24 60.64 56.89
CA GLU I 81 -12.16 59.95 56.00
C GLU I 81 -11.54 58.72 55.35
N ASP I 82 -10.28 58.41 55.64
CA ASP I 82 -9.61 57.25 55.09
C ASP I 82 -9.81 55.98 55.92
N ILE I 83 -10.51 56.07 57.05
CA ILE I 83 -10.75 54.92 57.91
C ILE I 83 -12.02 54.23 57.39
N ALA I 84 -11.83 53.11 56.69
CA ALA I 84 -12.94 52.35 56.14
C ALA I 84 -12.47 50.92 55.90
N ASP I 85 -13.27 50.15 55.17
CA ASP I 85 -12.95 48.78 54.82
C ASP I 85 -12.55 48.74 53.35
N TYR I 86 -11.29 48.39 53.09
CA TYR I 86 -10.75 48.35 51.74
C TYR I 86 -10.69 46.90 51.27
N TYR I 87 -11.32 46.64 50.12
CA TYR I 87 -11.52 45.28 49.64
C TYR I 87 -10.86 45.10 48.28
N CYS I 88 -10.29 43.92 48.08
CA CYS I 88 -9.63 43.55 46.82
C CYS I 88 -10.54 42.62 46.03
N GLN I 89 -10.75 42.95 44.77
CA GLN I 89 -11.67 42.20 43.90
C GLN I 89 -10.95 41.77 42.63
N GLN I 90 -10.97 40.47 42.35
CA GLN I 90 -10.42 39.91 41.12
C GLN I 90 -11.55 39.73 40.14
N ILE I 91 -11.30 40.07 38.88
CA ILE I 91 -12.34 40.09 37.86
C ILE I 91 -11.88 39.39 36.57
N ASN I 92 -10.77 38.65 36.64
CA ASN I 92 -10.23 38.02 35.43
C ASN I 92 -11.21 37.02 34.84
N SER I 93 -11.73 36.11 35.68
CA SER I 93 -12.60 35.06 35.18
C SER I 93 -13.64 34.73 36.24
N TRP I 94 -14.79 34.24 35.77
CA TRP I 94 -15.82 33.80 36.68
C TRP I 94 -15.38 32.53 37.41
N PRO I 95 -15.78 32.38 38.69
CA PRO I 95 -16.58 33.33 39.46
C PRO I 95 -15.76 34.52 39.96
N LEU I 96 -16.38 35.70 39.94
CA LEU I 96 -15.72 36.88 40.50
C LEU I 96 -15.59 36.73 42.01
N THR I 97 -14.45 37.16 42.54
CA THR I 97 -14.14 36.97 43.94
C THR I 97 -13.74 38.30 44.58
N PHE I 98 -14.15 38.49 45.82
CA PHE I 98 -13.80 39.65 46.62
C PHE I 98 -12.82 39.26 47.71
N GLY I 99 -12.20 40.26 48.31
CA GLY I 99 -11.19 40.01 49.31
C GLY I 99 -11.77 39.54 50.63
N ALA I 100 -10.88 38.94 51.44
CA ALA I 100 -11.29 38.48 52.77
C ALA I 100 -11.72 39.64 53.65
N GLY I 101 -10.99 40.75 53.60
CA GLY I 101 -11.37 41.92 54.37
C GLY I 101 -10.18 42.63 55.01
N THR I 102 -10.11 43.94 54.81
CA THR I 102 -9.08 44.78 55.41
C THR I 102 -9.74 45.92 56.16
N LYS I 103 -9.35 46.11 57.41
CA LYS I 103 -9.94 47.13 58.27
C LYS I 103 -8.88 48.14 58.68
N LEU I 104 -9.31 49.39 58.87
CA LEU I 104 -8.44 50.49 59.23
C LEU I 104 -8.75 50.97 60.63
N ASP I 105 -7.71 51.29 61.40
CA ASP I 105 -7.84 51.77 62.75
C ASP I 105 -7.07 53.08 62.91
N LEU I 106 -7.54 53.91 63.84
CA LEU I 106 -6.92 55.21 64.09
C LEU I 106 -5.74 55.06 65.04
#